data_6NJL
#
_entry.id   6NJL
#
loop_
_entity.id
_entity.type
_entity.pdbx_description
1 polymer 'Glutamate receptor 1'
2 polymer 'Glutamate receptor 2'
3 polymer "A'/C' auxiliary proteins"
4 polymer 'Voltage-dependent calcium channel gamma-2 subunit'
5 polymer '11B8 scFv'
6 polymer '15F1 Fab light chain'
7 polymer '15F1 Fab heavy chain'
8 branched 2-acetamido-2-deoxy-beta-D-glucopyranose-(1-4)-2-acetamido-2-deoxy-beta-D-glucopyranose
9 non-polymer '{[7-morpholin-4-yl-2,3-dioxo-6-(trifluoromethyl)-3,4-dihydroquinoxalin-1(2H)-yl]methyl}phosphonic acid'
10 non-polymer 2-acetamido-2-deoxy-beta-D-glucopyranose
#
loop_
_entity_poly.entity_id
_entity_poly.type
_entity_poly.pdbx_seq_one_letter_code
_entity_poly.pdbx_strand_id
1 'polypeptide(L)'
;MPYIFAFFCTGFLGAVVGANFPNNIQIGGLFPNQQSQEHAAFRFALSQLTEPPKLLPQIDIVNISDSFEMTYRFCSQFSK
GVYAIFGFYERRTVNMLTSFCGALHVCFITPSFPVDTSNQFVLQLRPELQEALISIIDHYKWQTFVYIYDADRGLSVLQR
VLDTAAEKNWQVTAVNILTTTEEGYRMLFQDLEKKKERLVVVDCESERLNAILGQIVKLEKNGIGYHYILANLGFMDIDL
NKFKESGANVTGFQLVNYTDTIPARIMQQWRTSDSRDHTRVDWKRPKYTSALTYDGVKVMAEAFQSLRRQRIDISRRGNA
GDCLANPAVPWGQGIDIQRALQQVRFEGLTGNVQFNEKGRRTNYTLHVIEMKHDGIRKIGYWNEDDKFVPAATDAQAGGD
NSSVQNRTYIVTTILEDPYVMLKKNANQFEGNDRYEGYCVELAAEIAKHVGYSYRLEIVSDGKYGARDPDTKAWNGMVGE
LVYGRADVAVAPLTITLVREEVIDFSKPFMSLGISIMIKKPQKSKPGVFSFLDPLAYEIWMCIVFAYIGVSVVLFLVSRF
SPYEWHSEEFEEGRDQTTSDQSNEFGIFNSLWFSLGAFMQQGCDISPRSLSGRIVGGVWWFFTLIIISSYTANLAAFLTV
ERMVSPIESAEDLAKQTEIAYGTLEAGSTKEFFRRSKIAVFEKMWTYMKSAEPSVFVRTTEEGMIRVRKSKGKYAYLLES
TMNEYIEQRKPCDTMKVGGNLDSKGYGIATPKGSALGAPVNLAVLKLAEQGALDKLKAKWWYDKGECGSKDSGSKDKTSA
LSLSNVAGVFYILIGGLGLAMLVALIEFCYKSRSESKRMKGFCLIPQQSINEAIRTSTLPRNSGAGASGGGGSGENGRVV
SQDFPKSMQSIPCMSHSSGMPLGATGL
;
A,C
2 'polypeptide(L)'
;MQKIMHISVLLSPVLWGLIFGVSSNSIQIGGLFPRGADQEYSAFRVGMVQFSTSEFRLTPHIDNLEVANSFAVTNAFCSQ
FSRGVYAIFGFYDKKSVNTITSFCGTLHVSFITPSFPTDGTHPFVIQMRPDLKGALLSLIEYYQWDKFAYLYDSDRGLST
LQAVLDSAAEKKWQVTAINVGNINNDKKDETYRSLFQDLELKKERRVILDCERDKVNDIVDQVITIGKHVKGYHYIIANL
GFTDGDLLKIQFGGANVSGFQIVDYDDSLVSKFIERWSTLEEKEYPGAHTATIKYTSALTYDAVQVMTEAFRNLRKQRIE
ISRRGNAGDCLANPAVPWGQGVEIERALKQVQVEGLSGNIKFDQNGKRINYTINIMELKTNGPRKIGYWSEVDKMVVTLT
ELPSGNDTSGLENKTVVVTTILESPYVMMKKNHEMLEGNERYEGYCVDLAAEIAKHCGFKYKLTIVGDGKYGARDADTKI
WNGMVGELVYGKADIAIAPLTITLVREEVIDFSKPFMSLGISIMIKKPQKSKPGVFSFLDPLAYEIWMCIVFAYIGVSVV
LFLVSRFSPYEWHTEEFEDGRETQSSESTNEFGIFNSLWFSLGAFMRQGCDISPRSLSGRIVGGVWWFFTLIIISSYTAN
LAAFLTVERMVSPIESAEDLSKQTEIAYGTLDSGSTKEFFRRSKIAVFDKMWTYMRSAEPSVFVRTTAEGVARVRKSKGK
YAYLLESTMNEYIEQRKPCDTMKVGGNLDSKGYGIATPKGSSLGAAVNLAVLKLAEQGALDKLKNKWWYDKGECGAKDSG
SKEKTSALSLSNVAGVFYILVGGLGLAMLVALIEFCYKSRAEAKRMKVAKNPQNINPSSSQNSQNFATYKEGYNVYGIES
VKI
;
B,D
3 'polypeptide(L)'
;(UNK)(UNK)(UNK)(UNK)(UNK)(UNK)(UNK)(UNK)(UNK)(UNK)(UNK)(UNK)(UNK)(UNK)(UNK)(UNK)
(UNK)(UNK)(UNK)(UNK)(UNK)(UNK)(UNK)(UNK)(UNK)(UNK)(UNK)(UNK)(UNK)(UNK)(UNK)(UNK)
(UNK)(UNK)(UNK)(UNK)(UNK)(UNK)(UNK)(UNK)(UNK)(UNK)(UNK)(UNK)(UNK)(UNK)(UNK)(UNK)
(UNK)(UNK)(UNK)(UNK)(UNK)(UNK)(UNK)(UNK)(UNK)(UNK)(UNK)(UNK)(UNK)(UNK)(UNK)(UNK)
(UNK)(UNK)(UNK)(UNK)(UNK)(UNK)(UNK)(UNK)(UNK)(UNK)(UNK)(UNK)(UNK)(UNK)(UNK)(UNK)
(UNK)(UNK)(UNK)(UNK)(UNK)(UNK)(UNK)(UNK)(UNK)(UNK)(UNK)(UNK)(UNK)(UNK)(UNK)(UNK)
(UNK)(UNK)(UNK)(UNK)(UNK)(UNK)(UNK)(UNK)(UNK)(UNK)(UNK)(UNK)(UNK)(UNK)(UNK)(UNK)
(UNK)(UNK)(UNK)(UNK)(UNK)(UNK)(UNK)(UNK)(UNK)(UNK)(UNK)(UNK)(UNK)(UNK)(UNK)(UNK)
(UNK)(UNK)(UNK)(UNK)(UNK)(UNK)(UNK)(UNK)(UNK)(UNK)(UNK)(UNK)(UNK)(UNK)(UNK)(UNK)
(UNK)(UNK)(UNK)(UNK)(UNK)(UNK)(UNK)(UNK)(UNK)
;
E,G
4 'polypeptide(L)'
;MGLFDRGVQMLLTTVGAFAAFSLMTIAVGTDYWLYSRGVCKTKSVSENETSKKNEEVMTHSGLWRTCCLEGNFKGLCKQI
DHFPEDADYEADTAEYFLRAVRASSIFPILSVILLFMGGLCIAASEFYKTRHNIILSAGIFFVSAGLSNIIGIIVYISAN
AGDPSKSDSKKNSYSYGWSFYFGALSFIIAEMVGVLAVHMFIDRHKQLRATARATDYLQASAITRIPSYRYRYQRRSRSS
SRSTEPSHSRDASPVGVKGFNTLPSTEISMYTLSRDPLKAATTPTATYNSDRDNSFLQVHNCIQKDSKDSLHANTANRRT
TPV
;
F,H
5 'polypeptide(L)'
;EVKLLESGGGLVQPGGSLKLSCAASGFDFSEYWMSWVRQAPGKGLEWIGEINPDSSSIDYTPSLKDKIIISRDNAKKTLY
LQLSKVRSEDTALYYCARPRGNYVVMDYWGQGTSVTVSSSGGGGSGGGGSGGGGNIVLTQSPASLAVSLGQRATISCRAS
ESVDSYGSSFVHWYQQKPGQPPKLLIFLASKLESGVPARFSGSGSRTDFTLTIDPVEADDAATYYCQQTNEDPYTFGGGT
KLEIKRASNWSHPQFEK
;
I,L
6 'polypeptide(L)'
;MEIQMTQTTSSLSASLGDRVTISCRASQDISNYLSWYQQKPDGTVKLLIYYTSRLHSGVPSRFSGSGSGIDYSLTINNLE
QEDFATYFCQQGNTLPLTFGAGTKLELKRADAAPTVSIFPPSSEQLTSGGASVVCFLNNFYPKDINVKWKIDGSERQNGV
LNSWTDQDSKDSTYSMSSTLTLTKDEYERHNSYTCEATHKTSTSPIVKSFNRNECSNWSHPQFEK
;
J,M
7 'polypeptide(L)'
;MVSAIVLYVLLAAAAHSAFAMQAQLKESGPGLVAPSQSLSITCTVSGFSLTNYGVHWVRQPPGKGLEWLGVIWAGGSTNY
NSALMSRVSISKDNSKSQVFLKMNSLQTDDTVMYYCAREDYDYDWHFDVWGAGTTVTVSSAKTTPPSVYPLAPGSAAQTN
SMVTLGCLVKGYFPEPVTVTWNSGSLSSGVHTFPAVLQSDLYTLSSSVTVPSSTWPSETVTCNVAHPASSTKVDKKLEVL
FQGPGSGSADTITIRGYVRDNR
;
K,N
#
# COMPACT_ATOMS: atom_id res chain seq x y z
N ALA A 19 -83.72 27.55 -19.25
CA ALA A 19 -83.16 27.30 -17.94
C ALA A 19 -82.03 26.28 -17.94
N ASN A 20 -81.13 26.42 -18.92
CA ASN A 20 -80.01 25.49 -19.03
C ASN A 20 -78.95 25.78 -17.97
N PHE A 21 -78.85 27.02 -17.50
CA PHE A 21 -77.87 27.38 -16.49
C PHE A 21 -78.40 28.58 -15.71
N PRO A 22 -78.41 28.54 -14.38
CA PRO A 22 -78.86 29.69 -13.60
C PRO A 22 -77.86 30.83 -13.68
N ASN A 23 -78.37 32.04 -13.48
CA ASN A 23 -77.54 33.23 -13.60
C ASN A 23 -76.66 33.45 -12.38
N ASN A 24 -77.08 32.97 -11.21
CA ASN A 24 -76.33 33.14 -9.98
C ASN A 24 -75.69 31.81 -9.61
N ILE A 25 -74.37 31.73 -9.76
CA ILE A 25 -73.60 30.55 -9.37
C ILE A 25 -72.90 30.87 -8.05
N GLN A 26 -73.18 30.09 -7.02
CA GLN A 26 -72.62 30.33 -5.70
C GLN A 26 -71.16 29.89 -5.67
N ILE A 27 -70.28 30.80 -5.26
CA ILE A 27 -68.85 30.51 -5.16
C ILE A 27 -68.44 30.69 -3.70
N GLY A 28 -68.04 29.61 -3.06
CA GLY A 28 -67.58 29.68 -1.69
C GLY A 28 -66.15 30.17 -1.60
N GLY A 29 -65.84 30.82 -0.48
CA GLY A 29 -64.53 31.39 -0.29
C GLY A 29 -63.99 31.26 1.11
N LEU A 30 -62.68 31.05 1.25
CA LEU A 30 -62.02 30.91 2.54
C LEU A 30 -60.91 31.94 2.61
N PHE A 31 -60.92 32.77 3.65
CA PHE A 31 -59.93 33.83 3.75
C PHE A 31 -59.41 33.96 5.18
N PRO A 32 -58.10 34.16 5.35
CA PRO A 32 -57.51 34.16 6.70
C PRO A 32 -57.76 35.45 7.47
N ASN A 33 -57.89 36.57 6.76
CA ASN A 33 -58.02 37.88 7.40
C ASN A 33 -59.37 38.49 7.04
N GLN A 34 -59.63 39.66 7.62
CA GLN A 34 -60.85 40.41 7.36
C GLN A 34 -60.63 41.52 6.34
N GLN A 35 -59.66 42.38 6.58
CA GLN A 35 -59.34 43.50 5.70
C GLN A 35 -57.89 43.34 5.24
N SER A 36 -57.71 42.87 4.01
CA SER A 36 -56.37 42.74 3.43
C SER A 36 -56.46 43.06 1.95
N GLN A 37 -55.33 42.87 1.25
CA GLN A 37 -55.26 43.22 -0.16
C GLN A 37 -55.97 42.19 -1.03
N GLU A 38 -55.95 40.91 -0.62
CA GLU A 38 -56.57 39.86 -1.40
C GLU A 38 -58.09 39.97 -1.42
N HIS A 39 -58.68 40.56 -0.36
CA HIS A 39 -60.12 40.83 -0.36
C HIS A 39 -60.50 41.81 -1.45
N ALA A 40 -59.75 42.91 -1.57
CA ALA A 40 -60.04 43.91 -2.59
C ALA A 40 -59.75 43.37 -3.99
N ALA A 41 -58.70 42.56 -4.13
CA ALA A 41 -58.40 41.94 -5.42
C ALA A 41 -59.49 40.96 -5.84
N PHE A 42 -60.00 40.16 -4.89
CA PHE A 42 -61.07 39.22 -5.18
C PHE A 42 -62.37 39.93 -5.51
N ARG A 43 -62.67 41.03 -4.81
CA ARG A 43 -63.91 41.75 -5.07
C ARG A 43 -63.85 42.49 -6.41
N PHE A 44 -62.68 43.02 -6.76
CA PHE A 44 -62.53 43.63 -8.08
C PHE A 44 -62.58 42.58 -9.19
N ALA A 45 -62.02 41.39 -8.94
CA ALA A 45 -62.05 40.34 -9.93
C ALA A 45 -63.46 39.78 -10.14
N LEU A 46 -64.30 39.86 -9.12
CA LEU A 46 -65.71 39.54 -9.34
C LEU A 46 -66.49 40.72 -9.88
N SER A 47 -65.97 41.94 -9.78
CA SER A 47 -66.68 43.12 -10.27
C SER A 47 -66.68 43.23 -11.79
N GLN A 48 -65.72 42.61 -12.47
CA GLN A 48 -65.67 42.67 -13.94
C GLN A 48 -66.68 41.75 -14.62
N LEU A 49 -67.42 40.95 -13.87
CA LEU A 49 -68.32 39.97 -14.45
C LEU A 49 -69.57 40.66 -14.99
N THR A 50 -69.69 40.70 -16.31
CA THR A 50 -70.89 41.19 -16.97
C THR A 50 -71.63 40.11 -17.75
N GLU A 51 -70.90 39.18 -18.37
CA GLU A 51 -71.51 38.08 -19.09
C GLU A 51 -72.08 37.05 -18.11
N PRO A 52 -73.19 36.40 -18.47
CA PRO A 52 -73.75 35.39 -17.58
C PRO A 52 -72.90 34.13 -17.58
N PRO A 53 -72.90 33.36 -16.49
CA PRO A 53 -73.60 33.60 -15.22
C PRO A 53 -72.82 34.48 -14.25
N LYS A 54 -73.53 35.16 -13.35
CA LYS A 54 -72.90 35.97 -12.33
C LYS A 54 -72.47 35.09 -11.15
N LEU A 55 -71.24 35.26 -10.70
CA LEU A 55 -70.69 34.49 -9.59
C LEU A 55 -71.00 35.23 -8.29
N LEU A 56 -71.84 34.63 -7.45
CA LEU A 56 -72.21 35.23 -6.17
C LEU A 56 -71.23 34.74 -5.11
N PRO A 57 -70.46 35.64 -4.49
CA PRO A 57 -69.50 35.21 -3.47
C PRO A 57 -70.17 34.88 -2.15
N GLN A 58 -69.66 33.84 -1.49
CA GLN A 58 -70.05 33.46 -0.14
C GLN A 58 -68.73 33.19 0.59
N ILE A 59 -68.18 34.23 1.19
CA ILE A 59 -66.84 34.17 1.76
C ILE A 59 -66.93 33.95 3.26
N ASP A 60 -65.88 33.33 3.81
CA ASP A 60 -65.79 33.02 5.23
C ASP A 60 -64.43 33.44 5.73
N ILE A 61 -64.41 34.31 6.74
CA ILE A 61 -63.19 34.73 7.41
C ILE A 61 -62.89 33.71 8.50
N VAL A 62 -61.89 32.87 8.28
CA VAL A 62 -61.63 31.73 9.14
C VAL A 62 -60.12 31.63 9.38
N ASN A 63 -59.75 31.16 10.57
CA ASN A 63 -58.38 30.76 10.84
C ASN A 63 -58.00 29.62 9.91
N ILE A 64 -56.80 29.70 9.34
CA ILE A 64 -56.37 28.71 8.36
C ILE A 64 -55.35 27.77 8.97
N SER A 65 -55.30 27.73 10.30
CA SER A 65 -54.42 26.80 11.00
C SER A 65 -55.18 25.74 11.78
N ASP A 66 -56.44 25.95 12.11
CA ASP A 66 -57.26 24.97 12.82
C ASP A 66 -58.08 24.19 11.81
N SER A 67 -57.82 22.88 11.73
CA SER A 67 -58.50 22.03 10.75
C SER A 67 -59.97 21.81 11.08
N PHE A 68 -60.35 21.97 12.34
CA PHE A 68 -61.77 21.86 12.72
C PHE A 68 -62.57 22.99 12.10
N GLU A 69 -62.07 24.23 12.20
CA GLU A 69 -62.78 25.38 11.66
C GLU A 69 -62.78 25.35 10.13
N MET A 70 -61.67 24.89 9.53
CA MET A 70 -61.60 24.75 8.08
C MET A 70 -62.58 23.70 7.59
N THR A 71 -62.69 22.57 8.32
CA THR A 71 -63.62 21.51 7.94
C THR A 71 -65.06 21.97 8.11
N TYR A 72 -65.33 22.75 9.17
CA TYR A 72 -66.70 23.22 9.39
C TYR A 72 -67.12 24.25 8.36
N ARG A 73 -66.23 25.18 7.99
CA ARG A 73 -66.57 26.14 6.95
C ARG A 73 -66.69 25.47 5.58
N PHE A 74 -65.88 24.43 5.34
CA PHE A 74 -66.01 23.65 4.10
C PHE A 74 -67.35 22.94 4.04
N CYS A 75 -67.77 22.31 5.13
CA CYS A 75 -69.04 21.62 5.15
C CYS A 75 -70.22 22.58 5.12
N SER A 76 -70.07 23.77 5.69
CA SER A 76 -71.14 24.77 5.63
C SER A 76 -71.30 25.33 4.23
N GLN A 77 -70.19 25.60 3.54
CA GLN A 77 -70.28 26.04 2.16
C GLN A 77 -70.74 24.93 1.23
N PHE A 78 -70.44 23.67 1.56
CA PHE A 78 -70.94 22.56 0.75
C PHE A 78 -72.43 22.34 0.97
N SER A 79 -72.90 22.53 2.20
CA SER A 79 -74.33 22.40 2.46
C SER A 79 -75.11 23.60 1.95
N LYS A 80 -74.47 24.76 1.80
CA LYS A 80 -75.19 25.93 1.32
C LYS A 80 -75.41 25.87 -0.20
N GLY A 81 -74.58 25.10 -0.91
CA GLY A 81 -74.85 24.84 -2.31
C GLY A 81 -73.92 25.52 -3.30
N VAL A 82 -72.63 25.61 -2.98
CA VAL A 82 -71.65 26.18 -3.90
C VAL A 82 -71.25 25.11 -4.90
N TYR A 83 -70.54 25.52 -5.96
CA TYR A 83 -70.02 24.58 -6.95
C TYR A 83 -68.51 24.59 -7.07
N ALA A 84 -67.84 25.65 -6.61
CA ALA A 84 -66.39 25.73 -6.64
C ALA A 84 -65.94 26.66 -5.52
N ILE A 85 -64.88 26.27 -4.83
CA ILE A 85 -64.41 26.98 -3.65
C ILE A 85 -63.01 27.52 -3.93
N PHE A 86 -62.81 28.81 -3.66
CA PHE A 86 -61.55 29.49 -3.87
C PHE A 86 -61.01 29.94 -2.51
N GLY A 87 -59.82 29.48 -2.16
CA GLY A 87 -59.31 29.80 -0.84
C GLY A 87 -57.82 29.61 -0.69
N PHE A 88 -57.40 29.47 0.56
CA PHE A 88 -56.00 29.32 0.93
C PHE A 88 -55.88 28.16 1.92
N TYR A 89 -54.64 27.75 2.17
CA TYR A 89 -54.38 26.71 3.16
C TYR A 89 -52.99 26.93 3.74
N GLU A 90 -52.55 25.99 4.57
CA GLU A 90 -51.32 26.10 5.33
C GLU A 90 -50.82 24.67 5.54
N ARG A 91 -49.63 24.55 6.15
CA ARG A 91 -49.02 23.24 6.41
C ARG A 91 -49.91 22.35 7.26
N ARG A 92 -50.66 22.91 8.18
CA ARG A 92 -51.61 22.14 8.97
C ARG A 92 -52.90 21.81 8.22
N THR A 93 -53.05 22.28 6.97
CA THR A 93 -54.18 21.91 6.13
C THR A 93 -53.74 21.58 4.70
N VAL A 94 -52.57 20.97 4.51
CA VAL A 94 -52.14 20.62 3.16
C VAL A 94 -52.89 19.38 2.66
N ASN A 95 -53.20 18.43 3.54
CA ASN A 95 -53.70 17.14 3.12
C ASN A 95 -55.17 16.90 3.44
N MET A 96 -55.74 17.66 4.38
CA MET A 96 -57.14 17.49 4.71
C MET A 96 -58.04 18.04 3.60
N LEU A 97 -57.68 19.21 3.04
CA LEU A 97 -58.45 19.76 1.93
C LEU A 97 -58.19 19.02 0.64
N THR A 98 -57.09 18.28 0.52
CA THR A 98 -56.91 17.42 -0.64
C THR A 98 -57.85 16.21 -0.54
N SER A 99 -58.03 15.71 0.69
CA SER A 99 -58.86 14.52 0.88
C SER A 99 -60.35 14.85 0.78
N PHE A 100 -60.79 15.96 1.37
CA PHE A 100 -62.21 16.34 1.26
C PHE A 100 -62.59 16.73 -0.16
N CYS A 101 -61.62 17.14 -0.97
CA CYS A 101 -61.91 17.44 -2.37
C CYS A 101 -61.77 16.21 -3.27
N GLY A 102 -60.90 15.27 -2.95
CA GLY A 102 -60.88 14.02 -3.67
C GLY A 102 -62.02 13.09 -3.32
N ALA A 103 -62.69 13.35 -2.21
CA ALA A 103 -63.84 12.55 -1.79
C ALA A 103 -65.14 13.02 -2.44
N LEU A 104 -65.50 14.29 -2.25
CA LEU A 104 -66.76 14.82 -2.74
C LEU A 104 -66.69 15.30 -4.20
N HIS A 105 -65.53 15.15 -4.85
CA HIS A 105 -65.29 15.56 -6.24
C HIS A 105 -65.59 17.05 -6.45
N VAL A 106 -65.17 17.87 -5.50
CA VAL A 106 -65.41 19.31 -5.53
C VAL A 106 -64.08 20.01 -5.77
N CYS A 107 -64.01 20.84 -6.81
CA CYS A 107 -62.77 21.50 -7.16
C CYS A 107 -62.49 22.66 -6.20
N PHE A 108 -61.22 22.80 -5.83
CA PHE A 108 -60.75 23.85 -4.93
C PHE A 108 -59.60 24.57 -5.59
N ILE A 109 -59.74 25.88 -5.75
CA ILE A 109 -58.76 26.72 -6.43
C ILE A 109 -58.02 27.54 -5.38
N THR A 110 -56.69 27.52 -5.43
CA THR A 110 -55.90 28.17 -4.41
C THR A 110 -54.64 28.82 -4.94
N PRO A 111 -54.30 30.01 -4.47
CA PRO A 111 -53.00 30.62 -4.76
C PRO A 111 -51.88 30.26 -3.79
N SER A 112 -52.08 29.28 -2.91
CA SER A 112 -51.14 29.02 -1.84
C SER A 112 -49.93 28.24 -2.35
N PHE A 113 -49.11 27.75 -1.42
CA PHE A 113 -47.86 27.10 -1.78
C PHE A 113 -48.14 25.72 -2.38
N PRO A 114 -47.53 25.38 -3.51
CA PRO A 114 -47.79 24.07 -4.13
C PRO A 114 -47.10 22.94 -3.38
N VAL A 115 -47.85 21.86 -3.19
CA VAL A 115 -47.32 20.68 -2.54
C VAL A 115 -46.94 19.66 -3.60
N ASP A 116 -46.22 18.61 -3.18
CA ASP A 116 -45.74 17.61 -4.12
C ASP A 116 -46.85 16.67 -4.55
N THR A 117 -47.48 16.00 -3.59
CA THR A 117 -48.53 15.04 -3.87
C THR A 117 -49.89 15.73 -3.72
N SER A 118 -50.67 15.72 -4.80
CA SER A 118 -52.02 16.25 -4.77
C SER A 118 -52.85 15.47 -5.77
N ASN A 119 -54.03 16.01 -6.12
CA ASN A 119 -54.90 15.35 -7.07
C ASN A 119 -55.44 16.33 -8.10
N GLN A 120 -56.37 15.87 -8.93
CA GLN A 120 -56.89 16.67 -10.03
C GLN A 120 -57.87 17.75 -9.59
N PHE A 121 -58.31 17.74 -8.33
CA PHE A 121 -59.30 18.69 -7.86
C PHE A 121 -58.72 19.89 -7.14
N VAL A 122 -57.42 19.87 -6.84
CA VAL A 122 -56.76 21.01 -6.20
C VAL A 122 -56.00 21.76 -7.29
N LEU A 123 -56.51 22.94 -7.66
CA LEU A 123 -55.90 23.77 -8.68
C LEU A 123 -54.98 24.79 -8.00
N GLN A 124 -53.68 24.54 -8.11
CA GLN A 124 -52.67 25.35 -7.43
C GLN A 124 -52.21 26.45 -8.38
N LEU A 125 -52.61 27.69 -8.08
CA LEU A 125 -52.34 28.81 -8.98
C LEU A 125 -50.88 29.24 -8.94
N ARG A 126 -50.20 29.02 -7.83
CA ARG A 126 -48.82 29.42 -7.72
C ARG A 126 -47.93 28.44 -8.47
N PRO A 127 -47.07 28.90 -9.37
CA PRO A 127 -46.21 27.99 -10.12
C PRO A 127 -45.11 27.39 -9.24
N GLU A 128 -44.47 26.35 -9.77
CA GLU A 128 -43.39 25.70 -9.05
C GLU A 128 -42.15 26.58 -9.03
N LEU A 129 -41.27 26.30 -8.08
CA LEU A 129 -40.12 27.16 -7.83
C LEU A 129 -38.80 26.41 -7.72
N GLN A 130 -38.81 25.11 -7.40
CA GLN A 130 -37.57 24.42 -7.07
C GLN A 130 -36.68 24.18 -8.29
N GLU A 131 -37.28 23.96 -9.45
CA GLU A 131 -36.48 23.65 -10.64
C GLU A 131 -35.79 24.90 -11.17
N ALA A 132 -36.41 26.07 -11.02
CA ALA A 132 -35.74 27.32 -11.35
C ALA A 132 -34.59 27.59 -10.38
N LEU A 133 -34.74 27.20 -9.12
CA LEU A 133 -33.65 27.33 -8.16
C LEU A 133 -32.49 26.41 -8.52
N ILE A 134 -32.80 25.18 -8.94
CA ILE A 134 -31.78 24.26 -9.44
C ILE A 134 -31.08 24.82 -10.66
N SER A 135 -31.84 25.48 -11.54
CA SER A 135 -31.27 26.08 -12.74
C SER A 135 -30.35 27.25 -12.41
N ILE A 136 -30.72 28.07 -11.41
CA ILE A 136 -29.88 29.20 -11.03
C ILE A 136 -28.60 28.71 -10.35
N ILE A 137 -28.70 27.70 -9.49
CA ILE A 137 -27.51 27.17 -8.82
C ILE A 137 -26.60 26.43 -9.81
N ASP A 138 -27.19 25.79 -10.83
CA ASP A 138 -26.39 25.20 -11.89
C ASP A 138 -25.78 26.27 -12.79
N HIS A 139 -26.44 27.42 -12.90
CA HIS A 139 -25.88 28.54 -13.65
C HIS A 139 -24.67 29.13 -12.93
N TYR A 140 -24.73 29.25 -11.61
CA TYR A 140 -23.61 29.78 -10.86
C TYR A 140 -22.61 28.72 -10.41
N LYS A 141 -22.97 27.44 -10.52
CA LYS A 141 -22.10 26.29 -10.24
C LYS A 141 -21.56 26.31 -8.81
N TRP A 142 -22.47 26.17 -7.85
CA TRP A 142 -22.10 26.20 -6.45
C TRP A 142 -21.73 24.81 -5.93
N GLN A 143 -20.96 24.79 -4.85
CA GLN A 143 -20.63 23.57 -4.13
C GLN A 143 -21.09 23.63 -2.67
N THR A 144 -20.79 24.71 -1.96
CA THR A 144 -21.10 24.85 -0.55
C THR A 144 -22.01 26.06 -0.37
N PHE A 145 -23.22 25.83 0.15
CA PHE A 145 -24.11 26.95 0.44
C PHE A 145 -25.07 26.57 1.56
N VAL A 146 -25.75 27.59 2.07
CA VAL A 146 -26.64 27.46 3.22
C VAL A 146 -28.06 27.74 2.76
N TYR A 147 -28.93 26.76 2.93
CA TYR A 147 -30.33 26.85 2.54
C TYR A 147 -31.17 27.06 3.79
N ILE A 148 -31.65 28.28 3.99
CA ILE A 148 -32.57 28.59 5.07
C ILE A 148 -33.98 28.35 4.56
N TYR A 149 -34.74 27.53 5.26
CA TYR A 149 -36.08 27.14 4.82
C TYR A 149 -37.11 27.56 5.86
N ASP A 150 -38.29 27.91 5.38
CA ASP A 150 -39.43 28.13 6.25
C ASP A 150 -39.93 26.80 6.79
N ALA A 151 -40.36 26.80 8.05
CA ALA A 151 -40.93 25.60 8.63
C ALA A 151 -42.33 25.32 8.11
N ASP A 152 -43.01 26.32 7.58
CA ASP A 152 -44.39 26.17 7.13
C ASP A 152 -44.50 25.68 5.69
N ARG A 153 -43.49 25.90 4.86
CA ARG A 153 -43.58 25.43 3.48
C ARG A 153 -42.33 24.74 2.96
N GLY A 154 -41.16 24.95 3.55
CA GLY A 154 -39.94 24.36 3.03
C GLY A 154 -39.77 22.90 3.35
N LEU A 155 -40.61 22.05 2.74
CA LEU A 155 -40.49 20.61 2.90
C LEU A 155 -40.43 19.92 1.55
N SER A 156 -41.09 20.51 0.55
CA SER A 156 -41.05 19.98 -0.80
C SER A 156 -39.91 20.54 -1.63
N VAL A 157 -39.57 21.81 -1.43
CA VAL A 157 -38.45 22.39 -2.16
C VAL A 157 -37.13 21.90 -1.60
N LEU A 158 -37.04 21.81 -0.26
CA LEU A 158 -35.84 21.29 0.41
C LEU A 158 -35.56 19.84 0.02
N GLN A 159 -36.63 19.07 -0.22
CA GLN A 159 -36.49 17.68 -0.67
C GLN A 159 -35.79 17.60 -2.01
N ARG A 160 -36.26 18.38 -2.99
CA ARG A 160 -35.67 18.36 -4.32
C ARG A 160 -34.28 18.97 -4.33
N VAL A 161 -34.04 19.97 -3.47
CA VAL A 161 -32.71 20.58 -3.37
C VAL A 161 -31.71 19.59 -2.77
N LEU A 162 -32.12 18.83 -1.74
CA LEU A 162 -31.21 17.84 -1.18
C LEU A 162 -31.01 16.65 -2.11
N ASP A 163 -32.02 16.29 -2.91
CA ASP A 163 -31.80 15.26 -3.93
C ASP A 163 -30.81 15.72 -4.99
N THR A 164 -30.93 16.97 -5.45
CA THR A 164 -29.98 17.50 -6.42
C THR A 164 -28.59 17.67 -5.82
N ALA A 165 -28.51 17.97 -4.51
CA ALA A 165 -27.22 18.06 -3.83
C ALA A 165 -26.56 16.69 -3.72
N ALA A 166 -27.35 15.65 -3.44
CA ALA A 166 -26.82 14.30 -3.43
C ALA A 166 -26.40 13.85 -4.81
N GLU A 167 -27.08 14.34 -5.85
CA GLU A 167 -26.70 13.96 -7.22
C GLU A 167 -25.43 14.68 -7.67
N LYS A 168 -25.28 15.95 -7.33
CA LYS A 168 -24.21 16.77 -7.88
C LYS A 168 -23.12 17.09 -6.86
N ASN A 169 -23.09 16.37 -5.73
CA ASN A 169 -22.03 16.45 -4.70
C ASN A 169 -21.88 17.85 -4.13
N TRP A 170 -23.00 18.41 -3.69
CA TRP A 170 -23.00 19.73 -3.08
C TRP A 170 -22.88 19.63 -1.57
N GLN A 171 -22.75 20.78 -0.92
CA GLN A 171 -22.68 20.88 0.54
C GLN A 171 -23.74 21.89 0.98
N VAL A 172 -24.94 21.38 1.26
CA VAL A 172 -26.05 22.20 1.70
C VAL A 172 -26.12 22.18 3.22
N THR A 173 -26.17 23.35 3.83
CA THR A 173 -26.42 23.48 5.26
C THR A 173 -27.85 23.99 5.44
N ALA A 174 -28.75 23.10 5.84
CA ALA A 174 -30.16 23.43 5.97
C ALA A 174 -30.42 24.06 7.33
N VAL A 175 -31.08 25.22 7.33
CA VAL A 175 -31.33 25.98 8.55
C VAL A 175 -32.83 26.28 8.64
N ASN A 176 -33.45 25.83 9.74
CA ASN A 176 -34.85 26.13 9.97
C ASN A 176 -34.99 27.53 10.58
N ILE A 177 -36.20 28.08 10.48
CA ILE A 177 -36.49 29.41 10.98
C ILE A 177 -37.18 29.36 12.35
N LEU A 178 -38.21 28.52 12.49
CA LEU A 178 -39.06 28.56 13.67
C LEU A 178 -38.35 27.98 14.90
N THR A 179 -37.69 26.82 14.74
CA THR A 179 -37.08 26.16 15.88
C THR A 179 -35.73 26.76 16.28
N THR A 180 -35.19 27.69 15.50
CA THR A 180 -33.91 28.32 15.81
C THR A 180 -34.14 29.69 16.41
N THR A 181 -33.56 29.93 17.58
CA THR A 181 -33.65 31.21 18.26
C THR A 181 -32.68 32.20 17.65
N GLU A 182 -32.72 33.45 18.16
CA GLU A 182 -31.90 34.52 17.60
C GLU A 182 -30.42 34.33 17.92
N GLU A 183 -30.10 33.76 19.09
CA GLU A 183 -28.73 33.40 19.38
C GLU A 183 -28.26 32.23 18.51
N GLY A 184 -29.21 31.38 18.08
CA GLY A 184 -28.89 30.40 17.05
C GLY A 184 -28.52 31.04 15.73
N TYR A 185 -29.21 32.12 15.35
CA TYR A 185 -28.83 32.89 14.17
C TYR A 185 -27.46 33.51 14.33
N ARG A 186 -27.17 34.02 15.54
CA ARG A 186 -25.86 34.58 15.83
C ARG A 186 -24.75 33.54 15.69
N MET A 187 -24.99 32.34 16.21
CA MET A 187 -23.99 31.28 16.12
C MET A 187 -23.83 30.75 14.69
N LEU A 188 -24.91 30.70 13.91
CA LEU A 188 -24.76 30.18 12.55
C LEU A 188 -24.09 31.19 11.63
N PHE A 189 -24.37 32.48 11.79
CA PHE A 189 -23.59 33.45 11.03
C PHE A 189 -22.18 33.62 11.55
N GLN A 190 -21.94 33.33 12.84
CA GLN A 190 -20.57 33.26 13.34
C GLN A 190 -19.82 32.08 12.73
N ASP A 191 -20.52 30.99 12.45
CA ASP A 191 -19.92 29.89 11.71
C ASP A 191 -19.73 30.25 10.23
N LEU A 192 -20.61 31.09 9.68
CA LEU A 192 -20.50 31.49 8.29
C LEU A 192 -19.36 32.47 8.04
N GLU A 193 -19.06 33.34 9.01
CA GLU A 193 -18.06 34.39 8.79
C GLU A 193 -16.62 33.90 8.91
N LYS A 194 -16.37 32.59 8.88
CA LYS A 194 -15.04 32.02 8.96
C LYS A 194 -14.48 31.62 7.60
N LYS A 195 -15.16 31.92 6.50
CA LYS A 195 -14.74 31.50 5.16
C LYS A 195 -14.87 32.67 4.18
N LYS A 196 -14.35 32.46 2.96
CA LYS A 196 -14.19 33.54 2.00
C LYS A 196 -15.54 33.93 1.37
N GLU A 197 -16.18 32.99 0.68
CA GLU A 197 -17.44 33.26 0.02
C GLU A 197 -18.59 32.70 0.85
N ARG A 198 -19.71 33.42 0.84
CA ARG A 198 -20.83 33.12 1.73
C ARG A 198 -22.09 33.09 0.88
N LEU A 199 -22.55 31.89 0.54
CA LEU A 199 -23.65 31.69 -0.39
C LEU A 199 -24.87 31.25 0.38
N VAL A 200 -25.93 32.07 0.37
CA VAL A 200 -27.11 31.83 1.18
C VAL A 200 -28.34 31.88 0.29
N VAL A 201 -29.12 30.80 0.28
CA VAL A 201 -30.45 30.77 -0.31
C VAL A 201 -31.45 30.83 0.82
N VAL A 202 -32.46 31.70 0.69
CA VAL A 202 -33.52 31.83 1.68
C VAL A 202 -34.85 31.55 1.00
N ASP A 203 -35.62 30.63 1.57
CA ASP A 203 -36.94 30.26 1.06
C ASP A 203 -37.96 30.41 2.18
N CYS A 204 -38.66 31.55 2.21
CA CYS A 204 -39.76 31.76 3.13
C CYS A 204 -40.70 32.79 2.52
N GLU A 205 -41.88 32.91 3.11
CA GLU A 205 -42.86 33.88 2.63
C GLU A 205 -42.42 35.30 2.99
N SER A 206 -42.93 36.26 2.22
CA SER A 206 -42.44 37.64 2.30
C SER A 206 -42.82 38.31 3.61
N GLU A 207 -43.96 37.93 4.20
CA GLU A 207 -44.34 38.47 5.50
C GLU A 207 -43.43 37.95 6.61
N ARG A 208 -42.83 36.77 6.42
CA ARG A 208 -41.77 36.32 7.30
C ARG A 208 -40.42 36.85 6.85
N LEU A 209 -40.23 37.02 5.54
CA LEU A 209 -38.95 37.46 5.01
C LEU A 209 -38.63 38.90 5.39
N ASN A 210 -39.65 39.72 5.62
CA ASN A 210 -39.40 41.08 6.09
C ASN A 210 -38.77 41.09 7.48
N ALA A 211 -39.29 40.27 8.39
CA ALA A 211 -38.71 40.18 9.73
C ALA A 211 -37.36 39.48 9.71
N ILE A 212 -37.19 38.49 8.82
CA ILE A 212 -35.89 37.81 8.71
C ILE A 212 -34.82 38.76 8.18
N LEU A 213 -35.14 39.55 7.15
CA LEU A 213 -34.18 40.52 6.64
C LEU A 213 -33.97 41.68 7.61
N GLY A 214 -34.97 42.03 8.42
CA GLY A 214 -34.74 42.98 9.49
C GLY A 214 -33.81 42.44 10.55
N GLN A 215 -33.82 41.13 10.78
CA GLN A 215 -32.81 40.51 11.62
C GLN A 215 -31.44 40.51 10.94
N ILE A 216 -31.40 40.34 9.62
CA ILE A 216 -30.12 40.15 8.93
C ILE A 216 -29.39 41.48 8.73
N VAL A 217 -30.10 42.57 8.41
CA VAL A 217 -29.43 43.83 8.05
C VAL A 217 -28.74 44.53 9.20
N LYS A 218 -28.91 44.06 10.44
CA LYS A 218 -28.10 44.52 11.55
C LYS A 218 -26.82 43.70 11.71
N LEU A 219 -26.54 42.79 10.77
CA LEU A 219 -25.41 41.89 10.85
C LEU A 219 -24.58 41.84 9.58
N GLU A 220 -25.14 42.24 8.43
CA GLU A 220 -24.44 42.24 7.15
C GLU A 220 -23.88 43.62 6.80
N LYS A 221 -23.38 44.32 7.83
CA LYS A 221 -22.89 45.68 7.69
C LYS A 221 -21.68 45.77 6.76
N ASN A 222 -20.85 44.73 6.74
CA ASN A 222 -19.76 44.67 5.77
C ASN A 222 -20.28 44.27 4.39
N GLY A 223 -20.91 43.10 4.28
CA GLY A 223 -21.51 42.66 3.05
C GLY A 223 -20.57 42.07 2.02
N ILE A 224 -19.27 42.15 2.23
CA ILE A 224 -18.30 41.66 1.24
C ILE A 224 -18.27 40.13 1.30
N GLY A 225 -18.55 39.50 0.17
CA GLY A 225 -18.57 38.05 0.10
C GLY A 225 -19.92 37.43 0.33
N TYR A 226 -20.98 38.22 0.49
CA TYR A 226 -22.33 37.71 0.72
C TYR A 226 -23.07 37.66 -0.59
N HIS A 227 -23.59 36.49 -0.95
CA HIS A 227 -24.43 36.33 -2.14
C HIS A 227 -25.71 35.63 -1.73
N TYR A 228 -26.84 36.32 -1.90
CA TYR A 228 -28.14 35.83 -1.45
C TYR A 228 -29.00 35.48 -2.66
N ILE A 229 -29.82 34.44 -2.50
CA ILE A 229 -30.88 34.11 -3.45
C ILE A 229 -32.18 34.00 -2.66
N LEU A 230 -33.09 34.93 -2.89
CA LEU A 230 -34.39 34.94 -2.20
C LEU A 230 -35.40 34.21 -3.05
N ALA A 231 -35.72 32.98 -2.67
CA ALA A 231 -36.66 32.15 -3.43
C ALA A 231 -38.08 32.63 -3.21
N ASN A 232 -38.53 33.56 -4.04
CA ASN A 232 -39.85 34.16 -3.87
C ASN A 232 -40.27 34.73 -5.21
N LEU A 233 -41.57 34.64 -5.51
CA LEU A 233 -42.12 35.21 -6.74
C LEU A 233 -42.40 36.70 -6.61
N GLY A 234 -42.16 37.29 -5.45
CA GLY A 234 -42.45 38.69 -5.18
C GLY A 234 -41.20 39.49 -4.89
N PHE A 235 -40.17 39.34 -5.73
CA PHE A 235 -38.89 40.01 -5.50
C PHE A 235 -39.01 41.53 -5.53
N MET A 236 -39.88 42.08 -6.37
CA MET A 236 -40.12 43.51 -6.33
C MET A 236 -40.94 43.93 -5.11
N ASP A 237 -41.66 42.99 -4.50
CA ASP A 237 -42.44 43.29 -3.30
C ASP A 237 -41.59 43.28 -2.05
N ILE A 238 -40.34 42.81 -2.14
CA ILE A 238 -39.46 42.76 -0.98
C ILE A 238 -38.96 44.16 -0.66
N ASP A 239 -39.03 44.54 0.61
CA ASP A 239 -38.56 45.85 1.06
C ASP A 239 -37.05 45.91 0.99
N LEU A 240 -36.52 46.43 -0.13
CA LEU A 240 -35.08 46.49 -0.36
C LEU A 240 -34.46 47.77 0.18
N ASN A 241 -35.26 48.62 0.85
CA ASN A 241 -34.74 49.87 1.40
C ASN A 241 -33.76 49.65 2.54
N LYS A 242 -33.79 48.49 3.19
CA LYS A 242 -32.78 48.12 4.16
C LYS A 242 -31.47 47.70 3.52
N PHE A 243 -31.46 47.46 2.21
CA PHE A 243 -30.25 47.09 1.49
C PHE A 243 -29.56 48.27 0.84
N LYS A 244 -29.88 49.49 1.26
CA LYS A 244 -29.20 50.66 0.75
C LYS A 244 -27.79 50.74 1.33
N GLU A 245 -26.80 50.95 0.45
CA GLU A 245 -25.37 50.98 0.78
C GLU A 245 -24.92 49.68 1.46
N SER A 246 -25.46 48.55 0.99
CA SER A 246 -25.11 47.24 1.49
C SER A 246 -24.38 46.46 0.39
N GLY A 247 -23.66 45.43 0.80
CA GLY A 247 -22.91 44.60 -0.13
C GLY A 247 -23.71 43.41 -0.66
N ALA A 248 -24.99 43.64 -0.92
CA ALA A 248 -25.90 42.53 -1.21
C ALA A 248 -25.94 42.22 -2.70
N ASN A 249 -25.51 41.01 -3.06
CA ASN A 249 -25.65 40.44 -4.40
C ASN A 249 -26.88 39.54 -4.39
N VAL A 250 -28.06 40.12 -4.58
CA VAL A 250 -29.30 39.38 -4.34
C VAL A 250 -29.94 39.00 -5.67
N THR A 251 -30.15 37.70 -5.87
CA THR A 251 -30.82 37.18 -7.06
C THR A 251 -32.23 36.75 -6.69
N GLY A 252 -33.21 37.27 -7.42
CA GLY A 252 -34.60 36.99 -7.14
C GLY A 252 -35.38 36.64 -8.40
N PHE A 253 -36.58 36.13 -8.19
CA PHE A 253 -37.48 35.69 -9.24
C PHE A 253 -38.67 36.62 -9.33
N GLN A 254 -39.11 36.88 -10.56
CA GLN A 254 -40.23 37.78 -10.83
C GLN A 254 -41.22 37.10 -11.76
N LEU A 255 -42.50 37.21 -11.43
CA LEU A 255 -43.58 36.61 -12.21
C LEU A 255 -44.36 37.64 -13.02
N VAL A 256 -44.64 38.81 -12.45
CA VAL A 256 -45.50 39.79 -13.07
C VAL A 256 -44.66 41.00 -13.48
N ASN A 257 -44.69 41.33 -14.77
CA ASN A 257 -44.14 42.58 -15.28
C ASN A 257 -45.27 43.59 -15.34
N TYR A 258 -45.27 44.54 -14.40
CA TYR A 258 -46.39 45.46 -14.22
C TYR A 258 -46.51 46.51 -15.33
N THR A 259 -45.54 46.59 -16.23
CA THR A 259 -45.54 47.57 -17.31
C THR A 259 -45.78 46.91 -18.66
N ASP A 260 -45.82 45.58 -18.70
CA ASP A 260 -46.18 44.86 -19.92
C ASP A 260 -47.64 45.14 -20.28
N THR A 261 -47.94 45.07 -21.59
CA THR A 261 -49.09 45.77 -22.18
C THR A 261 -50.43 45.28 -21.62
N ILE A 262 -50.67 43.98 -21.62
CA ILE A 262 -51.88 43.42 -21.03
C ILE A 262 -51.84 43.52 -19.49
N PRO A 263 -50.74 43.21 -18.79
CA PRO A 263 -50.74 43.49 -17.33
C PRO A 263 -50.86 44.97 -16.97
N ALA A 264 -50.23 45.88 -17.71
CA ALA A 264 -50.40 47.29 -17.39
C ALA A 264 -51.79 47.79 -17.80
N ARG A 265 -52.43 47.12 -18.77
CA ARG A 265 -53.82 47.43 -19.07
C ARG A 265 -54.73 47.04 -17.91
N ILE A 266 -54.49 45.86 -17.31
CA ILE A 266 -55.24 45.44 -16.13
C ILE A 266 -54.96 46.37 -14.95
N MET A 267 -53.70 46.79 -14.81
CA MET A 267 -53.31 47.75 -13.77
C MET A 267 -54.04 49.08 -13.92
N GLN A 268 -54.09 49.61 -15.14
CA GLN A 268 -54.81 50.85 -15.40
C GLN A 268 -56.31 50.68 -15.19
N GLN A 269 -56.84 49.49 -15.51
CA GLN A 269 -58.26 49.21 -15.26
C GLN A 269 -58.59 49.26 -13.77
N TRP A 270 -57.80 48.62 -12.92
CA TRP A 270 -58.18 48.68 -11.51
C TRP A 270 -57.79 50.01 -10.86
N ARG A 271 -56.78 50.72 -11.37
CA ARG A 271 -56.53 52.08 -10.90
C ARG A 271 -57.68 53.03 -11.24
N THR A 272 -58.27 52.91 -12.44
CA THR A 272 -59.43 53.72 -12.78
C THR A 272 -60.65 53.31 -11.98
N SER A 273 -60.84 52.00 -11.76
CA SER A 273 -61.98 51.56 -10.95
C SER A 273 -61.84 51.97 -9.49
N ASP A 274 -60.61 52.14 -9.01
CA ASP A 274 -60.38 52.78 -7.73
C ASP A 274 -60.74 54.27 -7.78
N SER A 275 -60.22 55.00 -8.77
CA SER A 275 -60.36 56.45 -8.80
C SER A 275 -61.76 56.92 -9.16
N ARG A 276 -62.64 56.02 -9.65
CA ARG A 276 -64.01 56.43 -9.93
C ARG A 276 -64.79 56.72 -8.66
N ASP A 277 -65.00 55.71 -7.79
CA ASP A 277 -65.61 56.05 -6.52
C ASP A 277 -64.71 55.81 -5.32
N HIS A 278 -64.42 54.54 -5.03
CA HIS A 278 -63.79 54.05 -3.80
C HIS A 278 -63.60 52.54 -3.93
N THR A 279 -62.68 52.01 -3.13
CA THR A 279 -62.53 50.58 -2.85
C THR A 279 -62.04 50.41 -1.43
N ARG A 280 -61.56 49.20 -1.12
CA ARG A 280 -61.05 48.82 0.19
C ARG A 280 -59.60 49.27 0.39
N VAL A 281 -58.91 48.60 1.33
CA VAL A 281 -57.55 48.83 1.82
C VAL A 281 -56.57 49.10 0.68
N ASP A 282 -55.64 50.02 0.90
CA ASP A 282 -54.91 50.78 -0.10
C ASP A 282 -53.82 49.95 -0.78
N TRP A 283 -52.91 50.62 -1.49
CA TRP A 283 -52.11 50.03 -2.54
C TRP A 283 -50.71 50.63 -2.55
N LYS A 284 -50.02 50.50 -3.71
CA LYS A 284 -48.69 50.97 -4.10
C LYS A 284 -47.58 50.07 -3.55
N ARG A 285 -47.90 49.05 -2.77
CA ARG A 285 -46.96 47.98 -2.45
C ARG A 285 -47.68 46.68 -2.75
N PRO A 286 -47.60 46.18 -3.99
CA PRO A 286 -48.47 45.08 -4.41
C PRO A 286 -48.07 43.73 -3.83
N LYS A 287 -48.85 42.70 -4.16
CA LYS A 287 -48.54 41.33 -3.77
C LYS A 287 -48.84 40.42 -4.96
N TYR A 288 -47.99 39.40 -5.13
CA TYR A 288 -48.21 38.43 -6.21
C TYR A 288 -49.40 37.53 -5.91
N THR A 289 -49.76 37.40 -4.63
CA THR A 289 -50.93 36.60 -4.27
C THR A 289 -52.23 37.25 -4.76
N SER A 290 -52.26 38.58 -4.80
CA SER A 290 -53.44 39.27 -5.35
C SER A 290 -53.53 39.09 -6.85
N ALA A 291 -52.38 39.05 -7.54
CA ALA A 291 -52.36 38.76 -8.96
C ALA A 291 -52.83 37.33 -9.24
N LEU A 292 -52.40 36.39 -8.40
CA LEU A 292 -52.87 35.01 -8.53
C LEU A 292 -54.36 34.91 -8.22
N THR A 293 -54.86 35.72 -7.30
CA THR A 293 -56.30 35.76 -6.99
C THR A 293 -57.10 36.23 -8.20
N TYR A 294 -56.65 37.33 -8.82
CA TYR A 294 -57.30 37.87 -10.01
C TYR A 294 -57.29 36.88 -11.15
N ASP A 295 -56.14 36.23 -11.37
CA ASP A 295 -56.05 35.27 -12.47
C ASP A 295 -56.84 34.00 -12.19
N GLY A 296 -56.96 33.60 -10.92
CA GLY A 296 -57.77 32.43 -10.61
C GLY A 296 -59.26 32.69 -10.76
N VAL A 297 -59.71 33.89 -10.40
CA VAL A 297 -61.10 34.25 -10.64
C VAL A 297 -61.36 34.37 -12.15
N LYS A 298 -60.35 34.80 -12.92
CA LYS A 298 -60.51 34.80 -14.38
C LYS A 298 -60.56 33.39 -14.94
N VAL A 299 -59.81 32.45 -14.34
CA VAL A 299 -59.89 31.03 -14.70
C VAL A 299 -61.29 30.49 -14.45
N MET A 300 -61.85 30.79 -13.28
CA MET A 300 -63.20 30.32 -12.93
C MET A 300 -64.25 30.94 -13.83
N ALA A 301 -64.07 32.21 -14.19
CA ALA A 301 -65.02 32.88 -15.08
C ALA A 301 -64.98 32.28 -16.49
N GLU A 302 -63.78 32.03 -17.02
CA GLU A 302 -63.66 31.39 -18.33
C GLU A 302 -64.17 29.96 -18.31
N ALA A 303 -64.04 29.26 -17.17
CA ALA A 303 -64.55 27.91 -17.07
C ALA A 303 -66.07 27.87 -17.06
N PHE A 304 -66.70 28.78 -16.30
CA PHE A 304 -68.17 28.82 -16.33
C PHE A 304 -68.69 29.35 -17.67
N GLN A 305 -67.96 30.22 -18.35
CA GLN A 305 -68.37 30.61 -19.69
C GLN A 305 -68.24 29.46 -20.69
N SER A 306 -67.22 28.61 -20.52
CA SER A 306 -67.10 27.42 -21.36
C SER A 306 -68.20 26.41 -21.04
N LEU A 307 -68.60 26.32 -19.78
CA LEU A 307 -69.74 25.47 -19.43
C LEU A 307 -71.05 26.03 -19.99
N ARG A 308 -71.15 27.36 -20.10
CA ARG A 308 -72.35 27.95 -20.69
C ARG A 308 -72.41 27.72 -22.19
N ARG A 309 -71.29 27.93 -22.89
CA ARG A 309 -71.32 27.81 -24.34
C ARG A 309 -71.24 26.38 -24.84
N GLN A 310 -71.07 25.39 -23.95
CA GLN A 310 -71.20 23.99 -24.34
C GLN A 310 -72.58 23.42 -24.04
N ARG A 311 -73.47 24.23 -23.47
CA ARG A 311 -74.88 23.87 -23.19
C ARG A 311 -74.98 22.66 -22.27
N ILE A 312 -74.09 22.59 -21.28
CA ILE A 312 -74.10 21.50 -20.31
C ILE A 312 -74.72 22.03 -19.03
N ASP A 313 -75.86 21.46 -18.64
CA ASP A 313 -76.58 21.94 -17.47
C ASP A 313 -75.91 21.48 -16.18
N ILE A 314 -76.05 22.29 -15.14
CA ILE A 314 -75.55 21.98 -13.81
C ILE A 314 -76.76 21.99 -12.88
N SER A 315 -77.32 20.81 -12.61
CA SER A 315 -78.45 20.70 -11.72
C SER A 315 -77.96 20.63 -10.27
N ARG A 316 -78.90 20.48 -9.34
CA ARG A 316 -78.55 20.41 -7.93
C ARG A 316 -79.61 19.62 -7.19
N ARG A 317 -79.20 19.06 -6.05
CA ARG A 317 -80.07 18.40 -5.10
C ARG A 317 -79.76 18.89 -3.69
N GLY A 318 -79.31 20.14 -3.59
CA GLY A 318 -78.85 20.69 -2.33
C GLY A 318 -79.95 21.13 -1.38
N ASN A 319 -80.77 20.18 -0.93
CA ASN A 319 -81.75 20.44 0.12
C ASN A 319 -81.10 20.17 1.48
N ALA A 320 -80.20 21.09 1.84
CA ALA A 320 -79.28 20.97 2.99
C ALA A 320 -78.49 19.67 2.93
N GLY A 321 -77.65 19.57 1.89
CA GLY A 321 -76.86 18.39 1.63
C GLY A 321 -75.82 18.09 2.69
N ASP A 322 -75.75 16.83 3.12
CA ASP A 322 -74.86 16.46 4.20
C ASP A 322 -73.41 16.42 3.73
N CYS A 323 -72.52 16.95 4.55
CA CYS A 323 -71.09 16.95 4.24
C CYS A 323 -70.45 15.62 4.58
N LEU A 324 -70.85 15.02 5.70
CA LEU A 324 -70.31 13.75 6.16
C LEU A 324 -71.38 12.68 6.10
N ALA A 325 -71.11 11.59 5.39
CA ALA A 325 -72.05 10.49 5.26
C ALA A 325 -71.29 9.19 5.21
N ASN A 326 -72.03 8.08 5.22
CA ASN A 326 -71.41 6.77 5.16
C ASN A 326 -72.27 5.85 4.30
N PRO A 327 -71.80 5.45 3.09
CA PRO A 327 -70.52 5.84 2.49
C PRO A 327 -70.57 7.20 1.79
N ALA A 328 -69.50 7.53 1.07
CA ALA A 328 -69.45 8.79 0.36
C ALA A 328 -70.36 8.77 -0.85
N VAL A 329 -71.07 9.87 -1.07
CA VAL A 329 -71.93 10.05 -2.23
C VAL A 329 -71.23 11.00 -3.19
N PRO A 330 -70.65 10.51 -4.29
CA PRO A 330 -69.92 11.41 -5.20
C PRO A 330 -70.88 12.28 -5.99
N TRP A 331 -70.66 13.59 -5.92
CA TRP A 331 -71.42 14.54 -6.72
C TRP A 331 -70.96 14.38 -8.17
N GLY A 332 -71.75 13.66 -8.96
CA GLY A 332 -71.35 13.19 -10.27
C GLY A 332 -71.17 14.26 -11.33
N GLN A 333 -71.63 15.47 -11.07
CA GLN A 333 -71.46 16.57 -12.02
C GLN A 333 -70.09 17.22 -11.94
N GLY A 334 -69.27 16.85 -10.96
CA GLY A 334 -68.01 17.55 -10.72
C GLY A 334 -66.95 17.32 -11.76
N ILE A 335 -67.05 16.23 -12.53
CA ILE A 335 -66.03 15.96 -13.55
C ILE A 335 -66.15 16.94 -14.72
N ASP A 336 -67.36 17.46 -14.97
CA ASP A 336 -67.52 18.45 -16.03
C ASP A 336 -66.91 19.79 -15.64
N ILE A 337 -67.13 20.22 -14.39
CA ILE A 337 -66.51 21.43 -13.88
C ILE A 337 -65.00 21.26 -13.80
N GLN A 338 -64.53 20.05 -13.48
CA GLN A 338 -63.10 19.78 -13.41
C GLN A 338 -62.45 19.85 -14.79
N ARG A 339 -63.10 19.28 -15.80
CA ARG A 339 -62.55 19.36 -17.16
C ARG A 339 -62.68 20.75 -17.75
N ALA A 340 -63.66 21.53 -17.30
CA ALA A 340 -63.76 22.92 -17.76
C ALA A 340 -62.68 23.78 -17.13
N LEU A 341 -62.41 23.58 -15.84
CA LEU A 341 -61.35 24.32 -15.15
C LEU A 341 -59.97 23.88 -15.59
N GLN A 342 -59.83 22.62 -16.04
CA GLN A 342 -58.52 22.13 -16.44
C GLN A 342 -58.09 22.71 -17.79
N GLN A 343 -59.05 22.99 -18.68
CA GLN A 343 -58.78 23.43 -20.04
C GLN A 343 -58.82 24.96 -20.18
N VAL A 344 -58.50 25.69 -19.13
CA VAL A 344 -58.44 27.15 -19.18
C VAL A 344 -57.06 27.56 -19.65
N ARG A 345 -56.99 28.47 -20.61
CA ARG A 345 -55.75 28.79 -21.31
C ARG A 345 -55.82 30.23 -21.80
N PHE A 346 -55.04 31.12 -21.20
CA PHE A 346 -55.05 32.53 -21.64
C PHE A 346 -53.74 33.20 -21.25
N GLU A 347 -53.71 34.52 -21.41
CA GLU A 347 -52.57 35.37 -21.04
C GLU A 347 -53.10 36.45 -20.10
N GLY A 348 -52.94 36.23 -18.80
CA GLY A 348 -53.42 37.13 -17.78
C GLY A 348 -52.32 37.88 -17.08
N LEU A 349 -52.63 38.36 -15.87
CA LEU A 349 -51.75 39.26 -15.14
C LEU A 349 -50.46 38.59 -14.71
N THR A 350 -50.50 37.28 -14.43
CA THR A 350 -49.29 36.52 -14.16
C THR A 350 -48.72 35.85 -15.40
N GLY A 351 -48.94 36.43 -16.58
CA GLY A 351 -48.40 35.87 -17.80
C GLY A 351 -49.27 34.77 -18.37
N ASN A 352 -48.63 33.72 -18.91
CA ASN A 352 -49.38 32.61 -19.50
C ASN A 352 -50.03 31.79 -18.41
N VAL A 353 -51.34 31.62 -18.49
CA VAL A 353 -52.10 30.80 -17.56
C VAL A 353 -52.56 29.56 -18.29
N GLN A 354 -52.16 28.40 -17.78
CA GLN A 354 -52.39 27.09 -18.40
C GLN A 354 -52.13 26.01 -17.36
N PHE A 355 -53.02 25.04 -17.28
CA PHE A 355 -52.94 23.95 -16.32
C PHE A 355 -52.60 22.63 -17.02
N ASN A 356 -51.95 21.75 -16.28
CA ASN A 356 -51.59 20.43 -16.80
C ASN A 356 -52.72 19.43 -16.54
N GLU A 357 -52.43 18.14 -16.72
CA GLU A 357 -53.42 17.11 -16.46
C GLU A 357 -53.62 16.86 -14.97
N LYS A 358 -52.69 17.30 -14.12
CA LYS A 358 -52.78 17.11 -12.69
C LYS A 358 -53.35 18.32 -11.95
N GLY A 359 -53.38 19.49 -12.59
CA GLY A 359 -53.89 20.68 -11.95
C GLY A 359 -52.85 21.65 -11.47
N ARG A 360 -51.61 21.54 -11.94
CA ARG A 360 -50.54 22.45 -11.57
C ARG A 360 -50.20 23.35 -12.76
N ARG A 361 -49.47 24.42 -12.47
CA ARG A 361 -49.14 25.40 -13.49
C ARG A 361 -47.99 24.91 -14.35
N THR A 362 -48.23 24.87 -15.66
CA THR A 362 -47.20 24.56 -16.65
C THR A 362 -47.21 25.66 -17.71
N ASN A 363 -46.13 25.69 -18.50
CA ASN A 363 -45.94 26.62 -19.62
C ASN A 363 -46.00 28.07 -19.13
N TYR A 364 -45.05 28.43 -18.27
CA TYR A 364 -44.95 29.75 -17.69
C TYR A 364 -43.51 30.26 -17.80
N THR A 365 -43.29 31.47 -17.30
CA THR A 365 -42.02 32.15 -17.47
C THR A 365 -41.67 32.91 -16.20
N LEU A 366 -40.48 32.65 -15.65
CA LEU A 366 -40.01 33.34 -14.46
C LEU A 366 -38.76 34.12 -14.80
N HIS A 367 -38.79 35.44 -14.57
CA HIS A 367 -37.66 36.29 -14.91
C HIS A 367 -36.70 36.37 -13.74
N VAL A 368 -35.40 36.42 -14.05
CA VAL A 368 -34.35 36.40 -13.03
C VAL A 368 -33.75 37.79 -12.93
N ILE A 369 -33.84 38.40 -11.75
CA ILE A 369 -33.42 39.78 -11.54
C ILE A 369 -32.35 39.82 -10.48
N GLU A 370 -31.20 40.41 -10.81
CA GLU A 370 -30.10 40.58 -9.88
C GLU A 370 -30.09 42.01 -9.36
N MET A 371 -29.78 42.17 -8.07
CA MET A 371 -29.77 43.46 -7.40
C MET A 371 -28.44 43.65 -6.71
N LYS A 372 -27.79 44.77 -7.00
CA LYS A 372 -26.53 45.18 -6.37
C LYS A 372 -26.34 46.66 -6.60
N HIS A 373 -26.33 47.44 -5.50
CA HIS A 373 -26.03 48.88 -5.49
C HIS A 373 -26.96 49.67 -6.41
N ASP A 374 -28.28 49.49 -6.18
CA ASP A 374 -29.36 50.07 -6.96
C ASP A 374 -29.28 49.66 -8.44
N GLY A 375 -28.70 48.49 -8.70
CA GLY A 375 -28.65 47.95 -10.04
C GLY A 375 -29.76 46.95 -10.28
N ILE A 376 -30.84 47.40 -10.90
CA ILE A 376 -31.96 46.51 -11.21
C ILE A 376 -31.73 45.96 -12.60
N ARG A 377 -31.10 44.79 -12.68
CA ARG A 377 -30.73 44.19 -13.96
C ARG A 377 -31.47 42.89 -14.16
N LYS A 378 -31.72 42.57 -15.43
CA LYS A 378 -32.42 41.36 -15.83
C LYS A 378 -31.41 40.42 -16.46
N ILE A 379 -31.19 39.27 -15.82
CA ILE A 379 -30.25 38.29 -16.34
C ILE A 379 -30.87 37.53 -17.52
N GLY A 380 -32.04 36.95 -17.30
CA GLY A 380 -32.74 36.22 -18.33
C GLY A 380 -34.05 35.68 -17.81
N TYR A 381 -34.55 34.59 -18.40
CA TYR A 381 -35.77 33.99 -17.91
C TYR A 381 -35.68 32.48 -17.93
N TRP A 382 -36.69 31.86 -17.32
CA TRP A 382 -36.75 30.44 -17.05
C TRP A 382 -38.11 29.91 -17.48
N ASN A 383 -38.11 28.77 -18.16
CA ASN A 383 -39.33 28.10 -18.58
C ASN A 383 -39.11 26.59 -18.48
N GLU A 384 -39.98 25.81 -19.10
CA GLU A 384 -39.98 24.36 -18.96
C GLU A 384 -39.39 23.60 -20.14
N ASP A 385 -39.55 24.10 -21.36
CA ASP A 385 -39.08 23.37 -22.53
C ASP A 385 -37.70 23.83 -23.00
N ASP A 386 -37.35 25.07 -22.74
CA ASP A 386 -36.13 25.71 -23.20
C ASP A 386 -35.36 26.28 -22.01
N LYS A 387 -35.11 25.41 -21.03
CA LYS A 387 -35.17 25.64 -19.58
C LYS A 387 -34.78 27.03 -19.09
N PHE A 388 -33.54 27.46 -19.34
CA PHE A 388 -33.08 28.74 -18.84
C PHE A 388 -32.29 29.45 -19.91
N VAL A 389 -32.64 30.70 -20.19
CA VAL A 389 -31.90 31.49 -21.16
C VAL A 389 -31.48 32.82 -20.54
N PRO A 390 -30.25 33.29 -20.80
CA PRO A 390 -29.85 34.61 -20.34
C PRO A 390 -30.22 35.70 -21.33
N ALA A 391 -29.82 36.94 -21.04
CA ALA A 391 -30.05 38.05 -21.95
C ALA A 391 -28.95 39.10 -21.82
N ARG A 407 -4.80 52.12 -18.89
CA ARG A 407 -4.82 51.69 -17.50
C ARG A 407 -3.52 52.07 -16.79
N THR A 408 -3.47 51.80 -15.49
CA THR A 408 -2.30 52.08 -14.68
C THR A 408 -1.78 50.76 -14.12
N TYR A 409 -0.54 50.78 -13.64
CA TYR A 409 0.08 49.58 -13.10
C TYR A 409 0.91 49.90 -11.85
N ILE A 410 0.86 49.01 -10.86
CA ILE A 410 1.54 49.24 -9.58
C ILE A 410 2.83 48.44 -9.57
N VAL A 411 3.94 49.13 -9.31
CA VAL A 411 5.24 48.50 -9.19
C VAL A 411 5.70 48.64 -7.74
N THR A 412 5.94 47.50 -7.09
CA THR A 412 6.38 47.50 -5.70
C THR A 412 7.84 47.07 -5.61
N THR A 413 8.49 47.55 -4.56
CA THR A 413 9.90 47.28 -4.29
C THR A 413 10.18 47.56 -2.81
N ILE A 414 11.45 47.50 -2.44
CA ILE A 414 11.90 47.72 -1.07
C ILE A 414 13.20 48.50 -1.11
N LEU A 415 13.47 49.26 -0.04
CA LEU A 415 14.69 50.06 0.06
C LEU A 415 15.89 49.15 0.24
N GLU A 416 16.61 48.90 -0.85
CA GLU A 416 17.83 48.11 -0.80
C GLU A 416 18.89 48.73 -1.69
N ASP A 417 20.12 48.74 -1.21
CA ASP A 417 21.29 49.28 -1.91
C ASP A 417 21.90 48.21 -2.80
N PRO A 418 22.34 48.56 -4.03
CA PRO A 418 22.15 49.87 -4.67
C PRO A 418 20.90 49.91 -5.53
N TYR A 419 19.95 49.02 -5.24
CA TYR A 419 18.79 48.85 -6.11
C TYR A 419 17.83 50.02 -5.97
N VAL A 420 17.39 50.30 -4.74
CA VAL A 420 16.52 51.43 -4.45
C VAL A 420 17.24 52.30 -3.44
N MET A 421 17.62 53.51 -3.85
CA MET A 421 18.32 54.43 -2.98
C MET A 421 17.57 55.75 -2.90
N LEU A 422 17.65 56.39 -1.73
CA LEU A 422 17.05 57.70 -1.56
C LEU A 422 17.84 58.76 -2.30
N LYS A 423 17.13 59.65 -2.99
CA LYS A 423 17.79 60.77 -3.64
C LYS A 423 18.17 61.82 -2.61
N LYS A 424 19.03 62.75 -3.03
CA LYS A 424 19.43 63.83 -2.14
C LYS A 424 18.31 64.85 -1.98
N ASN A 425 17.69 65.25 -3.09
CA ASN A 425 16.55 66.16 -3.06
C ASN A 425 15.22 65.38 -3.06
N ALA A 426 15.13 64.43 -2.12
CA ALA A 426 13.94 63.60 -2.00
C ALA A 426 12.75 64.41 -1.49
N ASN A 427 12.99 65.41 -0.64
CA ASN A 427 11.93 66.32 -0.24
C ASN A 427 11.57 67.29 -1.36
N GLN A 428 12.47 67.50 -2.32
CA GLN A 428 12.24 68.40 -3.44
C GLN A 428 11.85 67.67 -4.71
N PHE A 429 11.63 66.36 -4.65
CA PHE A 429 11.21 65.58 -5.80
C PHE A 429 9.78 65.09 -5.61
N GLU A 430 9.20 64.59 -6.70
CA GLU A 430 7.84 64.09 -6.67
C GLU A 430 7.70 62.94 -7.66
N GLY A 431 6.71 62.09 -7.42
CA GLY A 431 6.41 61.01 -8.33
C GLY A 431 7.38 59.84 -8.21
N ASN A 432 7.56 59.14 -9.32
CA ASN A 432 8.43 57.97 -9.36
C ASN A 432 9.92 58.34 -9.40
N ASP A 433 10.25 59.60 -9.66
CA ASP A 433 11.63 60.03 -9.73
C ASP A 433 12.22 60.37 -8.36
N ARG A 434 11.51 60.07 -7.28
CA ARG A 434 12.03 60.31 -5.93
C ARG A 434 13.14 59.35 -5.56
N TYR A 435 13.24 58.22 -6.24
CA TYR A 435 14.25 57.21 -5.96
C TYR A 435 15.21 57.09 -7.13
N GLU A 436 16.25 56.29 -6.94
CA GLU A 436 17.25 56.06 -7.97
C GLU A 436 17.98 54.76 -7.67
N GLY A 437 18.56 54.17 -8.71
CA GLY A 437 19.31 52.94 -8.56
C GLY A 437 19.20 51.98 -9.73
N TYR A 438 19.41 50.69 -9.47
CA TYR A 438 19.42 49.69 -10.52
C TYR A 438 18.02 49.31 -10.97
N CYS A 439 17.15 48.97 -10.02
CA CYS A 439 15.80 48.51 -10.36
C CYS A 439 14.92 49.63 -10.89
N VAL A 440 15.22 50.88 -10.52
CA VAL A 440 14.47 52.02 -11.05
C VAL A 440 14.69 52.15 -12.55
N GLU A 441 15.96 52.14 -12.98
CA GLU A 441 16.27 52.19 -14.39
C GLU A 441 15.88 50.91 -15.10
N LEU A 442 15.86 49.78 -14.38
CA LEU A 442 15.41 48.53 -14.95
C LEU A 442 13.92 48.58 -15.30
N ALA A 443 13.09 49.04 -14.37
CA ALA A 443 11.68 49.21 -14.63
C ALA A 443 11.41 50.31 -15.65
N ALA A 444 12.30 51.32 -15.72
CA ALA A 444 12.19 52.33 -16.76
C ALA A 444 12.44 51.74 -18.14
N GLU A 445 13.43 50.84 -18.26
CA GLU A 445 13.68 50.18 -19.53
C GLU A 445 12.56 49.21 -19.90
N ILE A 446 11.96 48.55 -18.89
CA ILE A 446 10.82 47.68 -19.15
C ILE A 446 9.63 48.49 -19.66
N ALA A 447 9.34 49.62 -19.01
CA ALA A 447 8.24 50.47 -19.45
C ALA A 447 8.55 51.16 -20.77
N LYS A 448 9.82 51.31 -21.12
CA LYS A 448 10.17 51.83 -22.44
C LYS A 448 9.95 50.79 -23.52
N HIS A 449 10.36 49.54 -23.28
CA HIS A 449 10.22 48.50 -24.28
C HIS A 449 8.83 47.91 -24.35
N VAL A 450 7.96 48.17 -23.37
CA VAL A 450 6.57 47.72 -23.43
C VAL A 450 5.62 48.87 -23.72
N GLY A 451 5.78 50.00 -23.04
CA GLY A 451 4.95 51.16 -23.30
C GLY A 451 3.74 51.29 -22.42
N TYR A 452 3.94 51.28 -21.11
CA TYR A 452 2.85 51.41 -20.16
C TYR A 452 3.25 52.40 -19.06
N SER A 453 2.24 52.92 -18.37
CA SER A 453 2.45 53.78 -17.22
C SER A 453 2.53 52.93 -15.95
N TYR A 454 3.45 53.30 -15.06
CA TYR A 454 3.69 52.54 -13.85
C TYR A 454 3.64 53.48 -12.64
N ARG A 455 3.85 52.90 -11.47
CA ARG A 455 3.88 53.66 -10.22
C ARG A 455 4.72 52.90 -9.22
N LEU A 456 5.79 53.53 -8.73
CA LEU A 456 6.69 52.88 -7.81
C LEU A 456 6.12 52.89 -6.40
N GLU A 457 6.09 51.73 -5.75
CA GLU A 457 5.55 51.58 -4.42
C GLU A 457 6.58 50.93 -3.50
N ILE A 458 6.45 51.20 -2.21
CA ILE A 458 7.34 50.65 -1.18
C ILE A 458 6.52 49.73 -0.30
N VAL A 459 7.06 48.53 -0.04
CA VAL A 459 6.36 47.58 0.82
C VAL A 459 6.41 48.07 2.27
N SER A 460 5.39 47.71 3.05
CA SER A 460 5.23 48.24 4.40
C SER A 460 6.03 47.45 5.44
N ASP A 461 5.89 46.12 5.45
CA ASP A 461 6.43 45.30 6.52
C ASP A 461 7.95 45.14 6.44
N GLY A 462 8.56 45.47 5.32
CA GLY A 462 9.98 45.23 5.16
C GLY A 462 10.36 43.79 4.93
N LYS A 463 9.40 42.93 4.62
CA LYS A 463 9.65 41.53 4.35
C LYS A 463 9.58 41.26 2.86
N TYR A 464 10.40 40.31 2.41
CA TYR A 464 10.45 39.97 0.99
C TYR A 464 9.29 39.05 0.62
N GLY A 465 9.27 37.86 1.19
CA GLY A 465 8.16 36.94 1.03
C GLY A 465 8.36 35.68 1.84
N ALA A 466 7.35 35.29 2.61
CA ALA A 466 7.44 34.12 3.46
C ALA A 466 6.03 33.65 3.79
N ARG A 467 5.86 32.34 3.82
CA ARG A 467 4.58 31.71 4.13
C ARG A 467 4.66 31.14 5.54
N ASP A 468 3.89 31.71 6.45
CA ASP A 468 3.80 31.20 7.81
C ASP A 468 3.02 29.90 7.78
N PRO A 469 3.63 28.75 8.13
CA PRO A 469 2.89 27.48 8.03
C PRO A 469 1.78 27.30 9.05
N ASP A 470 1.75 28.12 10.10
CA ASP A 470 0.66 28.04 11.07
C ASP A 470 -0.61 28.65 10.50
N THR A 471 -0.48 29.79 9.81
CA THR A 471 -1.64 30.50 9.28
C THR A 471 -1.86 30.25 7.80
N LYS A 472 -0.90 29.62 7.12
CA LYS A 472 -0.90 29.40 5.66
C LYS A 472 -1.07 30.72 4.90
N ALA A 473 -0.32 31.73 5.32
CA ALA A 473 -0.44 33.07 4.76
C ALA A 473 0.94 33.59 4.38
N TRP A 474 1.01 34.26 3.23
CA TRP A 474 2.22 34.90 2.77
C TRP A 474 2.28 36.34 3.27
N ASN A 475 3.51 36.83 3.45
CA ASN A 475 3.72 38.22 3.81
C ASN A 475 4.62 38.90 2.78
N GLY A 476 4.71 40.23 2.88
CA GLY A 476 5.58 40.98 2.00
C GLY A 476 4.99 41.16 0.61
N MET A 477 5.89 41.36 -0.36
CA MET A 477 5.49 41.60 -1.74
C MET A 477 4.85 40.38 -2.39
N VAL A 478 5.19 39.18 -1.93
CA VAL A 478 4.53 37.96 -2.40
C VAL A 478 3.07 37.96 -2.00
N GLY A 479 2.79 38.29 -0.73
CA GLY A 479 1.41 38.40 -0.29
C GLY A 479 0.68 39.58 -0.89
N GLU A 480 1.42 40.63 -1.25
CA GLU A 480 0.80 41.75 -1.97
C GLU A 480 0.42 41.36 -3.39
N LEU A 481 1.20 40.48 -4.02
CA LEU A 481 0.84 39.99 -5.35
C LEU A 481 -0.29 38.97 -5.28
N VAL A 482 -0.34 38.15 -4.22
CA VAL A 482 -1.40 37.16 -4.10
C VAL A 482 -2.74 37.82 -3.82
N TYR A 483 -2.78 38.72 -2.84
CA TYR A 483 -4.00 39.41 -2.48
C TYR A 483 -4.27 40.65 -3.32
N GLY A 484 -3.54 40.84 -4.42
CA GLY A 484 -3.86 41.87 -5.39
C GLY A 484 -3.49 43.28 -4.98
N ARG A 485 -2.57 43.45 -4.05
CA ARG A 485 -2.16 44.78 -3.64
C ARG A 485 -1.21 45.44 -4.63
N ALA A 486 -0.56 44.65 -5.50
CA ALA A 486 0.37 45.17 -6.48
C ALA A 486 0.14 44.47 -7.81
N ASP A 487 0.78 45.01 -8.85
CA ASP A 487 0.67 44.44 -10.20
C ASP A 487 1.93 43.70 -10.61
N VAL A 488 3.09 44.36 -10.61
CA VAL A 488 4.36 43.74 -10.98
C VAL A 488 5.38 44.09 -9.93
N ALA A 489 5.99 43.08 -9.32
CA ALA A 489 7.02 43.27 -8.31
C ALA A 489 8.37 43.25 -9.02
N VAL A 490 9.09 44.37 -8.98
CA VAL A 490 10.41 44.50 -9.55
C VAL A 490 11.37 44.67 -8.38
N ALA A 491 11.99 43.56 -7.96
CA ALA A 491 12.87 43.55 -6.80
C ALA A 491 13.76 42.32 -6.89
N PRO A 492 14.94 42.33 -6.28
CA PRO A 492 15.74 41.11 -6.23
C PRO A 492 15.15 40.06 -5.30
N LEU A 493 14.17 39.31 -5.78
CA LEU A 493 13.50 38.27 -5.02
C LEU A 493 14.06 36.92 -5.44
N THR A 494 14.41 36.09 -4.46
CA THR A 494 15.03 34.80 -4.73
C THR A 494 14.00 33.82 -5.29
N ILE A 495 14.28 33.31 -6.49
CA ILE A 495 13.37 32.38 -7.16
C ILE A 495 13.54 31.00 -6.53
N THR A 496 12.55 30.58 -5.74
CA THR A 496 12.59 29.29 -5.06
C THR A 496 11.44 28.42 -5.55
N LEU A 497 11.40 27.18 -5.04
CA LEU A 497 10.36 26.24 -5.43
C LEU A 497 9.03 26.61 -4.80
N VAL A 498 9.05 27.07 -3.54
CA VAL A 498 7.82 27.39 -2.84
C VAL A 498 7.17 28.67 -3.35
N ARG A 499 7.93 29.50 -4.08
CA ARG A 499 7.39 30.73 -4.64
C ARG A 499 6.86 30.56 -6.05
N GLU A 500 7.27 29.49 -6.75
CA GLU A 500 6.79 29.26 -8.10
C GLU A 500 5.31 28.83 -8.09
N GLU A 501 4.89 28.14 -7.03
CA GLU A 501 3.53 27.60 -6.98
C GLU A 501 2.46 28.67 -6.81
N VAL A 502 2.82 29.86 -6.33
CA VAL A 502 1.87 30.93 -6.12
C VAL A 502 2.02 32.05 -7.14
N ILE A 503 3.25 32.36 -7.56
CA ILE A 503 3.50 33.43 -8.52
C ILE A 503 4.51 32.93 -9.55
N ASP A 504 4.47 33.54 -10.73
CA ASP A 504 5.33 33.18 -11.83
C ASP A 504 6.54 34.10 -11.89
N PHE A 505 7.58 33.64 -12.59
CA PHE A 505 8.83 34.38 -12.68
C PHE A 505 9.32 34.38 -14.11
N SER A 506 10.06 35.42 -14.47
CA SER A 506 10.70 35.51 -15.77
C SER A 506 12.04 34.78 -15.72
N LYS A 507 12.78 34.80 -16.82
CA LYS A 507 14.10 34.20 -16.83
C LYS A 507 15.06 35.05 -16.01
N PRO A 508 16.01 34.42 -15.32
CA PRO A 508 16.94 35.18 -14.45
C PRO A 508 17.89 36.03 -15.29
N PHE A 509 17.82 37.35 -15.06
CA PHE A 509 18.70 38.28 -15.73
C PHE A 509 20.05 38.42 -15.03
N MET A 510 20.08 38.25 -13.71
CA MET A 510 21.31 38.39 -12.95
C MET A 510 21.52 37.12 -12.14
N SER A 511 22.51 36.33 -12.53
CA SER A 511 22.86 35.14 -11.78
C SER A 511 23.97 35.45 -10.78
N LEU A 512 24.04 34.63 -9.74
CA LEU A 512 24.90 34.90 -8.60
C LEU A 512 25.06 33.63 -7.79
N GLY A 513 26.01 33.67 -6.86
CA GLY A 513 26.25 32.54 -5.98
C GLY A 513 26.73 33.02 -4.63
N ILE A 514 27.22 32.08 -3.84
CA ILE A 514 27.73 32.37 -2.51
C ILE A 514 29.24 32.49 -2.58
N SER A 515 29.78 33.59 -2.08
CA SER A 515 31.20 33.89 -2.15
C SER A 515 31.79 33.99 -0.75
N ILE A 516 33.07 34.38 -0.70
CA ILE A 516 33.82 34.51 0.55
C ILE A 516 34.38 35.91 0.63
N MET A 517 34.07 36.60 1.74
CA MET A 517 34.62 37.91 2.06
C MET A 517 35.68 37.76 3.14
N ILE A 518 36.87 38.32 2.90
CA ILE A 518 37.94 38.29 3.89
C ILE A 518 38.32 39.72 4.23
N LYS A 519 39.33 39.87 5.09
CA LYS A 519 39.73 41.18 5.59
C LYS A 519 40.56 41.98 4.61
N LYS A 520 41.00 41.36 3.49
CA LYS A 520 41.80 41.94 2.42
C LYS A 520 43.07 42.62 2.93
N PRO A 521 44.10 41.86 3.34
CA PRO A 521 45.30 42.50 3.89
C PRO A 521 46.12 43.17 2.80
N GLN A 522 46.77 44.28 3.17
CA GLN A 522 47.58 45.05 2.25
C GLN A 522 49.06 44.71 2.45
N LYS A 523 49.92 45.40 1.71
CA LYS A 523 51.36 45.19 1.78
C LYS A 523 51.94 46.06 2.90
N SER A 524 51.68 45.63 4.13
CA SER A 524 52.12 46.35 5.33
C SER A 524 53.53 45.90 5.69
N LYS A 525 54.49 46.37 4.89
CA LYS A 525 55.89 46.05 5.10
C LYS A 525 56.63 47.29 5.57
N PRO A 526 57.02 47.38 6.83
CA PRO A 526 57.76 48.55 7.32
C PRO A 526 59.22 48.50 6.89
N GLY A 527 59.98 49.48 7.36
CA GLY A 527 61.33 49.70 6.88
C GLY A 527 62.43 49.15 7.76
N VAL A 528 63.01 50.03 8.59
CA VAL A 528 64.12 49.66 9.46
C VAL A 528 63.70 48.60 10.48
N PHE A 529 62.43 48.64 10.92
CA PHE A 529 61.94 47.68 11.89
C PHE A 529 61.85 46.26 11.32
N SER A 530 61.82 46.13 9.99
CA SER A 530 61.88 44.81 9.38
C SER A 530 63.30 44.27 9.26
N PHE A 531 64.32 45.12 9.47
CA PHE A 531 65.70 44.65 9.32
C PHE A 531 66.13 43.78 10.48
N LEU A 532 65.88 44.24 11.71
CA LEU A 532 66.27 43.51 12.91
C LEU A 532 65.25 42.46 13.34
N ASP A 533 64.41 42.02 12.39
CA ASP A 533 63.47 40.93 12.64
C ASP A 533 64.12 39.60 13.05
N PRO A 534 64.97 38.96 12.23
CA PRO A 534 65.04 37.49 12.28
C PRO A 534 65.72 36.91 13.51
N LEU A 535 66.59 37.66 14.19
CA LEU A 535 67.22 37.12 15.40
C LEU A 535 66.46 37.55 16.65
N ALA A 536 66.50 38.85 16.95
CA ALA A 536 65.89 39.47 18.12
C ALA A 536 66.10 40.98 18.02
N TYR A 537 65.62 41.70 19.02
CA TYR A 537 66.00 43.10 19.22
C TYR A 537 66.85 43.27 20.47
N GLU A 538 67.29 42.17 21.09
CA GLU A 538 68.07 42.23 22.32
C GLU A 538 69.31 41.36 22.33
N ILE A 539 69.44 40.38 21.42
CA ILE A 539 70.66 39.59 21.33
C ILE A 539 71.80 40.45 20.79
N TRP A 540 71.48 41.40 19.90
CA TRP A 540 72.47 42.27 19.28
C TRP A 540 73.20 43.14 20.30
N MET A 541 72.52 43.56 21.36
CA MET A 541 73.18 44.35 22.40
C MET A 541 74.19 43.51 23.17
N CYS A 542 73.87 42.25 23.44
CA CYS A 542 74.84 41.35 24.06
C CYS A 542 75.99 41.03 23.11
N ILE A 543 75.72 41.01 21.80
CA ILE A 543 76.77 40.81 20.81
C ILE A 543 77.74 41.98 20.81
N VAL A 544 77.21 43.22 20.86
CA VAL A 544 78.06 44.41 20.93
C VAL A 544 78.82 44.47 22.26
N PHE A 545 78.19 44.02 23.35
CA PHE A 545 78.87 44.02 24.65
C PHE A 545 80.01 42.99 24.68
N ALA A 546 79.79 41.81 24.10
CA ALA A 546 80.87 40.84 24.00
C ALA A 546 81.95 41.31 23.03
N TYR A 547 81.56 42.06 22.00
CA TYR A 547 82.53 42.65 21.06
C TYR A 547 83.46 43.62 21.77
N ILE A 548 82.90 44.55 22.55
CA ILE A 548 83.74 45.53 23.22
C ILE A 548 84.51 44.87 24.37
N GLY A 549 83.96 43.81 24.97
CA GLY A 549 84.68 43.08 25.99
C GLY A 549 85.89 42.35 25.44
N VAL A 550 85.74 41.71 24.28
CA VAL A 550 86.87 41.02 23.65
C VAL A 550 87.90 42.03 23.14
N SER A 551 87.46 43.22 22.73
CA SER A 551 88.41 44.27 22.38
C SER A 551 89.18 44.76 23.60
N VAL A 552 88.51 44.83 24.77
CA VAL A 552 89.20 45.15 26.02
C VAL A 552 90.19 44.06 26.38
N VAL A 553 89.83 42.79 26.13
CA VAL A 553 90.75 41.67 26.36
C VAL A 553 91.98 41.77 25.47
N LEU A 554 91.79 42.13 24.20
CA LEU A 554 92.90 42.26 23.27
C LEU A 554 93.80 43.43 23.63
N PHE A 555 93.21 44.57 24.02
CA PHE A 555 94.02 45.73 24.42
C PHE A 555 94.71 45.49 25.76
N LEU A 556 94.12 44.64 26.61
CA LEU A 556 94.78 44.22 27.83
C LEU A 556 96.01 43.38 27.53
N VAL A 557 95.81 42.27 26.82
CA VAL A 557 96.87 41.27 26.69
C VAL A 557 97.95 41.70 25.71
N SER A 558 97.58 42.47 24.67
CA SER A 558 98.54 42.89 23.66
C SER A 558 99.56 43.88 24.22
N ARG A 559 99.14 44.71 25.18
CA ARG A 559 100.05 45.61 25.88
C ARG A 559 100.62 44.99 27.15
N PHE A 560 100.39 43.70 27.37
CA PHE A 560 100.81 43.04 28.60
C PHE A 560 102.05 42.18 28.41
N SER A 561 102.29 41.68 27.20
CA SER A 561 103.48 40.88 26.92
C SER A 561 104.71 41.78 26.77
N SER A 582 104.19 46.60 20.26
CA SER A 582 103.78 45.80 19.12
C SER A 582 102.97 46.62 18.13
N ASN A 583 102.27 45.95 17.22
CA ASN A 583 101.44 46.60 16.22
C ASN A 583 99.99 46.74 16.65
N GLU A 584 99.54 45.90 17.59
CA GLU A 584 98.22 46.04 18.21
C GLU A 584 98.33 46.77 19.55
N PHE A 585 99.28 47.68 19.66
CA PHE A 585 99.53 48.36 20.93
C PHE A 585 98.45 49.38 21.26
N GLY A 586 97.86 50.00 20.24
CA GLY A 586 96.85 51.02 20.46
C GLY A 586 95.46 50.46 20.70
N ILE A 587 94.60 51.31 21.24
CA ILE A 587 93.21 50.92 21.45
C ILE A 587 92.48 50.83 20.11
N PHE A 588 92.87 51.67 19.14
CA PHE A 588 92.23 51.59 17.82
C PHE A 588 92.66 50.35 17.05
N ASN A 589 93.93 49.95 17.17
CA ASN A 589 94.39 48.74 16.50
C ASN A 589 93.75 47.50 17.12
N SER A 590 93.58 47.50 18.44
CA SER A 590 92.91 46.39 19.11
C SER A 590 91.44 46.30 18.74
N LEU A 591 90.74 47.44 18.72
CA LEU A 591 89.33 47.45 18.31
C LEU A 591 89.17 47.14 16.83
N TRP A 592 90.15 47.52 16.01
CA TRP A 592 90.07 47.27 14.58
C TRP A 592 90.31 45.80 14.26
N PHE A 593 91.24 45.16 15.00
CA PHE A 593 91.38 43.72 14.85
C PHE A 593 90.20 42.99 15.45
N SER A 594 89.55 43.56 16.46
CA SER A 594 88.32 42.98 16.98
C SER A 594 87.19 43.06 15.95
N LEU A 595 87.13 44.15 15.19
CA LEU A 595 86.15 44.26 14.12
C LEU A 595 86.47 43.32 12.97
N GLY A 596 87.76 43.18 12.65
CA GLY A 596 88.15 42.22 11.62
C GLY A 596 87.91 40.78 12.02
N ALA A 597 88.00 40.50 13.32
CA ALA A 597 87.59 39.20 13.82
C ALA A 597 86.08 39.04 13.84
N PHE A 598 85.33 40.12 14.05
CA PHE A 598 83.87 40.00 14.05
C PHE A 598 83.31 39.75 12.66
N MET A 599 83.89 40.34 11.63
CA MET A 599 83.47 40.03 10.27
C MET A 599 84.31 38.86 9.78
N GLN A 600 84.03 38.38 8.56
CA GLN A 600 84.80 37.25 8.04
C GLN A 600 86.16 37.69 7.51
N GLN A 601 86.21 38.83 6.83
CA GLN A 601 87.43 39.25 6.16
C GLN A 601 88.37 39.96 7.14
N GLY A 602 89.44 40.52 6.61
CA GLY A 602 90.42 41.23 7.42
C GLY A 602 91.58 41.72 6.58
N ASP A 604 93.78 42.22 8.82
CA ASP A 604 94.53 43.42 8.49
C ASP A 604 95.93 43.33 9.04
N ILE A 605 96.06 43.53 10.34
CA ILE A 605 97.32 43.36 11.05
C ILE A 605 97.26 42.03 11.79
N SER A 606 98.13 41.10 11.39
CA SER A 606 98.10 39.75 11.95
C SER A 606 98.91 39.71 13.24
N PRO A 607 98.33 39.31 14.36
CA PRO A 607 99.09 39.17 15.59
C PRO A 607 100.02 37.96 15.52
N ARG A 608 100.99 37.95 16.44
CA ARG A 608 102.00 36.89 16.49
C ARG A 608 102.06 36.16 17.81
N SER A 609 101.19 36.48 18.77
CA SER A 609 101.27 35.89 20.08
C SER A 609 100.44 34.61 20.16
N LEU A 610 100.72 33.81 21.19
CA LEU A 610 99.91 32.63 21.48
C LEU A 610 98.51 33.02 21.96
N SER A 611 98.45 33.86 22.99
CA SER A 611 97.20 34.18 23.65
C SER A 611 96.30 35.03 22.77
N GLY A 612 96.89 35.97 22.01
CA GLY A 612 96.10 36.77 21.09
C GLY A 612 95.51 35.95 19.97
N ARG A 613 96.27 34.98 19.47
CA ARG A 613 95.75 34.10 18.43
C ARG A 613 94.66 33.18 18.95
N ILE A 614 94.77 32.74 20.21
CA ILE A 614 93.70 31.88 20.71
C ILE A 614 92.46 32.70 21.08
N VAL A 615 92.61 33.97 21.48
CA VAL A 615 91.46 34.85 21.66
C VAL A 615 90.75 35.09 20.34
N GLY A 616 91.54 35.31 19.27
CA GLY A 616 90.96 35.47 17.95
C GLY A 616 90.26 34.22 17.47
N GLY A 617 90.85 33.04 17.72
CA GLY A 617 90.23 31.80 17.32
C GLY A 617 88.96 31.48 18.10
N VAL A 618 88.89 31.92 19.36
CA VAL A 618 87.65 31.73 20.12
C VAL A 618 86.57 32.67 19.61
N TRP A 619 86.86 33.98 19.55
CA TRP A 619 85.87 34.99 19.17
C TRP A 619 85.42 34.86 17.71
N TRP A 620 86.29 34.39 16.84
CA TRP A 620 86.11 34.46 15.41
C TRP A 620 85.25 33.33 14.86
N PHE A 621 85.47 32.10 15.33
CA PHE A 621 84.55 31.01 15.02
C PHE A 621 83.19 31.24 15.67
N PHE A 622 83.18 31.85 16.86
CA PHE A 622 81.96 32.26 17.55
C PHE A 622 81.08 33.15 16.67
N THR A 623 81.62 34.28 16.23
CA THR A 623 80.84 35.16 15.38
C THR A 623 80.62 34.59 13.98
N LEU A 624 81.45 33.65 13.53
CA LEU A 624 81.19 32.95 12.27
C LEU A 624 79.94 32.10 12.37
N ILE A 625 79.79 31.35 13.46
CA ILE A 625 78.58 30.58 13.71
C ILE A 625 77.38 31.50 13.87
N ILE A 626 77.57 32.67 14.49
CA ILE A 626 76.47 33.62 14.66
C ILE A 626 75.97 34.15 13.31
N ILE A 627 76.88 34.57 12.44
CA ILE A 627 76.43 35.10 11.16
C ILE A 627 75.95 33.99 10.22
N SER A 628 76.45 32.76 10.40
CA SER A 628 75.88 31.63 9.69
C SER A 628 74.45 31.38 10.13
N SER A 629 74.19 31.50 11.43
CA SER A 629 72.83 31.35 11.94
C SER A 629 71.93 32.49 11.48
N TYR A 630 72.48 33.70 11.35
CA TYR A 630 71.73 34.83 10.82
C TYR A 630 71.34 34.60 9.38
N THR A 631 72.28 34.09 8.58
CA THR A 631 72.01 33.74 7.18
C THR A 631 70.93 32.67 7.08
N ALA A 632 71.05 31.62 7.89
CA ALA A 632 70.08 30.52 7.85
C ALA A 632 68.71 30.96 8.32
N ASN A 633 68.65 31.83 9.33
CA ASN A 633 67.36 32.26 9.86
C ASN A 633 66.67 33.23 8.92
N LEU A 634 67.46 34.10 8.25
CA LEU A 634 66.87 34.98 7.24
C LEU A 634 66.39 34.18 6.04
N ALA A 635 67.12 33.11 5.68
CA ALA A 635 66.67 32.23 4.61
C ALA A 635 65.39 31.51 5.00
N ALA A 636 65.27 31.12 6.26
CA ALA A 636 64.06 30.48 6.75
C ALA A 636 62.87 31.43 6.71
N PHE A 637 63.06 32.67 7.13
CA PHE A 637 61.95 33.62 7.11
C PHE A 637 61.58 34.06 5.70
N LEU A 638 62.53 34.09 4.77
CA LEU A 638 62.15 34.36 3.39
C LEU A 638 61.51 33.14 2.74
N THR A 639 61.82 31.94 3.22
CA THR A 639 61.07 30.75 2.80
C THR A 639 59.64 30.82 3.30
N VAL A 640 59.45 31.29 4.53
CA VAL A 640 58.12 31.50 5.10
C VAL A 640 57.37 32.57 4.31
N GLU A 641 58.08 33.60 3.86
CA GLU A 641 57.45 34.70 3.14
C GLU A 641 56.94 34.27 1.77
N ARG A 642 57.49 33.21 1.19
CA ARG A 642 57.05 32.70 -0.10
C ARG A 642 56.19 31.45 0.03
N MET A 643 55.49 31.29 1.15
CA MET A 643 54.66 30.11 1.37
C MET A 643 53.27 30.23 0.76
N VAL A 644 52.36 29.36 1.24
CA VAL A 644 51.06 29.11 0.62
C VAL A 644 50.21 30.37 0.60
N SER A 645 49.57 30.62 -0.54
CA SER A 645 48.66 31.73 -0.74
C SER A 645 47.45 31.62 0.19
N PRO A 646 46.75 32.75 0.47
CA PRO A 646 45.56 32.67 1.33
C PRO A 646 44.37 31.93 0.73
N ILE A 647 43.26 31.97 1.46
CA ILE A 647 42.11 31.12 1.19
C ILE A 647 41.46 31.52 -0.13
N GLU A 648 41.20 30.52 -1.00
CA GLU A 648 40.59 30.76 -2.29
C GLU A 648 39.39 29.89 -2.57
N SER A 649 39.07 28.92 -1.71
CA SER A 649 37.93 28.03 -1.93
C SER A 649 37.45 27.49 -0.60
N ALA A 650 36.35 26.74 -0.67
CA ALA A 650 35.82 26.10 0.53
C ALA A 650 36.67 24.92 0.96
N GLU A 651 37.39 24.30 0.01
CA GLU A 651 38.35 23.27 0.38
C GLU A 651 39.50 23.85 1.18
N ASP A 652 39.89 25.10 0.87
CA ASP A 652 40.87 25.80 1.70
C ASP A 652 40.31 26.12 3.07
N LEU A 653 38.99 26.35 3.18
CA LEU A 653 38.36 26.53 4.48
C LEU A 653 38.37 25.23 5.28
N ALA A 654 38.15 24.10 4.60
CA ALA A 654 38.19 22.81 5.29
C ALA A 654 39.61 22.42 5.66
N LYS A 655 40.60 22.88 4.90
CA LYS A 655 41.99 22.54 5.15
C LYS A 655 42.57 23.24 6.36
N GLN A 656 41.95 24.32 6.84
CA GLN A 656 42.46 25.07 7.98
C GLN A 656 41.42 25.15 9.07
N THR A 657 41.85 25.67 10.22
CA THR A 657 40.94 25.93 11.33
C THR A 657 41.23 27.24 12.05
N GLU A 658 42.25 27.99 11.64
CA GLU A 658 42.63 29.20 12.36
C GLU A 658 41.67 30.35 12.06
N ILE A 659 41.45 30.66 10.78
CA ILE A 659 40.60 31.77 10.39
C ILE A 659 39.16 31.28 10.35
N ALA A 660 38.31 31.89 11.17
CA ALA A 660 36.93 31.45 11.30
C ALA A 660 36.09 31.99 10.15
N TYR A 661 34.84 31.50 10.08
CA TYR A 661 33.92 31.86 9.02
C TYR A 661 32.50 31.61 9.50
N GLY A 662 31.57 32.43 9.00
CA GLY A 662 30.18 32.31 9.41
C GLY A 662 29.24 32.96 8.41
N THR A 663 27.95 32.70 8.62
CA THR A 663 26.87 33.26 7.81
C THR A 663 25.94 34.08 8.69
N LEU A 664 24.83 34.52 8.11
CA LEU A 664 23.80 35.22 8.85
C LEU A 664 23.01 34.21 9.71
N GLU A 665 22.47 34.70 10.82
CA GLU A 665 21.79 33.83 11.78
C GLU A 665 20.46 33.29 11.26
N ALA A 666 19.80 33.99 10.35
CA ALA A 666 18.51 33.56 9.83
C ALA A 666 18.44 33.85 8.35
N GLY A 667 17.96 32.88 7.58
CA GLY A 667 17.82 33.04 6.14
C GLY A 667 17.98 31.76 5.36
N SER A 668 17.86 31.84 4.04
CA SER A 668 17.96 30.67 3.18
C SER A 668 19.40 30.17 3.04
N THR A 669 20.39 30.97 3.43
CA THR A 669 21.78 30.50 3.41
C THR A 669 21.99 29.43 4.47
N LYS A 670 21.43 29.64 5.66
CA LYS A 670 21.50 28.63 6.71
C LYS A 670 20.68 27.39 6.35
N GLU A 671 19.59 27.56 5.61
CA GLU A 671 18.85 26.41 5.11
C GLU A 671 19.61 25.67 4.02
N PHE A 672 20.44 26.38 3.25
CA PHE A 672 21.25 25.74 2.23
C PHE A 672 22.39 24.93 2.85
N PHE A 673 23.11 25.54 3.79
CA PHE A 673 24.19 24.83 4.46
C PHE A 673 23.67 23.74 5.41
N ARG A 674 22.45 23.90 5.94
CA ARG A 674 21.90 22.88 6.81
C ARG A 674 21.46 21.65 6.04
N ARG A 675 20.79 21.84 4.91
CA ARG A 675 20.30 20.74 4.10
C ARG A 675 21.26 20.33 3.00
N SER A 676 22.55 20.61 3.16
CA SER A 676 23.54 20.28 2.14
C SER A 676 23.83 18.79 2.15
N LYS A 677 24.29 18.28 1.01
CA LYS A 677 24.64 16.87 0.86
C LYS A 677 26.13 16.63 0.76
N ILE A 678 26.92 17.66 0.44
CA ILE A 678 28.36 17.51 0.36
C ILE A 678 28.94 17.43 1.76
N ALA A 679 29.82 16.45 1.99
CA ALA A 679 30.40 16.24 3.31
C ALA A 679 31.32 17.37 3.74
N VAL A 680 31.93 18.10 2.80
CA VAL A 680 32.74 19.25 3.14
C VAL A 680 31.88 20.37 3.72
N PHE A 681 30.79 20.70 3.01
CA PHE A 681 29.87 21.70 3.52
C PHE A 681 29.10 21.19 4.73
N GLU A 682 28.94 19.87 4.86
CA GLU A 682 28.34 19.30 6.06
C GLU A 682 29.26 19.50 7.27
N LYS A 683 30.56 19.33 7.08
CA LYS A 683 31.52 19.61 8.15
C LYS A 683 31.59 21.10 8.45
N MET A 684 31.40 21.94 7.43
CA MET A 684 31.32 23.39 7.65
C MET A 684 30.12 23.75 8.51
N TRP A 685 28.95 23.19 8.20
CA TRP A 685 27.75 23.46 8.98
C TRP A 685 27.83 22.86 10.37
N THR A 686 28.53 21.74 10.52
CA THR A 686 28.74 21.15 11.84
C THR A 686 29.65 22.02 12.69
N TYR A 687 30.70 22.58 12.08
CA TYR A 687 31.61 23.45 12.81
C TYR A 687 30.95 24.78 13.16
N MET A 688 30.14 25.32 12.24
CA MET A 688 29.47 26.58 12.54
C MET A 688 28.28 26.38 13.47
N LYS A 689 27.78 25.16 13.59
CA LYS A 689 26.72 24.88 14.56
C LYS A 689 27.26 24.52 15.93
N SER A 690 28.55 24.19 16.03
CA SER A 690 29.16 23.81 17.30
C SER A 690 30.33 24.72 17.67
N ALA A 691 30.36 25.93 17.14
CA ALA A 691 31.47 26.85 17.42
C ALA A 691 31.31 27.51 18.77
N GLU A 692 32.42 27.93 19.35
CA GLU A 692 32.42 28.64 20.64
C GLU A 692 33.30 29.87 20.50
N PRO A 693 32.73 31.09 20.49
CA PRO A 693 31.29 31.39 20.59
C PRO A 693 30.56 31.27 19.25
N SER A 694 29.38 31.86 19.17
CA SER A 694 28.56 31.77 17.96
C SER A 694 29.15 32.63 16.85
N VAL A 695 29.25 32.05 15.65
CA VAL A 695 29.75 32.78 14.49
C VAL A 695 28.66 33.54 13.76
N PHE A 696 27.39 33.30 14.09
CA PHE A 696 26.29 33.94 13.40
C PHE A 696 26.10 35.37 13.90
N VAL A 697 25.69 36.26 13.00
CA VAL A 697 25.42 37.64 13.33
C VAL A 697 23.97 37.95 12.96
N ARG A 698 23.46 39.06 13.49
CA ARG A 698 22.07 39.45 13.30
C ARG A 698 21.85 40.23 12.01
N THR A 699 22.71 41.19 11.72
CA THR A 699 22.60 42.04 10.54
C THR A 699 23.85 41.90 9.68
N THR A 700 23.82 42.57 8.53
CA THR A 700 24.98 42.59 7.64
C THR A 700 26.09 43.46 8.23
N GLU A 701 25.73 44.59 8.83
CA GLU A 701 26.71 45.48 9.44
C GLU A 701 27.36 44.84 10.66
N GLU A 702 26.62 43.97 11.38
CA GLU A 702 27.22 43.21 12.47
C GLU A 702 28.28 42.25 11.95
N GLY A 703 28.02 41.63 10.79
CA GLY A 703 29.05 40.82 10.16
C GLY A 703 30.23 41.63 9.68
N MET A 704 29.99 42.87 9.23
CA MET A 704 31.09 43.74 8.83
C MET A 704 31.95 44.13 10.03
N ILE A 705 31.32 44.36 11.18
CA ILE A 705 32.07 44.63 12.41
C ILE A 705 32.85 43.39 12.83
N ARG A 706 32.24 42.20 12.71
CA ARG A 706 32.91 40.96 13.10
C ARG A 706 34.08 40.63 12.17
N VAL A 707 34.02 41.04 10.91
CA VAL A 707 35.14 40.82 10.01
C VAL A 707 36.24 41.86 10.25
N ARG A 708 35.86 43.15 10.28
CA ARG A 708 36.86 44.21 10.32
C ARG A 708 37.58 44.31 11.66
N LYS A 709 37.03 43.74 12.72
CA LYS A 709 37.67 43.77 14.04
C LYS A 709 38.41 42.49 14.35
N SER A 710 38.70 41.66 13.35
CA SER A 710 39.43 40.42 13.55
C SER A 710 40.84 40.44 12.99
N LYS A 711 41.16 41.42 12.12
CA LYS A 711 42.47 41.59 11.48
C LYS A 711 42.90 40.33 10.72
N GLY A 712 41.97 39.77 9.95
CA GLY A 712 42.27 38.59 9.15
C GLY A 712 42.08 37.27 9.86
N LYS A 713 41.36 37.26 10.98
CA LYS A 713 41.10 36.03 11.72
C LYS A 713 39.68 35.51 11.51
N TYR A 714 38.87 36.20 10.71
CA TYR A 714 37.48 35.80 10.51
C TYR A 714 37.04 36.22 9.11
N ALA A 715 36.34 35.31 8.43
CA ALA A 715 35.79 35.55 7.11
C ALA A 715 34.28 35.47 7.17
N TYR A 716 33.62 35.84 6.07
CA TYR A 716 32.17 35.87 6.03
C TYR A 716 31.66 35.27 4.73
N LEU A 717 30.49 34.66 4.79
CA LEU A 717 29.84 34.06 3.64
C LEU A 717 28.57 34.84 3.31
N LEU A 718 28.39 35.17 2.04
CA LEU A 718 27.26 35.96 1.60
C LEU A 718 27.05 35.73 0.10
N GLU A 719 26.09 36.47 -0.46
CA GLU A 719 25.84 36.43 -1.89
C GLU A 719 26.94 37.17 -2.64
N SER A 720 27.13 36.79 -3.90
CA SER A 720 28.24 37.36 -4.68
C SER A 720 27.96 38.80 -5.08
N THR A 721 26.71 39.16 -5.34
CA THR A 721 26.38 40.52 -5.73
C THR A 721 26.58 41.49 -4.58
N MET A 722 26.14 41.11 -3.38
CA MET A 722 26.34 41.95 -2.20
C MET A 722 27.81 42.07 -1.85
N ASN A 723 28.56 40.99 -2.05
CA ASN A 723 30.00 41.00 -1.77
C ASN A 723 30.74 41.90 -2.75
N GLU A 724 30.37 41.84 -4.03
CA GLU A 724 30.97 42.73 -5.03
C GLU A 724 30.56 44.17 -4.82
N TYR A 725 29.37 44.41 -4.25
CA TYR A 725 28.97 45.78 -3.97
C TYR A 725 29.73 46.35 -2.78
N ILE A 726 29.88 45.56 -1.71
CA ILE A 726 30.61 46.03 -0.54
C ILE A 726 32.10 46.17 -0.85
N GLU A 727 32.61 45.33 -1.76
CA GLU A 727 33.99 45.44 -2.21
C GLU A 727 34.23 46.75 -2.95
N GLN A 728 33.21 47.29 -3.61
CA GLN A 728 33.30 48.57 -4.31
C GLN A 728 32.78 49.73 -3.48
N ARG A 729 32.90 49.68 -2.16
CA ARG A 729 32.52 50.80 -1.30
C ARG A 729 33.67 51.12 -0.35
N LYS A 730 33.55 52.27 0.31
CA LYS A 730 34.54 52.71 1.28
C LYS A 730 34.51 51.81 2.52
N PRO A 731 35.65 51.63 3.21
CA PRO A 731 37.01 52.13 2.98
C PRO A 731 37.84 51.32 1.99
N CYS A 732 37.19 50.55 1.11
CA CYS A 732 37.83 49.72 0.07
C CYS A 732 38.81 48.72 0.68
N ASP A 733 38.39 48.10 1.79
CA ASP A 733 39.25 47.19 2.55
C ASP A 733 38.73 45.75 2.56
N THR A 734 37.90 45.38 1.59
CA THR A 734 37.40 44.02 1.47
C THR A 734 37.66 43.51 0.06
N MET A 735 37.53 42.19 -0.10
CA MET A 735 37.67 41.58 -1.41
C MET A 735 36.89 40.26 -1.44
N LYS A 736 36.42 39.90 -2.63
CA LYS A 736 35.61 38.71 -2.83
C LYS A 736 36.45 37.63 -3.48
N VAL A 737 36.56 36.49 -2.81
CA VAL A 737 37.35 35.38 -3.35
C VAL A 737 36.43 34.17 -3.53
N GLY A 738 36.90 33.23 -4.35
CA GLY A 738 36.18 32.00 -4.59
C GLY A 738 35.11 32.13 -5.65
N GLY A 739 34.75 30.99 -6.23
CA GLY A 739 33.70 30.93 -7.22
C GLY A 739 32.33 30.81 -6.59
N ASN A 740 31.33 30.71 -7.46
CA ASN A 740 29.95 30.61 -7.01
C ASN A 740 29.66 29.21 -6.47
N LEU A 741 29.11 29.15 -5.26
CA LEU A 741 28.82 27.86 -4.64
C LEU A 741 27.48 27.29 -5.08
N ASP A 742 26.53 28.14 -5.47
CA ASP A 742 25.24 27.68 -5.95
C ASP A 742 24.83 28.52 -7.15
N SER A 743 23.89 28.00 -7.94
CA SER A 743 23.41 28.65 -9.15
C SER A 743 22.14 29.40 -8.80
N LYS A 744 22.29 30.54 -8.16
CA LYS A 744 21.16 31.40 -7.82
C LYS A 744 20.98 32.46 -8.90
N GLY A 745 19.79 33.03 -8.96
CA GLY A 745 19.50 34.03 -9.96
C GLY A 745 18.24 34.79 -9.62
N TYR A 746 18.24 36.08 -9.97
CA TYR A 746 17.07 36.92 -9.75
C TYR A 746 16.37 37.21 -11.07
N GLY A 747 15.04 37.12 -11.05
CA GLY A 747 14.23 37.43 -12.21
C GLY A 747 13.00 38.22 -11.81
N ILE A 748 12.34 38.78 -12.81
CA ILE A 748 11.18 39.63 -12.57
C ILE A 748 9.98 38.76 -12.25
N ALA A 749 9.29 39.10 -11.16
CA ALA A 749 8.15 38.32 -10.69
C ALA A 749 6.83 38.91 -11.19
N THR A 750 5.84 38.04 -11.33
CA THR A 750 4.50 38.42 -11.76
C THR A 750 3.53 37.46 -11.10
N PRO A 751 2.28 37.86 -10.89
CA PRO A 751 1.29 36.91 -10.38
C PRO A 751 0.94 35.85 -11.42
N LYS A 752 0.52 34.69 -10.92
CA LYS A 752 0.14 33.60 -11.79
C LYS A 752 -1.20 33.91 -12.46
N GLY A 753 -1.26 33.67 -13.77
CA GLY A 753 -2.45 34.00 -14.54
C GLY A 753 -2.48 35.40 -15.09
N SER A 754 -1.34 36.09 -15.12
CA SER A 754 -1.25 37.42 -15.68
C SER A 754 -0.79 37.35 -17.14
N ALA A 755 -1.36 38.22 -17.97
CA ALA A 755 -1.05 38.21 -19.40
C ALA A 755 0.22 38.99 -19.72
N LEU A 756 0.86 39.60 -18.73
CA LEU A 756 2.00 40.48 -18.98
C LEU A 756 3.34 39.80 -18.75
N GLY A 757 3.35 38.63 -18.11
CA GLY A 757 4.63 38.03 -17.70
C GLY A 757 5.47 37.55 -18.86
N ALA A 758 4.83 37.03 -19.89
CA ALA A 758 5.57 36.59 -21.07
C ALA A 758 6.12 37.78 -21.89
N PRO A 759 5.40 38.89 -22.12
CA PRO A 759 6.10 40.06 -22.72
C PRO A 759 7.15 40.68 -21.81
N VAL A 760 6.98 40.61 -20.49
CA VAL A 760 8.05 41.05 -19.58
C VAL A 760 9.29 40.18 -19.75
N ASN A 761 9.09 38.86 -19.92
CA ASN A 761 10.23 37.97 -20.14
C ASN A 761 10.86 38.20 -21.50
N LEU A 762 10.05 38.55 -22.51
CA LEU A 762 10.60 38.94 -23.81
C LEU A 762 11.45 40.21 -23.70
N ALA A 763 11.00 41.17 -22.90
CA ALA A 763 11.79 42.39 -22.69
C ALA A 763 13.07 42.10 -21.91
N VAL A 764 13.02 41.16 -20.97
CA VAL A 764 14.21 40.76 -20.22
C VAL A 764 15.24 40.10 -21.15
N LEU A 765 14.77 39.21 -22.03
CA LEU A 765 15.67 38.59 -23.00
C LEU A 765 16.20 39.59 -24.00
N LYS A 766 15.40 40.60 -24.36
CA LYS A 766 15.87 41.64 -25.27
C LYS A 766 16.95 42.50 -24.61
N LEU A 767 16.76 42.85 -23.34
CA LEU A 767 17.78 43.65 -22.64
C LEU A 767 19.02 42.82 -22.31
N ALA A 768 18.87 41.50 -22.21
CA ALA A 768 20.05 40.67 -21.96
C ALA A 768 20.86 40.46 -23.23
N GLU A 769 20.19 40.27 -24.38
CA GLU A 769 20.91 40.05 -25.63
C GLU A 769 21.54 41.32 -26.16
N GLN A 770 20.94 42.49 -25.87
CA GLN A 770 21.53 43.74 -26.29
C GLN A 770 22.65 44.21 -25.37
N GLY A 771 22.87 43.53 -24.25
CA GLY A 771 23.97 43.87 -23.36
C GLY A 771 23.78 45.11 -22.53
N ALA A 772 22.55 45.62 -22.43
CA ALA A 772 22.31 46.81 -21.62
C ALA A 772 22.38 46.49 -20.12
N LEU A 773 22.14 45.24 -19.74
CA LEU A 773 22.21 44.85 -18.35
C LEU A 773 23.64 44.91 -17.83
N ASP A 774 24.60 44.48 -18.65
CA ASP A 774 26.01 44.60 -18.27
C ASP A 774 26.46 46.05 -18.25
N LYS A 775 25.86 46.90 -19.08
CA LYS A 775 26.14 48.33 -19.03
C LYS A 775 25.64 48.94 -17.73
N LEU A 776 24.44 48.52 -17.29
CA LEU A 776 23.94 48.96 -15.99
C LEU A 776 24.78 48.42 -14.84
N LYS A 777 25.30 47.20 -14.98
CA LYS A 777 26.19 46.63 -13.98
C LYS A 777 27.48 47.44 -13.87
N ALA A 778 28.08 47.80 -15.02
CA ALA A 778 29.29 48.61 -15.00
C ALA A 778 29.02 50.03 -14.51
N LYS A 779 27.81 50.53 -14.74
CA LYS A 779 27.46 51.87 -14.26
C LYS A 779 27.29 51.89 -12.75
N TRP A 780 26.54 50.93 -12.21
CA TRP A 780 26.14 50.97 -10.80
C TRP A 780 27.03 50.12 -9.90
N TRP A 781 28.05 49.47 -10.43
CA TRP A 781 29.01 48.72 -9.63
C TRP A 781 30.43 49.23 -9.76
N TYR A 782 30.89 49.53 -10.97
CA TYR A 782 32.26 49.99 -11.14
C TYR A 782 32.36 51.51 -11.09
N ASP A 783 31.48 52.22 -11.77
CA ASP A 783 31.59 53.67 -11.87
C ASP A 783 31.04 54.38 -10.64
N LYS A 784 30.01 53.79 -10.02
CA LYS A 784 29.36 54.45 -8.89
C LYS A 784 30.19 54.32 -7.61
N GLY A 785 31.01 53.28 -7.52
CA GLY A 785 31.73 53.01 -6.29
C GLY A 785 32.88 53.97 -6.04
N GLU A 786 33.35 53.97 -4.79
CA GLU A 786 34.40 54.88 -4.33
C GLU A 786 35.76 54.23 -4.26
N CYS A 787 35.98 53.15 -4.99
CA CYS A 787 37.26 52.44 -5.00
C CYS A 787 38.00 52.73 -6.30
N GLY A 788 39.16 52.09 -6.45
CA GLY A 788 39.94 52.24 -7.65
C GLY A 788 39.42 51.39 -8.80
N SER A 789 40.31 51.13 -9.75
CA SER A 789 39.97 50.33 -10.92
C SER A 789 39.83 48.86 -10.57
N LYS A 790 39.34 48.05 -11.51
CA LYS A 790 39.15 46.63 -11.31
C LYS A 790 40.46 45.85 -11.28
N ASP A 791 41.56 46.45 -11.70
CA ASP A 791 42.87 45.82 -11.67
C ASP A 791 43.59 46.30 -10.41
N SER A 792 43.72 45.41 -9.42
CA SER A 792 44.39 45.72 -8.17
C SER A 792 45.82 45.20 -8.16
N GLY A 793 46.49 45.26 -9.31
CA GLY A 793 47.85 44.75 -9.47
C GLY A 793 48.93 45.76 -9.10
N SER A 794 48.57 46.84 -8.39
CA SER A 794 49.57 47.79 -7.93
C SER A 794 50.37 47.21 -6.78
N LYS A 795 51.58 46.73 -7.09
CA LYS A 795 52.49 46.06 -6.16
C LYS A 795 51.85 44.84 -5.50
N ASP A 796 51.04 44.12 -6.28
CA ASP A 796 50.42 42.87 -5.86
C ASP A 796 51.09 41.66 -6.49
N LYS A 797 52.14 41.88 -7.28
CA LYS A 797 52.93 40.81 -7.89
C LYS A 797 54.41 41.03 -7.63
N THR A 798 54.77 41.32 -6.36
CA THR A 798 56.15 41.54 -5.97
C THR A 798 56.96 40.26 -6.11
N SER A 799 57.91 40.25 -7.04
CA SER A 799 58.61 39.03 -7.39
C SER A 799 59.71 38.67 -6.40
N ALA A 800 60.56 39.61 -6.00
CA ALA A 800 61.79 39.24 -5.33
C ALA A 800 61.87 39.66 -3.87
N LEU A 801 61.79 40.96 -3.59
CA LEU A 801 62.00 41.46 -2.24
C LEU A 801 61.46 42.88 -2.15
N SER A 802 60.84 43.18 -1.00
CA SER A 802 60.49 44.55 -0.67
C SER A 802 61.75 45.39 -0.49
N LEU A 803 61.71 46.61 -1.02
CA LEU A 803 62.85 47.50 -1.02
C LEU A 803 63.02 48.23 0.32
N SER A 804 62.07 48.06 1.24
CA SER A 804 62.11 48.78 2.51
C SER A 804 63.26 48.29 3.39
N ASN A 805 63.59 46.99 3.28
CA ASN A 805 64.81 46.49 3.92
C ASN A 805 66.04 47.15 3.34
N VAL A 806 66.11 47.22 2.01
CA VAL A 806 67.23 47.83 1.32
C VAL A 806 67.28 49.33 1.62
N ALA A 807 66.11 49.97 1.71
CA ALA A 807 66.05 51.40 2.02
C ALA A 807 66.50 51.68 3.45
N GLY A 808 66.13 50.83 4.40
CA GLY A 808 66.57 51.04 5.77
C GLY A 808 68.06 50.81 5.96
N VAL A 809 68.61 49.82 5.25
CA VAL A 809 70.04 49.59 5.37
C VAL A 809 70.82 50.69 4.62
N PHE A 810 70.24 51.22 3.53
CA PHE A 810 70.75 52.46 2.94
C PHE A 810 70.74 53.62 3.93
N TYR A 811 69.68 53.73 4.72
CA TYR A 811 69.54 54.83 5.68
C TYR A 811 70.62 54.74 6.77
N ILE A 812 70.83 53.54 7.30
CA ILE A 812 71.85 53.41 8.35
C ILE A 812 73.26 53.53 7.75
N LEU A 813 73.43 53.18 6.48
CA LEU A 813 74.73 53.37 5.82
C LEU A 813 75.04 54.85 5.62
N ILE A 814 74.04 55.62 5.15
CA ILE A 814 74.23 57.06 4.95
C ILE A 814 74.42 57.76 6.30
N GLY A 815 73.74 57.28 7.34
CA GLY A 815 73.93 57.86 8.67
C GLY A 815 75.33 57.64 9.21
N GLY A 816 75.83 56.40 9.14
CA GLY A 816 77.20 56.14 9.54
C GLY A 816 78.23 56.83 8.68
N LEU A 817 77.94 56.96 7.38
CA LEU A 817 78.83 57.64 6.45
C LEU A 817 78.96 59.12 6.80
N GLY A 818 77.84 59.79 7.02
CA GLY A 818 77.87 61.20 7.37
C GLY A 818 78.47 61.45 8.74
N LEU A 819 78.21 60.53 9.69
CA LEU A 819 78.81 60.66 11.02
C LEU A 819 80.32 60.53 10.96
N ALA A 820 80.82 59.52 10.24
CA ALA A 820 82.27 59.36 10.11
C ALA A 820 82.90 60.49 9.31
N MET A 821 82.17 61.05 8.34
CA MET A 821 82.70 62.16 7.55
C MET A 821 82.81 63.42 8.40
N LEU A 822 81.81 63.70 9.24
CA LEU A 822 81.91 64.89 10.09
C LEU A 822 82.96 64.70 11.19
N VAL A 823 83.12 63.47 11.70
CA VAL A 823 84.19 63.21 12.67
C VAL A 823 85.56 63.39 12.03
N ALA A 824 85.73 62.91 10.79
CA ALA A 824 86.99 63.09 10.07
C ALA A 824 87.26 64.56 9.79
N LEU A 825 86.22 65.33 9.46
CA LEU A 825 86.39 66.75 9.19
C LEU A 825 86.78 67.52 10.45
N ILE A 826 86.15 67.21 11.59
CA ILE A 826 86.48 67.96 12.80
C ILE A 826 87.85 67.56 13.33
N GLU A 827 88.25 66.28 13.17
CA GLU A 827 89.58 65.91 13.65
C GLU A 827 90.67 66.47 12.74
N PHE A 828 90.41 66.58 11.43
CA PHE A 828 91.37 67.21 10.54
C PHE A 828 91.47 68.70 10.81
N CYS A 829 90.34 69.34 11.13
CA CYS A 829 90.36 70.76 11.46
C CYS A 829 91.11 71.02 12.77
N TYR A 830 90.92 70.14 13.76
CA TYR A 830 91.63 70.31 15.03
C TYR A 830 93.11 70.02 14.87
N LYS A 831 93.48 69.03 14.05
CA LYS A 831 94.89 68.74 13.80
C LYS A 831 95.55 69.88 13.04
N SER A 832 94.83 70.48 12.08
CA SER A 832 95.38 71.61 11.34
C SER A 832 95.53 72.84 12.23
N ARG A 833 94.57 73.06 13.14
CA ARG A 833 94.67 74.18 14.07
C ARG A 833 95.81 73.98 15.06
N SER A 834 96.01 72.73 15.53
CA SER A 834 97.11 72.45 16.45
C SER A 834 98.46 72.56 15.75
N GLU A 835 98.54 72.16 14.48
CA GLU A 835 99.78 72.31 13.73
C GLU A 835 100.07 73.77 13.39
N SER A 836 99.03 74.57 13.16
CA SER A 836 99.24 75.99 12.91
C SER A 836 99.59 76.75 14.18
N LYS A 837 99.09 76.30 15.34
CA LYS A 837 99.42 76.95 16.59
C LYS A 837 100.80 76.55 17.09
N ARG A 838 101.16 75.27 16.98
CA ARG A 838 102.43 74.81 17.51
C ARG A 838 103.58 75.11 16.55
N MET A 839 103.54 74.55 15.35
CA MET A 839 104.62 74.74 14.38
C MET A 839 104.53 76.12 13.73
N ASN B 25 -71.10 -0.09 35.74
CA ASN B 25 -70.44 0.94 34.95
C ASN B 25 -69.92 0.36 33.63
N SER B 26 -70.28 1.02 32.53
CA SER B 26 -69.84 0.62 31.20
C SER B 26 -69.25 1.83 30.50
N ILE B 27 -67.97 1.78 30.19
CA ILE B 27 -67.26 2.89 29.57
C ILE B 27 -67.12 2.58 28.08
N GLN B 28 -67.78 3.37 27.25
CA GLN B 28 -67.72 3.19 25.80
C GLN B 28 -66.58 4.04 25.23
N ILE B 29 -65.71 3.40 24.46
CA ILE B 29 -64.61 4.08 23.79
C ILE B 29 -64.68 3.78 22.30
N GLY B 30 -63.91 4.54 21.52
CA GLY B 30 -63.83 4.33 20.10
C GLY B 30 -62.44 3.85 19.72
N GLY B 31 -62.37 3.08 18.63
CA GLY B 31 -61.08 2.62 18.13
C GLY B 31 -60.99 2.60 16.62
N LEU B 32 -60.04 3.34 16.07
CA LEU B 32 -59.84 3.45 14.63
C LEU B 32 -58.64 2.60 14.23
N PHE B 33 -58.91 1.47 13.59
CA PHE B 33 -57.75 0.68 13.18
C PHE B 33 -57.62 0.64 11.66
N PRO B 34 -56.40 0.75 11.15
CA PRO B 34 -56.21 0.74 9.69
C PRO B 34 -56.50 -0.62 9.07
N ARG B 35 -56.91 -0.59 7.81
CA ARG B 35 -57.21 -1.82 7.07
C ARG B 35 -55.92 -2.54 6.74
N GLY B 36 -55.66 -3.65 7.43
CA GLY B 36 -54.45 -4.40 7.23
C GLY B 36 -53.67 -4.62 8.51
N ALA B 37 -54.11 -3.98 9.59
CA ALA B 37 -53.47 -4.11 10.89
C ALA B 37 -54.09 -5.30 11.61
N ASP B 38 -53.50 -6.47 11.39
CA ASP B 38 -54.00 -7.70 11.99
C ASP B 38 -53.34 -7.99 13.34
N GLN B 39 -52.00 -7.87 13.40
CA GLN B 39 -51.28 -8.15 14.62
C GLN B 39 -51.60 -7.13 15.71
N GLU B 40 -51.81 -5.88 15.32
CA GLU B 40 -52.17 -4.83 16.28
C GLU B 40 -53.54 -5.08 16.90
N TYR B 41 -54.51 -5.47 16.07
CA TYR B 41 -55.84 -5.77 16.60
C TYR B 41 -55.84 -7.07 17.40
N SER B 42 -54.97 -8.01 17.05
CA SER B 42 -54.83 -9.24 17.84
C SER B 42 -54.27 -8.95 19.22
N ALA B 43 -53.22 -8.11 19.30
CA ALA B 43 -52.70 -7.71 20.60
C ALA B 43 -53.69 -6.84 21.36
N PHE B 44 -54.52 -6.10 20.64
CA PHE B 44 -55.60 -5.34 21.29
C PHE B 44 -56.62 -6.28 21.92
N ARG B 45 -56.95 -7.38 21.24
CA ARG B 45 -57.86 -8.37 21.82
C ARG B 45 -57.24 -9.06 23.02
N VAL B 46 -55.94 -9.36 22.96
CA VAL B 46 -55.23 -9.97 24.09
C VAL B 46 -55.22 -9.01 25.28
N GLY B 47 -55.03 -7.72 25.03
CA GLY B 47 -55.07 -6.75 26.11
C GLY B 47 -56.46 -6.53 26.68
N MET B 48 -57.49 -6.64 25.84
CA MET B 48 -58.86 -6.49 26.34
C MET B 48 -59.28 -7.70 27.18
N VAL B 49 -58.84 -8.90 26.80
CA VAL B 49 -59.18 -10.07 27.58
C VAL B 49 -58.36 -10.12 28.87
N GLN B 50 -57.09 -9.73 28.79
CA GLN B 50 -56.18 -9.86 29.93
C GLN B 50 -56.45 -8.82 31.00
N PHE B 51 -56.69 -7.57 30.62
CA PHE B 51 -56.79 -6.46 31.57
C PHE B 51 -58.23 -6.12 31.92
N SER B 52 -59.11 -7.12 32.02
CA SER B 52 -60.46 -6.86 32.48
C SER B 52 -60.47 -6.65 33.99
N THR B 53 -61.33 -5.75 34.45
CA THR B 53 -61.41 -5.37 35.85
C THR B 53 -62.76 -5.79 36.43
N SER B 54 -63.00 -5.40 37.68
CA SER B 54 -64.26 -5.67 38.36
C SER B 54 -65.16 -4.44 38.44
N GLU B 55 -64.58 -3.26 38.60
CA GLU B 55 -65.34 -2.05 38.88
C GLU B 55 -66.12 -1.53 37.68
N PHE B 56 -65.76 -1.92 36.47
CA PHE B 56 -66.35 -1.38 35.25
C PHE B 56 -66.05 -2.34 34.10
N ARG B 57 -66.41 -1.92 32.88
CA ARG B 57 -66.17 -2.73 31.70
C ARG B 57 -66.01 -1.80 30.50
N LEU B 58 -64.92 -1.98 29.75
CA LEU B 58 -64.71 -1.22 28.53
C LEU B 58 -65.56 -1.78 27.39
N THR B 59 -65.91 -0.91 26.46
CA THR B 59 -66.63 -1.33 25.26
C THR B 59 -66.08 -0.55 24.07
N PRO B 60 -65.18 -1.14 23.29
CA PRO B 60 -64.64 -0.44 22.12
C PRO B 60 -65.50 -0.63 20.89
N HIS B 61 -65.98 0.48 20.35
CA HIS B 61 -66.61 0.49 19.04
C HIS B 61 -65.51 0.63 18.00
N ILE B 62 -65.34 -0.39 17.17
CA ILE B 62 -64.18 -0.50 16.29
C ILE B 62 -64.58 -0.10 14.87
N ASP B 63 -63.78 0.76 14.26
CA ASP B 63 -63.95 1.18 12.87
C ASP B 63 -62.69 0.80 12.11
N ASN B 64 -62.83 -0.08 11.12
CA ASN B 64 -61.71 -0.52 10.30
C ASN B 64 -61.73 0.27 9.00
N LEU B 65 -61.19 1.48 9.05
CA LEU B 65 -61.16 2.38 7.91
C LEU B 65 -59.72 2.74 7.58
N GLU B 66 -59.54 3.36 6.42
CA GLU B 66 -58.22 3.77 5.97
C GLU B 66 -57.69 4.91 6.83
N VAL B 67 -56.37 5.07 6.84
CA VAL B 67 -55.73 6.04 7.71
C VAL B 67 -55.17 7.23 6.94
N ALA B 68 -54.93 7.10 5.63
CA ALA B 68 -54.40 8.21 4.85
C ALA B 68 -55.50 9.14 4.35
N ASN B 69 -56.66 8.58 4.00
CA ASN B 69 -57.79 9.37 3.51
C ASN B 69 -58.43 10.09 4.69
N SER B 70 -58.25 11.41 4.76
CA SER B 70 -58.71 12.17 5.92
C SER B 70 -60.23 12.30 5.97
N PHE B 71 -60.91 12.11 4.83
CA PHE B 71 -62.38 12.09 4.82
C PHE B 71 -62.92 10.90 5.61
N ALA B 72 -62.31 9.72 5.42
CA ALA B 72 -62.70 8.54 6.19
C ALA B 72 -62.32 8.69 7.66
N VAL B 73 -61.22 9.40 7.94
CA VAL B 73 -60.82 9.68 9.32
C VAL B 73 -61.85 10.58 9.99
N THR B 74 -62.32 11.60 9.29
CA THR B 74 -63.34 12.50 9.83
C THR B 74 -64.67 11.78 10.02
N ASN B 75 -65.00 10.86 9.09
CA ASN B 75 -66.22 10.07 9.22
C ASN B 75 -66.18 9.14 10.44
N ALA B 76 -65.07 8.43 10.61
CA ALA B 76 -64.94 7.54 11.76
C ALA B 76 -64.86 8.31 13.07
N PHE B 77 -64.25 9.51 13.05
CA PHE B 77 -64.20 10.34 14.25
C PHE B 77 -65.59 10.83 14.64
N CYS B 78 -66.38 11.29 13.66
CA CYS B 78 -67.72 11.77 13.99
C CYS B 78 -68.68 10.62 14.29
N SER B 79 -68.39 9.42 13.77
CA SER B 79 -69.18 8.26 14.14
C SER B 79 -68.88 7.81 15.56
N GLN B 80 -67.61 7.90 15.98
CA GLN B 80 -67.27 7.60 17.36
C GLN B 80 -67.78 8.68 18.30
N PHE B 81 -67.86 9.93 17.85
CA PHE B 81 -68.39 10.98 18.68
C PHE B 81 -69.91 10.93 18.76
N SER B 82 -70.57 10.41 17.72
CA SER B 82 -72.02 10.27 17.75
C SER B 82 -72.47 9.20 18.74
N ARG B 83 -71.61 8.23 19.02
CA ARG B 83 -71.90 7.23 20.04
C ARG B 83 -71.62 7.74 21.46
N GLY B 84 -70.99 8.90 21.59
CA GLY B 84 -70.71 9.47 22.90
C GLY B 84 -69.66 8.72 23.67
N VAL B 85 -68.42 8.74 23.20
CA VAL B 85 -67.34 7.99 23.83
C VAL B 85 -66.54 8.90 24.74
N TYR B 86 -65.76 8.28 25.62
CA TYR B 86 -64.89 9.01 26.53
C TYR B 86 -63.45 9.10 26.04
N ALA B 87 -63.02 8.17 25.19
CA ALA B 87 -61.67 8.18 24.65
C ALA B 87 -61.68 7.50 23.29
N ILE B 88 -60.71 7.89 22.46
CA ILE B 88 -60.55 7.32 21.12
C ILE B 88 -59.12 6.83 20.97
N PHE B 89 -58.97 5.53 20.72
CA PHE B 89 -57.70 4.91 20.42
C PHE B 89 -57.58 4.77 18.90
N GLY B 90 -56.35 4.87 18.40
CA GLY B 90 -56.15 4.65 16.99
C GLY B 90 -54.86 5.25 16.49
N PHE B 91 -54.45 4.79 15.32
CA PHE B 91 -53.26 5.28 14.65
C PHE B 91 -53.57 6.57 13.89
N TYR B 92 -52.53 7.20 13.35
CA TYR B 92 -52.68 8.30 12.43
C TYR B 92 -51.47 8.36 11.52
N ASP B 93 -51.73 8.61 10.24
CA ASP B 93 -50.66 8.76 9.26
C ASP B 93 -50.13 10.20 9.32
N LYS B 94 -49.01 10.43 8.63
CA LYS B 94 -48.42 11.77 8.57
C LYS B 94 -49.30 12.75 7.81
N LYS B 95 -50.17 12.27 6.92
CA LYS B 95 -51.10 13.15 6.23
C LYS B 95 -52.35 13.45 7.03
N SER B 96 -52.52 12.84 8.20
CA SER B 96 -53.72 13.02 9.01
C SER B 96 -53.40 13.34 10.46
N VAL B 97 -52.17 13.78 10.75
CA VAL B 97 -51.81 14.14 12.11
C VAL B 97 -52.51 15.43 12.53
N ASN B 98 -52.61 16.39 11.62
CA ASN B 98 -53.21 17.68 11.95
C ASN B 98 -54.71 17.57 12.14
N THR B 99 -55.36 16.68 11.38
CA THR B 99 -56.79 16.47 11.52
C THR B 99 -57.13 15.89 12.89
N ILE B 100 -56.34 14.90 13.33
CA ILE B 100 -56.54 14.30 14.64
C ILE B 100 -56.27 15.30 15.76
N THR B 101 -55.16 16.07 15.65
CA THR B 101 -54.84 17.01 16.72
C THR B 101 -55.86 18.14 16.80
N SER B 102 -56.38 18.61 15.67
CA SER B 102 -57.35 19.69 15.69
C SER B 102 -58.71 19.20 16.19
N PHE B 103 -59.19 18.06 15.67
CA PHE B 103 -60.47 17.52 16.10
C PHE B 103 -60.46 17.03 17.54
N CYS B 104 -59.30 16.65 18.08
CA CYS B 104 -59.24 16.24 19.47
C CYS B 104 -58.92 17.40 20.41
N GLY B 105 -58.32 18.49 19.91
CA GLY B 105 -58.10 19.64 20.75
C GLY B 105 -59.30 20.57 20.82
N THR B 106 -60.15 20.58 19.79
CA THR B 106 -61.33 21.41 19.86
C THR B 106 -62.40 20.77 20.75
N LEU B 107 -62.73 19.50 20.49
CA LEU B 107 -63.76 18.83 21.26
C LEU B 107 -63.30 18.33 22.62
N HIS B 108 -62.00 18.49 22.93
CA HIS B 108 -61.42 18.18 24.24
C HIS B 108 -61.58 16.70 24.60
N VAL B 109 -61.37 15.83 23.62
CA VAL B 109 -61.49 14.39 23.78
C VAL B 109 -60.09 13.78 23.66
N SER B 110 -59.71 12.98 24.64
CA SER B 110 -58.37 12.40 24.68
C SER B 110 -58.19 11.36 23.59
N PHE B 111 -56.98 11.30 23.04
CA PHE B 111 -56.66 10.41 21.92
C PHE B 111 -55.38 9.66 22.25
N ILE B 112 -55.48 8.34 22.41
CA ILE B 112 -54.33 7.50 22.75
C ILE B 112 -53.80 6.90 21.46
N THR B 113 -52.48 6.98 21.27
CA THR B 113 -51.92 6.53 20.01
C THR B 113 -50.54 5.90 20.10
N PRO B 114 -50.31 4.80 19.39
CA PRO B 114 -48.95 4.26 19.24
C PRO B 114 -48.20 4.78 18.03
N SER B 115 -48.66 5.83 17.36
CA SER B 115 -48.03 6.31 16.15
C SER B 115 -46.83 7.20 16.50
N PHE B 116 -46.32 7.90 15.48
CA PHE B 116 -45.12 8.70 15.65
C PHE B 116 -45.40 9.93 16.50
N PRO B 117 -44.41 10.44 17.22
CA PRO B 117 -44.61 11.65 18.02
C PRO B 117 -44.79 12.89 17.16
N THR B 118 -45.60 13.81 17.67
CA THR B 118 -45.90 15.04 16.96
C THR B 118 -44.82 16.10 17.24
N ASP B 119 -44.90 17.20 16.49
CA ASP B 119 -43.97 18.31 16.65
C ASP B 119 -44.72 19.50 17.24
N GLY B 120 -44.72 19.58 18.55
CA GLY B 120 -45.41 20.62 19.26
C GLY B 120 -46.08 20.06 20.50
N THR B 121 -46.75 20.94 21.23
CA THR B 121 -47.45 20.58 22.45
C THR B 121 -48.94 20.61 22.16
N HIS B 122 -49.47 19.50 21.66
CA HIS B 122 -50.88 19.40 21.36
C HIS B 122 -51.60 18.78 22.52
N PRO B 123 -52.62 19.42 23.10
CA PRO B 123 -53.35 18.81 24.21
C PRO B 123 -54.22 17.66 23.74
N PHE B 124 -54.58 16.82 24.73
CA PHE B 124 -55.49 15.67 24.56
C PHE B 124 -54.97 14.64 23.56
N VAL B 125 -53.66 14.58 23.37
CA VAL B 125 -53.02 13.59 22.50
C VAL B 125 -51.99 12.87 23.36
N ILE B 126 -52.35 11.70 23.86
CA ILE B 126 -51.45 10.85 24.63
C ILE B 126 -50.85 9.83 23.69
N GLN B 127 -49.52 9.78 23.64
CA GLN B 127 -48.81 8.99 22.65
C GLN B 127 -48.04 7.85 23.33
N MET B 128 -47.90 6.74 22.62
CA MET B 128 -47.21 5.56 23.15
C MET B 128 -45.81 5.39 22.62
N ARG B 129 -45.50 5.90 21.44
CA ARG B 129 -44.15 5.67 20.95
C ARG B 129 -43.22 6.73 21.53
N PRO B 130 -42.06 6.32 22.07
CA PRO B 130 -41.11 7.31 22.60
C PRO B 130 -40.39 8.04 21.48
N ASP B 131 -39.54 8.98 21.89
CA ASP B 131 -38.73 9.71 20.93
C ASP B 131 -37.63 8.82 20.38
N LEU B 132 -37.18 9.13 19.17
CA LEU B 132 -36.12 8.39 18.51
C LEU B 132 -34.93 9.25 18.14
N LYS B 133 -35.11 10.56 17.97
CA LYS B 133 -34.04 11.42 17.44
C LYS B 133 -32.90 11.58 18.44
N GLY B 134 -33.22 11.67 19.73
CA GLY B 134 -32.17 11.83 20.73
C GLY B 134 -31.29 10.61 20.85
N ALA B 135 -31.88 9.42 20.76
CA ALA B 135 -31.09 8.19 20.80
C ALA B 135 -30.21 8.05 19.57
N LEU B 136 -30.70 8.51 18.41
CA LEU B 136 -29.92 8.42 17.19
C LEU B 136 -28.76 9.41 17.21
N LEU B 137 -28.98 10.60 17.76
CA LEU B 137 -27.88 11.56 17.92
C LEU B 137 -26.86 11.05 18.94
N SER B 138 -27.33 10.40 20.00
CA SER B 138 -26.40 9.80 20.97
C SER B 138 -25.62 8.65 20.35
N LEU B 139 -26.25 7.89 19.44
CA LEU B 139 -25.54 6.79 18.79
C LEU B 139 -24.50 7.29 17.80
N ILE B 140 -24.80 8.37 17.08
CA ILE B 140 -23.82 8.95 16.17
C ILE B 140 -22.66 9.55 16.96
N GLU B 141 -22.95 10.26 18.04
CA GLU B 141 -21.88 10.82 18.87
C GLU B 141 -21.09 9.74 19.62
N TYR B 142 -21.68 8.56 19.81
CA TYR B 142 -20.93 7.44 20.35
C TYR B 142 -20.03 6.81 19.29
N TYR B 143 -20.52 6.66 18.07
CA TYR B 143 -19.72 6.08 16.99
C TYR B 143 -18.75 7.06 16.36
N GLN B 144 -18.86 8.35 16.68
CA GLN B 144 -17.95 9.41 16.24
C GLN B 144 -17.88 9.52 14.72
N TRP B 145 -19.02 9.83 14.12
CA TRP B 145 -19.08 9.98 12.68
C TRP B 145 -18.90 11.43 12.26
N ASP B 146 -18.52 11.61 11.01
CA ASP B 146 -18.44 12.93 10.39
C ASP B 146 -19.05 13.02 9.01
N LYS B 147 -19.19 11.90 8.30
CA LYS B 147 -19.74 11.90 6.95
C LYS B 147 -20.53 10.62 6.75
N PHE B 148 -21.83 10.75 6.48
CA PHE B 148 -22.69 9.58 6.31
C PHE B 148 -23.89 9.95 5.47
N ALA B 149 -24.68 8.93 5.14
CA ALA B 149 -25.89 9.10 4.36
C ALA B 149 -27.10 8.76 5.22
N TYR B 150 -28.22 9.41 4.91
CA TYR B 150 -29.46 9.31 5.69
C TYR B 150 -30.59 9.03 4.70
N LEU B 151 -30.90 7.76 4.51
CA LEU B 151 -31.99 7.35 3.63
C LEU B 151 -33.25 7.24 4.46
N TYR B 152 -34.22 8.12 4.21
CA TYR B 152 -35.39 8.20 5.06
C TYR B 152 -36.67 8.00 4.27
N ASP B 153 -37.77 7.92 5.00
CA ASP B 153 -39.12 7.82 4.45
C ASP B 153 -39.96 8.93 5.05
N SER B 154 -40.85 9.49 4.24
CA SER B 154 -41.62 10.68 4.61
C SER B 154 -43.03 10.35 5.06
N ASP B 155 -43.21 9.24 5.78
CA ASP B 155 -44.53 8.83 6.24
C ASP B 155 -44.73 9.01 7.74
N ARG B 156 -43.74 9.57 8.45
CA ARG B 156 -43.90 9.87 9.86
C ARG B 156 -43.44 11.29 10.16
N GLY B 157 -43.65 12.21 9.24
CA GLY B 157 -43.17 13.56 9.41
C GLY B 157 -41.70 13.68 9.06
N LEU B 158 -41.17 14.87 9.30
CA LEU B 158 -39.79 15.19 8.98
C LEU B 158 -39.03 15.69 10.21
N SER B 159 -39.40 15.19 11.39
CA SER B 159 -38.84 15.70 12.64
C SER B 159 -37.40 15.22 12.83
N THR B 160 -37.15 13.93 12.59
CA THR B 160 -35.81 13.38 12.72
C THR B 160 -34.85 13.98 11.71
N LEU B 161 -35.34 14.30 10.51
CA LEU B 161 -34.50 14.92 9.49
C LEU B 161 -34.09 16.33 9.91
N GLN B 162 -35.04 17.11 10.43
CA GLN B 162 -34.72 18.45 10.91
C GLN B 162 -33.77 18.40 12.10
N ALA B 163 -33.94 17.39 12.97
CA ALA B 163 -33.05 17.25 14.13
C ALA B 163 -31.63 16.90 13.71
N VAL B 164 -31.47 15.96 12.77
CA VAL B 164 -30.12 15.59 12.37
C VAL B 164 -29.49 16.67 11.50
N LEU B 165 -30.28 17.47 10.78
CA LEU B 165 -29.70 18.58 10.03
C LEU B 165 -29.26 19.72 10.96
N ASP B 166 -30.04 19.98 12.01
CA ASP B 166 -29.62 20.98 12.99
C ASP B 166 -28.38 20.54 13.75
N SER B 167 -28.30 19.25 14.12
CA SER B 167 -27.11 18.77 14.80
C SER B 167 -25.92 18.66 13.86
N ALA B 168 -26.16 18.47 12.56
CA ALA B 168 -25.06 18.48 11.60
C ALA B 168 -24.54 19.89 11.38
N ALA B 169 -25.43 20.88 11.41
CA ALA B 169 -24.98 22.27 11.34
C ALA B 169 -24.28 22.70 12.62
N GLU B 170 -24.65 22.11 13.75
CA GLU B 170 -24.00 22.47 15.01
C GLU B 170 -22.68 21.74 15.20
N LYS B 171 -22.53 20.54 14.65
CA LYS B 171 -21.38 19.70 14.91
C LYS B 171 -20.50 19.47 13.68
N LYS B 172 -20.80 20.14 12.57
CA LYS B 172 -20.01 20.13 11.32
C LYS B 172 -19.87 18.70 10.75
N TRP B 173 -21.02 18.15 10.35
CA TRP B 173 -21.11 16.83 9.76
C TRP B 173 -21.34 16.95 8.26
N GLN B 174 -21.27 15.80 7.58
CA GLN B 174 -21.50 15.71 6.14
C GLN B 174 -22.62 14.71 5.92
N VAL B 175 -23.85 15.19 5.93
CA VAL B 175 -25.04 14.36 5.83
C VAL B 175 -25.53 14.39 4.40
N THR B 176 -25.67 13.21 3.79
CA THR B 176 -26.27 13.07 2.47
C THR B 176 -27.67 12.51 2.69
N ALA B 177 -28.65 13.40 2.78
CA ALA B 177 -30.02 13.04 3.17
C ALA B 177 -30.87 12.85 1.92
N ILE B 178 -31.40 11.64 1.75
CA ILE B 178 -32.17 11.28 0.56
C ILE B 178 -33.48 10.62 1.01
N ASN B 179 -34.59 11.08 0.45
CA ASN B 179 -35.87 10.42 0.65
C ASN B 179 -36.00 9.24 -0.30
N VAL B 180 -36.73 8.22 0.13
CA VAL B 180 -36.91 7.01 -0.65
C VAL B 180 -38.38 6.66 -0.86
N GLY B 181 -39.30 7.33 -0.16
CA GLY B 181 -40.71 7.01 -0.24
C GLY B 181 -41.43 7.46 -1.49
N ASN B 182 -40.82 8.33 -2.29
CA ASN B 182 -41.41 8.81 -3.53
C ASN B 182 -41.13 7.90 -4.72
N ILE B 183 -40.70 6.67 -4.49
CA ILE B 183 -40.41 5.73 -5.55
C ILE B 183 -41.51 4.66 -5.57
N ASN B 184 -42.12 4.47 -6.74
CA ASN B 184 -43.20 3.53 -6.92
C ASN B 184 -42.71 2.09 -6.79
N ASN B 185 -43.66 1.17 -6.58
CA ASN B 185 -43.35 -0.24 -6.44
C ASN B 185 -43.23 -0.97 -7.77
N ASP B 186 -43.46 -0.29 -8.89
CA ASP B 186 -43.41 -0.93 -10.19
C ASP B 186 -42.06 -0.79 -10.87
N LYS B 187 -41.25 0.20 -10.48
CA LYS B 187 -39.95 0.43 -11.10
C LYS B 187 -38.88 0.66 -10.03
N LYS B 188 -38.99 -0.06 -8.91
CA LYS B 188 -38.02 0.08 -7.82
C LYS B 188 -36.89 -0.93 -7.95
N ASP B 189 -36.29 -1.01 -9.11
CA ASP B 189 -35.12 -1.86 -9.31
C ASP B 189 -33.96 -1.11 -9.95
N GLU B 190 -34.24 -0.22 -10.90
CA GLU B 190 -33.20 0.62 -11.48
C GLU B 190 -33.01 1.91 -10.71
N THR B 191 -34.06 2.39 -10.05
CA THR B 191 -33.96 3.60 -9.25
C THR B 191 -33.07 3.37 -8.02
N TYR B 192 -33.20 2.21 -7.38
CA TYR B 192 -32.34 1.88 -6.25
C TYR B 192 -30.90 1.65 -6.70
N ARG B 193 -30.71 1.10 -7.90
CA ARG B 193 -29.37 0.93 -8.44
C ARG B 193 -28.71 2.28 -8.73
N SER B 194 -29.47 3.21 -9.31
CA SER B 194 -28.94 4.56 -9.51
C SER B 194 -28.73 5.29 -8.19
N LEU B 195 -29.55 4.99 -7.17
CA LEU B 195 -29.38 5.59 -5.85
C LEU B 195 -28.08 5.14 -5.19
N PHE B 196 -27.83 3.83 -5.16
CA PHE B 196 -26.58 3.36 -4.58
C PHE B 196 -25.39 3.55 -5.50
N GLN B 197 -25.60 3.88 -6.77
CA GLN B 197 -24.48 4.34 -7.59
C GLN B 197 -24.14 5.79 -7.30
N ASP B 198 -25.15 6.62 -7.01
CA ASP B 198 -24.89 7.99 -6.60
C ASP B 198 -24.30 8.05 -5.19
N LEU B 199 -24.62 7.08 -4.33
CA LEU B 199 -24.03 7.05 -3.00
C LEU B 199 -22.57 6.60 -3.01
N GLU B 200 -22.03 6.14 -4.14
CA GLU B 200 -20.62 5.81 -4.26
C GLU B 200 -19.80 6.95 -4.83
N LEU B 201 -20.40 8.12 -5.06
CA LEU B 201 -19.63 9.26 -5.53
C LEU B 201 -18.73 9.80 -4.44
N LYS B 202 -19.23 9.91 -3.21
CA LYS B 202 -18.46 10.34 -2.07
C LYS B 202 -17.87 9.16 -1.30
N LYS B 203 -18.00 7.95 -1.84
CA LYS B 203 -17.56 6.69 -1.22
C LYS B 203 -18.16 6.52 0.18
N GLU B 204 -19.49 6.52 0.21
CA GLU B 204 -20.21 6.46 1.48
C GLU B 204 -20.16 5.05 2.05
N ARG B 205 -19.70 4.93 3.30
CA ARG B 205 -19.61 3.67 4.00
C ARG B 205 -20.69 3.49 5.05
N ARG B 206 -21.39 4.56 5.41
CA ARG B 206 -22.22 4.59 6.62
C ARG B 206 -23.59 5.14 6.26
N VAL B 207 -24.62 4.28 6.38
CA VAL B 207 -25.98 4.59 5.93
C VAL B 207 -26.91 4.44 7.13
N ILE B 208 -27.80 5.41 7.33
CA ILE B 208 -28.85 5.32 8.34
C ILE B 208 -30.19 5.20 7.63
N LEU B 209 -30.90 4.10 7.90
CA LEU B 209 -32.17 3.80 7.24
C LEU B 209 -33.31 4.12 8.20
N ASP B 210 -34.10 5.15 7.86
CA ASP B 210 -35.25 5.53 8.66
C ASP B 210 -36.51 5.20 7.86
N CYS B 211 -36.97 3.97 7.98
CA CYS B 211 -38.16 3.50 7.30
C CYS B 211 -38.98 2.63 8.24
N GLU B 212 -40.19 2.30 7.81
CA GLU B 212 -41.10 1.49 8.61
C GLU B 212 -40.80 0.01 8.40
N ARG B 213 -41.69 -0.87 8.88
CA ARG B 213 -41.43 -2.30 8.87
C ARG B 213 -41.53 -2.93 7.48
N ASP B 214 -41.95 -2.17 6.48
CA ASP B 214 -42.06 -2.69 5.11
C ASP B 214 -40.94 -2.23 4.21
N LYS B 215 -40.52 -0.97 4.31
CA LYS B 215 -39.49 -0.47 3.39
C LYS B 215 -38.09 -0.88 3.82
N VAL B 216 -37.89 -1.16 5.12
CA VAL B 216 -36.59 -1.64 5.60
C VAL B 216 -36.24 -2.97 4.97
N ASN B 217 -37.23 -3.88 4.89
CA ASN B 217 -37.03 -5.19 4.28
C ASN B 217 -36.70 -5.06 2.80
N ASP B 218 -37.35 -4.13 2.11
CA ASP B 218 -37.11 -3.94 0.67
C ASP B 218 -35.73 -3.35 0.42
N ILE B 219 -35.31 -2.38 1.24
CA ILE B 219 -34.00 -1.77 1.09
C ILE B 219 -32.90 -2.78 1.42
N VAL B 220 -33.11 -3.60 2.45
CA VAL B 220 -32.13 -4.64 2.80
C VAL B 220 -32.04 -5.69 1.69
N ASP B 221 -33.18 -6.06 1.09
CA ASP B 221 -33.16 -7.01 -0.03
C ASP B 221 -32.44 -6.44 -1.24
N GLN B 222 -32.61 -5.14 -1.51
CA GLN B 222 -31.90 -4.56 -2.65
C GLN B 222 -30.41 -4.37 -2.36
N VAL B 223 -30.05 -4.12 -1.09
CA VAL B 223 -28.63 -4.07 -0.71
C VAL B 223 -27.98 -5.43 -0.88
N ILE B 224 -28.69 -6.50 -0.49
CA ILE B 224 -28.17 -7.86 -0.65
C ILE B 224 -28.09 -8.24 -2.13
N THR B 225 -29.06 -7.78 -2.93
CA THR B 225 -29.03 -8.05 -4.37
C THR B 225 -27.87 -7.37 -5.05
N ILE B 226 -27.62 -6.08 -4.73
CA ILE B 226 -26.46 -5.41 -5.32
C ILE B 226 -25.18 -5.67 -4.57
N GLY B 227 -25.24 -6.33 -3.41
CA GLY B 227 -24.05 -6.76 -2.72
C GLY B 227 -23.31 -5.67 -1.97
N LYS B 228 -23.95 -5.09 -0.96
CA LYS B 228 -23.35 -4.05 -0.13
C LYS B 228 -23.57 -4.34 1.34
N HIS B 229 -23.33 -5.60 1.74
CA HIS B 229 -23.42 -5.97 3.15
C HIS B 229 -22.19 -6.75 3.61
N VAL B 230 -21.05 -6.57 2.93
CA VAL B 230 -19.79 -7.16 3.34
C VAL B 230 -19.17 -6.30 4.44
N LYS B 231 -18.11 -6.79 5.06
CA LYS B 231 -17.42 -6.03 6.10
C LYS B 231 -16.76 -4.80 5.50
N GLY B 232 -17.00 -3.64 6.13
CA GLY B 232 -16.58 -2.36 5.62
C GLY B 232 -17.71 -1.36 5.51
N TYR B 233 -18.95 -1.81 5.48
CA TYR B 233 -20.12 -0.95 5.46
C TYR B 233 -20.81 -0.99 6.83
N HIS B 234 -21.54 0.07 7.15
CA HIS B 234 -22.22 0.17 8.42
C HIS B 234 -23.65 0.63 8.18
N TYR B 235 -24.58 0.08 8.96
CA TYR B 235 -25.99 0.38 8.80
C TYR B 235 -26.65 0.55 10.15
N ILE B 236 -27.62 1.45 10.21
CA ILE B 236 -28.42 1.69 11.42
C ILE B 236 -29.88 1.68 11.02
N ILE B 237 -30.63 0.67 11.45
CA ILE B 237 -32.06 0.60 11.21
C ILE B 237 -32.74 1.52 12.22
N ALA B 238 -33.15 2.70 11.78
CA ALA B 238 -33.67 3.73 12.67
C ALA B 238 -35.17 3.51 12.90
N ASN B 239 -35.47 2.63 13.85
CA ASN B 239 -36.84 2.39 14.28
C ASN B 239 -36.82 1.86 15.71
N LEU B 240 -38.01 1.61 16.25
CA LEU B 240 -38.09 1.00 17.58
C LEU B 240 -38.16 -0.51 17.50
N GLY B 241 -38.74 -1.05 16.43
CA GLY B 241 -38.77 -2.49 16.21
C GLY B 241 -37.61 -2.99 15.38
N PHE B 242 -36.41 -3.04 15.97
CA PHE B 242 -35.22 -3.47 15.23
C PHE B 242 -35.29 -4.92 14.82
N THR B 243 -35.85 -5.79 15.67
CA THR B 243 -35.97 -7.21 15.35
C THR B 243 -37.28 -7.54 14.66
N ASP B 244 -38.05 -6.54 14.22
CA ASP B 244 -39.29 -6.81 13.52
C ASP B 244 -39.06 -7.17 12.06
N GLY B 245 -38.02 -6.60 11.45
CA GLY B 245 -37.64 -6.99 10.12
C GLY B 245 -36.90 -8.32 10.12
N ASP B 246 -36.50 -8.74 8.93
CA ASP B 246 -35.76 -10.00 8.78
C ASP B 246 -34.28 -9.71 8.96
N LEU B 247 -33.67 -10.34 9.96
CA LEU B 247 -32.26 -10.16 10.26
C LEU B 247 -31.42 -11.37 9.88
N LEU B 248 -32.04 -12.48 9.47
CA LEU B 248 -31.28 -13.66 9.09
C LEU B 248 -30.58 -13.51 7.74
N LYS B 249 -30.91 -12.47 6.98
CA LYS B 249 -30.31 -12.26 5.67
C LYS B 249 -29.15 -11.28 5.68
N ILE B 250 -28.99 -10.49 6.74
CA ILE B 250 -27.84 -9.61 6.89
C ILE B 250 -27.10 -9.93 8.18
N GLN B 251 -27.12 -11.20 8.58
CA GLN B 251 -26.41 -11.64 9.76
C GLN B 251 -25.03 -12.22 9.43
N PHE B 252 -24.93 -12.98 8.34
CA PHE B 252 -23.67 -13.61 7.94
C PHE B 252 -22.94 -12.80 6.87
N GLY B 253 -23.24 -11.51 6.75
CA GLY B 253 -22.63 -10.70 5.72
C GLY B 253 -21.28 -10.14 6.11
N GLY B 254 -21.23 -9.48 7.26
CA GLY B 254 -20.01 -8.84 7.74
C GLY B 254 -20.16 -7.37 8.05
N ALA B 255 -21.17 -6.70 7.52
CA ALA B 255 -21.41 -5.30 7.83
C ALA B 255 -22.00 -5.19 9.23
N ASN B 256 -21.36 -4.39 10.08
CA ASN B 256 -21.82 -4.28 11.45
C ASN B 256 -23.03 -3.34 11.55
N VAL B 257 -24.13 -3.87 12.07
CA VAL B 257 -25.43 -3.22 12.04
C VAL B 257 -25.84 -2.91 13.48
N SER B 258 -26.22 -1.66 13.71
CA SER B 258 -26.76 -1.22 15.00
C SER B 258 -28.23 -0.87 14.81
N GLY B 259 -28.92 -0.69 15.93
CA GLY B 259 -30.33 -0.39 15.89
C GLY B 259 -30.87 -0.14 17.27
N PHE B 260 -32.17 0.15 17.34
CA PHE B 260 -32.82 0.48 18.59
C PHE B 260 -34.00 -0.43 18.83
N GLN B 261 -34.09 -0.97 20.05
CA GLN B 261 -35.15 -1.89 20.45
C GLN B 261 -35.87 -1.31 21.66
N ILE B 262 -37.20 -1.43 21.67
CA ILE B 262 -37.99 -0.97 22.80
C ILE B 262 -38.54 -2.13 23.64
N VAL B 263 -38.65 -3.33 23.09
CA VAL B 263 -39.18 -4.49 23.80
C VAL B 263 -38.01 -5.40 24.12
N ASP B 264 -37.59 -5.41 25.39
CA ASP B 264 -36.51 -6.27 25.84
C ASP B 264 -37.07 -7.66 26.14
N TYR B 265 -36.63 -8.65 25.37
CA TYR B 265 -37.13 -10.00 25.53
C TYR B 265 -36.55 -10.74 26.72
N ASP B 266 -35.58 -10.15 27.42
CA ASP B 266 -34.98 -10.78 28.59
C ASP B 266 -35.75 -10.50 29.88
N ASP B 267 -36.76 -9.63 29.83
CA ASP B 267 -37.55 -9.35 31.01
C ASP B 267 -38.46 -10.51 31.34
N SER B 268 -38.91 -10.55 32.60
CA SER B 268 -39.78 -11.63 33.04
C SER B 268 -41.20 -11.48 32.50
N LEU B 269 -41.72 -10.24 32.52
CA LEU B 269 -43.08 -10.00 32.05
C LEU B 269 -43.17 -10.15 30.54
N VAL B 270 -42.12 -9.73 29.82
CA VAL B 270 -42.08 -9.89 28.38
C VAL B 270 -42.01 -11.37 28.01
N SER B 271 -41.22 -12.14 28.75
CA SER B 271 -41.13 -13.58 28.49
C SER B 271 -42.44 -14.29 28.82
N LYS B 272 -43.12 -13.85 29.89
CA LYS B 272 -44.41 -14.43 30.22
C LYS B 272 -45.48 -14.05 29.21
N PHE B 273 -45.34 -12.90 28.56
CA PHE B 273 -46.27 -12.54 27.50
C PHE B 273 -45.99 -13.30 26.21
N ILE B 274 -44.71 -13.50 25.87
CA ILE B 274 -44.37 -14.25 24.68
C ILE B 274 -44.73 -15.73 24.83
N GLU B 275 -44.62 -16.27 26.05
CA GLU B 275 -45.01 -17.66 26.30
C GLU B 275 -46.50 -17.89 26.12
N ARG B 276 -47.32 -16.86 26.30
CA ARG B 276 -48.74 -16.92 26.01
C ARG B 276 -49.08 -16.40 24.63
N TRP B 277 -48.14 -15.76 23.94
CA TRP B 277 -48.39 -15.18 22.62
C TRP B 277 -48.15 -16.18 21.50
N SER B 278 -47.04 -16.91 21.55
CA SER B 278 -46.66 -17.80 20.45
C SER B 278 -47.54 -19.04 20.38
N THR B 279 -48.23 -19.39 21.47
CA THR B 279 -49.10 -20.55 21.50
C THR B 279 -50.51 -20.26 21.00
N LEU B 280 -50.78 -19.04 20.54
CA LEU B 280 -52.11 -18.68 20.11
C LEU B 280 -52.41 -19.23 18.71
N GLU B 281 -53.69 -19.50 18.47
CA GLU B 281 -54.11 -20.06 17.19
C GLU B 281 -54.08 -18.97 16.12
N GLU B 282 -53.50 -19.31 14.96
CA GLU B 282 -53.38 -18.34 13.89
C GLU B 282 -54.72 -18.04 13.23
N LYS B 283 -55.61 -19.03 13.16
CA LYS B 283 -56.94 -18.79 12.62
C LYS B 283 -57.79 -17.96 13.57
N GLU B 284 -57.61 -18.15 14.88
CA GLU B 284 -58.36 -17.36 15.85
C GLU B 284 -57.78 -15.96 15.99
N TYR B 285 -56.47 -15.83 15.90
CA TYR B 285 -55.80 -14.52 16.02
C TYR B 285 -54.82 -14.38 14.87
N PRO B 286 -55.07 -13.46 13.93
CA PRO B 286 -54.16 -13.34 12.78
C PRO B 286 -52.85 -12.68 13.16
N GLY B 287 -51.75 -13.22 12.63
CA GLY B 287 -50.42 -12.69 12.88
C GLY B 287 -49.95 -12.83 14.31
N ALA B 288 -50.30 -13.93 14.98
CA ALA B 288 -49.95 -14.13 16.37
C ALA B 288 -48.97 -15.28 16.62
N HIS B 289 -48.86 -16.24 15.71
CA HIS B 289 -48.02 -17.42 15.94
C HIS B 289 -46.60 -17.13 15.47
N THR B 290 -45.94 -16.22 16.18
CA THR B 290 -44.55 -15.88 15.97
C THR B 290 -43.82 -15.87 17.30
N ALA B 291 -42.50 -15.95 17.23
CA ALA B 291 -41.69 -15.90 18.44
C ALA B 291 -41.46 -14.47 18.92
N THR B 292 -41.59 -13.48 18.05
CA THR B 292 -41.41 -12.08 18.37
C THR B 292 -42.75 -11.35 18.22
N ILE B 293 -42.70 -10.03 18.37
CA ILE B 293 -43.89 -9.19 18.23
C ILE B 293 -43.45 -7.83 17.74
N LYS B 294 -44.29 -7.21 16.91
CA LYS B 294 -44.03 -5.86 16.44
C LYS B 294 -44.17 -4.86 17.59
N TYR B 295 -43.55 -3.69 17.41
CA TYR B 295 -43.55 -2.70 18.48
C TYR B 295 -44.89 -1.99 18.60
N THR B 296 -45.61 -1.84 17.48
CA THR B 296 -46.93 -1.22 17.53
C THR B 296 -47.92 -2.08 18.32
N SER B 297 -47.81 -3.40 18.20
CA SER B 297 -48.69 -4.29 18.95
C SER B 297 -48.37 -4.24 20.44
N ALA B 298 -47.09 -4.12 20.79
CA ALA B 298 -46.70 -3.99 22.19
C ALA B 298 -47.16 -2.67 22.78
N LEU B 299 -47.09 -1.60 22.00
CA LEU B 299 -47.59 -0.32 22.48
C LEU B 299 -49.11 -0.30 22.60
N THR B 300 -49.81 -1.04 21.73
CA THR B 300 -51.26 -1.19 21.88
C THR B 300 -51.61 -1.97 23.14
N TYR B 301 -50.88 -3.07 23.39
CA TYR B 301 -51.09 -3.88 24.59
C TYR B 301 -50.76 -3.10 25.85
N ASP B 302 -49.82 -2.16 25.78
CA ASP B 302 -49.55 -1.30 26.92
C ASP B 302 -50.60 -0.19 27.07
N ALA B 303 -51.10 0.33 25.95
CA ALA B 303 -52.07 1.42 26.01
C ALA B 303 -53.41 0.96 26.56
N VAL B 304 -53.78 -0.30 26.31
CA VAL B 304 -54.97 -0.87 26.94
C VAL B 304 -54.81 -0.87 28.46
N GLN B 305 -53.62 -1.25 28.94
CA GLN B 305 -53.32 -1.23 30.38
C GLN B 305 -53.35 0.19 30.94
N VAL B 306 -52.86 1.16 30.17
CA VAL B 306 -52.85 2.55 30.62
C VAL B 306 -54.27 3.09 30.75
N MET B 307 -55.12 2.82 29.75
CA MET B 307 -56.51 3.29 29.80
C MET B 307 -57.29 2.60 30.91
N THR B 308 -57.03 1.30 31.11
CA THR B 308 -57.71 0.57 32.19
C THR B 308 -57.28 1.07 33.56
N GLU B 309 -56.00 1.40 33.72
CA GLU B 309 -55.52 1.91 35.00
C GLU B 309 -56.04 3.31 35.27
N ALA B 310 -56.18 4.13 34.23
CA ALA B 310 -56.73 5.47 34.43
C ALA B 310 -58.21 5.43 34.77
N PHE B 311 -58.98 4.56 34.10
CA PHE B 311 -60.39 4.42 34.45
C PHE B 311 -60.57 3.77 35.83
N ARG B 312 -59.63 2.91 36.24
CA ARG B 312 -59.67 2.37 37.60
C ARG B 312 -59.32 3.44 38.63
N ASN B 313 -58.44 4.38 38.28
CA ASN B 313 -58.15 5.49 39.18
C ASN B 313 -59.34 6.43 39.29
N LEU B 314 -60.13 6.57 38.22
CA LEU B 314 -61.39 7.31 38.35
C LEU B 314 -62.42 6.55 39.17
N ARG B 315 -62.44 5.22 39.07
CA ARG B 315 -63.33 4.43 39.90
C ARG B 315 -62.92 4.43 41.37
N LYS B 316 -61.63 4.66 41.65
CA LYS B 316 -61.13 4.73 43.01
C LYS B 316 -61.12 6.14 43.58
N GLN B 317 -61.26 7.17 42.76
CA GLN B 317 -61.28 8.55 43.24
C GLN B 317 -62.70 9.06 43.45
N ARG B 318 -63.72 8.23 43.18
CA ARG B 318 -65.14 8.56 43.33
C ARG B 318 -65.53 9.80 42.54
N ILE B 319 -65.18 9.80 41.26
CA ILE B 319 -65.49 10.90 40.34
C ILE B 319 -66.46 10.37 39.29
N GLU B 320 -67.68 10.90 39.29
CA GLU B 320 -68.72 10.44 38.38
C GLU B 320 -68.76 11.36 37.16
N ILE B 321 -68.36 10.82 36.02
CA ILE B 321 -68.41 11.53 34.75
C ILE B 321 -69.45 10.91 33.81
N SER B 322 -70.42 10.21 34.37
CA SER B 322 -71.32 9.38 33.58
C SER B 322 -72.28 10.22 32.75
N ARG B 323 -72.51 9.78 31.52
CA ARG B 323 -73.42 10.43 30.59
C ARG B 323 -74.05 9.34 29.72
N ARG B 324 -74.68 9.75 28.62
CA ARG B 324 -75.33 8.81 27.73
C ARG B 324 -74.85 9.00 26.30
N GLY B 325 -75.47 8.30 25.35
CA GLY B 325 -75.12 8.43 23.96
C GLY B 325 -75.87 9.53 23.25
N ASN B 326 -75.78 10.75 23.78
CA ASN B 326 -76.44 11.93 23.21
C ASN B 326 -75.47 13.10 23.17
N ALA B 327 -74.25 12.84 22.67
CA ALA B 327 -73.24 13.89 22.58
C ALA B 327 -73.51 14.86 21.43
N GLY B 328 -74.38 14.51 20.50
CA GLY B 328 -74.73 15.41 19.42
C GLY B 328 -73.84 15.25 18.20
N ASP B 329 -73.87 16.28 17.37
CA ASP B 329 -73.08 16.29 16.15
C ASP B 329 -71.67 16.81 16.42
N CYS B 330 -70.71 16.29 15.66
CA CYS B 330 -69.32 16.72 15.79
C CYS B 330 -69.08 18.12 15.23
N LEU B 331 -69.98 18.63 14.39
CA LEU B 331 -69.81 19.91 13.71
C LEU B 331 -70.70 20.99 14.32
N ALA B 332 -70.82 21.00 15.64
CA ALA B 332 -71.65 22.00 16.31
C ALA B 332 -70.98 23.37 16.26
N ASN B 333 -71.80 24.41 16.15
CA ASN B 333 -71.31 25.80 16.13
C ASN B 333 -72.11 26.61 17.14
N PRO B 334 -71.49 27.08 18.24
CA PRO B 334 -70.12 26.77 18.67
C PRO B 334 -70.03 25.42 19.36
N ALA B 335 -68.99 24.66 19.05
CA ALA B 335 -68.79 23.34 19.66
C ALA B 335 -68.37 23.54 21.11
N VAL B 336 -69.33 23.41 22.02
CA VAL B 336 -69.06 23.65 23.43
C VAL B 336 -68.46 22.38 24.04
N PRO B 337 -67.38 22.48 24.81
CA PRO B 337 -66.79 21.30 25.42
C PRO B 337 -67.52 20.92 26.70
N TRP B 338 -67.33 19.68 27.11
CA TRP B 338 -67.81 19.21 28.40
C TRP B 338 -66.62 19.05 29.34
N GLY B 339 -66.68 19.74 30.48
CA GLY B 339 -65.51 19.95 31.32
C GLY B 339 -64.97 18.71 32.00
N GLN B 340 -65.82 17.69 32.18
CA GLN B 340 -65.38 16.44 32.81
C GLN B 340 -64.40 15.66 31.94
N GLY B 341 -64.32 15.97 30.65
CA GLY B 341 -63.26 15.43 29.82
C GLY B 341 -61.90 16.04 30.09
N VAL B 342 -61.89 17.27 30.61
CA VAL B 342 -60.64 17.96 30.92
C VAL B 342 -59.90 17.24 32.05
N GLU B 343 -60.65 16.63 32.98
CA GLU B 343 -60.04 15.77 34.00
C GLU B 343 -59.43 14.52 33.38
N ILE B 344 -60.01 14.03 32.28
CA ILE B 344 -59.61 12.72 31.72
C ILE B 344 -58.18 12.77 31.20
N GLU B 345 -57.82 13.84 30.49
CA GLU B 345 -56.42 14.07 30.14
C GLU B 345 -55.56 14.21 31.38
N ARG B 346 -56.05 14.95 32.39
CA ARG B 346 -55.38 15.02 33.68
C ARG B 346 -55.40 13.67 34.39
N ALA B 347 -56.34 12.80 34.03
CA ALA B 347 -56.26 11.41 34.46
C ALA B 347 -55.07 10.71 33.82
N LEU B 348 -54.92 10.86 32.51
CA LEU B 348 -53.97 10.04 31.77
C LEU B 348 -52.53 10.41 32.07
N LYS B 349 -52.27 11.67 32.43
CA LYS B 349 -50.94 12.07 32.86
C LYS B 349 -50.59 11.55 34.25
N GLN B 350 -51.55 11.01 35.00
CA GLN B 350 -51.29 10.45 36.32
C GLN B 350 -50.93 8.96 36.27
N VAL B 351 -50.77 8.40 35.08
CA VAL B 351 -50.49 6.97 34.95
C VAL B 351 -48.99 6.75 34.92
N GLN B 352 -48.51 5.87 35.80
CA GLN B 352 -47.10 5.45 35.83
C GLN B 352 -47.09 3.96 36.16
N VAL B 353 -47.02 3.14 35.11
CA VAL B 353 -47.18 1.69 35.24
C VAL B 353 -46.00 0.99 34.58
N GLU B 354 -46.07 -0.34 34.56
CA GLU B 354 -45.04 -1.19 33.97
C GLU B 354 -45.65 -1.91 32.77
N GLY B 355 -45.06 -1.70 31.60
CA GLY B 355 -45.52 -2.38 30.41
C GLY B 355 -44.39 -2.98 29.60
N LEU B 356 -44.68 -3.39 28.37
CA LEU B 356 -43.69 -4.03 27.51
C LEU B 356 -42.61 -3.05 27.06
N SER B 357 -42.89 -1.74 27.09
CA SER B 357 -41.88 -0.73 26.83
C SER B 357 -41.20 -0.25 28.11
N GLY B 358 -41.37 -0.97 29.21
CA GLY B 358 -40.73 -0.61 30.46
C GLY B 358 -41.58 0.31 31.32
N ASN B 359 -40.98 1.38 31.82
CA ASN B 359 -41.72 2.36 32.61
C ASN B 359 -42.64 3.18 31.71
N ILE B 360 -43.84 3.46 32.21
CA ILE B 360 -44.81 4.27 31.50
C ILE B 360 -45.18 5.42 32.42
N LYS B 361 -44.64 6.60 32.14
CA LYS B 361 -44.93 7.82 32.86
C LYS B 361 -44.91 8.99 31.89
N PHE B 362 -45.73 9.99 32.16
CA PHE B 362 -46.04 11.03 31.19
C PHE B 362 -45.69 12.41 31.73
N ASP B 363 -45.66 13.38 30.83
CA ASP B 363 -45.45 14.78 31.16
C ASP B 363 -46.77 15.54 31.13
N GLN B 364 -46.70 16.86 31.24
CA GLN B 364 -47.89 17.68 31.15
C GLN B 364 -48.42 17.77 29.72
N ASN B 365 -47.57 17.55 28.72
CA ASN B 365 -48.01 17.64 27.34
C ASN B 365 -48.67 16.35 26.88
N GLY B 366 -48.01 15.21 27.10
CA GLY B 366 -48.52 13.94 26.62
C GLY B 366 -47.42 13.02 26.13
N LYS B 367 -46.19 13.51 26.16
CA LYS B 367 -45.04 12.68 25.79
C LYS B 367 -44.70 11.71 26.90
N ARG B 368 -43.72 10.85 26.64
CA ARG B 368 -43.29 9.86 27.62
C ARG B 368 -41.97 10.27 28.26
N ILE B 369 -41.84 9.99 29.56
CA ILE B 369 -40.62 10.27 30.30
C ILE B 369 -40.06 8.94 30.80
N ASN B 370 -38.80 8.99 31.26
CA ASN B 370 -37.92 7.95 31.81
C ASN B 370 -38.16 6.55 31.21
N TYR B 371 -38.18 6.53 29.89
CA TYR B 371 -38.26 5.29 29.14
C TYR B 371 -36.85 4.77 28.91
N THR B 372 -36.75 3.56 28.37
CA THR B 372 -35.48 2.89 28.19
C THR B 372 -35.45 2.25 26.80
N ILE B 373 -34.43 2.57 26.02
CA ILE B 373 -34.26 2.04 24.68
C ILE B 373 -32.95 1.27 24.63
N ASN B 374 -33.02 -0.01 24.28
CA ASN B 374 -31.81 -0.81 24.14
C ASN B 374 -31.13 -0.51 22.81
N ILE B 375 -29.83 -0.29 22.85
CA ILE B 375 -29.04 -0.11 21.65
C ILE B 375 -28.52 -1.49 21.25
N MET B 376 -29.10 -2.07 20.21
CA MET B 376 -28.77 -3.42 19.79
C MET B 376 -27.71 -3.37 18.69
N GLU B 377 -26.83 -4.36 18.68
CA GLU B 377 -25.92 -4.60 17.57
C GLU B 377 -26.02 -6.06 17.16
N LEU B 378 -25.92 -6.31 15.86
CA LEU B 378 -26.12 -7.64 15.32
C LEU B 378 -24.78 -8.36 15.23
N LYS B 379 -24.64 -9.45 15.98
CA LYS B 379 -23.46 -10.28 15.97
C LYS B 379 -23.71 -11.50 15.08
N THR B 380 -22.77 -12.45 15.11
CA THR B 380 -22.91 -13.65 14.29
C THR B 380 -24.00 -14.57 14.85
N ASN B 381 -23.98 -14.81 16.15
CA ASN B 381 -25.00 -15.65 16.78
C ASN B 381 -26.36 -14.97 16.86
N GLY B 382 -26.42 -13.65 16.70
CA GLY B 382 -27.67 -12.94 16.74
C GLY B 382 -27.53 -11.53 17.28
N PRO B 383 -28.64 -10.89 17.61
CA PRO B 383 -28.58 -9.55 18.18
C PRO B 383 -28.12 -9.58 19.63
N ARG B 384 -27.49 -8.49 20.05
CA ARG B 384 -26.93 -8.41 21.39
C ARG B 384 -27.00 -6.96 21.88
N LYS B 385 -27.49 -6.78 23.10
CA LYS B 385 -27.58 -5.45 23.69
C LYS B 385 -26.21 -4.99 24.16
N ILE B 386 -25.80 -3.79 23.74
CA ILE B 386 -24.55 -3.20 24.18
C ILE B 386 -24.78 -2.08 25.19
N GLY B 387 -26.02 -1.73 25.48
CA GLY B 387 -26.29 -0.67 26.42
C GLY B 387 -27.73 -0.18 26.29
N TYR B 388 -28.07 0.74 27.18
CA TYR B 388 -29.41 1.31 27.23
C TYR B 388 -29.33 2.83 27.10
N TRP B 389 -30.48 3.43 26.80
CA TRP B 389 -30.59 4.87 26.63
C TRP B 389 -31.82 5.37 27.35
N SER B 390 -31.68 6.49 28.04
CA SER B 390 -32.81 7.17 28.66
C SER B 390 -32.73 8.65 28.35
N GLU B 391 -33.56 9.47 28.99
CA GLU B 391 -33.52 10.91 28.77
C GLU B 391 -32.85 11.69 29.90
N VAL B 392 -32.85 11.16 31.12
CA VAL B 392 -32.11 11.80 32.20
C VAL B 392 -30.65 11.39 32.21
N ASP B 393 -30.29 10.32 31.49
CA ASP B 393 -28.92 9.87 31.37
C ASP B 393 -28.58 9.70 29.90
N LYS B 394 -27.29 9.73 29.59
CA LYS B 394 -26.82 9.50 28.23
C LYS B 394 -26.70 8.00 27.99
N MET B 395 -26.06 7.63 26.88
CA MET B 395 -25.85 6.22 26.55
C MET B 395 -24.91 5.53 27.53
N VAL B 396 -25.47 4.67 28.37
CA VAL B 396 -24.71 3.91 29.36
C VAL B 396 -24.45 2.53 28.78
N VAL B 397 -23.18 2.14 28.74
CA VAL B 397 -22.83 0.83 28.19
C VAL B 397 -23.17 -0.29 29.16
N THR B 398 -23.08 -1.51 28.66
CA THR B 398 -23.35 -2.73 29.44
C THR B 398 -22.35 -3.79 28.99
N LEU B 399 -21.38 -4.10 29.86
CA LEU B 399 -20.38 -5.11 29.54
C LEU B 399 -20.54 -6.32 30.44
N VAL B 416 10.45 -1.49 25.60
CA VAL B 416 11.62 -2.28 25.96
C VAL B 416 12.60 -1.44 26.77
N VAL B 417 12.92 -1.92 27.96
CA VAL B 417 13.78 -1.21 28.90
C VAL B 417 15.21 -1.26 28.38
N VAL B 418 15.76 -0.09 28.07
CA VAL B 418 17.13 0.05 27.58
C VAL B 418 17.93 0.80 28.62
N THR B 419 18.87 0.11 29.26
CA THR B 419 19.70 0.73 30.30
C THR B 419 21.05 1.13 29.74
N THR B 420 21.61 2.19 30.33
CA THR B 420 22.88 2.77 29.89
C THR B 420 23.42 3.63 31.02
N ILE B 421 24.52 4.34 30.73
CA ILE B 421 25.19 5.19 31.70
C ILE B 421 25.75 6.41 30.95
N LEU B 422 25.86 7.53 31.66
CA LEU B 422 26.39 8.76 31.10
C LEU B 422 27.89 8.61 30.88
N GLU B 423 28.28 8.31 29.65
CA GLU B 423 29.69 8.25 29.26
C GLU B 423 29.86 8.91 27.91
N SER B 424 30.94 9.68 27.76
CA SER B 424 31.21 10.38 26.52
C SER B 424 32.04 9.50 25.58
N PRO B 425 31.78 9.54 24.27
CA PRO B 425 30.69 10.27 23.60
C PRO B 425 29.46 9.39 23.40
N TYR B 426 29.28 8.39 24.27
CA TYR B 426 28.23 7.41 24.07
C TYR B 426 26.87 7.97 24.46
N VAL B 427 26.73 8.36 25.73
CA VAL B 427 25.50 8.98 26.24
C VAL B 427 25.91 10.24 26.99
N MET B 428 25.46 11.40 26.49
CA MET B 428 25.77 12.67 27.11
C MET B 428 24.49 13.45 27.34
N MET B 429 24.53 14.37 28.31
CA MET B 429 23.38 15.20 28.63
C MET B 429 23.15 16.24 27.55
N LYS B 430 21.88 16.55 27.31
CA LYS B 430 21.53 17.59 26.36
C LYS B 430 21.61 18.97 27.04
N LYS B 431 21.39 20.01 26.24
CA LYS B 431 21.42 21.37 26.78
C LYS B 431 20.17 21.65 27.61
N ASN B 432 19.00 21.56 26.99
CA ASN B 432 17.73 21.75 27.70
C ASN B 432 17.13 20.40 28.13
N HIS B 433 17.93 19.65 28.89
CA HIS B 433 17.51 18.34 29.36
C HIS B 433 16.42 18.45 30.42
N GLU B 434 16.45 19.50 31.24
CA GLU B 434 15.38 19.74 32.20
C GLU B 434 14.14 20.33 31.56
N MET B 435 14.25 20.86 30.35
CA MET B 435 13.14 21.48 29.64
C MET B 435 12.48 20.54 28.64
N LEU B 436 13.00 19.33 28.47
CA LEU B 436 12.43 18.35 27.56
C LEU B 436 12.19 17.04 28.30
N GLU B 437 11.38 16.18 27.69
CA GLU B 437 11.02 14.91 28.30
C GLU B 437 11.08 13.81 27.25
N GLY B 438 11.02 12.57 27.72
CA GLY B 438 11.04 11.41 26.85
C GLY B 438 12.45 10.92 26.54
N ASN B 439 12.59 10.23 25.41
CA ASN B 439 13.88 9.67 25.00
C ASN B 439 14.78 10.70 24.32
N GLU B 440 14.30 11.91 24.09
CA GLU B 440 15.11 12.97 23.52
C GLU B 440 15.93 13.71 24.57
N ARG B 441 15.88 13.29 25.83
CA ARG B 441 16.65 13.94 26.88
C ARG B 441 18.13 13.60 26.82
N TYR B 442 18.50 12.56 26.09
CA TYR B 442 19.88 12.13 25.96
C TYR B 442 20.31 12.17 24.50
N GLU B 443 21.62 12.23 24.28
CA GLU B 443 22.18 12.27 22.94
C GLU B 443 23.60 11.74 23.00
N GLY B 444 24.05 11.19 21.87
CA GLY B 444 25.39 10.66 21.77
C GLY B 444 25.42 9.50 20.78
N TYR B 445 26.40 8.62 20.98
CA TYR B 445 26.59 7.49 20.07
C TYR B 445 25.55 6.41 20.29
N CYS B 446 25.37 5.97 21.55
CA CYS B 446 24.46 4.87 21.84
C CYS B 446 23.00 5.24 21.65
N VAL B 447 22.67 6.53 21.72
CA VAL B 447 21.30 6.96 21.44
C VAL B 447 20.94 6.73 19.98
N ASP B 448 21.82 7.17 19.07
CA ASP B 448 21.61 6.91 17.65
C ASP B 448 21.77 5.43 17.32
N LEU B 449 22.59 4.71 18.09
CA LEU B 449 22.70 3.27 17.92
C LEU B 449 21.39 2.56 18.24
N ALA B 450 20.76 2.93 19.36
CA ALA B 450 19.45 2.38 19.71
C ALA B 450 18.38 2.82 18.73
N ALA B 451 18.52 4.03 18.17
CA ALA B 451 17.60 4.48 17.12
C ALA B 451 17.73 3.61 15.88
N GLU B 452 18.96 3.24 15.51
CA GLU B 452 19.16 2.37 14.36
C GLU B 452 18.68 0.95 14.64
N ILE B 453 18.82 0.48 15.90
CA ILE B 453 18.29 -0.83 16.27
C ILE B 453 16.76 -0.84 16.18
N ALA B 454 16.10 0.20 16.68
CA ALA B 454 14.66 0.30 16.57
C ALA B 454 14.19 0.55 15.13
N LYS B 455 15.05 1.12 14.28
CA LYS B 455 14.69 1.30 12.88
C LYS B 455 14.78 -0.01 12.11
N HIS B 456 15.85 -0.77 12.33
CA HIS B 456 16.07 -2.02 11.61
C HIS B 456 15.48 -3.23 12.31
N CYS B 457 14.75 -3.03 13.42
CA CYS B 457 14.06 -4.12 14.09
C CYS B 457 12.61 -3.83 14.40
N GLY B 458 12.21 -2.57 14.51
CA GLY B 458 10.82 -2.20 14.66
C GLY B 458 10.20 -2.53 16.01
N PHE B 459 10.68 -1.89 17.07
CA PHE B 459 10.08 -2.05 18.38
C PHE B 459 10.35 -0.79 19.21
N LYS B 460 9.46 -0.53 20.16
CA LYS B 460 9.61 0.62 21.05
C LYS B 460 10.66 0.34 22.11
N TYR B 461 11.36 1.39 22.51
CA TYR B 461 12.45 1.30 23.49
C TYR B 461 12.17 2.25 24.64
N LYS B 462 12.97 2.11 25.70
CA LYS B 462 12.84 2.97 26.88
C LYS B 462 14.23 3.20 27.45
N LEU B 463 14.76 4.40 27.22
CA LEU B 463 16.12 4.75 27.64
C LEU B 463 16.12 4.96 29.15
N THR B 464 16.64 3.99 29.89
CA THR B 464 16.67 4.05 31.35
C THR B 464 18.10 4.18 31.83
N ILE B 465 18.24 4.55 33.10
CA ILE B 465 19.53 4.80 33.73
C ILE B 465 19.70 3.78 34.85
N VAL B 466 20.91 3.20 34.93
CA VAL B 466 21.22 2.28 36.02
C VAL B 466 21.31 3.07 37.33
N GLY B 467 20.89 2.43 38.43
CA GLY B 467 20.81 3.10 39.71
C GLY B 467 22.15 3.41 40.34
N ASP B 468 22.97 2.38 40.54
CA ASP B 468 24.24 2.55 41.24
C ASP B 468 25.32 3.21 40.39
N GLY B 469 25.12 3.29 39.07
CA GLY B 469 26.17 3.81 38.22
C GLY B 469 27.34 2.88 38.02
N LYS B 470 27.14 1.58 38.21
CA LYS B 470 28.18 0.58 38.05
C LYS B 470 27.93 -0.23 36.79
N TYR B 471 29.00 -0.81 36.26
CA TYR B 471 28.90 -1.61 35.03
C TYR B 471 28.44 -3.03 35.35
N GLY B 472 29.26 -3.77 36.09
CA GLY B 472 28.91 -5.11 36.52
C GLY B 472 30.03 -5.79 37.28
N ALA B 473 29.69 -6.43 38.40
CA ALA B 473 30.69 -7.10 39.23
C ALA B 473 29.97 -8.13 40.09
N ARG B 474 30.64 -9.27 40.28
CA ARG B 474 30.10 -10.36 41.09
C ARG B 474 30.94 -10.49 42.35
N ASP B 475 30.28 -10.39 43.51
CA ASP B 475 30.98 -10.53 44.77
C ASP B 475 31.36 -11.98 45.01
N ALA B 476 32.48 -12.18 45.72
CA ALA B 476 32.93 -13.53 46.02
C ALA B 476 32.09 -14.18 47.11
N ASP B 477 31.37 -13.40 47.91
CA ASP B 477 30.56 -13.95 48.99
C ASP B 477 29.10 -14.13 48.57
N THR B 478 28.46 -13.04 48.15
CA THR B 478 27.04 -13.09 47.83
C THR B 478 26.75 -13.69 46.46
N LYS B 479 27.73 -13.64 45.55
CA LYS B 479 27.59 -14.08 44.15
C LYS B 479 26.43 -13.39 43.45
N ILE B 480 26.31 -12.08 43.68
CA ILE B 480 25.22 -11.27 43.14
C ILE B 480 25.82 -10.21 42.23
N TRP B 481 25.40 -10.22 40.97
CA TRP B 481 25.84 -9.22 40.01
C TRP B 481 25.14 -7.89 40.27
N ASN B 482 25.86 -6.81 40.02
CA ASN B 482 25.34 -5.45 40.19
C ASN B 482 25.37 -4.71 38.86
N GLY B 483 24.84 -3.49 38.87
CA GLY B 483 24.85 -2.66 37.69
C GLY B 483 23.89 -3.16 36.62
N MET B 484 24.26 -2.89 35.36
CA MET B 484 23.44 -3.33 34.22
C MET B 484 23.42 -4.84 34.09
N VAL B 485 24.50 -5.51 34.52
CA VAL B 485 24.53 -6.97 34.54
C VAL B 485 23.51 -7.51 35.54
N GLY B 486 23.46 -6.90 36.73
CA GLY B 486 22.46 -7.29 37.70
C GLY B 486 21.04 -6.94 37.29
N GLU B 487 20.88 -5.88 36.49
CA GLU B 487 19.56 -5.54 35.98
C GLU B 487 19.11 -6.54 34.92
N LEU B 488 20.04 -7.04 34.10
CA LEU B 488 19.68 -8.04 33.11
C LEU B 488 19.47 -9.42 33.71
N VAL B 489 20.21 -9.77 34.76
CA VAL B 489 20.04 -11.07 35.40
C VAL B 489 18.74 -11.11 36.20
N TYR B 490 18.55 -10.13 37.08
CA TYR B 490 17.39 -10.11 37.97
C TYR B 490 16.15 -9.49 37.32
N GLY B 491 16.16 -9.29 36.01
CA GLY B 491 14.97 -8.84 35.31
C GLY B 491 14.61 -7.39 35.46
N LYS B 492 15.53 -6.56 35.98
CA LYS B 492 15.21 -5.14 36.13
C LYS B 492 15.29 -4.40 34.80
N ALA B 493 16.03 -4.96 33.85
CA ALA B 493 16.15 -4.36 32.51
C ALA B 493 15.80 -5.43 31.47
N ASP B 494 15.60 -4.96 30.24
CA ASP B 494 15.28 -5.83 29.11
C ASP B 494 16.46 -6.05 28.19
N ILE B 495 17.10 -4.97 27.74
CA ILE B 495 18.29 -5.05 26.91
C ILE B 495 19.21 -3.90 27.31
N ALA B 496 20.51 -4.12 27.17
CA ALA B 496 21.52 -3.13 27.54
C ALA B 496 22.28 -2.71 26.30
N ILE B 497 22.16 -1.44 25.93
CA ILE B 497 22.94 -0.89 24.83
C ILE B 497 23.94 0.09 25.44
N ALA B 498 25.13 -0.41 25.72
CA ALA B 498 26.15 0.33 26.46
C ALA B 498 27.49 -0.35 26.24
N PRO B 499 28.61 0.40 26.36
CA PRO B 499 29.92 -0.23 26.23
C PRO B 499 30.27 -1.11 27.42
N LEU B 500 29.78 -2.34 27.41
CA LEU B 500 30.08 -3.33 28.44
C LEU B 500 31.08 -4.33 27.89
N THR B 501 32.09 -4.65 28.69
CA THR B 501 33.17 -5.52 28.25
C THR B 501 32.68 -6.96 28.20
N ILE B 502 32.83 -7.61 27.04
CA ILE B 502 32.39 -8.99 26.87
C ILE B 502 33.47 -9.90 27.43
N THR B 503 33.18 -10.54 28.56
CA THR B 503 34.11 -11.45 29.21
C THR B 503 33.49 -12.84 29.32
N LEU B 504 34.31 -13.79 29.77
CA LEU B 504 33.85 -15.16 29.95
C LEU B 504 32.93 -15.28 31.14
N VAL B 505 33.22 -14.53 32.21
CA VAL B 505 32.41 -14.61 33.42
C VAL B 505 31.04 -13.95 33.24
N ARG B 506 30.90 -13.08 32.24
CA ARG B 506 29.60 -12.50 31.93
C ARG B 506 28.81 -13.33 30.94
N GLU B 507 29.47 -14.19 30.18
CA GLU B 507 28.78 -15.11 29.29
C GLU B 507 28.05 -16.20 30.07
N GLU B 508 28.51 -16.49 31.30
CA GLU B 508 27.95 -17.58 32.09
C GLU B 508 26.52 -17.28 32.55
N VAL B 509 26.09 -16.02 32.55
CA VAL B 509 24.75 -15.66 32.99
C VAL B 509 23.91 -15.08 31.86
N ILE B 510 24.49 -14.29 30.96
CA ILE B 510 23.76 -13.66 29.88
C ILE B 510 24.48 -13.92 28.56
N ASP B 511 23.86 -13.48 27.47
CA ASP B 511 24.38 -13.66 26.13
C ASP B 511 24.93 -12.35 25.59
N PHE B 512 25.63 -12.44 24.46
CA PHE B 512 26.23 -11.28 23.83
C PHE B 512 26.17 -11.43 22.32
N SER B 513 26.11 -10.29 21.62
CA SER B 513 26.13 -10.27 20.18
C SER B 513 27.56 -10.09 19.69
N LYS B 514 27.75 -9.90 18.39
CA LYS B 514 29.08 -9.67 17.86
C LYS B 514 29.52 -8.24 18.15
N PRO B 515 30.82 -8.00 18.33
CA PRO B 515 31.30 -6.63 18.59
C PRO B 515 31.14 -5.75 17.37
N PHE B 516 30.62 -4.55 17.58
CA PHE B 516 30.44 -3.60 16.48
C PHE B 516 31.68 -2.77 16.23
N MET B 517 32.47 -2.47 17.27
CA MET B 517 33.67 -1.65 17.13
C MET B 517 34.79 -2.30 17.94
N SER B 518 35.87 -2.67 17.27
CA SER B 518 37.02 -3.28 17.93
C SER B 518 37.92 -2.19 18.51
N LEU B 519 38.62 -2.55 19.58
CA LEU B 519 39.51 -1.61 20.26
C LEU B 519 40.60 -2.40 20.98
N GLY B 520 41.47 -1.67 21.66
CA GLY B 520 42.55 -2.29 22.40
C GLY B 520 43.14 -1.33 23.40
N ILE B 521 44.22 -1.76 24.03
CA ILE B 521 44.91 -0.97 25.04
C ILE B 521 45.88 -0.03 24.34
N SER B 522 45.81 1.25 24.66
CA SER B 522 46.56 2.29 23.98
C SER B 522 47.53 2.97 24.96
N ILE B 523 48.29 3.92 24.44
CA ILE B 523 49.29 4.68 25.19
C ILE B 523 48.93 6.15 25.09
N MET B 524 48.74 6.80 26.23
CA MET B 524 48.41 8.23 26.28
C MET B 524 49.65 9.02 26.67
N ILE B 525 50.13 9.85 25.77
CA ILE B 525 51.19 10.82 26.05
C ILE B 525 50.70 12.19 25.60
N LYS B 526 51.39 13.22 26.07
CA LYS B 526 51.07 14.57 25.63
C LYS B 526 51.67 14.83 24.25
N LYS B 527 51.22 15.90 23.62
CA LYS B 527 51.74 16.26 22.30
C LYS B 527 53.12 16.89 22.46
N PRO B 528 54.13 16.43 21.71
CA PRO B 528 55.47 17.02 21.82
C PRO B 528 55.56 18.41 21.21
N GLN B 529 55.63 19.43 22.07
CA GLN B 529 55.75 20.80 21.63
C GLN B 529 57.23 21.18 21.52
N LYS B 530 57.48 22.47 21.34
CA LYS B 530 58.85 22.96 21.27
C LYS B 530 59.42 23.10 22.68
N SER B 531 60.49 22.36 22.95
CA SER B 531 61.21 22.45 24.21
C SER B 531 62.50 23.23 24.00
N LYS B 532 62.98 23.85 25.07
CA LYS B 532 64.18 24.68 25.03
C LYS B 532 65.42 23.81 24.79
N PRO B 533 66.09 23.95 23.64
CA PRO B 533 67.21 23.05 23.33
C PRO B 533 68.48 23.35 24.12
N GLY B 534 68.82 24.63 24.27
CA GLY B 534 69.94 25.02 25.10
C GLY B 534 71.32 24.84 24.49
N VAL B 535 72.26 24.42 25.33
CA VAL B 535 73.69 24.37 24.99
C VAL B 535 73.96 23.37 23.87
N PHE B 536 73.08 22.36 23.73
CA PHE B 536 73.21 21.38 22.67
C PHE B 536 72.93 21.95 21.28
N SER B 537 72.44 23.19 21.18
CA SER B 537 72.13 23.79 19.88
C SER B 537 73.36 24.13 19.06
N PHE B 538 74.53 24.27 19.68
CA PHE B 538 75.71 24.75 18.96
C PHE B 538 76.26 23.69 18.01
N LEU B 539 76.34 22.44 18.46
CA LEU B 539 76.78 21.33 17.62
C LEU B 539 75.59 20.50 17.18
N ASP B 540 74.40 21.11 17.16
CA ASP B 540 73.20 20.38 16.74
C ASP B 540 73.16 20.06 15.25
N PRO B 541 73.34 21.01 14.31
CA PRO B 541 73.18 20.63 12.90
C PRO B 541 74.38 19.89 12.34
N LEU B 542 74.08 19.07 11.32
CA LEU B 542 74.98 18.40 10.38
C LEU B 542 75.78 17.23 10.95
N ALA B 543 75.84 17.11 12.28
CA ALA B 543 76.79 16.18 12.88
C ALA B 543 76.54 16.09 14.38
N TYR B 544 76.94 14.96 14.95
CA TYR B 544 77.19 14.83 16.38
C TYR B 544 78.59 14.33 16.68
N GLU B 545 79.20 13.61 15.74
CA GLU B 545 80.53 13.03 15.92
C GLU B 545 81.55 13.54 14.90
N ILE B 546 81.09 14.02 13.73
CA ILE B 546 82.00 14.41 12.65
C ILE B 546 82.82 15.64 12.95
N TRP B 547 82.44 16.43 13.97
CA TRP B 547 83.24 17.59 14.38
C TRP B 547 84.59 17.15 14.92
N MET B 548 84.63 16.02 15.64
CA MET B 548 85.90 15.49 16.12
C MET B 548 86.78 15.03 14.96
N CYS B 549 86.17 14.51 13.89
CA CYS B 549 86.93 14.16 12.70
C CYS B 549 87.45 15.42 12.00
N ILE B 550 86.67 16.50 12.04
CA ILE B 550 87.12 17.78 11.49
C ILE B 550 88.32 18.31 12.27
N VAL B 551 88.27 18.21 13.59
CA VAL B 551 89.38 18.68 14.43
C VAL B 551 90.62 17.81 14.24
N PHE B 552 90.43 16.49 14.10
CA PHE B 552 91.56 15.60 13.91
C PHE B 552 92.19 15.79 12.52
N ALA B 553 91.38 16.03 11.50
CA ALA B 553 91.92 16.38 10.19
C ALA B 553 92.59 17.74 10.20
N TYR B 554 92.11 18.66 11.03
CA TYR B 554 92.76 19.96 11.23
C TYR B 554 94.15 19.79 11.81
N ILE B 555 94.28 18.94 12.83
CA ILE B 555 95.59 18.65 13.40
C ILE B 555 96.49 17.95 12.39
N GLY B 556 95.93 17.04 11.59
CA GLY B 556 96.71 16.33 10.60
C GLY B 556 97.22 17.23 9.48
N VAL B 557 96.37 18.12 8.98
CA VAL B 557 96.79 19.08 7.96
C VAL B 557 97.78 20.08 8.53
N SER B 558 97.67 20.41 9.83
CA SER B 558 98.66 21.26 10.46
C SER B 558 100.02 20.55 10.55
N VAL B 559 100.01 19.24 10.83
CA VAL B 559 101.25 18.47 10.87
C VAL B 559 101.87 18.37 9.48
N VAL B 560 101.03 18.21 8.45
CA VAL B 560 101.52 18.16 7.07
C VAL B 560 102.10 19.52 6.67
N LEU B 561 101.46 20.61 7.09
CA LEU B 561 101.94 21.95 6.77
C LEU B 561 103.26 22.24 7.46
N PHE B 562 103.43 21.78 8.71
CA PHE B 562 104.71 21.93 9.38
C PHE B 562 105.78 21.02 8.78
N LEU B 563 105.39 19.86 8.26
CA LEU B 563 106.35 18.96 7.64
C LEU B 563 106.83 19.51 6.30
N VAL B 564 105.96 20.21 5.58
CA VAL B 564 106.37 20.79 4.30
C VAL B 564 107.15 22.08 4.52
N SER B 565 106.64 22.96 5.40
CA SER B 565 107.22 24.30 5.55
C SER B 565 108.54 24.29 6.31
N ARG B 566 108.76 23.34 7.21
CA ARG B 566 109.93 23.33 8.09
C ARG B 566 110.84 22.15 7.80
N PHE B 567 110.97 21.78 6.52
CA PHE B 567 111.93 20.77 6.14
C PHE B 567 112.64 21.08 4.82
N SER B 568 112.45 22.28 4.27
CA SER B 568 113.04 22.65 2.99
C SER B 568 114.57 22.83 3.01
N PRO B 569 115.22 23.31 4.09
CA PRO B 569 116.69 23.19 3.95
C PRO B 569 117.20 21.81 4.34
N ASN B 590 110.51 31.25 6.21
CA ASN B 590 109.81 32.42 6.72
C ASN B 590 108.45 32.06 7.30
N GLU B 591 107.76 31.12 6.64
CA GLU B 591 106.47 30.65 7.08
C GLU B 591 106.56 29.45 8.02
N PHE B 592 107.73 29.22 8.62
CA PHE B 592 107.95 28.06 9.47
C PHE B 592 107.30 28.29 10.84
N GLY B 593 107.43 27.29 11.71
CA GLY B 593 106.86 27.36 13.04
C GLY B 593 105.64 26.47 13.19
N ILE B 594 105.60 25.65 14.24
CA ILE B 594 104.48 24.74 14.44
C ILE B 594 103.23 25.53 14.84
N PHE B 595 103.38 26.56 15.68
CA PHE B 595 102.24 27.37 16.04
C PHE B 595 101.85 28.33 14.93
N ASN B 596 102.83 28.80 14.15
CA ASN B 596 102.49 29.64 12.99
C ASN B 596 101.76 28.84 11.92
N SER B 597 102.17 27.59 11.70
CA SER B 597 101.44 26.73 10.77
C SER B 597 100.07 26.36 11.31
N LEU B 598 99.95 26.16 12.62
CA LEU B 598 98.66 25.86 13.23
C LEU B 598 97.71 27.06 13.10
N TRP B 599 98.22 28.27 13.31
CA TRP B 599 97.39 29.45 13.20
C TRP B 599 97.06 29.79 11.75
N PHE B 600 97.95 29.45 10.80
CA PHE B 600 97.58 29.59 9.40
C PHE B 600 96.54 28.55 9.00
N SER B 601 96.58 27.36 9.58
CA SER B 601 95.53 26.38 9.35
C SER B 601 94.21 26.84 9.97
N LEU B 602 94.27 27.53 11.11
CA LEU B 602 93.08 28.13 11.69
C LEU B 602 92.53 29.24 10.81
N GLY B 603 93.42 30.04 10.22
CA GLY B 603 92.99 31.06 9.28
C GLY B 603 92.47 30.46 7.98
N ALA B 604 92.90 29.25 7.66
CA ALA B 604 92.36 28.56 6.51
C ALA B 604 90.96 28.01 6.79
N PHE B 605 90.73 27.52 8.02
CA PHE B 605 89.44 26.90 8.36
C PHE B 605 88.31 27.92 8.35
N MET B 606 88.48 29.02 9.06
CA MET B 606 87.55 30.13 8.94
C MET B 606 88.02 31.02 7.79
N ARG B 607 87.48 32.23 7.66
CA ARG B 607 87.69 32.96 6.41
C ARG B 607 89.06 33.63 6.35
N GLN B 608 89.29 34.64 7.17
CA GLN B 608 90.58 35.34 7.20
C GLN B 608 91.68 34.47 7.79
N ILE B 612 99.04 36.69 5.16
CA ILE B 612 100.19 35.80 5.21
C ILE B 612 99.88 34.52 4.40
N SER B 613 100.88 34.04 3.66
CA SER B 613 100.73 32.84 2.84
C SER B 613 102.09 32.24 2.57
N PRO B 614 102.25 30.93 2.65
CA PRO B 614 103.56 30.32 2.36
C PRO B 614 103.86 30.34 0.87
N ARG B 615 105.16 30.31 0.56
CA ARG B 615 105.63 30.32 -0.82
C ARG B 615 106.43 29.08 -1.17
N SER B 616 106.13 27.94 -0.55
CA SER B 616 106.86 26.71 -0.80
C SER B 616 106.38 25.97 -2.04
N LEU B 617 105.25 26.40 -2.62
CA LEU B 617 104.63 25.89 -3.86
C LEU B 617 104.33 24.39 -3.84
N SER B 618 104.35 23.75 -2.69
CA SER B 618 103.91 22.37 -2.57
C SER B 618 102.93 22.17 -1.43
N GLY B 619 103.15 22.82 -0.29
CA GLY B 619 102.15 22.83 0.77
C GLY B 619 101.02 23.80 0.53
N ARG B 620 101.19 24.70 -0.44
CA ARG B 620 100.09 25.57 -0.85
C ARG B 620 98.96 24.77 -1.47
N ILE B 621 99.26 23.64 -2.09
CA ILE B 621 98.21 22.75 -2.60
C ILE B 621 97.44 22.14 -1.43
N VAL B 622 98.14 21.80 -0.34
CA VAL B 622 97.50 21.31 0.88
C VAL B 622 96.60 22.38 1.47
N GLY B 623 97.10 23.62 1.52
CA GLY B 623 96.28 24.72 2.04
C GLY B 623 95.06 25.00 1.17
N GLY B 624 95.21 24.90 -0.15
CA GLY B 624 94.08 25.13 -1.04
C GLY B 624 93.04 24.04 -0.96
N VAL B 625 93.46 22.78 -0.81
CA VAL B 625 92.47 21.72 -0.73
C VAL B 625 91.79 21.73 0.65
N TRP B 626 92.52 22.10 1.71
CA TRP B 626 91.90 22.28 3.03
C TRP B 626 90.95 23.47 3.03
N TRP B 627 91.25 24.48 2.22
CA TRP B 627 90.49 25.71 2.16
C TRP B 627 89.20 25.51 1.38
N PHE B 628 89.26 24.78 0.26
CA PHE B 628 88.06 24.31 -0.42
C PHE B 628 87.25 23.37 0.45
N PHE B 629 87.93 22.53 1.23
CA PHE B 629 87.29 21.58 2.14
C PHE B 629 86.43 22.28 3.18
N THR B 630 87.01 23.26 3.88
CA THR B 630 86.23 23.99 4.87
C THR B 630 85.22 24.94 4.24
N LEU B 631 85.42 25.35 2.98
CA LEU B 631 84.37 26.11 2.30
C LEU B 631 83.15 25.23 2.06
N ILE B 632 83.37 23.98 1.64
CA ILE B 632 82.29 22.99 1.53
C ILE B 632 81.64 22.76 2.88
N ILE B 633 82.45 22.72 3.95
CA ILE B 633 81.94 22.53 5.31
C ILE B 633 80.98 23.66 5.70
N ILE B 634 81.40 24.91 5.52
CA ILE B 634 80.56 26.00 5.99
C ILE B 634 79.36 26.22 5.06
N SER B 635 79.49 25.85 3.79
CA SER B 635 78.34 25.88 2.88
C SER B 635 77.29 24.87 3.32
N SER B 636 77.72 23.64 3.60
CA SER B 636 76.81 22.60 4.09
C SER B 636 76.26 22.94 5.46
N TYR B 637 77.04 23.65 6.28
CA TYR B 637 76.58 24.07 7.60
C TYR B 637 75.45 25.07 7.51
N THR B 638 75.62 26.09 6.65
CA THR B 638 74.57 27.08 6.41
C THR B 638 73.33 26.41 5.84
N ALA B 639 73.53 25.46 4.91
CA ALA B 639 72.42 24.77 4.28
C ALA B 639 71.64 23.91 5.27
N ASN B 640 72.34 23.14 6.11
CA ASN B 640 71.65 22.26 7.02
C ASN B 640 71.02 23.03 8.18
N LEU B 641 71.63 24.16 8.58
CA LEU B 641 71.02 24.95 9.63
C LEU B 641 69.77 25.66 9.11
N ALA B 642 69.77 26.08 7.84
CA ALA B 642 68.55 26.58 7.24
C ALA B 642 67.50 25.49 7.09
N ALA B 643 67.94 24.25 6.86
CA ALA B 643 67.02 23.13 6.79
C ALA B 643 66.36 22.87 8.14
N PHE B 644 67.13 22.98 9.23
CA PHE B 644 66.54 22.88 10.57
C PHE B 644 65.60 24.05 10.85
N LEU B 645 65.98 25.27 10.46
CA LEU B 645 65.13 26.40 10.78
C LEU B 645 63.95 26.58 9.83
N THR B 646 63.85 25.79 8.78
CA THR B 646 62.77 25.95 7.81
C THR B 646 61.51 25.19 8.22
N VAL B 647 61.61 23.87 8.35
CA VAL B 647 60.42 23.04 8.51
C VAL B 647 59.94 23.06 9.96
N GLU B 648 60.86 22.82 10.90
CA GLU B 648 60.59 22.66 12.33
C GLU B 648 59.55 21.56 12.57
N ARG B 649 59.93 20.34 12.18
CA ARG B 649 59.08 19.16 12.32
C ARG B 649 59.41 18.47 13.63
N MET B 650 58.60 18.74 14.65
CA MET B 650 58.78 18.10 15.94
C MET B 650 58.36 16.64 15.87
N VAL B 651 59.19 15.77 16.43
CA VAL B 651 58.97 14.33 16.36
C VAL B 651 58.75 13.78 17.77
N SER B 652 58.15 12.61 17.82
CA SER B 652 57.81 11.93 19.08
C SER B 652 58.92 10.97 19.48
N PRO B 653 59.32 10.98 20.75
CA PRO B 653 60.38 10.04 21.18
C PRO B 653 59.88 8.62 21.34
N ILE B 654 58.59 8.43 21.62
CA ILE B 654 58.01 7.12 21.87
C ILE B 654 57.07 6.78 20.74
N GLU B 655 57.29 5.64 20.09
CA GLU B 655 56.46 5.21 18.97
C GLU B 655 55.72 3.90 19.26
N SER B 656 56.42 2.86 19.65
CA SER B 656 55.84 1.54 19.83
C SER B 656 55.73 1.19 21.31
N ALA B 657 55.19 0.00 21.58
CA ALA B 657 55.06 -0.46 22.96
C ALA B 657 56.39 -0.90 23.53
N GLU B 658 57.33 -1.34 22.68
CA GLU B 658 58.65 -1.70 23.14
C GLU B 658 59.50 -0.50 23.53
N ASP B 659 59.07 0.72 23.18
CA ASP B 659 59.78 1.92 23.57
C ASP B 659 59.69 2.15 25.08
N LEU B 660 58.63 1.65 25.72
CA LEU B 660 58.50 1.77 27.17
C LEU B 660 59.53 0.88 27.87
N SER B 661 59.75 -0.33 27.36
CA SER B 661 60.77 -1.20 27.91
C SER B 661 62.18 -0.80 27.48
N LYS B 662 62.30 -0.04 26.38
CA LYS B 662 63.62 0.33 25.89
C LYS B 662 64.28 1.40 26.73
N GLN B 663 63.50 2.22 27.44
CA GLN B 663 64.04 3.30 28.27
C GLN B 663 63.51 3.15 29.68
N THR B 664 64.01 4.02 30.57
CA THR B 664 63.56 4.02 31.95
C THR B 664 63.35 5.42 32.52
N GLU B 665 63.65 6.48 31.76
CA GLU B 665 63.48 7.83 32.29
C GLU B 665 62.02 8.24 32.34
N ILE B 666 61.28 8.01 31.26
CA ILE B 666 59.87 8.36 31.20
C ILE B 666 59.06 7.17 31.70
N ALA B 667 58.26 7.40 32.74
CA ALA B 667 57.50 6.33 33.36
C ALA B 667 56.12 6.20 32.71
N TYR B 668 55.39 5.17 33.13
CA TYR B 668 54.08 4.87 32.57
C TYR B 668 53.29 4.05 33.59
N GLY B 669 51.98 4.26 33.59
CA GLY B 669 51.13 3.59 34.57
C GLY B 669 49.74 3.28 34.03
N THR B 670 49.01 2.49 34.80
CA THR B 670 47.63 2.14 34.54
C THR B 670 46.77 2.60 35.73
N LEU B 671 45.50 2.21 35.70
CA LEU B 671 44.60 2.48 36.81
C LEU B 671 44.89 1.53 37.96
N ASP B 672 44.59 1.98 39.17
CA ASP B 672 44.94 1.22 40.37
C ASP B 672 44.12 -0.05 40.52
N SER B 673 42.92 -0.10 39.95
CA SER B 673 42.08 -1.29 40.02
C SER B 673 41.28 -1.42 38.74
N GLY B 674 41.16 -2.65 38.25
CA GLY B 674 40.41 -2.90 37.04
C GLY B 674 40.92 -4.07 36.23
N SER B 675 40.27 -4.35 35.10
CA SER B 675 40.65 -5.46 34.23
C SER B 675 41.96 -5.21 33.50
N THR B 676 42.41 -3.96 33.41
CA THR B 676 43.73 -3.66 32.85
C THR B 676 44.82 -4.25 33.73
N LYS B 677 44.68 -4.12 35.05
CA LYS B 677 45.62 -4.71 35.97
C LYS B 677 45.56 -6.23 35.96
N GLU B 678 44.37 -6.79 35.71
CA GLU B 678 44.25 -8.24 35.56
C GLU B 678 44.90 -8.71 34.25
N PHE B 679 44.87 -7.87 33.22
CA PHE B 679 45.53 -8.23 31.96
C PHE B 679 47.05 -8.19 32.11
N PHE B 680 47.58 -7.10 32.65
CA PHE B 680 49.03 -6.99 32.80
C PHE B 680 49.58 -7.87 33.91
N ARG B 681 48.73 -8.27 34.87
CA ARG B 681 49.21 -9.15 35.94
C ARG B 681 49.34 -10.58 35.47
N ARG B 682 48.34 -11.09 34.74
CA ARG B 682 48.30 -12.48 34.32
C ARG B 682 48.92 -12.70 32.94
N SER B 683 49.80 -11.81 32.50
CA SER B 683 50.40 -11.93 31.19
C SER B 683 51.45 -13.02 31.15
N LYS B 684 51.74 -13.50 29.95
CA LYS B 684 52.78 -14.50 29.73
C LYS B 684 53.92 -14.00 28.86
N ILE B 685 53.78 -12.86 28.21
CA ILE B 685 54.85 -12.29 27.39
C ILE B 685 55.87 -11.64 28.31
N ALA B 686 57.16 -11.91 28.05
CA ALA B 686 58.23 -11.41 28.90
C ALA B 686 58.37 -9.90 28.83
N VAL B 687 57.97 -9.29 27.71
CA VAL B 687 57.95 -7.83 27.60
C VAL B 687 56.92 -7.25 28.55
N PHE B 688 55.69 -7.75 28.49
CA PHE B 688 54.65 -7.32 29.41
C PHE B 688 54.92 -7.78 30.84
N ASP B 689 55.66 -8.87 31.03
CA ASP B 689 56.06 -9.28 32.37
C ASP B 689 57.05 -8.28 32.95
N LYS B 690 58.00 -7.78 32.14
CA LYS B 690 58.89 -6.73 32.59
C LYS B 690 58.16 -5.42 32.83
N MET B 691 57.12 -5.16 32.04
CA MET B 691 56.28 -3.98 32.26
C MET B 691 55.54 -4.06 33.60
N TRP B 692 54.98 -5.23 33.90
CA TRP B 692 54.30 -5.42 35.18
C TRP B 692 55.27 -5.41 36.35
N THR B 693 56.51 -5.88 36.13
CA THR B 693 57.52 -5.81 37.17
C THR B 693 57.94 -4.37 37.44
N TYR B 694 58.05 -3.57 36.38
CA TYR B 694 58.41 -2.16 36.55
C TYR B 694 57.28 -1.37 37.19
N MET B 695 56.03 -1.66 36.82
CA MET B 695 54.90 -0.94 37.38
C MET B 695 54.49 -1.45 38.75
N ARG B 696 54.93 -2.65 39.14
CA ARG B 696 54.61 -3.18 40.46
C ARG B 696 55.60 -2.72 41.52
N SER B 697 56.84 -2.45 41.15
CA SER B 697 57.86 -1.97 42.06
C SER B 697 58.27 -0.53 41.76
N ALA B 698 57.31 0.28 41.28
CA ALA B 698 57.61 1.64 40.89
C ALA B 698 57.71 2.55 42.11
N GLU B 699 58.62 3.52 42.02
CA GLU B 699 58.81 4.51 43.08
C GLU B 699 58.73 5.90 42.47
N PRO B 700 57.70 6.71 42.78
CA PRO B 700 56.58 6.42 43.69
C PRO B 700 55.45 5.64 43.03
N SER B 701 54.27 5.70 43.64
CA SER B 701 53.10 5.00 43.11
C SER B 701 52.62 5.66 41.83
N VAL B 702 52.71 4.93 40.71
CA VAL B 702 52.29 5.45 39.42
C VAL B 702 50.80 5.28 39.16
N PHE B 703 50.11 4.49 39.98
CA PHE B 703 48.69 4.25 39.79
C PHE B 703 47.89 5.48 40.22
N VAL B 704 46.86 5.80 39.44
CA VAL B 704 46.04 6.98 39.68
C VAL B 704 44.68 6.55 40.21
N ARG B 705 43.94 7.52 40.74
CA ARG B 705 42.64 7.24 41.33
C ARG B 705 41.57 7.06 40.25
N THR B 706 41.34 8.09 39.45
CA THR B 706 40.31 8.07 38.43
C THR B 706 40.94 8.27 37.04
N THR B 707 40.08 8.35 36.03
CA THR B 707 40.55 8.51 34.66
C THR B 707 41.03 9.94 34.41
N ALA B 708 40.22 10.93 34.79
CA ALA B 708 40.60 12.32 34.61
C ALA B 708 41.78 12.72 35.49
N GLU B 709 41.95 12.03 36.63
CA GLU B 709 43.14 12.23 37.44
C GLU B 709 44.38 11.75 36.71
N GLY B 710 44.28 10.64 35.97
CA GLY B 710 45.40 10.20 35.16
C GLY B 710 45.67 11.12 33.98
N VAL B 711 44.60 11.69 33.41
CA VAL B 711 44.74 12.67 32.34
C VAL B 711 45.47 13.91 32.84
N ALA B 712 45.09 14.40 34.01
CA ALA B 712 45.77 15.55 34.60
C ALA B 712 47.19 15.21 35.05
N ARG B 713 47.45 13.95 35.41
CA ARG B 713 48.80 13.54 35.76
C ARG B 713 49.70 13.51 34.53
N VAL B 714 49.15 13.11 33.38
CA VAL B 714 49.92 13.17 32.14
C VAL B 714 50.12 14.61 31.70
N ARG B 715 49.08 15.45 31.85
CA ARG B 715 49.17 16.85 31.47
C ARG B 715 50.10 17.65 32.37
N LYS B 716 50.35 17.18 33.60
CA LYS B 716 51.30 17.82 34.49
C LYS B 716 52.63 17.08 34.56
N SER B 717 52.93 16.24 33.57
CA SER B 717 54.17 15.48 33.54
C SER B 717 55.25 16.10 32.67
N LYS B 718 54.86 16.94 31.70
CA LYS B 718 55.76 17.61 30.77
C LYS B 718 56.63 16.61 30.00
N GLY B 719 56.02 15.53 29.55
CA GLY B 719 56.75 14.54 28.78
C GLY B 719 57.58 13.59 29.61
N LYS B 720 57.13 13.26 30.82
CA LYS B 720 57.87 12.36 31.69
C LYS B 720 57.06 11.19 32.20
N TYR B 721 55.76 11.13 31.93
CA TYR B 721 54.92 10.07 32.45
C TYR B 721 53.72 9.85 31.54
N ALA B 722 53.39 8.59 31.29
CA ALA B 722 52.31 8.20 30.39
C ALA B 722 51.29 7.35 31.13
N TYR B 723 50.11 7.24 30.53
CA TYR B 723 49.01 6.46 31.07
C TYR B 723 48.51 5.47 30.04
N LEU B 724 48.11 4.29 30.51
CA LEU B 724 47.62 3.22 29.66
C LEU B 724 46.13 3.04 29.87
N LEU B 725 45.39 2.93 28.76
CA LEU B 725 43.93 2.83 28.81
C LEU B 725 43.45 2.26 27.48
N GLU B 726 42.12 2.19 27.32
CA GLU B 726 41.51 1.74 26.08
C GLU B 726 41.75 2.74 24.97
N SER B 727 41.65 2.27 23.73
CA SER B 727 41.98 3.11 22.59
C SER B 727 40.88 4.10 22.25
N THR B 728 39.62 3.71 22.46
CA THR B 728 38.50 4.58 22.12
C THR B 728 38.44 5.81 23.03
N MET B 729 38.65 5.60 24.33
CA MET B 729 38.69 6.71 25.27
C MET B 729 39.88 7.63 25.01
N ASN B 730 41.02 7.05 24.65
CA ASN B 730 42.21 7.85 24.37
C ASN B 730 42.03 8.66 23.09
N GLU B 731 41.40 8.07 22.08
CA GLU B 731 41.14 8.81 20.85
C GLU B 731 40.05 9.86 21.06
N TYR B 732 39.16 9.66 22.03
CA TYR B 732 38.20 10.71 22.36
C TYR B 732 38.88 11.87 23.06
N ILE B 733 39.72 11.58 24.06
CA ILE B 733 40.42 12.63 24.80
C ILE B 733 41.41 13.36 23.91
N GLU B 734 41.98 12.67 22.91
CA GLU B 734 42.84 13.32 21.93
C GLU B 734 42.07 14.33 21.08
N GLN B 735 40.78 14.09 20.86
CA GLN B 735 39.96 14.98 20.05
C GLN B 735 39.11 15.94 20.89
N ARG B 736 39.59 16.31 22.07
CA ARG B 736 38.92 17.31 22.90
C ARG B 736 39.91 18.40 23.29
N LYS B 737 39.37 19.47 23.88
CA LYS B 737 40.17 20.59 24.34
C LYS B 737 41.06 20.16 25.51
N PRO B 738 42.26 20.76 25.66
CA PRO B 738 42.92 21.81 24.86
C PRO B 738 43.69 21.29 23.65
N CYS B 739 43.36 20.10 23.15
CA CYS B 739 44.05 19.44 22.03
C CYS B 739 45.54 19.29 22.30
N ASP B 740 45.86 18.80 23.50
CA ASP B 740 47.21 18.81 24.02
C ASP B 740 47.86 17.43 24.13
N THR B 741 47.12 16.36 23.86
CA THR B 741 47.66 15.01 23.92
C THR B 741 47.52 14.32 22.57
N MET B 742 48.20 13.19 22.43
CA MET B 742 48.08 12.38 21.23
C MET B 742 48.37 10.92 21.59
N LYS B 743 47.80 10.02 20.78
CA LYS B 743 47.96 8.58 20.97
C LYS B 743 48.80 8.00 19.84
N VAL B 744 49.74 7.14 20.21
CA VAL B 744 50.64 6.51 19.25
C VAL B 744 50.56 4.99 19.43
N GLY B 745 51.07 4.28 18.45
CA GLY B 745 51.16 2.84 18.51
C GLY B 745 49.85 2.14 18.22
N GLY B 746 49.96 0.85 17.89
CA GLY B 746 48.80 0.03 17.65
C GLY B 746 48.18 -0.47 18.94
N ASN B 747 47.13 -1.27 18.78
CA ASN B 747 46.44 -1.84 19.93
C ASN B 747 47.23 -3.02 20.49
N LEU B 748 47.11 -3.22 21.80
CA LEU B 748 47.88 -4.25 22.47
C LEU B 748 47.12 -5.57 22.61
N ASP B 749 45.79 -5.53 22.64
CA ASP B 749 45.00 -6.74 22.83
C ASP B 749 43.76 -6.67 21.94
N SER B 750 42.90 -7.67 22.07
CA SER B 750 41.71 -7.80 21.25
C SER B 750 40.50 -7.50 22.13
N LYS B 751 40.10 -6.25 22.16
CA LYS B 751 38.94 -5.80 22.93
C LYS B 751 37.81 -5.42 21.98
N GLY B 752 36.58 -5.64 22.45
CA GLY B 752 35.42 -5.31 21.65
C GLY B 752 34.14 -5.22 22.46
N TYR B 753 33.37 -4.16 22.24
CA TYR B 753 32.09 -3.98 22.89
C TYR B 753 30.98 -4.45 21.98
N GLY B 754 30.01 -5.17 22.54
CA GLY B 754 28.86 -5.62 21.79
C GLY B 754 27.58 -5.43 22.59
N ILE B 755 26.46 -5.69 21.92
CA ILE B 755 25.16 -5.52 22.55
C ILE B 755 24.89 -6.71 23.46
N ALA B 756 24.53 -6.43 24.70
CA ALA B 756 24.25 -7.48 25.68
C ALA B 756 22.75 -7.77 25.74
N THR B 757 22.43 -9.05 25.95
CA THR B 757 21.05 -9.49 26.10
C THR B 757 21.03 -10.66 27.08
N PRO B 758 19.94 -10.82 27.82
CA PRO B 758 19.82 -11.97 28.73
C PRO B 758 19.67 -13.28 27.95
N LYS B 759 20.04 -14.36 28.62
CA LYS B 759 19.93 -15.68 28.02
C LYS B 759 18.48 -16.11 27.94
N GLY B 760 18.15 -16.84 26.88
CA GLY B 760 16.78 -17.26 26.67
C GLY B 760 15.88 -16.20 26.08
N SER B 761 16.46 -15.11 25.56
CA SER B 761 15.69 -14.04 24.93
C SER B 761 15.53 -14.34 23.45
N SER B 762 14.35 -14.03 22.92
CA SER B 762 14.04 -14.31 21.53
C SER B 762 14.60 -13.27 20.57
N LEU B 763 15.05 -12.12 21.08
CA LEU B 763 15.46 -11.02 20.22
C LEU B 763 16.94 -11.01 19.89
N GLY B 764 17.71 -11.96 20.44
CA GLY B 764 19.17 -11.89 20.32
C GLY B 764 19.66 -12.10 18.90
N ALA B 765 19.07 -13.04 18.18
CA ALA B 765 19.43 -13.28 16.79
C ALA B 765 19.02 -12.12 15.86
N ALA B 766 17.81 -11.51 15.96
CA ALA B 766 17.59 -10.30 15.15
C ALA B 766 18.44 -9.11 15.57
N VAL B 767 18.79 -8.98 16.85
CA VAL B 767 19.72 -7.92 17.26
C VAL B 767 21.10 -8.14 16.63
N ASN B 768 21.56 -9.39 16.59
CA ASN B 768 22.86 -9.68 15.98
C ASN B 768 22.82 -9.47 14.47
N LEU B 769 21.70 -9.80 13.83
CA LEU B 769 21.55 -9.52 12.40
C LEU B 769 21.52 -8.02 12.13
N ALA B 770 20.91 -7.24 13.03
CA ALA B 770 20.91 -5.80 12.87
C ALA B 770 22.31 -5.22 13.07
N VAL B 771 23.09 -5.79 13.99
CA VAL B 771 24.47 -5.37 14.19
C VAL B 771 25.30 -5.67 12.95
N LEU B 772 25.11 -6.84 12.35
CA LEU B 772 25.83 -7.18 11.12
C LEU B 772 25.39 -6.31 9.95
N LYS B 773 24.11 -5.93 9.91
CA LYS B 773 23.62 -5.06 8.85
C LYS B 773 24.17 -3.64 9.00
N LEU B 774 24.27 -3.15 10.23
CA LEU B 774 24.86 -1.83 10.45
C LEU B 774 26.37 -1.85 10.23
N ALA B 775 27.01 -3.01 10.42
CA ALA B 775 28.44 -3.09 10.17
C ALA B 775 28.76 -3.14 8.69
N GLU B 776 27.97 -3.89 7.91
CA GLU B 776 28.29 -4.04 6.49
C GLU B 776 27.91 -2.81 5.68
N GLN B 777 26.95 -2.01 6.16
CA GLN B 777 26.56 -0.81 5.44
C GLN B 777 27.46 0.38 5.72
N GLY B 778 28.39 0.26 6.66
CA GLY B 778 29.30 1.34 6.96
C GLY B 778 28.71 2.50 7.72
N ALA B 779 27.50 2.34 8.27
CA ALA B 779 26.91 3.41 9.06
C ALA B 779 27.60 3.55 10.42
N LEU B 780 28.18 2.45 10.92
CA LEU B 780 28.93 2.51 12.16
C LEU B 780 30.20 3.34 11.99
N ASP B 781 30.86 3.21 10.83
CA ASP B 781 32.02 4.04 10.55
C ASP B 781 31.64 5.49 10.35
N LYS B 782 30.44 5.74 9.81
CA LYS B 782 29.95 7.11 9.67
C LYS B 782 29.69 7.73 11.05
N LEU B 783 29.11 6.96 11.97
CA LEU B 783 28.91 7.47 13.32
C LEU B 783 30.23 7.60 14.07
N LYS B 784 31.21 6.76 13.75
CA LYS B 784 32.54 6.89 14.33
C LYS B 784 33.22 8.18 13.86
N ASN B 785 33.04 8.53 12.58
CA ASN B 785 33.56 9.79 12.08
C ASN B 785 32.79 10.97 12.63
N LYS B 786 31.50 10.77 12.93
CA LYS B 786 30.68 11.86 13.46
C LYS B 786 31.02 12.16 14.91
N TRP B 787 30.86 11.19 15.79
CA TRP B 787 30.90 11.45 17.23
C TRP B 787 32.32 11.46 17.80
N TRP B 788 33.34 11.29 16.97
CA TRP B 788 34.73 11.46 17.41
C TRP B 788 35.46 12.58 16.68
N TYR B 789 35.41 12.60 15.35
CA TYR B 789 36.14 13.62 14.62
C TYR B 789 35.28 14.85 14.35
N ASP B 790 34.03 14.66 13.93
CA ASP B 790 33.18 15.79 13.59
C ASP B 790 32.64 16.48 14.84
N LYS B 791 32.31 15.71 15.87
CA LYS B 791 31.86 16.28 17.14
C LYS B 791 33.02 16.86 17.93
N GLY B 792 34.23 16.34 17.74
CA GLY B 792 35.36 16.79 18.51
C GLY B 792 35.81 18.19 18.13
N GLU B 793 36.60 18.78 19.02
CA GLU B 793 37.02 20.18 18.91
C GLU B 793 38.42 20.33 18.35
N CYS B 794 39.06 19.24 17.93
CA CYS B 794 40.43 19.28 17.43
C CYS B 794 40.43 19.13 15.91
N GLY B 795 41.14 20.03 15.25
CA GLY B 795 41.34 19.89 13.81
C GLY B 795 42.70 19.31 13.47
N ALA B 796 43.11 18.28 14.21
CA ALA B 796 44.44 17.69 14.11
C ALA B 796 44.71 17.05 12.75
N LYS B 797 46.00 16.99 12.38
CA LYS B 797 46.53 16.40 11.15
C LYS B 797 46.01 17.09 9.88
N ASP B 798 45.50 18.31 10.02
CA ASP B 798 44.96 19.04 8.88
C ASP B 798 45.77 20.29 8.59
N SER B 799 46.00 21.11 9.62
CA SER B 799 46.64 22.41 9.46
C SER B 799 48.11 22.29 9.08
N GLY B 800 48.91 21.67 9.94
CA GLY B 800 50.33 21.59 9.74
C GLY B 800 51.07 22.79 10.29
N SER B 801 51.89 23.39 9.43
CA SER B 801 52.71 24.54 9.82
C SER B 801 51.89 25.82 9.87
N LYS B 802 52.01 26.57 10.96
CA LYS B 802 51.41 27.89 11.11
C LYS B 802 52.48 28.97 11.04
N GLU B 803 53.47 28.74 10.18
CA GLU B 803 54.60 29.60 9.77
C GLU B 803 55.67 29.78 10.84
N LYS B 804 55.38 29.35 12.08
CA LYS B 804 56.29 29.42 13.24
C LYS B 804 56.92 30.79 13.41
N THR B 805 56.10 31.77 13.78
CA THR B 805 56.53 33.16 13.80
C THR B 805 57.30 33.54 15.06
N SER B 806 58.31 32.76 15.41
CA SER B 806 59.26 33.14 16.46
C SER B 806 60.60 33.43 15.80
N ALA B 807 61.20 34.59 16.12
CA ALA B 807 62.42 35.01 15.48
C ALA B 807 63.60 34.09 15.76
N LEU B 808 64.08 34.10 17.01
CA LEU B 808 65.14 33.22 17.48
C LEU B 808 65.21 33.35 18.99
N SER B 809 65.22 32.22 19.69
CA SER B 809 65.42 32.25 21.13
C SER B 809 66.90 32.38 21.46
N LEU B 810 67.16 32.80 22.68
CA LEU B 810 68.52 32.92 23.19
C LEU B 810 69.07 31.58 23.66
N SER B 811 68.23 30.54 23.70
CA SER B 811 68.69 29.20 24.08
C SER B 811 69.64 28.63 23.04
N ASN B 812 69.49 29.03 21.77
CA ASN B 812 70.47 28.67 20.75
C ASN B 812 71.76 29.45 20.87
N VAL B 813 71.79 30.50 21.70
CA VAL B 813 72.94 31.37 21.82
C VAL B 813 73.61 31.26 23.19
N ALA B 814 72.92 30.68 24.18
CA ALA B 814 73.37 30.76 25.57
C ALA B 814 74.62 29.91 25.82
N GLY B 815 74.62 28.64 25.38
CA GLY B 815 75.81 27.82 25.48
C GLY B 815 76.96 28.32 24.63
N VAL B 816 76.65 29.04 23.55
CA VAL B 816 77.68 29.63 22.71
C VAL B 816 78.36 30.80 23.42
N PHE B 817 77.55 31.64 24.09
CA PHE B 817 78.09 32.63 25.03
C PHE B 817 78.91 31.98 26.13
N TYR B 818 78.47 30.82 26.62
CA TYR B 818 79.16 30.16 27.72
C TYR B 818 80.53 29.66 27.29
N ILE B 819 80.62 29.05 26.11
CA ILE B 819 81.92 28.58 25.63
C ILE B 819 82.80 29.77 25.21
N LEU B 820 82.19 30.90 24.82
CA LEU B 820 82.96 32.13 24.60
C LEU B 820 83.61 32.61 25.90
N VAL B 821 82.83 32.69 26.97
CA VAL B 821 83.34 33.13 28.27
C VAL B 821 84.40 32.15 28.80
N GLY B 822 84.19 30.85 28.59
CA GLY B 822 85.18 29.86 29.00
C GLY B 822 86.49 29.98 28.23
N GLY B 823 86.40 30.20 26.92
CA GLY B 823 87.61 30.43 26.14
C GLY B 823 88.34 31.71 26.52
N LEU B 824 87.59 32.77 26.81
CA LEU B 824 88.22 34.03 27.24
C LEU B 824 88.93 33.86 28.58
N GLY B 825 88.28 33.19 29.53
CA GLY B 825 88.90 32.98 30.83
C GLY B 825 90.10 32.05 30.77
N LEU B 826 90.02 31.01 29.92
CA LEU B 826 91.16 30.12 29.72
C LEU B 826 92.33 30.85 29.10
N ALA B 827 92.05 31.73 28.13
CA ALA B 827 93.11 32.52 27.51
C ALA B 827 93.71 33.53 28.49
N MET B 828 92.88 34.09 29.37
CA MET B 828 93.39 34.97 30.43
C MET B 828 94.35 34.24 31.36
N LEU B 829 93.95 33.06 31.83
CA LEU B 829 94.80 32.31 32.76
C LEU B 829 96.07 31.82 32.09
N VAL B 830 95.99 31.39 30.81
CA VAL B 830 97.18 30.95 30.10
C VAL B 830 98.15 32.11 29.87
N ALA B 831 97.62 33.28 29.50
CA ALA B 831 98.46 34.46 29.31
C ALA B 831 99.11 34.90 30.62
N LEU B 832 98.37 34.82 31.72
CA LEU B 832 98.94 35.22 33.02
C LEU B 832 100.00 34.26 33.49
N ILE B 833 99.81 32.94 33.30
CA ILE B 833 100.83 32.01 33.78
C ILE B 833 102.06 32.06 32.87
N GLU B 834 101.88 32.32 31.58
CA GLU B 834 103.04 32.44 30.70
C GLU B 834 103.81 33.74 30.96
N PHE B 835 103.10 34.82 31.31
CA PHE B 835 103.80 36.04 31.68
C PHE B 835 104.53 35.89 33.02
N CYS B 836 103.92 35.16 33.97
CA CYS B 836 104.58 34.91 35.24
C CYS B 836 105.80 34.02 35.08
N TYR B 837 105.73 33.03 34.18
CA TYR B 837 106.87 32.18 33.91
C TYR B 837 107.98 32.94 33.19
N LYS B 838 107.63 33.85 32.27
CA LYS B 838 108.63 34.67 31.61
C LYS B 838 109.28 35.64 32.58
N SER B 839 108.49 36.21 33.51
CA SER B 839 109.05 37.11 34.50
C SER B 839 109.95 36.39 35.48
N ARG B 840 109.58 35.16 35.86
CA ARG B 840 110.42 34.37 36.75
C ARG B 840 111.71 33.93 36.06
N ALA B 841 111.64 33.60 34.77
CA ALA B 841 112.86 33.24 34.04
C ALA B 841 113.76 34.45 33.83
N GLU B 842 113.17 35.64 33.64
CA GLU B 842 113.97 36.85 33.52
C GLU B 842 114.59 37.26 34.86
N ALA B 843 113.89 37.00 35.97
CA ALA B 843 114.45 37.28 37.29
C ALA B 843 115.54 36.28 37.66
N LYS B 844 115.41 35.02 37.22
CA LYS B 844 116.43 34.03 37.52
C LYS B 844 117.65 34.17 36.60
N ARG B 845 117.45 34.67 35.37
CA ARG B 845 118.57 34.83 34.45
C ARG B 845 119.31 36.14 34.69
N MET B 846 118.56 37.23 34.89
CA MET B 846 119.05 38.59 35.13
C MET B 846 120.03 39.08 34.04
N ALA C 19 -40.47 -79.20 14.30
CA ALA C 19 -40.19 -78.60 13.01
C ALA C 19 -40.11 -77.08 13.05
N ASN C 20 -39.44 -76.56 14.09
CA ASN C 20 -39.32 -75.11 14.23
C ASN C 20 -38.31 -74.52 13.23
N PHE C 21 -37.33 -75.32 12.80
CA PHE C 21 -36.33 -74.86 11.86
C PHE C 21 -35.79 -76.05 11.08
N PRO C 22 -35.75 -75.98 9.75
CA PRO C 22 -35.18 -77.08 8.98
C PRO C 22 -33.68 -77.17 9.15
N ASN C 23 -33.16 -78.39 8.94
CA ASN C 23 -31.74 -78.63 9.16
C ASN C 23 -30.89 -78.13 8.00
N ASN C 24 -31.43 -78.07 6.80
CA ASN C 24 -30.69 -77.65 5.62
C ASN C 24 -31.15 -76.24 5.24
N ILE C 25 -30.29 -75.26 5.46
CA ILE C 25 -30.56 -73.88 5.08
C ILE C 25 -29.76 -73.57 3.82
N GLN C 26 -30.44 -73.20 2.75
CA GLN C 26 -29.78 -72.94 1.48
C GLN C 26 -29.06 -71.60 1.53
N ILE C 27 -27.77 -71.59 1.21
CA ILE C 27 -26.96 -70.38 1.21
C ILE C 27 -26.45 -70.18 -0.21
N GLY C 28 -26.90 -69.12 -0.87
CA GLY C 28 -26.43 -68.80 -2.19
C GLY C 28 -25.05 -68.14 -2.15
N GLY C 29 -24.29 -68.34 -3.23
CA GLY C 29 -22.95 -67.81 -3.29
C GLY C 29 -22.58 -67.30 -4.67
N LEU C 30 -21.80 -66.21 -4.70
CA LEU C 30 -21.35 -65.61 -5.95
C LEU C 30 -19.83 -65.53 -5.92
N PHE C 31 -19.17 -66.10 -6.93
CA PHE C 31 -17.72 -66.13 -6.92
C PHE C 31 -17.14 -65.81 -8.29
N PRO C 32 -16.07 -65.02 -8.34
CA PRO C 32 -15.56 -64.55 -9.64
C PRO C 32 -14.77 -65.59 -10.40
N ASN C 33 -14.13 -66.52 -9.69
CA ASN C 33 -13.25 -67.51 -10.30
C ASN C 33 -13.77 -68.91 -10.00
N GLN C 34 -13.06 -69.90 -10.55
CA GLN C 34 -13.38 -71.30 -10.33
C GLN C 34 -12.49 -71.93 -9.27
N GLN C 35 -11.17 -71.75 -9.40
CA GLN C 35 -10.20 -72.32 -8.47
C GLN C 35 -9.37 -71.18 -7.89
N SER C 36 -9.65 -70.82 -6.64
CA SER C 36 -8.88 -69.80 -5.95
C SER C 36 -8.83 -70.15 -4.47
N GLN C 37 -8.20 -69.28 -3.68
CA GLN C 37 -8.03 -69.54 -2.25
C GLN C 37 -9.34 -69.34 -1.50
N GLU C 38 -10.19 -68.43 -1.98
CA GLU C 38 -11.45 -68.14 -1.29
C GLU C 38 -12.43 -69.30 -1.40
N HIS C 39 -12.36 -70.10 -2.47
CA HIS C 39 -13.18 -71.29 -2.59
C HIS C 39 -12.85 -72.29 -1.48
N ALA C 40 -11.55 -72.56 -1.28
CA ALA C 40 -11.14 -73.51 -0.26
C ALA C 40 -11.41 -72.97 1.14
N ALA C 41 -11.26 -71.66 1.33
CA ALA C 41 -11.57 -71.05 2.62
C ALA C 41 -13.07 -71.13 2.93
N PHE C 42 -13.91 -70.89 1.92
CA PHE C 42 -15.36 -70.97 2.10
C PHE C 42 -15.81 -72.41 2.37
N ARG C 43 -15.23 -73.37 1.66
CA ARG C 43 -15.61 -74.77 1.87
C ARG C 43 -15.12 -75.29 3.21
N PHE C 44 -13.93 -74.85 3.64
CA PHE C 44 -13.45 -75.24 4.96
C PHE C 44 -14.25 -74.57 6.07
N ALA C 45 -14.70 -73.34 5.85
CA ALA C 45 -15.54 -72.66 6.84
C ALA C 45 -16.92 -73.31 6.93
N LEU C 46 -17.42 -73.87 5.84
CA LEU C 46 -18.65 -74.64 5.93
C LEU C 46 -18.42 -76.05 6.47
N SER C 47 -17.18 -76.56 6.41
CA SER C 47 -16.89 -77.90 6.89
C SER C 47 -16.90 -78.01 8.40
N GLN C 48 -16.69 -76.91 9.14
CA GLN C 48 -16.68 -76.95 10.59
C GLN C 48 -18.09 -77.01 11.20
N LEU C 49 -19.13 -76.92 10.39
CA LEU C 49 -20.49 -76.88 10.91
C LEU C 49 -20.92 -78.26 11.38
N THR C 50 -21.10 -78.42 12.69
CA THR C 50 -21.65 -79.62 13.27
C THR C 50 -22.99 -79.41 13.95
N GLU C 51 -23.21 -78.25 14.55
CA GLU C 51 -24.48 -77.93 15.19
C GLU C 51 -25.53 -77.60 14.14
N PRO C 52 -26.79 -77.95 14.39
CA PRO C 52 -27.85 -77.61 13.43
C PRO C 52 -28.14 -76.13 13.47
N PRO C 53 -28.61 -75.54 12.35
CA PRO C 53 -28.84 -76.15 11.04
C PRO C 53 -27.60 -76.20 10.16
N LYS C 54 -27.55 -77.16 9.23
CA LYS C 54 -26.45 -77.25 8.29
C LYS C 54 -26.69 -76.30 7.12
N LEU C 55 -25.65 -75.54 6.76
CA LEU C 55 -25.74 -74.60 5.66
C LEU C 55 -25.34 -75.31 4.37
N LEU C 56 -26.29 -75.45 3.45
CA LEU C 56 -26.04 -76.11 2.18
C LEU C 56 -25.62 -75.05 1.17
N PRO C 57 -24.40 -75.10 0.63
CA PRO C 57 -23.97 -74.09 -0.33
C PRO C 57 -24.56 -74.31 -1.71
N GLN C 58 -24.88 -73.20 -2.37
CA GLN C 58 -25.33 -73.18 -3.76
C GLN C 58 -24.54 -72.05 -4.41
N ILE C 59 -23.37 -72.37 -4.95
CA ILE C 59 -22.44 -71.36 -5.42
C ILE C 59 -22.55 -71.22 -6.93
N ASP C 60 -22.22 -70.03 -7.41
CA ASP C 60 -22.26 -69.71 -8.84
C ASP C 60 -20.97 -69.02 -9.23
N ILE C 61 -20.27 -69.60 -10.20
CA ILE C 61 -19.06 -69.01 -10.76
C ILE C 61 -19.49 -68.06 -11.86
N VAL C 62 -19.41 -66.76 -11.60
CA VAL C 62 -19.96 -65.75 -12.50
C VAL C 62 -18.96 -64.59 -12.62
N ASN C 63 -18.94 -63.98 -13.79
CA ASN C 63 -18.25 -62.70 -13.98
C ASN C 63 -18.87 -61.66 -13.07
N ILE C 64 -18.03 -60.89 -12.38
CA ILE C 64 -18.52 -59.93 -11.40
C ILE C 64 -18.43 -58.52 -11.96
N SER C 65 -18.31 -58.40 -13.28
CA SER C 65 -18.29 -57.10 -13.93
C SER C 65 -19.51 -56.86 -14.82
N ASP C 66 -20.22 -57.89 -15.26
CA ASP C 66 -21.41 -57.75 -16.07
C ASP C 66 -22.62 -57.80 -15.15
N SER C 67 -23.38 -56.70 -15.11
CA SER C 67 -24.52 -56.61 -14.21
C SER C 67 -25.68 -57.48 -14.66
N PHE C 68 -25.75 -57.83 -15.95
CA PHE C 68 -26.78 -58.76 -16.42
C PHE C 68 -26.60 -60.14 -15.83
N GLU C 69 -25.36 -60.65 -15.85
CA GLU C 69 -25.09 -61.98 -15.31
C GLU C 69 -25.23 -61.99 -13.79
N MET C 70 -24.82 -60.91 -13.13
CA MET C 70 -24.99 -60.79 -11.68
C MET C 70 -26.47 -60.76 -11.31
N THR C 71 -27.27 -60.02 -12.08
CA THR C 71 -28.70 -59.94 -11.82
C THR C 71 -29.38 -61.29 -12.07
N TYR C 72 -28.94 -62.00 -13.12
CA TYR C 72 -29.54 -63.30 -13.42
C TYR C 72 -29.18 -64.34 -12.37
N ARG C 73 -27.94 -64.37 -11.90
CA ARG C 73 -27.57 -65.31 -10.86
C ARG C 73 -28.23 -64.96 -9.53
N PHE C 74 -28.42 -63.66 -9.26
CA PHE C 74 -29.15 -63.24 -8.07
C PHE C 74 -30.61 -63.69 -8.13
N CYS C 75 -31.26 -63.52 -9.28
CA CYS C 75 -32.64 -63.94 -9.41
C CYS C 75 -32.79 -65.45 -9.42
N SER C 76 -31.79 -66.18 -9.94
CA SER C 76 -31.83 -67.63 -9.92
C SER C 76 -31.66 -68.17 -8.51
N GLN C 77 -30.74 -67.58 -7.73
CA GLN C 77 -30.59 -68.00 -6.34
C GLN C 77 -31.78 -67.57 -5.50
N PHE C 78 -32.43 -66.46 -5.84
CA PHE C 78 -33.62 -66.05 -5.10
C PHE C 78 -34.82 -66.95 -5.44
N SER C 79 -34.91 -67.39 -6.69
CA SER C 79 -35.98 -68.31 -7.08
C SER C 79 -35.72 -69.72 -6.58
N LYS C 80 -34.46 -70.09 -6.34
CA LYS C 80 -34.18 -71.43 -5.86
C LYS C 80 -34.51 -71.59 -4.38
N GLY C 81 -34.51 -70.49 -3.63
CA GLY C 81 -34.99 -70.52 -2.26
C GLY C 81 -33.94 -70.37 -1.18
N VAL C 82 -32.93 -69.53 -1.41
CA VAL C 82 -31.91 -69.27 -0.40
C VAL C 82 -32.45 -68.26 0.60
N TYR C 83 -31.75 -68.09 1.71
CA TYR C 83 -32.12 -67.09 2.71
C TYR C 83 -31.06 -66.03 2.92
N ALA C 84 -29.81 -66.28 2.54
CA ALA C 84 -28.74 -65.31 2.68
C ALA C 84 -27.68 -65.62 1.63
N ILE C 85 -27.15 -64.57 1.01
CA ILE C 85 -26.23 -64.69 -0.11
C ILE C 85 -24.89 -64.10 0.30
N PHE C 86 -23.82 -64.87 0.08
CA PHE C 86 -22.46 -64.46 0.39
C PHE C 86 -21.67 -64.35 -0.92
N GLY C 87 -21.12 -63.18 -1.19
CA GLY C 87 -20.46 -62.99 -2.46
C GLY C 87 -19.53 -61.81 -2.50
N PHE C 88 -19.26 -61.35 -3.73
CA PHE C 88 -18.36 -60.24 -4.00
C PHE C 88 -19.01 -59.31 -5.00
N TYR C 89 -18.41 -58.13 -5.17
CA TYR C 89 -18.90 -57.19 -6.17
C TYR C 89 -17.72 -56.34 -6.64
N GLU C 90 -18.02 -55.33 -7.44
CA GLU C 90 -17.03 -54.52 -8.12
C GLU C 90 -17.66 -53.16 -8.35
N ARG C 91 -16.88 -52.22 -8.88
CA ARG C 91 -17.35 -50.85 -9.15
C ARG C 91 -18.54 -50.83 -10.10
N ARG C 92 -18.59 -51.75 -11.05
CA ARG C 92 -19.75 -51.86 -11.93
C ARG C 92 -20.94 -52.55 -11.28
N THR C 93 -20.81 -53.01 -10.03
CA THR C 93 -21.93 -53.58 -9.28
C THR C 93 -21.96 -53.08 -7.84
N VAL C 94 -21.58 -51.82 -7.59
CA VAL C 94 -21.63 -51.30 -6.23
C VAL C 94 -23.07 -50.98 -5.82
N ASN C 95 -23.88 -50.49 -6.75
CA ASN C 95 -25.19 -49.95 -6.39
C ASN C 95 -26.35 -50.82 -6.82
N MET C 96 -26.14 -51.73 -7.78
CA MET C 96 -27.23 -52.61 -8.22
C MET C 96 -27.55 -53.66 -7.17
N LEU C 97 -26.51 -54.24 -6.56
CA LEU C 97 -26.74 -55.20 -5.49
C LEU C 97 -27.18 -54.54 -4.20
N THR C 98 -26.93 -53.25 -4.02
CA THR C 98 -27.50 -52.56 -2.89
C THR C 98 -29.00 -52.35 -3.09
N SER C 99 -29.41 -52.10 -4.33
CA SER C 99 -30.81 -51.84 -4.62
C SER C 99 -31.64 -53.11 -4.62
N PHE C 100 -31.13 -54.20 -5.21
CA PHE C 100 -31.86 -55.47 -5.20
C PHE C 100 -31.97 -56.06 -3.79
N CYS C 101 -31.03 -55.71 -2.90
CA CYS C 101 -31.15 -56.15 -1.52
C CYS C 101 -31.99 -55.23 -0.65
N GLY C 102 -32.01 -53.92 -0.94
CA GLY C 102 -32.93 -53.05 -0.26
C GLY C 102 -34.36 -53.19 -0.72
N ALA C 103 -34.58 -53.81 -1.88
CA ALA C 103 -35.92 -54.06 -2.40
C ALA C 103 -36.53 -55.33 -1.83
N LEU C 104 -35.86 -56.47 -2.00
CA LEU C 104 -36.42 -57.75 -1.58
C LEU C 104 -36.14 -58.08 -0.12
N HIS C 105 -35.46 -57.17 0.61
CA HIS C 105 -35.11 -57.34 2.03
C HIS C 105 -34.29 -58.60 2.26
N VAL C 106 -33.34 -58.86 1.37
CA VAL C 106 -32.48 -60.04 1.42
C VAL C 106 -31.08 -59.60 1.79
N CYS C 107 -30.53 -60.18 2.86
CA CYS C 107 -29.21 -59.80 3.33
C CYS C 107 -28.12 -60.37 2.43
N PHE C 108 -27.10 -59.57 2.16
CA PHE C 108 -25.96 -59.95 1.33
C PHE C 108 -24.68 -59.66 2.10
N ILE C 109 -23.87 -60.69 2.30
CA ILE C 109 -22.64 -60.60 3.07
C ILE C 109 -21.46 -60.62 2.10
N THR C 110 -20.56 -59.66 2.24
CA THR C 110 -19.47 -59.53 1.29
C THR C 110 -18.15 -59.11 1.94
N PRO C 111 -17.04 -59.70 1.52
CA PRO C 111 -15.71 -59.21 1.94
C PRO C 111 -15.11 -58.14 1.04
N SER C 112 -15.88 -57.55 0.13
CA SER C 112 -15.33 -56.67 -0.89
C SER C 112 -15.05 -55.29 -0.31
N PHE C 113 -14.78 -54.33 -1.19
CA PHE C 113 -14.39 -53.00 -0.77
C PHE C 113 -15.60 -52.24 -0.22
N PRO C 114 -15.49 -51.59 0.93
CA PRO C 114 -16.65 -50.88 1.49
C PRO C 114 -16.91 -49.57 0.75
N VAL C 115 -18.18 -49.33 0.47
CA VAL C 115 -18.61 -48.12 -0.19
C VAL C 115 -19.15 -47.16 0.86
N ASP C 116 -19.35 -45.90 0.47
CA ASP C 116 -19.81 -44.88 1.41
C ASP C 116 -21.29 -45.03 1.71
N THR C 117 -22.14 -44.94 0.69
CA THR C 117 -23.59 -45.03 0.86
C THR C 117 -24.03 -46.47 0.64
N SER C 118 -24.65 -47.05 1.65
CA SER C 118 -25.22 -48.39 1.55
C SER C 118 -26.44 -48.46 2.46
N ASN C 119 -26.89 -49.68 2.74
CA ASN C 119 -28.04 -49.87 3.61
C ASN C 119 -27.80 -50.98 4.63
N GLN C 120 -28.84 -51.34 5.38
CA GLN C 120 -28.72 -52.30 6.46
C GLN C 120 -28.62 -53.75 5.98
N PHE C 121 -28.83 -54.00 4.69
CA PHE C 121 -28.84 -55.36 4.17
C PHE C 121 -27.52 -55.77 3.52
N VAL C 122 -26.59 -54.84 3.33
CA VAL C 122 -25.27 -55.15 2.78
C VAL C 122 -24.28 -55.18 3.94
N LEU C 123 -23.84 -56.37 4.32
CA LEU C 123 -22.89 -56.56 5.41
C LEU C 123 -21.49 -56.59 4.82
N GLN C 124 -20.76 -55.50 5.03
CA GLN C 124 -19.41 -55.33 4.46
C GLN C 124 -18.39 -55.81 5.48
N LEU C 125 -17.77 -56.95 5.19
CA LEU C 125 -16.86 -57.58 6.15
C LEU C 125 -15.54 -56.82 6.25
N ARG C 126 -15.11 -56.18 5.18
CA ARG C 126 -13.84 -55.49 5.19
C ARG C 126 -13.97 -54.18 5.95
N PRO C 127 -13.12 -53.91 6.93
CA PRO C 127 -13.23 -52.67 7.70
C PRO C 127 -12.81 -51.45 6.87
N GLU C 128 -13.14 -50.27 7.40
CA GLU C 128 -12.79 -49.03 6.73
C GLU C 128 -11.29 -48.77 6.84
N LEU C 129 -10.79 -47.93 5.94
CA LEU C 129 -9.37 -47.72 5.79
C LEU C 129 -8.96 -46.25 5.77
N GLN C 130 -9.86 -45.33 5.41
CA GLN C 130 -9.45 -43.95 5.15
C GLN C 130 -9.09 -43.19 6.42
N GLU C 131 -9.76 -43.50 7.55
CA GLU C 131 -9.50 -42.74 8.76
C GLU C 131 -8.17 -43.14 9.40
N ALA C 132 -7.78 -44.41 9.27
CA ALA C 132 -6.43 -44.81 9.68
C ALA C 132 -5.37 -44.18 8.80
N LEU C 133 -5.67 -43.97 7.52
CA LEU C 133 -4.74 -43.27 6.64
C LEU C 133 -4.59 -41.81 7.04
N ILE C 134 -5.71 -41.17 7.39
CA ILE C 134 -5.68 -39.81 7.91
C ILE C 134 -4.87 -39.74 9.21
N SER C 135 -5.00 -40.77 10.06
CA SER C 135 -4.27 -40.80 11.31
C SER C 135 -2.77 -40.98 11.08
N ILE C 136 -2.38 -41.80 10.09
CA ILE C 136 -0.96 -41.98 9.81
C ILE C 136 -0.36 -40.72 9.20
N ILE C 137 -1.09 -40.06 8.30
CA ILE C 137 -0.58 -38.82 7.70
C ILE C 137 -0.54 -37.69 8.73
N ASP C 138 -1.48 -37.67 9.68
CA ASP C 138 -1.41 -36.70 10.77
C ASP C 138 -0.29 -37.04 11.74
N HIS C 139 0.06 -38.33 11.85
CA HIS C 139 1.18 -38.74 12.67
C HIS C 139 2.50 -38.27 12.06
N TYR C 140 2.65 -38.39 10.74
CA TYR C 140 3.87 -37.94 10.09
C TYR C 140 3.85 -36.47 9.68
N LYS C 141 2.67 -35.84 9.70
CA LYS C 141 2.48 -34.40 9.45
C LYS C 141 2.99 -34.00 8.05
N TRP C 142 2.34 -34.54 7.04
CA TRP C 142 2.72 -34.25 5.66
C TRP C 142 2.03 -32.99 5.14
N GLN C 143 2.64 -32.40 4.11
CA GLN C 143 2.07 -31.28 3.38
C GLN C 143 1.88 -31.58 1.91
N THR C 144 2.90 -32.11 1.24
CA THR C 144 2.87 -32.39 -0.19
C THR C 144 3.10 -33.88 -0.40
N PHE C 145 2.13 -34.56 -1.02
CA PHE C 145 2.31 -35.96 -1.34
C PHE C 145 1.46 -36.35 -2.53
N VAL C 146 1.74 -37.53 -3.07
CA VAL C 146 1.09 -38.04 -4.27
C VAL C 146 0.26 -39.26 -3.88
N TYR C 147 -1.04 -39.17 -4.15
CA TYR C 147 -1.98 -40.24 -3.84
C TYR C 147 -2.33 -40.95 -5.14
N ILE C 148 -1.78 -42.14 -5.34
CA ILE C 148 -2.14 -42.98 -6.47
C ILE C 148 -3.33 -43.84 -6.06
N TYR C 149 -4.40 -43.76 -6.83
CA TYR C 149 -5.64 -44.46 -6.51
C TYR C 149 -5.99 -45.46 -7.61
N ASP C 150 -6.60 -46.56 -7.18
CA ASP C 150 -7.17 -47.51 -8.13
C ASP C 150 -8.42 -46.90 -8.75
N ALA C 151 -8.62 -47.18 -10.04
CA ALA C 151 -9.83 -46.72 -10.71
C ALA C 151 -11.05 -47.52 -10.30
N ASP C 152 -10.86 -48.74 -9.78
CA ASP C 152 -11.96 -49.61 -9.44
C ASP C 152 -12.51 -49.39 -8.03
N ARG C 153 -11.70 -48.85 -7.11
CA ARG C 153 -12.20 -48.63 -5.76
C ARG C 153 -11.85 -47.27 -5.17
N GLY C 154 -10.84 -46.57 -5.68
CA GLY C 154 -10.44 -45.30 -5.10
C GLY C 154 -11.34 -44.14 -5.44
N LEU C 155 -12.56 -44.16 -4.92
CA LEU C 155 -13.49 -43.06 -5.13
C LEU C 155 -14.04 -42.56 -3.79
N SER C 156 -14.14 -43.47 -2.82
CA SER C 156 -14.61 -43.11 -1.49
C SER C 156 -13.47 -42.72 -0.57
N VAL C 157 -12.31 -43.37 -0.70
CA VAL C 157 -11.17 -43.00 0.13
C VAL C 157 -10.55 -41.70 -0.36
N LEU C 158 -10.46 -41.54 -1.69
CA LEU C 158 -9.94 -40.30 -2.28
C LEU C 158 -10.80 -39.10 -1.93
N GLN C 159 -12.12 -39.32 -1.77
CA GLN C 159 -13.02 -38.25 -1.37
C GLN C 159 -12.69 -37.74 0.02
N ARG C 160 -12.53 -38.65 0.98
CA ARG C 160 -12.23 -38.25 2.35
C ARG C 160 -10.82 -37.70 2.47
N VAL C 161 -9.88 -38.20 1.66
CA VAL C 161 -8.51 -37.68 1.67
C VAL C 161 -8.47 -36.26 1.12
N LEU C 162 -9.22 -35.98 0.04
CA LEU C 162 -9.25 -34.64 -0.49
C LEU C 162 -10.01 -33.67 0.42
N ASP C 163 -11.02 -34.17 1.15
CA ASP C 163 -11.69 -33.31 2.13
C ASP C 163 -10.74 -32.96 3.28
N THR C 164 -9.97 -33.94 3.76
CA THR C 164 -8.99 -33.67 4.81
C THR C 164 -7.87 -32.78 4.31
N ALA C 165 -7.50 -32.90 3.03
CA ALA C 165 -6.49 -32.02 2.45
C ALA C 165 -6.99 -30.59 2.34
N ALA C 166 -8.28 -30.42 1.97
CA ALA C 166 -8.86 -29.09 1.96
C ALA C 166 -8.98 -28.51 3.37
N GLU C 167 -9.17 -29.36 4.37
CA GLU C 167 -9.25 -28.87 5.74
C GLU C 167 -7.88 -28.48 6.29
N LYS C 168 -6.85 -29.28 6.03
CA LYS C 168 -5.55 -29.11 6.66
C LYS C 168 -4.49 -28.53 5.74
N ASN C 169 -4.90 -27.97 4.60
CA ASN C 169 -4.04 -27.24 3.65
C ASN C 169 -2.90 -28.11 3.12
N TRP C 170 -3.25 -29.29 2.61
CA TRP C 170 -2.28 -30.21 2.05
C TRP C 170 -2.16 -30.00 0.55
N GLN C 171 -1.20 -30.70 -0.05
CA GLN C 171 -0.99 -30.68 -1.51
C GLN C 171 -0.98 -32.13 -1.99
N VAL C 172 -2.16 -32.61 -2.36
CA VAL C 172 -2.34 -33.97 -2.86
C VAL C 172 -2.30 -33.95 -4.37
N THR C 173 -1.46 -34.80 -4.95
CA THR C 173 -1.45 -35.01 -6.40
C THR C 173 -2.08 -36.38 -6.65
N ALA C 174 -3.31 -36.39 -7.14
CA ALA C 174 -4.05 -37.63 -7.35
C ALA C 174 -3.69 -38.21 -8.71
N VAL C 175 -3.32 -39.49 -8.73
CA VAL C 175 -2.87 -40.18 -9.93
C VAL C 175 -3.69 -41.44 -10.12
N ASN C 176 -4.35 -41.55 -11.27
CA ASN C 176 -5.11 -42.75 -11.59
C ASN C 176 -4.18 -43.82 -12.16
N ILE C 177 -4.64 -45.06 -12.12
CA ILE C 177 -3.87 -46.20 -12.61
C ILE C 177 -4.29 -46.61 -14.01
N LEU C 178 -5.60 -46.75 -14.25
CA LEU C 178 -6.08 -47.35 -15.49
C LEU C 178 -5.90 -46.41 -16.68
N THR C 179 -6.27 -45.15 -16.53
CA THR C 179 -6.23 -44.22 -17.65
C THR C 179 -4.83 -43.67 -17.93
N THR C 180 -3.84 -43.96 -17.08
CA THR C 180 -2.48 -43.49 -17.27
C THR C 180 -1.63 -44.61 -17.84
N THR C 181 -0.96 -44.33 -18.97
CA THR C 181 -0.09 -45.29 -19.61
C THR C 181 1.27 -45.32 -18.90
N GLU C 182 2.15 -46.21 -19.36
CA GLU C 182 3.45 -46.39 -18.73
C GLU C 182 4.37 -45.21 -18.95
N GLU C 183 4.27 -44.56 -20.11
CA GLU C 183 5.01 -43.31 -20.31
C GLU C 183 4.44 -42.19 -19.45
N GLY C 184 3.14 -42.27 -19.12
CA GLY C 184 2.60 -41.38 -18.10
C GLY C 184 3.23 -41.61 -16.74
N TYR C 185 3.48 -42.87 -16.38
CA TYR C 185 4.21 -43.17 -15.15
C TYR C 185 5.62 -42.64 -15.19
N ARG C 186 6.27 -42.75 -16.35
CA ARG C 186 7.62 -42.21 -16.55
C ARG C 186 7.64 -40.70 -16.35
N MET C 187 6.64 -40.00 -16.92
CA MET C 187 6.60 -38.55 -16.80
C MET C 187 6.25 -38.11 -15.39
N LEU C 188 5.39 -38.86 -14.69
CA LEU C 188 5.03 -38.42 -13.35
C LEU C 188 6.15 -38.69 -12.34
N PHE C 189 6.88 -39.79 -12.48
CA PHE C 189 8.06 -39.95 -11.63
C PHE C 189 9.21 -39.04 -12.05
N GLN C 190 9.26 -38.63 -13.32
CA GLN C 190 10.21 -37.60 -13.73
C GLN C 190 9.86 -36.26 -13.11
N ASP C 191 8.57 -35.99 -12.92
CA ASP C 191 8.16 -34.81 -12.17
C ASP C 191 8.44 -34.96 -10.68
N LEU C 192 8.37 -36.19 -10.16
CA LEU C 192 8.64 -36.43 -8.74
C LEU C 192 10.11 -36.33 -8.39
N GLU C 193 11.01 -36.69 -9.31
CA GLU C 193 12.43 -36.74 -8.99
C GLU C 193 13.11 -35.36 -9.02
N LYS C 194 12.35 -34.27 -9.01
CA LYS C 194 12.90 -32.92 -9.02
C LYS C 194 12.91 -32.27 -7.65
N LYS C 195 12.55 -32.98 -6.59
CA LYS C 195 12.47 -32.40 -5.24
C LYS C 195 13.14 -33.33 -4.23
N LYS C 196 13.21 -32.87 -2.98
CA LYS C 196 14.02 -33.54 -1.97
C LYS C 196 13.33 -34.80 -1.44
N GLU C 197 12.16 -34.64 -0.84
CA GLU C 197 11.42 -35.75 -0.26
C GLU C 197 10.28 -36.16 -1.17
N ARG C 198 10.03 -37.46 -1.23
CA ARG C 198 9.12 -38.04 -2.22
C ARG C 198 8.13 -38.92 -1.47
N LEU C 199 6.95 -38.37 -1.20
CA LEU C 199 5.95 -39.01 -0.35
C LEU C 199 4.82 -39.54 -1.23
N VAL C 200 4.64 -40.87 -1.23
CA VAL C 200 3.69 -41.51 -2.13
C VAL C 200 2.80 -42.44 -1.31
N VAL C 201 1.49 -42.22 -1.39
CA VAL C 201 0.50 -43.18 -0.89
C VAL C 201 -0.08 -43.91 -2.09
N VAL C 202 -0.18 -45.22 -2.00
CA VAL C 202 -0.76 -46.05 -3.06
C VAL C 202 -1.94 -46.81 -2.49
N ASP C 203 -3.09 -46.70 -3.14
CA ASP C 203 -4.30 -47.40 -2.74
C ASP C 203 -4.83 -48.20 -3.93
N CYS C 204 -4.51 -49.49 -3.96
CA CYS C 204 -5.06 -50.41 -4.94
C CYS C 204 -5.03 -51.81 -4.36
N GLU C 205 -5.73 -52.72 -5.02
CA GLU C 205 -5.76 -54.11 -4.58
C GLU C 205 -4.42 -54.78 -4.86
N SER C 206 -4.14 -55.84 -4.10
CA SER C 206 -2.82 -56.47 -4.10
C SER C 206 -2.52 -57.18 -5.42
N GLU C 207 -3.55 -57.71 -6.08
CA GLU C 207 -3.34 -58.32 -7.39
C GLU C 207 -3.00 -57.29 -8.45
N ARG C 208 -3.43 -56.04 -8.25
CA ARG C 208 -2.94 -54.94 -9.07
C ARG C 208 -1.65 -54.35 -8.53
N LEU C 209 -1.48 -54.39 -7.20
CA LEU C 209 -0.31 -53.78 -6.57
C LEU C 209 0.96 -54.56 -6.88
N ASN C 210 0.85 -55.86 -7.15
CA ASN C 210 2.01 -56.65 -7.56
C ASN C 210 2.56 -56.16 -8.90
N ALA C 211 1.67 -55.93 -9.87
CA ALA C 211 2.11 -55.42 -11.17
C ALA C 211 2.58 -53.97 -11.08
N ILE C 212 1.93 -53.18 -10.22
CA ILE C 212 2.34 -51.78 -10.04
C ILE C 212 3.72 -51.70 -9.41
N LEU C 213 3.98 -52.50 -8.37
CA LEU C 213 5.31 -52.51 -7.76
C LEU C 213 6.35 -53.15 -8.66
N GLY C 214 5.96 -54.09 -9.53
CA GLY C 214 6.87 -54.59 -10.54
C GLY C 214 7.23 -53.52 -11.56
N GLN C 215 6.30 -52.60 -11.84
CA GLN C 215 6.64 -51.43 -12.64
C GLN C 215 7.55 -50.46 -11.87
N ILE C 216 7.37 -50.36 -10.55
CA ILE C 216 8.07 -49.33 -9.78
C ILE C 216 9.51 -49.75 -9.48
N VAL C 217 9.76 -51.03 -9.18
CA VAL C 217 11.09 -51.46 -8.73
C VAL C 217 12.16 -51.43 -9.81
N LYS C 218 11.80 -51.18 -11.07
CA LYS C 218 12.78 -50.90 -12.11
C LYS C 218 13.11 -49.41 -12.19
N LEU C 219 12.60 -48.60 -11.26
CA LEU C 219 12.76 -47.16 -11.28
C LEU C 219 13.21 -46.57 -9.95
N GLU C 220 13.00 -47.28 -8.85
CA GLU C 220 13.39 -46.83 -7.51
C GLU C 220 14.74 -47.41 -7.08
N LYS C 221 15.67 -47.51 -8.04
CA LYS C 221 16.96 -48.15 -7.82
C LYS C 221 17.81 -47.39 -6.80
N ASN C 222 17.65 -46.07 -6.72
CA ASN C 222 18.32 -45.30 -5.69
C ASN C 222 17.65 -45.49 -4.33
N GLY C 223 16.35 -45.16 -4.24
CA GLY C 223 15.59 -45.36 -3.02
C GLY C 223 15.74 -44.29 -1.96
N ILE C 224 16.67 -43.34 -2.13
CA ILE C 224 16.90 -42.32 -1.13
C ILE C 224 15.80 -41.26 -1.23
N GLY C 225 15.14 -40.99 -0.10
CA GLY C 225 14.08 -40.01 -0.06
C GLY C 225 12.72 -40.51 -0.52
N TYR C 226 12.57 -41.81 -0.75
CA TYR C 226 11.32 -42.40 -1.19
C TYR C 226 10.58 -42.97 0.02
N HIS C 227 9.44 -42.38 0.35
CA HIS C 227 8.58 -42.88 1.42
C HIS C 227 7.25 -43.30 0.82
N TYR C 228 6.81 -44.51 1.17
CA TYR C 228 5.62 -45.11 0.57
C TYR C 228 4.68 -45.54 1.68
N ILE C 229 3.38 -45.36 1.47
CA ILE C 229 2.34 -45.92 2.32
C ILE C 229 1.41 -46.73 1.43
N LEU C 230 1.42 -48.05 1.60
CA LEU C 230 0.58 -48.95 0.82
C LEU C 230 -0.71 -49.18 1.60
N ALA C 231 -1.79 -48.53 1.15
CA ALA C 231 -3.08 -48.63 1.83
C ALA C 231 -3.73 -49.98 1.53
N ASN C 232 -3.42 -50.98 2.36
CA ASN C 232 -3.91 -52.34 2.13
C ASN C 232 -3.89 -53.06 3.46
N LEU C 233 -4.87 -53.94 3.68
CA LEU C 233 -4.92 -54.77 4.88
C LEU C 233 -4.04 -56.00 4.78
N GLY C 234 -3.36 -56.21 3.65
CA GLY C 234 -2.56 -57.38 3.41
C GLY C 234 -1.08 -57.07 3.22
N PHE C 235 -0.52 -56.24 4.11
CA PHE C 235 0.87 -55.81 3.98
C PHE C 235 1.86 -56.96 4.07
N MET C 236 1.55 -58.00 4.85
CA MET C 236 2.38 -59.19 4.84
C MET C 236 2.19 -60.03 3.57
N ASP C 237 1.05 -59.87 2.91
CA ASP C 237 0.80 -60.60 1.67
C ASP C 237 1.46 -59.96 0.47
N ILE C 238 1.99 -58.75 0.61
CA ILE C 238 2.64 -58.05 -0.49
C ILE C 238 4.01 -58.67 -0.72
N ASP C 239 4.32 -58.96 -1.98
CA ASP C 239 5.60 -59.56 -2.35
C ASP C 239 6.71 -58.53 -2.17
N LEU C 240 7.36 -58.54 -1.01
CA LEU C 240 8.40 -57.57 -0.68
C LEU C 240 9.79 -58.03 -1.12
N ASN C 241 9.88 -59.17 -1.81
CA ASN C 241 11.17 -59.68 -2.28
C ASN C 241 11.78 -58.81 -3.36
N LYS C 242 10.98 -57.99 -4.05
CA LYS C 242 11.51 -57.00 -4.97
C LYS C 242 12.09 -55.79 -4.26
N PHE C 243 11.85 -55.65 -2.95
CA PHE C 243 12.38 -54.54 -2.18
C PHE C 243 13.65 -54.89 -1.43
N LYS C 244 14.33 -55.96 -1.83
CA LYS C 244 15.60 -56.33 -1.22
C LYS C 244 16.69 -55.38 -1.70
N GLU C 245 17.49 -54.88 -0.74
CA GLU C 245 18.55 -53.89 -0.97
C GLU C 245 18.02 -52.62 -1.63
N SER C 246 16.83 -52.19 -1.22
CA SER C 246 16.20 -51.00 -1.74
C SER C 246 16.06 -49.97 -0.63
N GLY C 247 15.90 -48.71 -1.02
CA GLY C 247 15.74 -47.64 -0.05
C GLY C 247 14.29 -47.38 0.30
N ALA C 248 13.42 -48.32 -0.02
CA ALA C 248 11.99 -48.18 0.24
C ALA C 248 11.70 -48.24 1.73
N ASN C 249 10.98 -47.24 2.23
CA ASN C 249 10.77 -47.01 3.65
C ASN C 249 9.28 -47.23 3.94
N VAL C 250 8.76 -48.33 3.39
CA VAL C 250 7.31 -48.51 3.26
C VAL C 250 6.66 -48.82 4.61
N THR C 251 5.52 -48.17 4.85
CA THR C 251 4.70 -48.43 6.04
C THR C 251 3.32 -48.89 5.57
N GLY C 252 2.82 -49.97 6.18
CA GLY C 252 1.54 -50.54 5.80
C GLY C 252 0.70 -50.92 6.99
N PHE C 253 -0.50 -51.43 6.67
CA PHE C 253 -1.50 -51.79 7.66
C PHE C 253 -1.67 -53.30 7.72
N GLN C 254 -1.98 -53.81 8.91
CA GLN C 254 -2.13 -55.24 9.14
C GLN C 254 -3.41 -55.49 9.93
N LEU C 255 -4.16 -56.52 9.50
CA LEU C 255 -5.39 -56.92 10.15
C LEU C 255 -5.26 -58.21 10.95
N VAL C 256 -4.56 -59.21 10.41
CA VAL C 256 -4.51 -60.54 11.01
C VAL C 256 -3.12 -60.80 11.54
N ASN C 257 -3.02 -61.10 12.83
CA ASN C 257 -1.80 -61.60 13.44
C ASN C 257 -1.90 -63.13 13.48
N TYR C 258 -1.15 -63.79 12.60
CA TYR C 258 -1.29 -65.23 12.38
C TYR C 258 -0.74 -66.08 13.52
N THR C 259 -0.11 -65.48 14.52
CA THR C 259 0.49 -66.21 15.63
C THR C 259 -0.24 -65.93 16.94
N ASP C 260 -1.20 -64.99 16.92
CA ASP C 260 -2.05 -64.75 18.08
C ASP C 260 -2.93 -65.98 18.36
N THR C 261 -3.28 -66.16 19.64
CA THR C 261 -3.62 -67.48 20.19
C THR C 261 -4.86 -68.09 19.54
N ILE C 262 -5.95 -67.35 19.48
CA ILE C 262 -7.16 -67.83 18.81
C ILE C 262 -6.97 -67.84 17.27
N PRO C 263 -6.38 -66.80 16.62
CA PRO C 263 -6.05 -67.00 15.19
C PRO C 263 -5.05 -68.10 14.90
N ALA C 264 -4.04 -68.32 15.74
CA ALA C 264 -3.13 -69.43 15.49
C ALA C 264 -3.78 -70.77 15.80
N ARG C 265 -4.79 -70.78 16.66
CA ARG C 265 -5.59 -71.99 16.84
C ARG C 265 -6.38 -72.33 15.58
N ILE C 266 -6.96 -71.31 14.95
CA ILE C 266 -7.64 -71.49 13.66
C ILE C 266 -6.65 -71.92 12.59
N MET C 267 -5.44 -71.34 12.63
CA MET C 267 -4.34 -71.73 11.75
C MET C 267 -4.00 -73.20 11.89
N GLN C 268 -3.82 -73.66 13.12
CA GLN C 268 -3.49 -75.06 13.39
C GLN C 268 -4.63 -75.99 12.98
N GLN C 269 -5.88 -75.52 13.12
CA GLN C 269 -7.03 -76.32 12.66
C GLN C 269 -7.01 -76.52 11.15
N TRP C 270 -6.77 -75.46 10.38
CA TRP C 270 -6.74 -75.72 8.94
C TRP C 270 -5.42 -76.35 8.48
N ARG C 271 -4.36 -76.29 9.29
CA ARG C 271 -3.18 -77.09 8.98
C ARG C 271 -3.46 -78.58 9.18
N THR C 272 -4.19 -78.93 10.24
CA THR C 272 -4.56 -80.32 10.46
C THR C 272 -5.59 -80.79 9.43
N SER C 273 -6.40 -79.89 8.90
CA SER C 273 -7.28 -80.30 7.80
C SER C 273 -6.52 -80.44 6.48
N ASP C 274 -5.34 -79.84 6.37
CA ASP C 274 -4.52 -79.93 5.15
C ASP C 274 -3.56 -81.10 5.18
N SER C 275 -3.79 -82.08 6.04
CA SER C 275 -2.92 -83.25 6.07
C SER C 275 -3.67 -84.57 6.19
N ARG C 276 -4.98 -84.58 6.37
CA ARG C 276 -5.70 -85.82 6.59
C ARG C 276 -6.41 -86.33 5.33
N ASP C 277 -7.36 -85.57 4.79
CA ASP C 277 -8.06 -86.10 3.63
C ASP C 277 -7.51 -85.52 2.32
N HIS C 278 -7.86 -84.26 2.04
CA HIS C 278 -7.57 -83.45 0.85
C HIS C 278 -8.21 -82.08 1.03
N THR C 279 -7.68 -81.10 0.28
CA THR C 279 -8.33 -79.80 0.10
C THR C 279 -8.08 -79.33 -1.34
N ARG C 280 -8.56 -78.13 -1.63
CA ARG C 280 -8.36 -77.44 -2.90
C ARG C 280 -7.00 -76.76 -2.97
N VAL C 281 -6.88 -75.78 -3.87
CA VAL C 281 -5.69 -75.01 -4.22
C VAL C 281 -4.89 -74.56 -2.99
N ASP C 282 -3.57 -74.61 -3.09
CA ASP C 282 -2.60 -74.75 -2.01
C ASP C 282 -2.39 -73.44 -1.24
N TRP C 283 -1.30 -73.38 -0.48
CA TRP C 283 -1.12 -72.43 0.62
C TRP C 283 0.28 -71.85 0.62
N LYS C 284 0.70 -71.30 1.77
CA LYS C 284 1.95 -70.65 2.15
C LYS C 284 2.00 -69.19 1.69
N ARG C 285 0.99 -68.70 0.98
CA ARG C 285 0.85 -67.27 0.70
C ARG C 285 -0.60 -66.92 0.96
N PRO C 286 -0.92 -66.45 2.18
CA PRO C 286 -2.33 -66.25 2.54
C PRO C 286 -2.91 -65.00 1.89
N LYS C 287 -4.21 -64.83 2.09
CA LYS C 287 -4.93 -63.64 1.67
C LYS C 287 -5.89 -63.22 2.77
N TYR C 288 -6.01 -61.92 2.97
CA TYR C 288 -6.93 -61.40 3.99
C TYR C 288 -8.39 -61.59 3.57
N THR C 289 -8.64 -61.71 2.27
CA THR C 289 -9.99 -61.95 1.78
C THR C 289 -10.49 -63.33 2.20
N SER C 290 -9.59 -64.32 2.27
CA SER C 290 -9.98 -65.64 2.74
C SER C 290 -10.28 -65.62 4.24
N ALA C 291 -9.55 -64.83 5.01
CA ALA C 291 -9.84 -64.69 6.43
C ALA C 291 -11.18 -63.98 6.64
N LEU C 292 -11.47 -62.98 5.81
CA LEU C 292 -12.78 -62.34 5.86
C LEU C 292 -13.89 -63.30 5.45
N THR C 293 -13.61 -64.20 4.50
CA THR C 293 -14.58 -65.23 4.12
C THR C 293 -14.89 -66.16 5.27
N TYR C 294 -13.84 -66.64 5.95
CA TYR C 294 -14.00 -67.51 7.12
C TYR C 294 -14.79 -66.82 8.23
N ASP C 295 -14.45 -65.56 8.51
CA ASP C 295 -15.14 -64.83 9.57
C ASP C 295 -16.58 -64.50 9.19
N GLY C 296 -16.87 -64.28 7.90
CA GLY C 296 -18.23 -64.03 7.49
C GLY C 296 -19.10 -65.27 7.56
N VAL C 297 -18.53 -66.42 7.21
CA VAL C 297 -19.28 -67.67 7.38
C VAL C 297 -19.49 -67.97 8.87
N LYS C 298 -18.54 -67.56 9.72
CA LYS C 298 -18.76 -67.71 11.17
C LYS C 298 -19.84 -66.75 11.66
N VAL C 299 -19.93 -65.55 11.08
CA VAL C 299 -21.02 -64.63 11.37
C VAL C 299 -22.37 -65.26 11.01
N MET C 300 -22.45 -65.85 9.81
CA MET C 300 -23.71 -66.46 9.36
C MET C 300 -24.08 -67.66 10.22
N ALA C 301 -23.07 -68.44 10.64
CA ALA C 301 -23.31 -69.58 11.51
C ALA C 301 -23.81 -69.16 12.88
N GLU C 302 -23.19 -68.14 13.48
CA GLU C 302 -23.67 -67.63 14.77
C GLU C 302 -25.04 -66.98 14.66
N ALA C 303 -25.36 -66.39 13.49
CA ALA C 303 -26.67 -65.80 13.31
C ALA C 303 -27.76 -66.86 13.19
N PHE C 304 -27.51 -67.93 12.43
CA PHE C 304 -28.50 -69.00 12.38
C PHE C 304 -28.60 -69.78 13.68
N GLN C 305 -27.50 -69.87 14.46
CA GLN C 305 -27.61 -70.47 15.78
C GLN C 305 -28.41 -69.60 16.75
N SER C 306 -28.28 -68.27 16.62
CA SER C 306 -29.10 -67.37 17.42
C SER C 306 -30.56 -67.42 16.99
N LEU C 307 -30.83 -67.62 15.70
CA LEU C 307 -32.21 -67.82 15.25
C LEU C 307 -32.76 -69.15 15.74
N ARG C 308 -31.91 -70.16 15.89
CA ARG C 308 -32.36 -71.45 16.41
C ARG C 308 -32.68 -71.36 17.90
N ARG C 309 -31.78 -70.75 18.69
CA ARG C 309 -31.99 -70.73 20.13
C ARG C 309 -33.00 -69.68 20.59
N GLN C 310 -33.49 -68.83 19.69
CA GLN C 310 -34.59 -67.93 20.03
C GLN C 310 -35.95 -68.50 19.62
N ARG C 311 -35.97 -69.70 19.02
CA ARG C 311 -37.18 -70.41 18.63
C ARG C 311 -38.05 -69.61 17.66
N ILE C 312 -37.41 -68.92 16.72
CA ILE C 312 -38.10 -68.13 15.72
C ILE C 312 -38.06 -68.91 14.40
N ASP C 313 -39.23 -69.31 13.92
CA ASP C 313 -39.31 -70.13 12.73
C ASP C 313 -39.07 -69.30 11.47
N ILE C 314 -38.52 -69.94 10.44
CA ILE C 314 -38.30 -69.33 9.13
C ILE C 314 -39.08 -70.18 8.13
N SER C 315 -40.29 -69.74 7.80
CA SER C 315 -41.12 -70.45 6.84
C SER C 315 -40.72 -70.03 5.41
N ARG C 316 -41.40 -70.61 4.43
CA ARG C 316 -41.10 -70.28 3.04
C ARG C 316 -42.35 -70.45 2.19
N ARG C 317 -42.39 -69.71 1.09
CA ARG C 317 -43.42 -69.83 0.07
C ARG C 317 -42.76 -69.89 -1.31
N GLY C 318 -41.55 -70.44 -1.36
CA GLY C 318 -40.75 -70.45 -2.57
C GLY C 318 -41.15 -71.51 -3.58
N ASN C 319 -42.35 -71.40 -4.13
CA ASN C 319 -42.78 -72.26 -5.24
C ASN C 319 -42.40 -71.58 -6.55
N ALA C 320 -41.09 -71.59 -6.82
CA ALA C 320 -40.44 -70.84 -7.89
C ALA C 320 -40.79 -69.35 -7.82
N GLY C 321 -40.35 -68.72 -6.73
CA GLY C 321 -40.64 -67.33 -6.46
C GLY C 321 -40.05 -66.36 -7.47
N ASP C 322 -40.86 -65.41 -7.92
CA ASP C 322 -40.42 -64.49 -8.97
C ASP C 322 -39.46 -63.45 -8.40
N CYS C 323 -38.42 -63.15 -9.19
CA CYS C 323 -37.45 -62.15 -8.80
C CYS C 323 -37.94 -60.74 -9.12
N LEU C 324 -38.57 -60.57 -10.27
CA LEU C 324 -39.05 -59.27 -10.73
C LEU C 324 -40.57 -59.29 -10.77
N ALA C 325 -41.20 -58.36 -10.07
CA ALA C 325 -42.64 -58.26 -10.03
C ALA C 325 -43.04 -56.79 -9.99
N ASN C 326 -44.34 -56.54 -10.07
CA ASN C 326 -44.84 -55.18 -10.01
C ASN C 326 -46.16 -55.15 -9.23
N PRO C 327 -46.18 -54.58 -8.02
CA PRO C 327 -45.04 -53.97 -7.31
C PRO C 327 -44.16 -54.98 -6.59
N ALA C 328 -43.23 -54.49 -5.78
CA ALA C 328 -42.35 -55.36 -5.03
C ALA C 328 -43.10 -56.02 -3.88
N VAL C 329 -42.82 -57.30 -3.67
CA VAL C 329 -43.39 -58.06 -2.56
C VAL C 329 -42.28 -58.26 -1.52
N PRO C 330 -42.31 -57.53 -0.41
CA PRO C 330 -41.23 -57.67 0.58
C PRO C 330 -41.34 -58.99 1.33
N TRP C 331 -40.26 -59.75 1.32
CA TRP C 331 -40.18 -60.98 2.11
C TRP C 331 -40.07 -60.58 3.58
N GLY C 332 -41.20 -60.65 4.29
CA GLY C 332 -41.34 -60.07 5.62
C GLY C 332 -40.52 -60.72 6.70
N GLN C 333 -39.97 -61.90 6.45
CA GLN C 333 -39.14 -62.58 7.44
C GLN C 333 -37.71 -62.07 7.48
N GLY C 334 -37.32 -61.22 6.52
CA GLY C 334 -35.93 -60.81 6.40
C GLY C 334 -35.42 -59.90 7.50
N ILE C 335 -36.32 -59.23 8.22
CA ILE C 335 -35.88 -58.34 9.29
C ILE C 335 -35.36 -59.14 10.48
N ASP C 336 -35.86 -60.37 10.67
CA ASP C 336 -35.36 -61.20 11.76
C ASP C 336 -33.95 -61.71 11.47
N ILE C 337 -33.70 -62.15 10.22
CA ILE C 337 -32.37 -62.55 9.80
C ILE C 337 -31.42 -61.35 9.83
N GLN C 338 -31.93 -60.16 9.49
CA GLN C 338 -31.10 -58.95 9.52
C GLN C 338 -30.72 -58.56 10.94
N ARG C 339 -31.65 -58.67 11.88
CA ARG C 339 -31.32 -58.36 13.27
C ARG C 339 -30.46 -59.44 13.90
N ALA C 340 -30.56 -60.69 13.42
CA ALA C 340 -29.67 -61.74 13.91
C ALA C 340 -28.25 -61.55 13.39
N LEU C 341 -28.12 -61.18 12.12
CA LEU C 341 -26.80 -60.92 11.54
C LEU C 341 -26.19 -59.63 12.07
N GLN C 342 -27.02 -58.67 12.48
CA GLN C 342 -26.49 -57.40 12.97
C GLN C 342 -25.87 -57.55 14.36
N GLN C 343 -26.36 -58.49 15.16
CA GLN C 343 -25.94 -58.64 16.55
C GLN C 343 -24.92 -59.75 16.74
N VAL C 344 -24.03 -59.95 15.77
CA VAL C 344 -22.97 -60.95 15.87
C VAL C 344 -21.72 -60.28 16.45
N ARG C 345 -21.11 -60.92 17.44
CA ARG C 345 -20.01 -60.33 18.19
C ARG C 345 -19.08 -61.45 18.64
N PHE C 346 -17.88 -61.52 18.08
CA PHE C 346 -16.93 -62.56 18.53
C PHE C 346 -15.51 -62.11 18.23
N GLU C 347 -14.56 -63.03 18.44
CA GLU C 347 -13.14 -62.83 18.18
C GLU C 347 -12.70 -63.94 17.23
N GLY C 348 -12.68 -63.64 15.93
CA GLY C 348 -12.30 -64.58 14.91
C GLY C 348 -10.93 -64.30 14.34
N LEU C 349 -10.70 -64.81 13.12
CA LEU C 349 -9.38 -64.81 12.52
C LEU C 349 -8.91 -63.41 12.15
N THR C 350 -9.83 -62.51 11.83
CA THR C 350 -9.51 -61.10 11.63
C THR C 350 -9.61 -60.28 12.90
N GLY C 351 -9.42 -60.91 14.06
CA GLY C 351 -9.51 -60.18 15.31
C GLY C 351 -10.96 -60.02 15.75
N ASN C 352 -11.31 -58.86 16.26
CA ASN C 352 -12.67 -58.61 16.72
C ASN C 352 -13.61 -58.50 15.54
N VAL C 353 -14.74 -59.21 15.59
CA VAL C 353 -15.79 -59.14 14.58
C VAL C 353 -17.04 -58.62 15.26
N GLN C 354 -17.56 -57.49 14.76
CA GLN C 354 -18.72 -56.80 15.32
C GLN C 354 -19.26 -55.77 14.33
N PHE C 355 -20.57 -55.77 14.10
CA PHE C 355 -21.21 -54.87 13.15
C PHE C 355 -21.91 -53.73 13.88
N ASN C 356 -22.07 -52.61 13.18
CA ASN C 356 -22.77 -51.46 13.71
C ASN C 356 -24.25 -51.53 13.35
N GLU C 357 -24.97 -50.42 13.53
CA GLU C 357 -26.38 -50.39 13.17
C GLU C 357 -26.59 -50.28 11.66
N LYS C 358 -25.56 -49.90 10.91
CA LYS C 358 -25.67 -49.78 9.45
C LYS C 358 -25.15 -51.00 8.71
N GLY C 359 -24.37 -51.86 9.36
CA GLY C 359 -23.83 -53.03 8.70
C GLY C 359 -22.36 -52.94 8.34
N ARG C 360 -21.62 -52.02 8.95
CA ARG C 360 -20.19 -51.89 8.72
C ARG C 360 -19.42 -52.27 9.97
N ARG C 361 -18.11 -52.39 9.82
CA ARG C 361 -17.26 -52.86 10.90
C ARG C 361 -16.90 -51.72 11.85
N THR C 362 -17.06 -51.98 13.14
CA THR C 362 -16.65 -51.08 14.21
C THR C 362 -16.02 -51.91 15.32
N ASN C 363 -15.43 -51.21 16.30
CA ASN C 363 -14.96 -51.79 17.57
C ASN C 363 -13.85 -52.81 17.30
N TYR C 364 -12.94 -52.46 16.39
CA TYR C 364 -11.87 -53.32 15.93
C TYR C 364 -10.51 -52.63 16.09
N THR C 365 -9.47 -53.27 15.55
CA THR C 365 -8.09 -52.83 15.74
C THR C 365 -7.28 -53.12 14.49
N LEU C 366 -6.55 -52.12 13.99
CA LEU C 366 -5.66 -52.27 12.84
C LEU C 366 -4.25 -51.90 13.25
N HIS C 367 -3.30 -52.78 12.98
CA HIS C 367 -1.91 -52.56 13.40
C HIS C 367 -1.14 -51.87 12.28
N VAL C 368 -0.10 -51.12 12.66
CA VAL C 368 0.70 -50.35 11.71
C VAL C 368 2.12 -50.90 11.74
N ILE C 369 2.61 -51.34 10.59
CA ILE C 369 3.91 -52.01 10.49
C ILE C 369 4.77 -51.28 9.48
N GLU C 370 5.94 -50.81 9.91
CA GLU C 370 6.91 -50.17 9.04
C GLU C 370 7.99 -51.16 8.64
N MET C 371 8.38 -51.10 7.36
CA MET C 371 9.40 -52.00 6.83
C MET C 371 10.51 -51.16 6.23
N LYS C 372 11.75 -51.40 6.69
CA LYS C 372 12.92 -50.70 6.17
C LYS C 372 14.15 -51.53 6.45
N HIS C 373 14.83 -51.98 5.39
CA HIS C 373 16.10 -52.73 5.44
C HIS C 373 15.97 -54.00 6.28
N ASP C 374 14.98 -54.82 5.91
CA ASP C 374 14.61 -56.07 6.59
C ASP C 374 14.24 -55.83 8.05
N GLY C 375 13.74 -54.64 8.35
CA GLY C 375 13.27 -54.31 9.68
C GLY C 375 11.76 -54.38 9.76
N ILE C 376 11.24 -55.49 10.29
CA ILE C 376 9.80 -55.63 10.44
C ILE C 376 9.43 -55.07 11.81
N ARG C 377 9.11 -53.78 11.85
CA ARG C 377 8.87 -53.09 13.10
C ARG C 377 7.40 -52.69 13.20
N LYS C 378 6.87 -52.79 14.41
CA LYS C 378 5.49 -52.45 14.72
C LYS C 378 5.48 -51.09 15.38
N ILE C 379 4.84 -50.11 14.74
CA ILE C 379 4.76 -48.77 15.31
C ILE C 379 3.72 -48.74 16.42
N GLY C 380 2.50 -49.14 16.10
CA GLY C 380 1.41 -49.17 17.08
C GLY C 380 0.14 -49.68 16.46
N TYR C 381 -1.01 -49.25 16.99
CA TYR C 381 -2.28 -49.69 16.42
C TYR C 381 -3.28 -48.55 16.41
N TRP C 382 -4.42 -48.83 15.77
CA TRP C 382 -5.44 -47.87 15.43
C TRP C 382 -6.81 -48.45 15.75
N ASN C 383 -7.68 -47.63 16.32
CA ASN C 383 -9.05 -48.02 16.65
C ASN C 383 -9.93 -46.78 16.52
N GLU C 384 -11.12 -46.83 17.09
CA GLU C 384 -12.11 -45.77 16.90
C GLU C 384 -12.31 -44.87 18.11
N ASP C 385 -12.14 -45.38 19.33
CA ASP C 385 -12.38 -44.58 20.52
C ASP C 385 -11.10 -43.96 21.08
N ASP C 386 -9.96 -44.61 20.86
CA ASP C 386 -8.67 -44.23 21.42
C ASP C 386 -7.66 -44.07 20.29
N LYS C 387 -8.03 -43.23 19.31
CA LYS C 387 -7.81 -43.37 17.87
C LYS C 387 -6.53 -44.06 17.42
N PHE C 388 -5.37 -43.51 17.78
CA PHE C 388 -4.11 -44.08 17.34
C PHE C 388 -3.12 -44.05 18.50
N VAL C 389 -2.50 -45.21 18.77
CA VAL C 389 -1.49 -45.28 19.82
C VAL C 389 -0.21 -45.90 19.27
N PRO C 390 0.96 -45.37 19.63
CA PRO C 390 2.22 -46.02 19.23
C PRO C 390 2.65 -47.08 20.23
N ALA C 391 3.83 -47.65 20.00
CA ALA C 391 4.39 -48.63 20.92
C ALA C 391 5.91 -48.59 20.90
N ARG C 407 32.10 -40.54 20.27
CA ARG C 407 31.84 -40.17 18.89
C ARG C 407 33.05 -39.50 18.26
N THR C 408 32.97 -39.23 16.96
CA THR C 408 34.04 -38.57 16.22
C THR C 408 33.51 -37.26 15.68
N TYR C 409 34.43 -36.38 15.27
CA TYR C 409 34.05 -35.06 14.76
C TYR C 409 34.94 -34.67 13.57
N ILE C 410 34.34 -34.04 12.57
CA ILE C 410 35.05 -33.68 11.35
C ILE C 410 35.39 -32.19 11.40
N VAL C 411 36.67 -31.89 11.23
CA VAL C 411 37.15 -30.50 11.17
C VAL C 411 37.67 -30.25 9.77
N THR C 412 37.10 -29.25 9.09
CA THR C 412 37.52 -28.91 7.75
C THR C 412 38.26 -27.58 7.74
N THR C 413 39.15 -27.43 6.75
CA THR C 413 39.98 -26.24 6.59
C THR C 413 40.48 -26.20 5.15
N ILE C 414 41.37 -25.26 4.86
CA ILE C 414 41.93 -25.06 3.54
C ILE C 414 43.40 -24.69 3.70
N LEU C 415 44.19 -24.99 2.67
CA LEU C 415 45.62 -24.70 2.67
C LEU C 415 45.83 -23.21 2.54
N GLU C 416 46.08 -22.53 3.67
CA GLU C 416 46.39 -21.12 3.68
C GLU C 416 47.52 -20.84 4.65
N ASP C 417 48.43 -19.95 4.25
CA ASP C 417 49.58 -19.54 5.04
C ASP C 417 49.20 -18.37 5.94
N PRO C 418 49.67 -18.35 7.20
CA PRO C 418 50.41 -19.42 7.88
C PRO C 418 49.50 -20.35 8.65
N TYR C 419 48.21 -20.38 8.27
CA TYR C 419 47.23 -21.11 9.05
C TYR C 419 47.39 -22.61 8.88
N VAL C 420 47.36 -23.08 7.65
CA VAL C 420 47.57 -24.49 7.33
C VAL C 420 48.75 -24.58 6.38
N MET C 421 49.83 -25.19 6.84
CA MET C 421 51.05 -25.31 6.05
C MET C 421 51.45 -26.78 5.94
N LEU C 422 52.04 -27.12 4.81
CA LEU C 422 52.54 -28.49 4.62
C LEU C 422 53.80 -28.70 5.45
N LYS C 423 53.86 -29.85 6.12
CA LYS C 423 55.06 -30.20 6.85
C LYS C 423 56.16 -30.64 5.89
N LYS C 424 57.39 -30.67 6.40
CA LYS C 424 58.51 -31.12 5.59
C LYS C 424 58.47 -32.62 5.37
N ASN C 425 58.24 -33.38 6.44
CA ASN C 425 58.09 -34.83 6.35
C ASN C 425 56.62 -35.21 6.23
N ALA C 426 55.95 -34.58 5.26
CA ALA C 426 54.54 -34.86 5.04
C ALA C 426 54.31 -36.26 4.47
N ASN C 427 55.26 -36.76 3.66
CA ASN C 427 55.20 -38.14 3.22
C ASN C 427 55.55 -39.11 4.34
N GLN C 428 56.25 -38.65 5.37
CA GLN C 428 56.65 -39.48 6.49
C GLN C 428 55.77 -39.28 7.72
N PHE C 429 54.67 -38.54 7.59
CA PHE C 429 53.76 -38.31 8.70
C PHE C 429 52.42 -38.96 8.39
N GLU C 430 51.57 -39.03 9.42
CA GLU C 430 50.25 -39.63 9.29
C GLU C 430 49.29 -38.96 10.25
N GLY C 431 48.00 -39.08 9.94
CA GLY C 431 46.98 -38.55 10.83
C GLY C 431 46.81 -37.05 10.71
N ASN C 432 46.35 -36.44 11.81
CA ASN C 432 46.13 -35.00 11.86
C ASN C 432 47.41 -34.20 11.99
N ASP C 433 48.52 -34.84 12.32
CA ASP C 433 49.80 -34.15 12.49
C ASP C 433 50.55 -33.94 11.18
N ARG C 434 49.91 -34.19 10.04
CA ARG C 434 50.56 -33.98 8.75
C ARG C 434 50.70 -32.51 8.41
N TYR C 435 49.95 -31.64 9.07
CA TYR C 435 49.99 -30.20 8.82
C TYR C 435 50.49 -29.48 10.06
N GLU C 436 50.66 -28.17 9.93
CA GLU C 436 51.11 -27.33 11.02
C GLU C 436 50.71 -25.89 10.74
N GLY C 437 50.65 -25.09 11.80
CA GLY C 437 50.31 -23.69 11.67
C GLY C 437 49.47 -23.13 12.80
N TYR C 438 48.72 -22.07 12.50
CA TYR C 438 47.94 -21.39 13.53
C TYR C 438 46.65 -22.12 13.86
N CYS C 439 45.86 -22.45 12.85
CA CYS C 439 44.56 -23.08 13.08
C CYS C 439 44.70 -24.52 13.57
N VAL C 440 45.81 -25.19 13.25
CA VAL C 440 46.05 -26.54 13.74
C VAL C 440 46.20 -26.53 15.27
N GLU C 441 47.05 -25.64 15.78
CA GLU C 441 47.22 -25.51 17.22
C GLU C 441 45.99 -24.89 17.87
N LEU C 442 45.24 -24.08 17.11
CA LEU C 442 43.97 -23.55 17.62
C LEU C 442 42.96 -24.65 17.88
N ALA C 443 42.77 -25.53 16.89
CA ALA C 443 41.88 -26.68 17.06
C ALA C 443 42.41 -27.65 18.09
N ALA C 444 43.73 -27.73 18.25
CA ALA C 444 44.31 -28.56 19.31
C ALA C 444 43.98 -28.00 20.68
N GLU C 445 44.02 -26.67 20.84
CA GLU C 445 43.63 -26.06 22.11
C GLU C 445 42.13 -26.20 22.37
N ILE C 446 41.32 -26.13 21.31
CA ILE C 446 39.88 -26.35 21.46
C ILE C 446 39.59 -27.78 21.91
N ALA C 447 40.24 -28.76 21.28
CA ALA C 447 40.06 -30.15 21.68
C ALA C 447 40.68 -30.44 23.04
N LYS C 448 41.64 -29.63 23.47
CA LYS C 448 42.18 -29.79 24.83
C LYS C 448 41.21 -29.25 25.87
N HIS C 449 40.64 -28.07 25.62
CA HIS C 449 39.72 -27.46 26.59
C HIS C 449 38.32 -28.05 26.56
N VAL C 450 37.95 -28.80 25.53
CA VAL C 450 36.66 -29.47 25.48
C VAL C 450 36.80 -30.96 25.74
N GLY C 451 37.75 -31.63 25.10
CA GLY C 451 37.98 -33.04 25.35
C GLY C 451 37.28 -33.97 24.38
N TYR C 452 37.49 -33.77 23.09
CA TYR C 452 36.87 -34.61 22.07
C TYR C 452 37.91 -34.99 21.03
N SER C 453 37.61 -36.05 20.29
CA SER C 453 38.44 -36.46 19.16
C SER C 453 37.95 -35.77 17.89
N TYR C 454 38.90 -35.38 17.05
CA TYR C 454 38.60 -34.62 15.83
C TYR C 454 39.27 -35.31 14.65
N ARG C 455 39.07 -34.72 13.47
CA ARG C 455 39.68 -35.20 12.24
C ARG C 455 39.84 -34.02 11.29
N LEU C 456 41.08 -33.72 10.92
CA LEU C 456 41.34 -32.58 10.04
C LEU C 456 41.06 -32.95 8.59
N GLU C 457 40.27 -32.12 7.92
CA GLU C 457 39.88 -32.36 6.54
C GLU C 457 40.24 -31.15 5.68
N ILE C 458 40.42 -31.40 4.38
CA ILE C 458 40.74 -30.38 3.40
C ILE C 458 39.58 -30.28 2.43
N VAL C 459 39.14 -29.04 2.17
CA VAL C 459 38.03 -28.82 1.24
C VAL C 459 38.51 -29.11 -0.18
N SER C 460 37.58 -29.54 -1.03
CA SER C 460 37.91 -30.00 -2.37
C SER C 460 38.01 -28.85 -3.38
N ASP C 461 36.98 -28.02 -3.46
CA ASP C 461 36.89 -27.01 -4.51
C ASP C 461 37.84 -25.84 -4.32
N GLY C 462 38.42 -25.68 -3.13
CA GLY C 462 39.25 -24.52 -2.86
C GLY C 462 38.48 -23.23 -2.65
N LYS C 463 37.17 -23.31 -2.44
CA LYS C 463 36.34 -22.14 -2.22
C LYS C 463 35.98 -22.02 -0.74
N TYR C 464 35.87 -20.78 -0.27
CA TYR C 464 35.55 -20.54 1.13
C TYR C 464 34.06 -20.72 1.39
N GLY C 465 33.25 -19.87 0.77
CA GLY C 465 31.81 -20.00 0.83
C GLY C 465 31.12 -18.95 -0.01
N ALA C 466 30.17 -19.37 -0.85
CA ALA C 466 29.46 -18.46 -1.72
C ALA C 466 28.16 -19.12 -2.15
N ARG C 467 27.11 -18.31 -2.23
CA ARG C 467 25.79 -18.77 -2.64
C ARG C 467 25.53 -18.27 -4.05
N ASP C 468 25.47 -19.19 -5.00
CA ASP C 468 25.14 -18.86 -6.38
C ASP C 468 23.66 -18.50 -6.44
N PRO C 469 23.30 -17.26 -6.78
CA PRO C 469 21.88 -16.87 -6.76
C PRO C 469 21.04 -17.51 -7.86
N ASP C 470 21.68 -18.08 -8.89
CA ASP C 470 20.92 -18.78 -9.93
C ASP C 470 20.43 -20.12 -9.43
N THR C 471 21.27 -20.85 -8.70
CA THR C 471 20.93 -22.18 -8.23
C THR C 471 20.49 -22.21 -6.77
N LYS C 472 20.67 -21.09 -6.04
CA LYS C 472 20.41 -20.97 -4.61
C LYS C 472 21.16 -22.04 -3.81
N ALA C 473 22.44 -22.21 -4.16
CA ALA C 473 23.27 -23.25 -3.56
C ALA C 473 24.57 -22.67 -3.07
N TRP C 474 25.02 -23.13 -1.91
CA TRP C 474 26.30 -22.73 -1.35
C TRP C 474 27.41 -23.68 -1.81
N ASN C 475 28.62 -23.16 -1.90
CA ASN C 475 29.78 -23.98 -2.19
C ASN C 475 30.83 -23.85 -1.10
N GLY C 476 31.83 -24.71 -1.16
CA GLY C 476 32.92 -24.66 -0.20
C GLY C 476 32.54 -25.24 1.15
N MET C 477 33.25 -24.78 2.18
CA MET C 477 33.05 -25.27 3.55
C MET C 477 31.68 -24.88 4.10
N VAL C 478 31.11 -23.78 3.63
CA VAL C 478 29.75 -23.40 4.02
C VAL C 478 28.75 -24.44 3.52
N GLY C 479 28.88 -24.82 2.25
CA GLY C 479 28.01 -25.86 1.71
C GLY C 479 28.30 -27.23 2.29
N GLU C 480 29.53 -27.46 2.74
CA GLU C 480 29.83 -28.71 3.44
C GLU C 480 29.18 -28.74 4.82
N LEU C 481 29.08 -27.59 5.48
CA LEU C 481 28.40 -27.54 6.77
C LEU C 481 26.88 -27.61 6.61
N VAL C 482 26.35 -27.04 5.52
CA VAL C 482 24.90 -27.07 5.31
C VAL C 482 24.44 -28.48 4.96
N TYR C 483 25.12 -29.12 4.02
CA TYR C 483 24.76 -30.47 3.58
C TYR C 483 25.39 -31.56 4.45
N GLY C 484 25.95 -31.21 5.60
CA GLY C 484 26.38 -32.21 6.56
C GLY C 484 27.67 -32.92 6.24
N ARG C 485 28.50 -32.35 5.36
CA ARG C 485 29.77 -32.99 5.05
C ARG C 485 30.82 -32.80 6.13
N ALA C 486 30.65 -31.81 7.01
CA ALA C 486 31.60 -31.55 8.08
C ALA C 486 30.85 -31.16 9.34
N ASP C 487 31.58 -31.09 10.45
CA ASP C 487 31.00 -30.75 11.75
C ASP C 487 31.34 -29.33 12.17
N VAL C 488 32.63 -29.01 12.28
CA VAL C 488 33.08 -27.68 12.70
C VAL C 488 34.15 -27.21 11.74
N ALA C 489 33.94 -26.06 11.13
CA ALA C 489 34.91 -25.46 10.22
C ALA C 489 35.81 -24.53 11.03
N VAL C 490 37.09 -24.87 11.10
CA VAL C 490 38.08 -24.04 11.77
C VAL C 490 38.96 -23.44 10.68
N ALA C 491 38.61 -22.23 10.26
CA ALA C 491 39.29 -21.54 9.17
C ALA C 491 38.97 -20.06 9.26
N PRO C 492 39.83 -19.18 8.73
CA PRO C 492 39.49 -17.75 8.70
C PRO C 492 38.40 -17.45 7.68
N LEU C 493 37.14 -17.68 8.07
CA LEU C 493 35.99 -17.41 7.22
C LEU C 493 35.38 -16.09 7.62
N THR C 494 35.13 -15.23 6.64
CA THR C 494 34.66 -13.87 6.92
C THR C 494 33.21 -13.89 7.38
N ILE C 495 32.98 -13.37 8.58
CA ILE C 495 31.65 -13.35 9.18
C ILE C 495 30.84 -12.24 8.50
N THR C 496 29.91 -12.61 7.64
CA THR C 496 29.07 -11.68 6.92
C THR C 496 27.61 -11.86 7.33
N LEU C 497 26.75 -11.02 6.75
CA LEU C 497 25.32 -11.09 7.05
C LEU C 497 24.68 -12.30 6.38
N VAL C 498 25.12 -12.63 5.17
CA VAL C 498 24.52 -13.73 4.42
C VAL C 498 24.93 -15.09 4.97
N ARG C 499 26.00 -15.16 5.76
CA ARG C 499 26.46 -16.41 6.33
C ARG C 499 25.89 -16.69 7.71
N GLU C 500 25.38 -15.68 8.40
CA GLU C 500 24.75 -15.90 9.69
C GLU C 500 23.42 -16.62 9.55
N GLU C 501 22.72 -16.40 8.43
CA GLU C 501 21.39 -16.97 8.26
C GLU C 501 21.41 -18.47 8.01
N VAL C 502 22.54 -19.04 7.62
CA VAL C 502 22.64 -20.47 7.34
C VAL C 502 23.43 -21.20 8.41
N ILE C 503 24.50 -20.59 8.96
CA ILE C 503 25.31 -21.21 9.99
C ILE C 503 25.59 -20.20 11.09
N ASP C 504 25.96 -20.71 12.25
CA ASP C 504 26.25 -19.88 13.41
C ASP C 504 27.75 -19.53 13.44
N PHE C 505 28.09 -18.61 14.33
CA PHE C 505 29.47 -18.17 14.48
C PHE C 505 29.76 -17.87 15.94
N SER C 506 31.03 -18.02 16.31
CA SER C 506 31.48 -17.68 17.65
C SER C 506 31.90 -16.22 17.67
N LYS C 507 32.39 -15.74 18.81
CA LYS C 507 32.88 -14.37 18.89
C LYS C 507 34.22 -14.26 18.15
N PRO C 508 34.50 -13.10 17.55
CA PRO C 508 35.77 -12.94 16.83
C PRO C 508 36.95 -12.92 17.79
N PHE C 509 37.93 -13.77 17.50
CA PHE C 509 39.13 -13.86 18.32
C PHE C 509 40.23 -12.94 17.85
N MET C 510 40.32 -12.66 16.56
CA MET C 510 41.36 -11.80 16.01
C MET C 510 40.71 -10.83 15.04
N SER C 511 40.57 -9.57 15.46
CA SER C 511 40.03 -8.55 14.57
C SER C 511 41.09 -8.11 13.58
N LEU C 512 40.63 -7.54 12.47
CA LEU C 512 41.54 -7.13 11.40
C LEU C 512 40.86 -6.05 10.58
N GLY C 513 41.65 -5.43 9.70
CA GLY C 513 41.14 -4.38 8.86
C GLY C 513 41.86 -4.36 7.52
N ILE C 514 41.75 -3.22 6.85
CA ILE C 514 42.39 -3.02 5.55
C ILE C 514 43.49 -1.98 5.71
N SER C 515 44.70 -2.36 5.31
CA SER C 515 45.87 -1.50 5.42
C SER C 515 46.42 -1.19 4.03
N ILE C 516 47.58 -0.53 4.01
CA ILE C 516 48.23 -0.10 2.77
C ILE C 516 49.61 -0.73 2.73
N MET C 517 49.92 -1.43 1.63
CA MET C 517 51.23 -2.02 1.41
C MET C 517 52.01 -1.16 0.43
N ILE C 518 53.21 -0.76 0.83
CA ILE C 518 54.06 0.07 -0.02
C ILE C 518 55.38 -0.66 -0.27
N LYS C 519 56.27 -0.03 -1.03
CA LYS C 519 57.53 -0.66 -1.42
C LYS C 519 58.60 -0.61 -0.34
N LYS C 520 58.34 0.10 0.78
CA LYS C 520 59.22 0.26 1.95
C LYS C 520 60.62 0.71 1.57
N PRO C 521 60.81 1.99 1.20
CA PRO C 521 62.13 2.43 0.76
C PRO C 521 63.12 2.53 1.91
N GLN C 522 64.37 2.18 1.63
CA GLN C 522 65.43 2.19 2.61
C GLN C 522 66.26 3.47 2.49
N LYS C 523 67.31 3.56 3.30
CA LYS C 523 68.20 4.72 3.29
C LYS C 523 69.26 4.53 2.21
N SER C 524 68.82 4.70 0.96
CA SER C 524 69.70 4.54 -0.20
C SER C 524 70.42 5.86 -0.49
N LYS C 525 71.38 6.17 0.38
CA LYS C 525 72.17 7.38 0.26
C LYS C 525 73.60 7.03 -0.12
N PRO C 526 74.03 7.27 -1.35
CA PRO C 526 75.41 6.98 -1.74
C PRO C 526 76.37 8.05 -1.21
N GLY C 527 77.63 7.92 -1.60
CA GLY C 527 78.70 8.70 -1.02
C GLY C 527 79.13 9.89 -1.84
N VAL C 528 80.22 9.73 -2.61
CA VAL C 528 80.79 10.80 -3.42
C VAL C 528 79.80 11.27 -4.49
N PHE C 529 78.98 10.36 -5.01
CA PHE C 529 78.02 10.70 -6.05
C PHE C 529 76.92 11.62 -5.53
N SER C 530 76.69 11.65 -4.21
CA SER C 530 75.75 12.60 -3.63
C SER C 530 76.36 13.98 -3.42
N PHE C 531 77.68 14.11 -3.52
CA PHE C 531 78.31 15.42 -3.28
C PHE C 531 78.08 16.37 -4.44
N LEU C 532 78.32 15.91 -5.67
CA LEU C 532 78.15 16.74 -6.86
C LEU C 532 76.72 16.76 -7.38
N ASP C 533 75.76 16.44 -6.52
CA ASP C 533 74.35 16.56 -6.85
C ASP C 533 73.88 17.96 -7.24
N PRO C 534 73.99 19.00 -6.38
CA PRO C 534 73.01 20.10 -6.46
C PRO C 534 73.16 21.02 -7.66
N LEU C 535 74.34 21.12 -8.27
CA LEU C 535 74.49 21.98 -9.45
C LEU C 535 74.33 21.17 -10.73
N ALA C 536 75.29 20.28 -10.99
CA ALA C 536 75.36 19.43 -12.19
C ALA C 536 76.58 18.54 -12.03
N TYR C 537 76.82 17.71 -13.04
CA TYR C 537 78.08 16.99 -13.19
C TYR C 537 78.89 17.52 -14.36
N GLU C 538 78.48 18.66 -14.96
CA GLU C 538 79.16 19.21 -16.12
C GLU C 538 79.43 20.70 -16.03
N ILE C 539 78.77 21.44 -15.12
CA ILE C 539 79.08 22.86 -14.96
C ILE C 539 80.46 23.03 -14.33
N TRP C 540 80.84 22.09 -13.46
CA TRP C 540 82.14 22.15 -12.76
C TRP C 540 83.32 22.09 -13.73
N MET C 541 83.19 21.35 -14.83
CA MET C 541 84.26 21.29 -15.81
C MET C 541 84.42 22.64 -16.52
N CYS C 542 83.32 23.31 -16.83
CA CYS C 542 83.39 24.65 -17.39
C CYS C 542 83.94 25.65 -16.38
N ILE C 543 83.66 25.43 -15.09
CA ILE C 543 84.22 26.28 -14.04
C ILE C 543 85.73 26.12 -13.96
N VAL C 544 86.23 24.88 -14.04
CA VAL C 544 87.67 24.64 -14.03
C VAL C 544 88.33 25.19 -15.30
N PHE C 545 87.64 25.08 -16.44
CA PHE C 545 88.19 25.61 -17.70
C PHE C 545 88.27 27.13 -17.68
N ALA C 546 87.24 27.79 -17.14
CA ALA C 546 87.30 29.24 -17.00
C ALA C 546 88.33 29.66 -15.95
N TYR C 547 88.53 28.82 -14.92
CA TYR C 547 89.56 29.07 -13.91
C TYR C 547 90.95 29.06 -14.53
N ILE C 548 91.25 28.03 -15.32
CA ILE C 548 92.58 27.94 -15.92
C ILE C 548 92.73 28.97 -17.03
N GLY C 549 91.64 29.35 -17.69
CA GLY C 549 91.70 30.43 -18.67
C GLY C 549 92.01 31.78 -18.06
N VAL C 550 91.37 32.09 -16.92
CA VAL C 550 91.65 33.34 -16.22
C VAL C 550 93.06 33.33 -15.64
N SER C 551 93.57 32.16 -15.24
CA SER C 551 94.96 32.08 -14.81
C SER C 551 95.92 32.31 -15.98
N VAL C 552 95.56 31.83 -17.18
CA VAL C 552 96.34 32.13 -18.39
C VAL C 552 96.30 33.63 -18.69
N VAL C 553 95.15 34.27 -18.47
CA VAL C 553 95.01 35.71 -18.67
C VAL C 553 95.91 36.47 -17.70
N LEU C 554 95.95 36.03 -16.43
CA LEU C 554 96.77 36.70 -15.43
C LEU C 554 98.26 36.51 -15.70
N PHE C 555 98.66 35.30 -16.10
CA PHE C 555 100.07 35.07 -16.41
C PHE C 555 100.48 35.74 -17.71
N LEU C 556 99.52 35.96 -18.61
CA LEU C 556 99.77 36.76 -19.79
C LEU C 556 100.04 38.22 -19.42
N VAL C 557 99.06 38.85 -18.78
CA VAL C 557 99.08 40.30 -18.62
C VAL C 557 100.08 40.73 -17.54
N SER C 558 100.27 39.90 -16.51
CA SER C 558 101.18 40.26 -15.42
C SER C 558 102.63 40.29 -15.87
N ARG C 559 102.99 39.45 -16.83
CA ARG C 559 104.32 39.47 -17.44
C ARG C 559 104.36 40.33 -18.69
N PHE C 560 103.30 41.08 -18.98
CA PHE C 560 103.21 41.86 -20.21
C PHE C 560 103.43 43.35 -19.97
N SER C 561 103.17 43.83 -18.76
CA SER C 561 103.41 45.24 -18.43
C SER C 561 104.90 45.50 -18.20
N SER C 582 107.53 41.58 -11.54
CA SER C 582 106.58 41.83 -10.47
C SER C 582 106.51 40.66 -9.50
N ASN C 583 105.51 40.67 -8.63
CA ASN C 583 105.30 39.61 -7.66
C ASN C 583 104.38 38.51 -8.17
N GLU C 584 103.55 38.81 -9.16
CA GLU C 584 102.75 37.79 -9.85
C GLU C 584 103.41 37.38 -11.17
N PHE C 585 104.75 37.38 -11.19
CA PHE C 585 105.47 37.11 -12.43
C PHE C 585 105.44 35.64 -12.81
N GLY C 586 105.43 34.75 -11.82
CA GLY C 586 105.47 33.33 -12.09
C GLY C 586 104.12 32.74 -12.44
N ILE C 587 104.16 31.52 -13.00
CA ILE C 587 102.93 30.81 -13.30
C ILE C 587 102.25 30.34 -12.01
N PHE C 588 103.04 30.02 -10.99
CA PHE C 588 102.45 29.60 -9.72
C PHE C 588 101.82 30.77 -8.98
N ASN C 589 102.43 31.95 -9.04
CA ASN C 589 101.84 33.12 -8.39
C ASN C 589 100.56 33.54 -9.09
N SER C 590 100.53 33.45 -10.42
CA SER C 590 99.33 33.76 -11.18
C SER C 590 98.21 32.77 -10.89
N LEU C 591 98.53 31.47 -10.89
CA LEU C 591 97.52 30.46 -10.57
C LEU C 591 97.07 30.54 -9.11
N TRP C 592 97.97 30.95 -8.21
CA TRP C 592 97.63 31.04 -6.80
C TRP C 592 96.74 32.24 -6.53
N PHE C 593 97.00 33.35 -7.21
CA PHE C 593 96.07 34.48 -7.11
C PHE C 593 94.76 34.18 -7.81
N SER C 594 94.77 33.34 -8.84
CA SER C 594 93.53 32.90 -9.46
C SER C 594 92.72 32.01 -8.52
N LEU C 595 93.40 31.18 -7.72
CA LEU C 595 92.70 30.39 -6.72
C LEU C 595 92.18 31.26 -5.58
N GLY C 596 92.97 32.25 -5.16
CA GLY C 596 92.51 33.17 -4.13
C GLY C 596 91.36 34.04 -4.59
N ALA C 597 91.32 34.35 -5.88
CA ALA C 597 90.13 34.98 -6.45
C ALA C 597 88.97 34.02 -6.58
N PHE C 598 89.24 32.72 -6.80
CA PHE C 598 88.14 31.77 -6.91
C PHE C 598 87.47 31.51 -5.55
N MET C 599 88.24 31.48 -4.47
CA MET C 599 87.64 31.35 -3.16
C MET C 599 87.34 32.75 -2.64
N GLN C 600 86.74 32.87 -1.45
CA GLN C 600 86.44 34.19 -0.92
C GLN C 600 87.67 34.85 -0.29
N GLN C 601 88.47 34.07 0.43
CA GLN C 601 89.58 34.63 1.18
C GLN C 601 90.80 34.82 0.29
N GLY C 602 91.92 35.16 0.91
CA GLY C 602 93.17 35.39 0.20
C GLY C 602 94.25 35.89 1.14
N ASP C 604 96.30 37.01 -1.02
CA ASP C 604 97.65 36.66 -0.58
C ASP C 604 98.63 37.73 -1.03
N ILE C 605 98.96 37.70 -2.32
CA ILE C 605 99.79 38.72 -2.94
C ILE C 605 98.86 39.63 -3.73
N SER C 606 98.76 40.89 -3.30
CA SER C 606 97.84 41.83 -3.90
C SER C 606 98.48 42.49 -5.11
N PRO C 607 97.89 42.39 -6.30
CA PRO C 607 98.44 43.08 -7.47
C PRO C 607 98.21 44.58 -7.37
N ARG C 608 98.94 45.31 -8.21
CA ARG C 608 98.89 46.76 -8.21
C ARG C 608 98.51 47.36 -9.57
N SER C 609 98.18 46.53 -10.55
CA SER C 609 97.89 47.03 -11.89
C SER C 609 96.41 47.35 -12.05
N LEU C 610 96.11 48.14 -13.08
CA LEU C 610 94.73 48.40 -13.46
C LEU C 610 94.06 47.16 -14.01
N SER C 611 94.69 46.55 -15.02
CA SER C 611 94.08 45.44 -15.74
C SER C 611 93.98 44.19 -14.88
N GLY C 612 94.99 43.93 -14.05
CA GLY C 612 94.92 42.77 -13.16
C GLY C 612 93.84 42.93 -12.11
N ARG C 613 93.66 44.15 -11.60
CA ARG C 613 92.60 44.40 -10.64
C ARG C 613 91.23 44.28 -11.28
N ILE C 614 91.08 44.69 -12.54
CA ILE C 614 89.75 44.55 -13.14
C ILE C 614 89.49 43.10 -13.55
N VAL C 615 90.53 42.32 -13.89
CA VAL C 615 90.35 40.88 -14.11
C VAL C 615 89.92 40.19 -12.84
N GLY C 616 90.55 40.56 -11.71
CA GLY C 616 90.15 40.00 -10.42
C GLY C 616 88.73 40.39 -10.04
N GLY C 617 88.36 41.65 -10.30
CA GLY C 617 87.00 42.08 -10.00
C GLY C 617 85.95 41.43 -10.87
N VAL C 618 86.29 41.09 -12.10
CA VAL C 618 85.35 40.35 -12.95
C VAL C 618 85.21 38.91 -12.48
N TRP C 619 86.34 38.19 -12.35
CA TRP C 619 86.31 36.78 -11.98
C TRP C 619 85.81 36.52 -10.57
N TRP C 620 86.03 37.44 -9.66
CA TRP C 620 85.85 37.23 -8.23
C TRP C 620 84.41 37.41 -7.79
N PHE C 621 83.73 38.45 -8.29
CA PHE C 621 82.29 38.57 -8.08
C PHE C 621 81.54 37.47 -8.80
N PHE C 622 82.03 37.06 -9.97
CA PHE C 622 81.52 35.91 -10.72
C PHE C 622 81.46 34.64 -9.87
N THR C 623 82.63 34.21 -9.36
CA THR C 623 82.63 33.02 -8.54
C THR C 623 81.97 33.23 -7.18
N LEU C 624 81.86 34.48 -6.70
CA LEU C 624 81.09 34.76 -5.49
C LEU C 624 79.62 34.47 -5.69
N ILE C 625 79.07 34.92 -6.82
CA ILE C 625 77.68 34.61 -7.17
C ILE C 625 77.50 33.10 -7.39
N ILE C 626 78.51 32.44 -7.94
CA ILE C 626 78.44 30.99 -8.15
C ILE C 626 78.35 30.25 -6.82
N ILE C 627 79.23 30.57 -5.87
CA ILE C 627 79.18 29.84 -4.60
C ILE C 627 78.00 30.28 -3.75
N SER C 628 77.49 31.50 -3.95
CA SER C 628 76.23 31.89 -3.31
C SER C 628 75.08 31.04 -3.84
N SER C 629 75.07 30.80 -5.16
CA SER C 629 74.05 29.95 -5.76
C SER C 629 74.20 28.50 -5.31
N TYR C 630 75.44 28.05 -5.11
CA TYR C 630 75.69 26.70 -4.59
C TYR C 630 75.15 26.54 -3.19
N THR C 631 75.40 27.54 -2.33
CA THR C 631 74.87 27.54 -0.97
C THR C 631 73.35 27.55 -0.96
N ALA C 632 72.75 28.39 -1.81
CA ALA C 632 71.29 28.49 -1.87
C ALA C 632 70.66 27.20 -2.41
N ASN C 633 71.29 26.58 -3.40
CA ASN C 633 70.71 25.38 -4.00
C ASN C 633 70.87 24.18 -3.07
N LEU C 634 71.98 24.11 -2.33
CA LEU C 634 72.13 23.05 -1.35
C LEU C 634 71.16 23.24 -0.20
N ALA C 635 70.89 24.50 0.17
CA ALA C 635 69.87 24.76 1.19
C ALA C 635 68.48 24.39 0.70
N ALA C 636 68.22 24.61 -0.59
CA ALA C 636 66.94 24.21 -1.17
C ALA C 636 66.78 22.69 -1.17
N PHE C 637 67.82 21.96 -1.54
CA PHE C 637 67.72 20.50 -1.57
C PHE C 637 67.66 19.90 -0.16
N LEU C 638 68.30 20.53 0.83
CA LEU C 638 68.12 20.04 2.18
C LEU C 638 66.76 20.43 2.75
N THR C 639 66.15 21.50 2.23
CA THR C 639 64.76 21.80 2.57
C THR C 639 63.83 20.76 1.96
N VAL C 640 64.13 20.31 0.74
CA VAL C 640 63.38 19.23 0.09
C VAL C 640 63.55 17.93 0.88
N GLU C 641 64.75 17.70 1.42
CA GLU C 641 65.02 16.46 2.15
C GLU C 641 64.24 16.37 3.46
N ARG C 642 63.84 17.50 4.03
CA ARG C 642 63.06 17.52 5.26
C ARG C 642 61.59 17.80 5.02
N MET C 643 61.07 17.44 3.84
CA MET C 643 59.67 17.70 3.52
C MET C 643 58.73 16.61 4.03
N VAL C 644 57.53 16.59 3.44
CA VAL C 644 56.40 15.82 3.95
C VAL C 644 56.70 14.33 3.95
N SER C 645 56.35 13.66 5.06
CA SER C 645 56.50 12.24 5.22
C SER C 645 55.63 11.47 4.20
N PRO C 646 55.98 10.19 3.92
CA PRO C 646 55.15 9.41 2.99
C PRO C 646 53.74 9.09 3.48
N ILE C 647 53.02 8.31 2.66
CA ILE C 647 51.59 8.11 2.83
C ILE C 647 51.32 7.30 4.10
N GLU C 648 50.40 7.79 4.93
CA GLU C 648 50.04 7.13 6.17
C GLU C 648 48.54 6.86 6.31
N SER C 649 47.70 7.38 5.42
CA SER C 649 46.27 7.17 5.53
C SER C 649 45.64 7.30 4.15
N ALA C 650 44.33 7.02 4.10
CA ALA C 650 43.60 7.14 2.84
C ALA C 650 43.36 8.59 2.46
N GLU C 651 43.36 9.49 3.45
CA GLU C 651 43.30 10.92 3.15
C GLU C 651 44.58 11.37 2.45
N ASP C 652 45.72 10.77 2.80
CA ASP C 652 46.95 11.04 2.06
C ASP C 652 46.89 10.44 0.65
N LEU C 653 46.14 9.35 0.47
CA LEU C 653 45.93 8.83 -0.87
C LEU C 653 45.06 9.76 -1.70
N ALA C 654 44.05 10.37 -1.07
CA ALA C 654 43.22 11.33 -1.77
C ALA C 654 43.96 12.64 -2.04
N LYS C 655 44.93 12.97 -1.20
CA LYS C 655 45.68 14.21 -1.36
C LYS C 655 46.69 14.16 -2.51
N GLN C 656 47.03 12.98 -3.01
CA GLN C 656 48.00 12.85 -4.09
C GLN C 656 47.38 12.08 -5.25
N THR C 657 48.12 12.06 -6.35
CA THR C 657 47.73 11.27 -7.52
C THR C 657 48.91 10.59 -8.20
N GLU C 658 50.14 10.76 -7.70
CA GLU C 658 51.30 10.21 -8.38
C GLU C 658 51.43 8.71 -8.12
N ILE C 659 51.44 8.30 -6.86
CA ILE C 659 51.61 6.90 -6.50
C ILE C 659 50.24 6.23 -6.58
N ALA C 660 50.09 5.31 -7.53
CA ALA C 660 48.83 4.63 -7.76
C ALA C 660 48.58 3.58 -6.67
N TYR C 661 47.36 3.07 -6.65
CA TYR C 661 46.95 2.10 -5.64
C TYR C 661 45.82 1.24 -6.21
N GLY C 662 45.84 -0.05 -5.85
CA GLY C 662 44.86 -0.98 -6.37
C GLY C 662 44.48 -2.04 -5.36
N THR C 663 43.40 -2.74 -5.68
CA THR C 663 42.89 -3.86 -4.90
C THR C 663 42.84 -5.11 -5.77
N LEU C 664 42.28 -6.18 -5.21
CA LEU C 664 42.07 -7.41 -5.96
C LEU C 664 40.88 -7.25 -6.90
N GLU C 665 40.91 -7.98 -8.01
CA GLU C 665 39.89 -7.82 -9.04
C GLU C 665 38.53 -8.38 -8.63
N ALA C 666 38.49 -9.39 -7.78
CA ALA C 666 37.23 -10.01 -7.37
C ALA C 666 37.29 -10.35 -5.89
N GLY C 667 36.23 -10.00 -5.17
CA GLY C 667 36.17 -10.29 -3.75
C GLY C 667 35.33 -9.29 -2.97
N SER C 668 35.25 -9.47 -1.66
CA SER C 668 34.46 -8.59 -0.80
C SER C 668 35.11 -7.23 -0.60
N THR C 669 36.39 -7.08 -0.93
CA THR C 669 37.03 -5.77 -0.86
C THR C 669 36.46 -4.83 -1.91
N LYS C 670 36.27 -5.35 -3.13
CA LYS C 670 35.66 -4.56 -4.20
C LYS C 670 34.20 -4.26 -3.90
N GLU C 671 33.50 -5.18 -3.22
CA GLU C 671 32.14 -4.90 -2.78
C GLU C 671 32.09 -3.88 -1.66
N PHE C 672 33.14 -3.83 -0.83
CA PHE C 672 33.20 -2.83 0.24
C PHE C 672 33.47 -1.43 -0.33
N PHE C 673 34.46 -1.31 -1.20
CA PHE C 673 34.75 -0.03 -1.82
C PHE C 673 33.69 0.40 -2.82
N ARG C 674 32.97 -0.55 -3.42
CA ARG C 674 31.92 -0.19 -4.36
C ARG C 674 30.69 0.34 -3.65
N ARG C 675 30.28 -0.31 -2.55
CA ARG C 675 29.10 0.09 -1.80
C ARG C 675 29.42 1.03 -0.65
N SER C 676 30.54 1.74 -0.72
CA SER C 676 30.92 2.66 0.34
C SER C 676 30.07 3.92 0.32
N LYS C 677 29.93 4.55 1.47
CA LYS C 677 29.17 5.78 1.60
C LYS C 677 30.05 7.01 1.81
N ILE C 678 31.31 6.83 2.20
CA ILE C 678 32.21 7.96 2.38
C ILE C 678 32.66 8.45 1.01
N ALA C 679 32.59 9.78 0.80
CA ALA C 679 32.94 10.38 -0.48
C ALA C 679 34.42 10.25 -0.81
N VAL C 680 35.29 10.13 0.19
CA VAL C 680 36.71 9.91 -0.06
C VAL C 680 36.93 8.52 -0.67
N PHE C 681 36.36 7.50 -0.03
CA PHE C 681 36.46 6.15 -0.57
C PHE C 681 35.63 6.00 -1.85
N GLU C 682 34.59 6.82 -2.02
CA GLU C 682 33.86 6.84 -3.28
C GLU C 682 34.72 7.38 -4.41
N LYS C 683 35.50 8.43 -4.14
CA LYS C 683 36.43 8.94 -5.13
C LYS C 683 37.57 7.94 -5.39
N MET C 684 37.96 7.19 -4.36
CA MET C 684 38.94 6.12 -4.54
C MET C 684 38.42 5.03 -5.48
N TRP C 685 37.18 4.60 -5.26
CA TRP C 685 36.58 3.58 -6.12
C TRP C 685 36.31 4.11 -7.52
N THR C 686 36.01 5.40 -7.65
CA THR C 686 35.83 6.00 -8.96
C THR C 686 37.15 6.06 -9.73
N TYR C 687 38.24 6.40 -9.04
CA TYR C 687 39.55 6.45 -9.68
C TYR C 687 40.04 5.05 -10.04
N MET C 688 39.80 4.06 -9.16
CA MET C 688 40.24 2.70 -9.45
C MET C 688 39.35 2.03 -10.49
N LYS C 689 38.12 2.52 -10.66
CA LYS C 689 37.25 1.99 -11.69
C LYS C 689 37.47 2.66 -13.04
N SER C 690 38.16 3.80 -13.07
CA SER C 690 38.39 4.54 -14.30
C SER C 690 39.88 4.75 -14.58
N ALA C 691 40.74 3.91 -14.01
CA ALA C 691 42.18 4.05 -14.18
C ALA C 691 42.62 3.51 -15.53
N GLU C 692 43.74 4.03 -16.02
CA GLU C 692 44.33 3.57 -17.28
C GLU C 692 45.82 3.31 -17.05
N PRO C 693 46.28 2.05 -17.04
CA PRO C 693 45.50 0.83 -17.22
C PRO C 693 44.80 0.35 -15.94
N SER C 694 44.40 -0.91 -15.92
CA SER C 694 43.67 -1.45 -14.78
C SER C 694 44.62 -1.67 -13.61
N VAL C 695 44.20 -1.23 -12.43
CA VAL C 695 44.99 -1.43 -11.21
C VAL C 695 44.68 -2.76 -10.54
N PHE C 696 43.65 -3.47 -10.99
CA PHE C 696 43.26 -4.73 -10.36
C PHE C 696 44.17 -5.85 -10.82
N VAL C 697 44.44 -6.79 -9.90
CA VAL C 697 45.24 -7.96 -10.21
C VAL C 697 44.42 -9.20 -9.92
N ARG C 698 44.88 -10.33 -10.45
CA ARG C 698 44.16 -11.59 -10.34
C ARG C 698 44.46 -12.31 -9.03
N THR C 699 45.74 -12.43 -8.67
CA THR C 699 46.17 -13.13 -7.48
C THR C 699 46.91 -12.17 -6.55
N THR C 700 47.31 -12.70 -5.38
CA THR C 700 48.08 -11.92 -4.43
C THR C 700 49.52 -11.74 -4.93
N GLU C 701 50.10 -12.79 -5.51
CA GLU C 701 51.46 -12.71 -6.03
C GLU C 701 51.55 -11.76 -7.23
N GLU C 702 50.48 -11.66 -8.02
CA GLU C 702 50.45 -10.67 -9.09
C GLU C 702 50.47 -9.25 -8.55
N GLY C 703 49.78 -9.02 -7.43
CA GLY C 703 49.87 -7.74 -6.76
C GLY C 703 51.24 -7.48 -6.17
N MET C 704 51.91 -8.55 -5.69
CA MET C 704 53.28 -8.40 -5.19
C MET C 704 54.24 -8.02 -6.32
N ILE C 705 54.04 -8.60 -7.50
CA ILE C 705 54.85 -8.23 -8.67
C ILE C 705 54.55 -6.79 -9.08
N ARG C 706 53.27 -6.39 -9.04
CA ARG C 706 52.89 -5.03 -9.43
C ARG C 706 53.40 -3.98 -8.44
N VAL C 707 53.56 -4.35 -7.17
CA VAL C 707 54.13 -3.42 -6.21
C VAL C 707 55.64 -3.37 -6.32
N ARG C 708 56.31 -4.54 -6.34
CA ARG C 708 57.76 -4.58 -6.27
C ARG C 708 58.44 -4.10 -7.55
N LYS C 709 57.73 -4.07 -8.68
CA LYS C 709 58.30 -3.62 -9.93
C LYS C 709 57.95 -2.17 -10.24
N SER C 710 57.51 -1.40 -9.25
CA SER C 710 57.16 -0.01 -9.44
C SER C 710 58.10 0.96 -8.74
N LYS C 711 58.92 0.46 -7.80
CA LYS C 711 59.89 1.25 -7.03
C LYS C 711 59.22 2.39 -6.26
N GLY C 712 58.12 2.09 -5.58
CA GLY C 712 57.42 3.08 -4.80
C GLY C 712 56.38 3.88 -5.56
N LYS C 713 55.94 3.39 -6.72
CA LYS C 713 54.94 4.08 -7.53
C LYS C 713 53.58 3.41 -7.49
N TYR C 714 53.46 2.28 -6.81
CA TYR C 714 52.20 1.54 -6.78
C TYR C 714 52.03 0.87 -5.42
N ALA C 715 50.80 0.88 -4.92
CA ALA C 715 50.43 0.28 -3.65
C ALA C 715 49.29 -0.70 -3.85
N TYR C 716 49.21 -1.66 -2.94
CA TYR C 716 48.16 -2.67 -2.97
C TYR C 716 47.41 -2.68 -1.65
N LEU C 717 46.09 -2.80 -1.73
CA LEU C 717 45.23 -2.83 -0.56
C LEU C 717 44.81 -4.27 -0.28
N LEU C 718 44.84 -4.65 0.99
CA LEU C 718 44.62 -6.04 1.38
C LEU C 718 44.21 -6.06 2.85
N GLU C 719 44.02 -7.27 3.37
CA GLU C 719 43.73 -7.46 4.78
C GLU C 719 44.95 -7.16 5.63
N SER C 720 44.71 -6.76 6.88
CA SER C 720 45.81 -6.36 7.75
C SER C 720 46.61 -7.56 8.23
N THR C 721 45.97 -8.71 8.45
CA THR C 721 46.69 -9.90 8.86
C THR C 721 47.61 -10.41 7.76
N MET C 722 47.12 -10.41 6.52
CA MET C 722 47.95 -10.82 5.38
C MET C 722 49.08 -9.83 5.15
N ASN C 723 48.82 -8.55 5.36
CA ASN C 723 49.85 -7.53 5.20
C ASN C 723 50.93 -7.68 6.26
N GLU C 724 50.54 -7.94 7.51
CA GLU C 724 51.51 -8.16 8.57
C GLU C 724 52.26 -9.47 8.38
N TYR C 725 51.64 -10.46 7.74
CA TYR C 725 52.35 -11.70 7.46
C TYR C 725 53.38 -11.52 6.36
N ILE C 726 53.02 -10.82 5.28
CA ILE C 726 53.96 -10.57 4.19
C ILE C 726 55.07 -9.64 4.64
N GLU C 727 54.75 -8.72 5.56
CA GLU C 727 55.77 -7.84 6.14
C GLU C 727 56.81 -8.62 6.93
N GLN C 728 56.41 -9.76 7.51
CA GLN C 728 57.34 -10.62 8.25
C GLN C 728 57.87 -11.77 7.40
N ARG C 729 58.00 -11.60 6.09
CA ARG C 729 58.60 -12.60 5.23
C ARG C 729 59.69 -11.97 4.37
N LYS C 730 60.49 -12.84 3.75
CA LYS C 730 61.56 -12.40 2.87
C LYS C 730 60.97 -11.78 1.59
N PRO C 731 61.67 -10.81 0.97
CA PRO C 731 62.95 -10.18 1.30
C PRO C 731 62.88 -9.04 2.32
N CYS C 732 61.81 -9.01 3.14
CA CYS C 732 61.61 -8.02 4.20
C CYS C 732 61.59 -6.60 3.65
N ASP C 733 60.92 -6.41 2.51
CA ASP C 733 60.90 -5.14 1.81
C ASP C 733 59.52 -4.52 1.72
N THR C 734 58.63 -4.84 2.66
CA THR C 734 57.30 -4.23 2.72
C THR C 734 57.05 -3.75 4.14
N MET C 735 56.02 -2.90 4.28
CA MET C 735 55.63 -2.39 5.58
C MET C 735 54.15 -1.99 5.53
N LYS C 736 53.51 -2.03 6.69
CA LYS C 736 52.10 -1.72 6.82
C LYS C 736 51.92 -0.45 7.63
N VAL C 737 51.19 0.51 7.07
CA VAL C 737 50.91 1.77 7.74
C VAL C 737 49.41 1.95 7.87
N GLY C 738 49.02 2.90 8.71
CA GLY C 738 47.63 3.27 8.87
C GLY C 738 46.85 2.32 9.75
N GLY C 739 45.72 2.82 10.25
CA GLY C 739 44.83 2.03 11.06
C GLY C 739 43.89 1.18 10.22
N ASN C 740 43.05 0.42 10.91
CA ASN C 740 42.10 -0.45 10.24
C ASN C 740 40.95 0.36 9.66
N LEU C 741 40.58 0.02 8.41
CA LEU C 741 39.51 0.75 7.74
C LEU C 741 38.12 0.21 8.07
N ASP C 742 38.03 -1.06 8.47
CA ASP C 742 36.75 -1.66 8.83
C ASP C 742 36.94 -2.55 10.04
N SER C 743 35.82 -2.84 10.70
CA SER C 743 35.82 -3.69 11.91
C SER C 743 35.51 -5.11 11.46
N LYS C 744 36.51 -5.75 10.85
CA LYS C 744 36.40 -7.13 10.39
C LYS C 744 37.05 -8.05 11.42
N GLY C 745 36.55 -9.29 11.45
CA GLY C 745 37.06 -10.27 12.38
C GLY C 745 36.62 -11.69 12.05
N TYR C 746 37.48 -12.67 12.33
CA TYR C 746 37.19 -14.06 12.05
C TYR C 746 36.82 -14.78 13.34
N GLY C 747 35.85 -15.69 13.23
CA GLY C 747 35.44 -16.51 14.35
C GLY C 747 35.22 -17.94 13.92
N ILE C 748 35.11 -18.82 14.91
CA ILE C 748 34.92 -20.24 14.66
C ILE C 748 33.49 -20.48 14.22
N ALA C 749 33.32 -21.18 13.10
CA ALA C 749 32.01 -21.38 12.51
C ALA C 749 31.45 -22.75 12.90
N THR C 750 30.12 -22.81 13.00
CA THR C 750 29.38 -24.03 13.29
C THR C 750 28.01 -23.91 12.66
N PRO C 751 27.40 -25.02 12.24
CA PRO C 751 26.05 -24.94 11.69
C PRO C 751 25.02 -24.58 12.74
N LYS C 752 23.91 -24.03 12.27
CA LYS C 752 22.81 -23.66 13.15
C LYS C 752 22.11 -24.91 13.67
N GLY C 753 21.75 -24.88 14.95
CA GLY C 753 21.14 -26.04 15.58
C GLY C 753 22.12 -27.03 16.16
N SER C 754 23.39 -26.66 16.28
CA SER C 754 24.39 -27.52 16.88
C SER C 754 24.56 -27.17 18.36
N ALA C 755 24.74 -28.21 19.18
CA ALA C 755 24.84 -28.02 20.62
C ALA C 755 26.26 -27.67 21.06
N LEU C 756 27.21 -27.62 20.14
CA LEU C 756 28.62 -27.43 20.49
C LEU C 756 29.10 -26.00 20.34
N GLY C 757 28.33 -25.14 19.67
CA GLY C 757 28.83 -23.81 19.33
C GLY C 757 28.99 -22.91 20.53
N ALA C 758 28.11 -23.02 21.50
CA ALA C 758 28.25 -22.23 22.72
C ALA C 758 29.41 -22.70 23.61
N PRO C 759 29.68 -24.01 23.82
CA PRO C 759 30.95 -24.35 24.49
C PRO C 759 32.19 -24.01 23.67
N VAL C 760 32.11 -24.04 22.34
CA VAL C 760 33.23 -23.57 21.52
C VAL C 760 33.47 -22.08 21.76
N ASN C 761 32.40 -21.29 21.87
CA ASN C 761 32.55 -19.87 22.15
C ASN C 761 33.08 -19.63 23.57
N LEU C 762 32.69 -20.48 24.51
CA LEU C 762 33.27 -20.43 25.86
C LEU C 762 34.76 -20.71 25.84
N ALA C 763 35.18 -21.68 25.04
CA ALA C 763 36.60 -21.98 24.90
C ALA C 763 37.37 -20.85 24.21
N VAL C 764 36.72 -20.18 23.25
CA VAL C 764 37.34 -19.03 22.58
C VAL C 764 37.53 -17.88 23.56
N LEU C 765 36.51 -17.61 24.38
CA LEU C 765 36.64 -16.56 25.39
C LEU C 765 37.66 -16.92 26.46
N LYS C 766 37.78 -18.21 26.79
CA LYS C 766 38.79 -18.66 27.75
C LYS C 766 40.20 -18.49 27.19
N LEU C 767 40.40 -18.81 25.91
CA LEU C 767 41.72 -18.63 25.30
C LEU C 767 42.03 -17.17 25.05
N ALA C 768 41.01 -16.32 24.91
CA ALA C 768 41.25 -14.89 24.73
C ALA C 768 41.60 -14.23 26.06
N GLU C 769 40.91 -14.62 27.14
CA GLU C 769 41.19 -13.99 28.43
C GLU C 769 42.52 -14.47 29.02
N GLN C 770 42.92 -15.70 28.73
CA GLN C 770 44.21 -16.19 29.22
C GLN C 770 45.39 -15.71 28.39
N GLY C 771 45.13 -15.03 27.27
CA GLY C 771 46.20 -14.48 26.47
C GLY C 771 46.99 -15.47 25.65
N ALA C 772 46.49 -16.69 25.48
CA ALA C 772 47.19 -17.67 24.67
C ALA C 772 47.10 -17.36 23.18
N LEU C 773 46.07 -16.63 22.77
CA LEU C 773 45.94 -16.25 21.36
C LEU C 773 47.01 -15.26 20.95
N ASP C 774 47.34 -14.30 21.83
CA ASP C 774 48.42 -13.37 21.55
C ASP C 774 49.78 -14.07 21.60
N LYS C 775 49.89 -15.13 22.42
CA LYS C 775 51.11 -15.92 22.41
C LYS C 775 51.28 -16.68 21.10
N LEU C 776 50.18 -17.21 20.55
CA LEU C 776 50.23 -17.83 19.24
C LEU C 776 50.51 -16.81 18.13
N LYS C 777 50.00 -15.60 18.29
CA LYS C 777 50.30 -14.52 17.34
C LYS C 777 51.78 -14.17 17.35
N ALA C 778 52.37 -14.05 18.54
CA ALA C 778 53.79 -13.74 18.65
C ALA C 778 54.65 -14.90 18.18
N LYS C 779 54.14 -16.14 18.32
CA LYS C 779 54.89 -17.30 17.84
C LYS C 779 54.89 -17.38 16.32
N TRP C 780 53.71 -17.25 15.70
CA TRP C 780 53.57 -17.50 14.28
C TRP C 780 53.65 -16.25 13.41
N TRP C 781 53.86 -15.08 14.01
CA TRP C 781 54.06 -13.85 13.26
C TRP C 781 55.41 -13.21 13.51
N TYR C 782 55.84 -13.12 14.76
CA TYR C 782 57.12 -12.49 15.05
C TYR C 782 58.28 -13.48 15.02
N ASP C 783 58.10 -14.65 15.64
CA ASP C 783 59.21 -15.58 15.80
C ASP C 783 59.41 -16.44 14.55
N LYS C 784 58.32 -16.77 13.85
CA LYS C 784 58.43 -17.66 12.69
C LYS C 784 59.00 -16.94 11.48
N GLY C 785 58.85 -15.61 11.42
CA GLY C 785 59.25 -14.87 10.25
C GLY C 785 60.76 -14.74 10.10
N GLU C 786 61.18 -14.34 8.90
CA GLU C 786 62.58 -14.25 8.52
C GLU C 786 63.10 -12.82 8.52
N CYS C 787 62.44 -11.91 9.22
CA CYS C 787 62.84 -10.53 9.29
C CYS C 787 63.47 -10.23 10.65
N GLY C 788 63.82 -8.97 10.86
CA GLY C 788 64.39 -8.55 12.12
C GLY C 788 63.34 -8.37 13.21
N SER C 789 63.72 -7.58 14.21
CA SER C 789 62.83 -7.30 15.34
C SER C 789 61.70 -6.35 14.93
N LYS C 790 60.74 -6.15 15.83
CA LYS C 790 59.60 -5.27 15.58
C LYS C 790 59.97 -3.79 15.60
N ASP C 791 61.16 -3.45 16.10
CA ASP C 791 61.64 -2.07 16.12
C ASP C 791 62.58 -1.87 14.95
N SER C 792 62.12 -1.14 13.93
CA SER C 792 62.92 -0.84 12.74
C SER C 792 63.55 0.54 12.83
N GLY C 793 63.96 0.95 14.03
CA GLY C 793 64.54 2.27 14.26
C GLY C 793 66.04 2.34 14.00
N SER C 794 66.61 1.35 13.32
CA SER C 794 68.01 1.40 12.96
C SER C 794 68.24 2.41 11.85
N LYS C 795 68.74 3.59 12.21
CA LYS C 795 68.97 4.73 11.31
C LYS C 795 67.69 5.16 10.59
N ASP C 796 66.57 5.08 11.32
CA ASP C 796 65.28 5.52 10.82
C ASP C 796 64.86 6.85 11.45
N LYS C 797 65.71 7.42 12.30
CA LYS C 797 65.47 8.72 12.93
C LYS C 797 66.68 9.61 12.75
N THR C 798 67.19 9.71 11.52
CA THR C 798 68.35 10.55 11.21
C THR C 798 67.99 12.02 11.37
N SER C 799 68.57 12.68 12.36
CA SER C 799 68.17 14.03 12.71
C SER C 799 68.76 15.09 11.80
N ALA C 800 70.05 15.03 11.47
CA ALA C 800 70.69 16.18 10.85
C ALA C 800 71.15 15.95 9.42
N LEU C 801 72.04 14.98 9.20
CA LEU C 801 72.65 14.81 7.89
C LEU C 801 73.26 13.43 7.80
N SER C 802 73.13 12.81 6.62
CA SER C 802 73.86 11.60 6.31
C SER C 802 75.36 11.89 6.26
N LEU C 803 76.15 10.98 6.81
CA LEU C 803 77.59 11.15 6.92
C LEU C 803 78.32 10.77 5.62
N SER C 804 77.59 10.25 4.64
CA SER C 804 78.21 9.80 3.40
C SER C 804 78.74 10.96 2.58
N ASN C 805 78.07 12.12 2.65
CA ASN C 805 78.61 13.35 2.07
C ASN C 805 79.91 13.74 2.75
N VAL C 806 79.91 13.71 4.09
CA VAL C 806 81.09 14.07 4.87
C VAL C 806 82.20 13.04 4.63
N ALA C 807 81.83 11.77 4.49
CA ALA C 807 82.82 10.73 4.23
C ALA C 807 83.44 10.86 2.85
N GLY C 808 82.64 11.22 1.84
CA GLY C 808 83.20 11.41 0.51
C GLY C 808 84.09 12.63 0.41
N VAL C 809 83.73 13.71 1.10
CA VAL C 809 84.59 14.89 1.08
C VAL C 809 85.86 14.64 1.90
N PHE C 810 85.77 13.83 2.97
CA PHE C 810 86.96 13.31 3.65
C PHE C 810 87.83 12.51 2.70
N TYR C 811 87.21 11.68 1.84
CA TYR C 811 87.97 10.83 0.93
C TYR C 811 88.74 11.67 -0.10
N ILE C 812 88.08 12.68 -0.67
CA ILE C 812 88.77 13.50 -1.66
C ILE C 812 89.81 14.41 -0.98
N LEU C 813 89.59 14.77 0.30
CA LEU C 813 90.59 15.55 1.02
C LEU C 813 91.84 14.71 1.31
N ILE C 814 91.65 13.46 1.74
CA ILE C 814 92.78 12.58 2.02
C ILE C 814 93.51 12.24 0.71
N GLY C 815 92.78 12.11 -0.38
CA GLY C 815 93.42 11.87 -1.68
C GLY C 815 94.28 13.02 -2.14
N GLY C 816 93.74 14.25 -2.08
CA GLY C 816 94.53 15.42 -2.41
C GLY C 816 95.69 15.64 -1.46
N LEU C 817 95.50 15.32 -0.17
CA LEU C 817 96.54 15.47 0.83
C LEU C 817 97.71 14.53 0.55
N GLY C 818 97.40 13.25 0.29
CA GLY C 818 98.45 12.29 -0.01
C GLY C 818 99.14 12.56 -1.34
N LEU C 819 98.39 13.05 -2.33
CA LEU C 819 98.97 13.40 -3.61
C LEU C 819 99.94 14.57 -3.47
N ALA C 820 99.53 15.63 -2.76
CA ALA C 820 100.42 16.77 -2.55
C ALA C 820 101.61 16.40 -1.66
N MET C 821 101.42 15.48 -0.72
CA MET C 821 102.52 15.06 0.14
C MET C 821 103.56 14.27 -0.64
N LEU C 822 103.12 13.36 -1.53
CA LEU C 822 104.09 12.62 -2.33
C LEU C 822 104.77 13.52 -3.36
N VAL C 823 104.05 14.50 -3.92
CA VAL C 823 104.67 15.45 -4.84
C VAL C 823 105.71 16.30 -4.11
N ALA C 824 105.41 16.75 -2.89
CA ALA C 824 106.36 17.52 -2.10
C ALA C 824 107.58 16.68 -1.74
N LEU C 825 107.37 15.39 -1.44
CA LEU C 825 108.48 14.52 -1.09
C LEU C 825 109.38 14.26 -2.29
N ILE C 826 108.81 14.04 -3.48
CA ILE C 826 109.66 13.76 -4.63
C ILE C 826 110.37 15.02 -5.10
N GLU C 827 109.74 16.20 -4.97
CA GLU C 827 110.44 17.40 -5.39
C GLU C 827 111.53 17.78 -4.40
N PHE C 828 111.33 17.49 -3.10
CA PHE C 828 112.41 17.74 -2.15
C PHE C 828 113.55 16.74 -2.33
N CYS C 829 113.23 15.49 -2.70
CA CYS C 829 114.27 14.51 -2.97
C CYS C 829 115.06 14.88 -4.21
N TYR C 830 114.39 15.39 -5.25
CA TYR C 830 115.10 15.80 -6.47
C TYR C 830 115.93 17.05 -6.23
N LYS C 831 115.41 17.99 -5.42
CA LYS C 831 116.19 19.19 -5.08
C LYS C 831 117.40 18.85 -4.23
N SER C 832 117.25 17.89 -3.31
CA SER C 832 118.38 17.45 -2.49
C SER C 832 119.42 16.72 -3.32
N ARG C 833 118.98 15.90 -4.29
CA ARG C 833 119.91 15.22 -5.17
C ARG C 833 120.64 16.19 -6.09
N SER C 834 119.93 17.21 -6.59
CA SER C 834 120.57 18.21 -7.44
C SER C 834 121.54 19.08 -6.65
N GLU C 835 121.22 19.38 -5.39
CA GLU C 835 122.14 20.14 -4.56
C GLU C 835 123.35 19.32 -4.15
N SER C 836 123.18 18.01 -3.96
CA SER C 836 124.32 17.15 -3.64
C SER C 836 125.20 16.90 -4.87
N LYS C 837 124.61 16.90 -6.07
CA LYS C 837 125.39 16.70 -7.28
C LYS C 837 126.10 17.98 -7.70
N ARG C 838 125.44 19.14 -7.59
CA ARG C 838 126.04 20.38 -8.04
C ARG C 838 127.00 20.96 -7.00
N MET C 839 126.48 21.30 -5.83
CA MET C 839 127.30 21.91 -4.78
C MET C 839 128.16 20.86 -4.08
N ASN D 25 -47.02 -49.22 -40.77
CA ASN D 25 -45.86 -49.49 -39.93
C ASN D 25 -46.01 -48.82 -38.56
N SER D 26 -46.05 -49.64 -37.52
CA SER D 26 -46.16 -49.16 -36.14
C SER D 26 -44.91 -49.57 -35.38
N ILE D 27 -44.12 -48.59 -34.98
CA ILE D 27 -42.88 -48.82 -34.25
C ILE D 27 -43.14 -48.57 -32.77
N GLN D 28 -42.90 -49.58 -31.94
CA GLN D 28 -43.07 -49.45 -30.50
C GLN D 28 -41.71 -49.22 -29.84
N ILE D 29 -41.63 -48.18 -29.01
CA ILE D 29 -40.44 -47.88 -28.25
C ILE D 29 -40.81 -47.81 -26.77
N GLY D 30 -39.79 -47.81 -25.92
CA GLY D 30 -40.02 -47.72 -24.49
C GLY D 30 -39.52 -46.41 -23.91
N GLY D 31 -40.06 -46.02 -22.76
CA GLY D 31 -39.66 -44.77 -22.13
C GLY D 31 -39.53 -44.87 -20.63
N LEU D 32 -38.45 -44.32 -20.08
CA LEU D 32 -38.19 -44.32 -18.64
C LEU D 32 -37.97 -42.89 -18.18
N PHE D 33 -39.05 -42.20 -17.81
CA PHE D 33 -38.88 -40.85 -17.32
C PHE D 33 -38.97 -40.82 -15.79
N PRO D 34 -38.08 -40.07 -15.13
CA PRO D 34 -38.10 -40.04 -13.67
C PRO D 34 -39.31 -39.31 -13.12
N ARG D 35 -39.65 -39.65 -11.87
CA ARG D 35 -40.77 -39.05 -11.19
C ARG D 35 -40.43 -37.62 -10.80
N GLY D 36 -40.98 -36.64 -11.52
CA GLY D 36 -40.71 -35.25 -11.25
C GLY D 36 -40.24 -34.51 -12.49
N ALA D 37 -40.01 -35.24 -13.57
CA ALA D 37 -39.56 -34.65 -14.83
C ALA D 37 -40.78 -34.23 -15.63
N ASP D 38 -41.21 -32.99 -15.43
CA ASP D 38 -42.40 -32.48 -16.11
C ASP D 38 -42.05 -31.75 -17.40
N GLN D 39 -41.02 -30.90 -17.36
CA GLN D 39 -40.62 -30.14 -18.54
C GLN D 39 -40.04 -31.04 -19.62
N GLU D 40 -39.33 -32.11 -19.20
CA GLU D 40 -38.77 -33.06 -20.15
C GLU D 40 -39.86 -33.83 -20.87
N TYR D 41 -40.88 -34.27 -20.14
CA TYR D 41 -41.99 -34.98 -20.77
C TYR D 41 -42.84 -34.04 -21.62
N SER D 42 -42.92 -32.77 -21.23
CA SER D 42 -43.63 -31.79 -22.05
C SER D 42 -42.93 -31.55 -23.38
N ALA D 43 -41.60 -31.40 -23.35
CA ALA D 43 -40.85 -31.28 -24.58
C ALA D 43 -40.87 -32.56 -25.39
N PHE D 44 -40.98 -33.71 -24.71
CA PHE D 44 -41.16 -34.98 -25.42
C PHE D 44 -42.48 -35.02 -26.16
N ARG D 45 -43.55 -34.49 -25.54
CA ARG D 45 -44.85 -34.42 -26.22
C ARG D 45 -44.80 -33.46 -27.40
N VAL D 46 -44.09 -32.33 -27.24
CA VAL D 46 -43.93 -31.38 -28.34
C VAL D 46 -43.16 -32.02 -29.50
N GLY D 47 -42.15 -32.81 -29.17
CA GLY D 47 -41.41 -33.52 -30.21
C GLY D 47 -42.20 -34.63 -30.87
N MET D 48 -43.07 -35.30 -30.11
CA MET D 48 -43.92 -36.34 -30.70
C MET D 48 -44.96 -35.74 -31.63
N VAL D 49 -45.51 -34.57 -31.28
CA VAL D 49 -46.49 -33.95 -32.15
C VAL D 49 -45.81 -33.33 -33.37
N GLN D 50 -44.65 -32.70 -33.19
CA GLN D 50 -44.01 -31.97 -34.26
C GLN D 50 -43.36 -32.89 -35.30
N PHE D 51 -42.81 -34.01 -34.87
CA PHE D 51 -42.02 -34.83 -35.79
C PHE D 51 -42.74 -36.11 -36.20
N SER D 52 -44.04 -36.01 -36.46
CA SER D 52 -44.79 -37.13 -37.01
C SER D 52 -44.63 -37.16 -38.52
N THR D 53 -44.56 -38.36 -39.09
CA THR D 53 -44.36 -38.50 -40.53
C THR D 53 -45.37 -39.44 -41.14
N SER D 54 -45.25 -39.69 -42.45
CA SER D 54 -46.23 -40.53 -43.14
C SER D 54 -45.79 -41.98 -43.19
N GLU D 55 -44.48 -42.23 -43.15
CA GLU D 55 -43.95 -43.57 -43.36
C GLU D 55 -44.19 -44.51 -42.20
N PHE D 56 -44.39 -44.00 -40.99
CA PHE D 56 -44.52 -44.82 -39.79
C PHE D 56 -45.17 -43.97 -38.70
N ARG D 57 -45.25 -44.53 -37.50
CA ARG D 57 -45.80 -43.83 -36.34
C ARG D 57 -45.20 -44.42 -35.08
N LEU D 58 -44.59 -43.57 -34.26
CA LEU D 58 -44.05 -44.03 -32.99
C LEU D 58 -45.17 -44.32 -32.00
N THR D 59 -44.90 -45.24 -31.07
CA THR D 59 -45.85 -45.55 -29.99
C THR D 59 -45.03 -45.79 -28.73
N PRO D 60 -44.77 -44.75 -27.94
CA PRO D 60 -43.96 -44.93 -26.73
C PRO D 60 -44.77 -45.47 -25.56
N HIS D 61 -44.18 -46.44 -24.87
CA HIS D 61 -44.72 -46.94 -23.61
C HIS D 61 -43.96 -46.25 -22.49
N ILE D 62 -44.60 -45.26 -21.86
CA ILE D 62 -43.94 -44.38 -20.90
C ILE D 62 -44.09 -44.99 -19.51
N ASP D 63 -42.99 -45.03 -18.76
CA ASP D 63 -42.99 -45.52 -17.39
C ASP D 63 -42.43 -44.43 -16.49
N ASN D 64 -43.23 -43.99 -15.52
CA ASN D 64 -42.82 -42.94 -14.58
C ASN D 64 -42.36 -43.61 -13.30
N LEU D 65 -41.11 -44.06 -13.30
CA LEU D 65 -40.51 -44.74 -12.16
C LEU D 65 -39.26 -43.98 -11.71
N GLU D 66 -38.78 -44.35 -10.52
CA GLU D 66 -37.59 -43.73 -9.97
C GLU D 66 -36.35 -44.11 -10.77
N VAL D 67 -35.33 -43.27 -10.70
CA VAL D 67 -34.13 -43.49 -11.50
C VAL D 67 -32.95 -43.96 -10.66
N ALA D 68 -32.96 -43.73 -9.35
CA ALA D 68 -31.85 -44.18 -8.51
C ALA D 68 -32.02 -45.62 -8.05
N ASN D 69 -33.26 -46.06 -7.82
CA ASN D 69 -33.52 -47.42 -7.38
C ASN D 69 -33.37 -48.35 -8.58
N SER D 70 -32.31 -49.16 -8.59
CA SER D 70 -32.01 -50.00 -9.74
C SER D 70 -32.98 -51.16 -9.90
N PHE D 71 -33.67 -51.54 -8.82
CA PHE D 71 -34.71 -52.56 -8.92
C PHE D 71 -35.88 -52.08 -9.78
N ALA D 72 -36.30 -50.82 -9.59
CA ALA D 72 -37.34 -50.24 -10.43
C ALA D 72 -36.85 -50.04 -11.86
N VAL D 73 -35.57 -49.76 -12.04
CA VAL D 73 -34.99 -49.62 -13.37
C VAL D 73 -35.02 -50.96 -14.09
N THR D 74 -34.68 -52.04 -13.38
CA THR D 74 -34.72 -53.38 -13.97
C THR D 74 -36.15 -53.81 -14.29
N ASN D 75 -37.10 -53.42 -13.42
CA ASN D 75 -38.51 -53.73 -13.67
C ASN D 75 -39.04 -53.00 -14.90
N ALA D 76 -38.75 -51.70 -15.01
CA ALA D 76 -39.19 -50.94 -16.18
C ALA D 76 -38.49 -51.41 -17.45
N PHE D 77 -37.23 -51.82 -17.35
CA PHE D 77 -36.51 -52.35 -18.51
C PHE D 77 -37.12 -53.66 -18.99
N CYS D 78 -37.41 -54.58 -18.06
CA CYS D 78 -37.99 -55.85 -18.47
C CYS D 78 -39.45 -55.70 -18.89
N SER D 79 -40.14 -54.67 -18.39
CA SER D 79 -41.50 -54.40 -18.85
C SER D 79 -41.49 -53.83 -20.27
N GLN D 80 -40.50 -52.98 -20.57
CA GLN D 80 -40.37 -52.48 -21.93
C GLN D 80 -39.88 -53.57 -22.88
N PHE D 81 -39.09 -54.51 -22.38
CA PHE D 81 -38.65 -55.62 -23.23
C PHE D 81 -39.75 -56.65 -23.43
N SER D 82 -40.68 -56.77 -22.47
CA SER D 82 -41.79 -57.71 -22.61
C SER D 82 -42.77 -57.24 -23.66
N ARG D 83 -42.84 -55.93 -23.92
CA ARG D 83 -43.67 -55.41 -25.00
C ARG D 83 -43.00 -55.53 -26.36
N GLY D 84 -41.72 -55.90 -26.42
CA GLY D 84 -41.01 -56.06 -27.67
C GLY D 84 -40.75 -54.76 -28.40
N VAL D 85 -39.90 -53.91 -27.83
CA VAL D 85 -39.63 -52.60 -28.38
C VAL D 85 -38.35 -52.65 -29.20
N TYR D 86 -38.15 -51.62 -30.03
CA TYR D 86 -36.97 -51.48 -30.86
C TYR D 86 -35.94 -50.55 -30.27
N ALA D 87 -36.35 -49.62 -29.42
CA ALA D 87 -35.44 -48.70 -28.77
C ALA D 87 -36.05 -48.27 -27.45
N ILE D 88 -35.19 -47.84 -26.52
CA ILE D 88 -35.62 -47.40 -25.20
C ILE D 88 -35.02 -46.03 -24.94
N PHE D 89 -35.86 -45.04 -24.68
CA PHE D 89 -35.45 -43.71 -24.31
C PHE D 89 -35.59 -43.54 -22.80
N GLY D 90 -34.69 -42.76 -22.21
CA GLY D 90 -34.81 -42.47 -20.80
C GLY D 90 -33.50 -42.03 -20.20
N PHE D 91 -33.61 -41.47 -19.00
CA PHE D 91 -32.46 -40.99 -18.24
C PHE D 91 -31.82 -42.14 -17.48
N TYR D 92 -30.68 -41.85 -16.85
CA TYR D 92 -30.06 -42.77 -15.91
C TYR D 92 -29.24 -41.97 -14.91
N ASP D 93 -29.34 -42.36 -13.64
CA ASP D 93 -28.56 -41.75 -12.59
C ASP D 93 -27.16 -42.38 -12.56
N LYS D 94 -26.26 -41.77 -11.79
CA LYS D 94 -24.91 -42.29 -11.64
C LYS D 94 -24.87 -43.62 -10.92
N LYS D 95 -25.88 -43.92 -10.10
CA LYS D 95 -25.97 -45.21 -9.44
C LYS D 95 -26.56 -46.30 -10.33
N SER D 96 -27.01 -45.96 -11.53
CA SER D 96 -27.67 -46.91 -12.42
C SER D 96 -27.11 -46.87 -13.84
N VAL D 97 -25.92 -46.29 -14.02
CA VAL D 97 -25.32 -46.25 -15.35
C VAL D 97 -24.85 -47.65 -15.78
N ASN D 98 -24.31 -48.42 -14.84
CA ASN D 98 -23.80 -49.75 -15.17
C ASN D 98 -24.91 -50.73 -15.47
N THR D 99 -26.06 -50.58 -14.80
CA THR D 99 -27.20 -51.45 -15.05
C THR D 99 -27.74 -51.23 -16.47
N ILE D 100 -27.85 -49.97 -16.87
CA ILE D 100 -28.33 -49.64 -18.21
C ILE D 100 -27.33 -50.13 -19.27
N THR D 101 -26.04 -49.88 -19.06
CA THR D 101 -25.05 -50.29 -20.06
C THR D 101 -24.95 -51.80 -20.19
N SER D 102 -25.07 -52.54 -19.08
CA SER D 102 -24.99 -53.99 -19.14
C SER D 102 -26.25 -54.60 -19.76
N PHE D 103 -27.42 -54.14 -19.32
CA PHE D 103 -28.68 -54.66 -19.85
C PHE D 103 -28.90 -54.27 -21.31
N CYS D 104 -28.32 -53.16 -21.77
CA CYS D 104 -28.46 -52.80 -23.17
C CYS D 104 -27.34 -53.35 -24.03
N GLY D 105 -26.20 -53.71 -23.45
CA GLY D 105 -25.16 -54.35 -24.23
C GLY D 105 -25.34 -55.84 -24.37
N THR D 106 -26.01 -56.47 -23.40
CA THR D 106 -26.26 -57.91 -23.53
C THR D 106 -27.38 -58.18 -24.52
N LEU D 107 -28.54 -57.54 -24.34
CA LEU D 107 -29.68 -57.77 -25.21
C LEU D 107 -29.60 -57.04 -26.54
N HIS D 108 -28.55 -56.23 -26.75
CA HIS D 108 -28.26 -55.55 -28.02
C HIS D 108 -29.40 -54.62 -28.44
N VAL D 109 -29.94 -53.89 -27.48
CA VAL D 109 -31.04 -52.96 -27.69
C VAL D 109 -30.51 -51.55 -27.49
N SER D 110 -30.74 -50.67 -28.47
CA SER D 110 -30.22 -49.32 -28.43
C SER D 110 -30.93 -48.49 -27.37
N PHE D 111 -30.18 -47.59 -26.74
CA PHE D 111 -30.67 -46.78 -25.63
C PHE D 111 -30.27 -45.33 -25.87
N ILE D 112 -31.24 -44.46 -26.07
CA ILE D 112 -31.01 -43.05 -26.36
C ILE D 112 -31.18 -42.28 -25.05
N THR D 113 -30.22 -41.39 -24.75
CA THR D 113 -30.25 -40.73 -23.46
C THR D 113 -29.71 -39.30 -23.45
N PRO D 114 -30.41 -38.38 -22.79
CA PRO D 114 -29.85 -37.05 -22.53
C PRO D 114 -29.05 -36.92 -21.24
N SER D 115 -28.66 -38.02 -20.61
CA SER D 115 -27.96 -37.95 -19.33
C SER D 115 -26.47 -37.71 -19.57
N PHE D 116 -25.69 -37.86 -18.50
CA PHE D 116 -24.27 -37.55 -18.55
C PHE D 116 -23.53 -38.60 -19.39
N PRO D 117 -22.41 -38.21 -20.02
CA PRO D 117 -21.64 -39.18 -20.78
C PRO D 117 -20.94 -40.19 -19.90
N THR D 118 -20.82 -41.41 -20.41
CA THR D 118 -20.20 -42.51 -19.69
C THR D 118 -18.68 -42.46 -19.84
N ASP D 119 -18.01 -43.34 -19.10
CA ASP D 119 -16.55 -43.46 -19.14
C ASP D 119 -16.18 -44.81 -19.74
N GLY D 120 -16.00 -44.80 -21.05
CA GLY D 120 -15.68 -46.01 -21.78
C GLY D 120 -16.47 -46.05 -23.07
N THR D 121 -16.25 -47.12 -23.83
CA THR D 121 -16.92 -47.33 -25.11
C THR D 121 -17.95 -48.43 -24.93
N HIS D 122 -19.15 -48.05 -24.51
CA HIS D 122 -20.23 -49.00 -24.31
C HIS D 122 -21.09 -49.02 -25.56
N PRO D 123 -21.30 -50.18 -26.19
CA PRO D 123 -22.15 -50.25 -27.38
C PRO D 123 -23.62 -50.07 -27.01
N PHE D 124 -24.41 -49.71 -28.05
CA PHE D 124 -25.86 -49.56 -27.98
C PHE D 124 -26.31 -48.50 -26.99
N VAL D 125 -25.46 -47.51 -26.72
CA VAL D 125 -25.79 -46.40 -25.83
C VAL D 125 -25.52 -45.13 -26.63
N ILE D 126 -26.57 -44.53 -27.16
CA ILE D 126 -26.49 -43.27 -27.89
C ILE D 126 -26.85 -42.15 -26.93
N GLN D 127 -25.97 -41.17 -26.80
CA GLN D 127 -26.10 -40.15 -25.78
C GLN D 127 -26.29 -38.77 -26.41
N MET D 128 -27.07 -37.92 -25.73
CA MET D 128 -27.39 -36.60 -26.25
C MET D 128 -26.59 -35.48 -25.60
N ARG D 129 -26.03 -35.69 -24.42
CA ARG D 129 -25.28 -34.59 -23.84
C ARG D 129 -23.84 -34.62 -24.32
N PRO D 130 -23.31 -33.50 -24.79
CA PRO D 130 -21.90 -33.46 -25.22
C PRO D 130 -20.95 -33.51 -24.04
N ASP D 131 -19.67 -33.56 -24.35
CA ASP D 131 -18.64 -33.55 -23.31
C ASP D 131 -18.54 -32.15 -22.71
N LEU D 132 -18.12 -32.10 -21.45
CA LEU D 132 -17.95 -30.85 -20.74
C LEU D 132 -16.53 -30.62 -20.25
N LYS D 133 -15.74 -31.68 -20.06
CA LYS D 133 -14.44 -31.55 -19.42
C LYS D 133 -13.43 -30.83 -20.31
N GLY D 134 -13.47 -31.10 -21.62
CA GLY D 134 -12.54 -30.46 -22.53
C GLY D 134 -12.77 -28.97 -22.65
N ALA D 135 -14.04 -28.54 -22.67
CA ALA D 135 -14.36 -27.13 -22.70
C ALA D 135 -13.96 -26.43 -21.41
N LEU D 136 -14.08 -27.12 -20.28
CA LEU D 136 -13.70 -26.52 -19.01
C LEU D 136 -12.18 -26.40 -18.90
N LEU D 137 -11.44 -27.37 -19.41
CA LEU D 137 -9.99 -27.25 -19.45
C LEU D 137 -9.54 -26.14 -20.39
N SER D 138 -10.24 -26.00 -21.53
CA SER D 138 -9.95 -24.89 -22.44
C SER D 138 -10.28 -23.54 -21.80
N LEU D 139 -11.32 -23.48 -20.98
CA LEU D 139 -11.68 -22.22 -20.33
C LEU D 139 -10.69 -21.86 -19.23
N ILE D 140 -10.19 -22.85 -18.49
CA ILE D 140 -9.16 -22.58 -17.49
C ILE D 140 -7.86 -22.14 -18.15
N GLU D 141 -7.46 -22.82 -19.24
CA GLU D 141 -6.26 -22.42 -19.95
C GLU D 141 -6.42 -21.09 -20.69
N TYR D 142 -7.66 -20.68 -20.97
CA TYR D 142 -7.88 -19.33 -21.49
C TYR D 142 -7.78 -18.28 -20.38
N TYR D 143 -8.33 -18.58 -19.20
CA TYR D 143 -8.29 -17.63 -18.10
C TYR D 143 -6.94 -17.61 -17.39
N GLN D 144 -6.08 -18.59 -17.65
CA GLN D 144 -4.72 -18.70 -17.11
C GLN D 144 -4.72 -18.73 -15.58
N TRP D 145 -5.35 -19.77 -15.03
CA TRP D 145 -5.41 -19.96 -13.60
C TRP D 145 -4.24 -20.83 -13.12
N ASP D 146 -3.98 -20.75 -11.82
CA ASP D 146 -3.00 -21.61 -11.16
C ASP D 146 -3.48 -22.18 -9.83
N LYS D 147 -4.45 -21.56 -9.17
CA LYS D 147 -4.92 -22.01 -7.86
C LYS D 147 -6.40 -21.70 -7.75
N PHE D 148 -7.23 -22.73 -7.57
CA PHE D 148 -8.66 -22.54 -7.51
C PHE D 148 -9.29 -23.69 -6.73
N ALA D 149 -10.59 -23.56 -6.48
CA ALA D 149 -11.38 -24.57 -5.80
C ALA D 149 -12.40 -25.16 -6.76
N TYR D 150 -12.74 -26.41 -6.53
CA TYR D 150 -13.61 -27.19 -7.41
C TYR D 150 -14.68 -27.83 -6.53
N LEU D 151 -15.82 -27.16 -6.39
CA LEU D 151 -16.93 -27.66 -5.61
C LEU D 151 -17.84 -28.46 -6.54
N TYR D 152 -17.91 -29.77 -6.33
CA TYR D 152 -18.60 -30.63 -7.26
C TYR D 152 -19.70 -31.43 -6.58
N ASP D 153 -20.48 -32.12 -7.40
CA ASP D 153 -21.53 -33.02 -6.96
C ASP D 153 -21.30 -34.39 -7.58
N SER D 154 -21.57 -35.44 -6.81
CA SER D 154 -21.23 -36.82 -7.20
C SER D 154 -22.42 -37.57 -7.77
N ASP D 155 -23.29 -36.89 -8.52
CA ASP D 155 -24.46 -37.53 -9.10
C ASP D 155 -24.36 -37.75 -10.60
N ARG D 156 -23.22 -37.44 -11.22
CA ARG D 156 -23.00 -37.73 -12.62
C ARG D 156 -21.65 -38.41 -12.83
N GLY D 157 -21.23 -39.22 -11.86
CA GLY D 157 -19.92 -39.83 -11.94
C GLY D 157 -18.84 -38.87 -11.50
N LEU D 158 -17.60 -39.33 -11.69
CA LEU D 158 -16.42 -38.57 -11.27
C LEU D 158 -15.48 -38.34 -12.45
N SER D 159 -16.03 -38.20 -13.65
CA SER D 159 -15.20 -38.10 -14.85
C SER D 159 -14.51 -36.76 -14.94
N THR D 160 -15.25 -35.68 -14.69
CA THR D 160 -14.68 -34.33 -14.76
C THR D 160 -13.64 -34.11 -13.66
N LEU D 161 -13.85 -34.72 -12.49
CA LEU D 161 -12.88 -34.59 -11.40
C LEU D 161 -11.57 -35.29 -11.76
N GLN D 162 -11.65 -36.49 -12.31
CA GLN D 162 -10.45 -37.20 -12.75
C GLN D 162 -9.76 -36.47 -13.88
N ALA D 163 -10.52 -35.84 -14.78
CA ALA D 163 -9.94 -35.08 -15.87
C ALA D 163 -9.20 -33.84 -15.37
N VAL D 164 -9.79 -33.09 -14.44
CA VAL D 164 -9.12 -31.88 -13.97
C VAL D 164 -7.96 -32.23 -13.04
N LEU D 165 -8.01 -33.38 -12.36
CA LEU D 165 -6.85 -33.77 -11.56
C LEU D 165 -5.71 -34.27 -12.43
N ASP D 166 -6.01 -35.02 -13.50
CA ASP D 166 -4.96 -35.45 -14.41
C ASP D 166 -4.39 -34.28 -15.21
N SER D 167 -5.16 -33.23 -15.42
CA SER D 167 -4.61 -32.04 -16.06
C SER D 167 -3.86 -31.14 -15.08
N ALA D 168 -4.27 -31.14 -13.80
CA ALA D 168 -3.55 -30.36 -12.81
C ALA D 168 -2.21 -31.00 -12.46
N ALA D 169 -2.13 -32.33 -12.56
CA ALA D 169 -0.85 -33.00 -12.37
C ALA D 169 0.13 -32.71 -13.49
N GLU D 170 -0.36 -32.36 -14.68
CA GLU D 170 0.51 -32.04 -15.82
C GLU D 170 0.81 -30.55 -15.93
N LYS D 171 -0.13 -29.70 -15.54
CA LYS D 171 0.02 -28.26 -15.70
C LYS D 171 0.38 -27.54 -14.39
N LYS D 172 0.57 -28.29 -13.30
CA LYS D 172 1.02 -27.80 -11.99
C LYS D 172 0.06 -26.74 -11.44
N TRP D 173 -1.16 -27.19 -11.16
CA TRP D 173 -2.22 -26.34 -10.61
C TRP D 173 -2.42 -26.67 -9.13
N GLN D 174 -3.14 -25.78 -8.45
CA GLN D 174 -3.47 -25.96 -7.04
C GLN D 174 -5.00 -26.08 -6.94
N VAL D 175 -5.49 -27.30 -7.03
CA VAL D 175 -6.92 -27.57 -7.06
C VAL D 175 -7.36 -28.01 -5.68
N THR D 176 -8.35 -27.30 -5.13
CA THR D 176 -8.96 -27.67 -3.85
C THR D 176 -10.32 -28.27 -4.18
N ALA D 177 -10.36 -29.59 -4.33
CA ALA D 177 -11.54 -30.29 -4.82
C ALA D 177 -12.37 -30.78 -3.65
N ILE D 178 -13.62 -30.32 -3.56
CA ILE D 178 -14.51 -30.64 -2.45
C ILE D 178 -15.85 -31.09 -3.01
N ASN D 179 -16.35 -32.23 -2.51
CA ASN D 179 -17.69 -32.67 -2.84
C ASN D 179 -18.69 -31.98 -1.93
N VAL D 180 -19.90 -31.77 -2.45
CA VAL D 180 -20.95 -31.06 -1.73
C VAL D 180 -22.24 -31.88 -1.65
N GLY D 181 -22.35 -32.98 -2.40
CA GLY D 181 -23.60 -33.74 -2.44
C GLY D 181 -23.88 -34.59 -1.23
N ASN D 182 -22.89 -34.82 -0.37
CA ASN D 182 -23.08 -35.62 0.83
C ASN D 182 -23.67 -34.85 1.99
N ILE D 183 -24.04 -33.59 1.79
CA ILE D 183 -24.61 -32.75 2.85
C ILE D 183 -26.12 -32.80 2.75
N ASN D 184 -26.77 -33.15 3.85
CA ASN D 184 -28.22 -33.27 3.90
C ASN D 184 -28.91 -31.91 3.78
N ASN D 185 -30.20 -31.95 3.48
CA ASN D 185 -30.99 -30.74 3.31
C ASN D 185 -31.53 -30.19 4.62
N ASP D 186 -31.28 -30.86 5.74
CA ASP D 186 -31.80 -30.42 7.03
C ASP D 186 -30.82 -29.57 7.82
N LYS D 187 -29.53 -29.67 7.53
CA LYS D 187 -28.51 -28.91 8.25
C LYS D 187 -27.51 -28.29 7.27
N LYS D 188 -28.01 -27.82 6.13
CA LYS D 188 -27.16 -27.20 5.12
C LYS D 188 -27.09 -25.68 5.30
N ASP D 189 -26.82 -25.24 6.51
CA ASP D 189 -26.63 -23.81 6.77
C ASP D 189 -25.33 -23.53 7.51
N GLU D 190 -24.96 -24.38 8.46
CA GLU D 190 -23.68 -24.25 9.15
C GLU D 190 -22.57 -25.00 8.44
N THR D 191 -22.91 -26.07 7.72
CA THR D 191 -21.93 -26.81 6.96
C THR D 191 -21.39 -25.99 5.80
N TYR D 192 -22.25 -25.25 5.11
CA TYR D 192 -21.80 -24.36 4.04
C TYR D 192 -20.99 -23.19 4.59
N ARG D 193 -21.34 -22.71 5.79
CA ARG D 193 -20.56 -21.65 6.42
C ARG D 193 -19.16 -22.14 6.79
N SER D 194 -19.07 -23.35 7.34
CA SER D 194 -17.76 -23.94 7.62
C SER D 194 -16.99 -24.25 6.34
N LEU D 195 -17.70 -24.58 5.26
CA LEU D 195 -17.06 -24.85 3.97
C LEU D 195 -16.42 -23.58 3.40
N PHE D 196 -17.18 -22.49 3.34
CA PHE D 196 -16.59 -21.25 2.85
C PHE D 196 -15.69 -20.56 3.87
N GLN D 197 -15.69 -20.99 5.13
CA GLN D 197 -14.65 -20.55 6.04
C GLN D 197 -13.35 -21.32 5.81
N ASP D 198 -13.46 -22.60 5.46
CA ASP D 198 -12.27 -23.39 5.11
C ASP D 198 -11.71 -22.97 3.76
N LEU D 199 -12.56 -22.47 2.86
CA LEU D 199 -12.08 -21.98 1.57
C LEU D 199 -11.38 -20.62 1.67
N GLU D 200 -11.38 -19.98 2.84
CA GLU D 200 -10.64 -18.75 3.04
C GLU D 200 -9.30 -18.98 3.72
N LEU D 201 -8.91 -20.23 3.93
CA LEU D 201 -7.60 -20.52 4.50
C LEU D 201 -6.49 -20.22 3.50
N LYS D 202 -6.70 -20.60 2.24
CA LYS D 202 -5.76 -20.29 1.17
C LYS D 202 -6.12 -19.01 0.42
N LYS D 203 -7.13 -18.28 0.91
CA LYS D 203 -7.67 -17.06 0.30
C LYS D 203 -8.09 -17.31 -1.15
N GLU D 204 -9.02 -18.24 -1.30
CA GLU D 204 -9.45 -18.67 -2.63
C GLU D 204 -10.37 -17.63 -3.26
N ARG D 205 -10.03 -17.22 -4.48
CA ARG D 205 -10.81 -16.26 -5.24
C ARG D 205 -11.58 -16.88 -6.40
N ARG D 206 -11.28 -18.13 -6.74
CA ARG D 206 -11.75 -18.75 -7.97
C ARG D 206 -12.40 -20.09 -7.63
N VAL D 207 -13.70 -20.20 -7.92
CA VAL D 207 -14.50 -21.37 -7.56
C VAL D 207 -15.19 -21.89 -8.81
N ILE D 208 -15.10 -23.20 -9.05
CA ILE D 208 -15.83 -23.85 -10.13
C ILE D 208 -16.90 -24.73 -9.52
N LEU D 209 -18.17 -24.45 -9.87
CA LEU D 209 -19.32 -25.17 -9.34
C LEU D 209 -19.79 -26.18 -10.37
N ASP D 210 -19.66 -27.47 -10.05
CA ASP D 210 -20.13 -28.54 -10.93
C ASP D 210 -21.30 -29.23 -10.23
N CYS D 211 -22.50 -28.69 -10.45
CA CYS D 211 -23.72 -29.23 -9.87
C CYS D 211 -24.83 -29.16 -10.89
N GLU D 212 -25.95 -29.81 -10.58
CA GLU D 212 -27.11 -29.86 -11.46
C GLU D 212 -27.96 -28.61 -11.26
N ARG D 213 -29.16 -28.60 -11.84
CA ARG D 213 -30.01 -27.41 -11.84
C ARG D 213 -30.62 -27.09 -10.48
N ASP D 214 -30.47 -27.97 -9.48
CA ASP D 214 -31.03 -27.72 -8.16
C ASP D 214 -29.98 -27.28 -7.14
N LYS D 215 -28.77 -27.85 -7.20
CA LYS D 215 -27.76 -27.51 -6.19
C LYS D 215 -27.04 -26.22 -6.53
N VAL D 216 -27.01 -25.83 -7.81
CA VAL D 216 -26.39 -24.56 -8.21
C VAL D 216 -27.15 -23.38 -7.60
N ASN D 217 -28.49 -23.45 -7.63
CA ASN D 217 -29.31 -22.40 -7.03
C ASN D 217 -29.11 -22.31 -5.53
N ASP D 218 -28.96 -23.46 -4.86
CA ASP D 218 -28.76 -23.46 -3.42
C ASP D 218 -27.39 -22.91 -3.04
N ILE D 219 -26.36 -23.28 -3.79
CA ILE D 219 -25.02 -22.76 -3.52
C ILE D 219 -24.94 -21.26 -3.80
N VAL D 220 -25.59 -20.80 -4.87
CA VAL D 220 -25.63 -19.36 -5.17
C VAL D 220 -26.39 -18.59 -4.08
N ASP D 221 -27.49 -19.17 -3.59
CA ASP D 221 -28.24 -18.53 -2.50
C ASP D 221 -27.42 -18.46 -1.22
N GLN D 222 -26.63 -19.50 -0.93
CA GLN D 222 -25.82 -19.44 0.28
C GLN D 222 -24.62 -18.51 0.12
N VAL D 223 -24.09 -18.38 -1.11
CA VAL D 223 -23.04 -17.40 -1.38
C VAL D 223 -23.57 -15.98 -1.19
N ILE D 224 -24.78 -15.72 -1.68
CA ILE D 224 -25.40 -14.40 -1.52
C ILE D 224 -25.73 -14.13 -0.06
N THR D 225 -26.14 -15.16 0.68
CA THR D 225 -26.43 -15.00 2.10
C THR D 225 -25.16 -14.68 2.90
N ILE D 226 -24.07 -15.40 2.63
CA ILE D 226 -22.82 -15.09 3.33
C ILE D 226 -22.06 -13.94 2.69
N GLY D 227 -22.48 -13.48 1.52
CA GLY D 227 -21.91 -12.30 0.91
C GLY D 227 -20.56 -12.51 0.25
N LYS D 228 -20.51 -13.35 -0.78
CA LYS D 228 -19.29 -13.60 -1.54
C LYS D 228 -19.55 -13.50 -3.03
N HIS D 229 -20.24 -12.43 -3.45
CA HIS D 229 -20.45 -12.18 -4.87
C HIS D 229 -20.12 -10.74 -5.25
N VAL D 230 -19.25 -10.09 -4.49
CA VAL D 230 -18.76 -8.75 -4.83
C VAL D 230 -17.63 -8.89 -5.83
N LYS D 231 -17.20 -7.78 -6.42
CA LYS D 231 -16.13 -7.81 -7.40
C LYS D 231 -14.81 -8.16 -6.73
N GLY D 232 -14.10 -9.13 -7.31
CA GLY D 232 -12.90 -9.66 -6.73
C GLY D 232 -12.93 -11.17 -6.71
N TYR D 233 -14.13 -11.72 -6.87
CA TYR D 233 -14.36 -13.15 -6.93
C TYR D 233 -14.65 -13.55 -8.37
N HIS D 234 -14.69 -14.86 -8.64
CA HIS D 234 -14.92 -15.36 -9.98
C HIS D 234 -15.49 -16.76 -9.89
N TYR D 235 -16.60 -17.00 -10.58
CA TYR D 235 -17.30 -18.28 -10.50
C TYR D 235 -17.53 -18.82 -11.91
N ILE D 236 -17.59 -20.14 -12.02
CA ILE D 236 -17.91 -20.82 -13.27
C ILE D 236 -18.97 -21.88 -12.96
N ILE D 237 -20.16 -21.71 -13.53
CA ILE D 237 -21.22 -22.70 -13.40
C ILE D 237 -20.96 -23.78 -14.44
N ALA D 238 -20.44 -24.92 -13.99
CA ALA D 238 -20.00 -25.99 -14.90
C ALA D 238 -21.18 -26.89 -15.24
N ASN D 239 -21.95 -26.47 -16.24
CA ASN D 239 -23.03 -27.27 -16.76
C ASN D 239 -23.29 -26.85 -18.21
N LEU D 240 -24.28 -27.49 -18.83
CA LEU D 240 -24.68 -27.09 -20.17
C LEU D 240 -25.82 -26.08 -20.16
N GLY D 241 -26.70 -26.16 -19.15
CA GLY D 241 -27.75 -25.19 -18.99
C GLY D 241 -27.36 -24.03 -18.09
N PHE D 242 -26.52 -23.12 -18.61
CA PHE D 242 -26.04 -22.00 -17.80
C PHE D 242 -27.15 -21.04 -17.43
N THR D 243 -28.10 -20.80 -18.33
CA THR D 243 -29.21 -19.91 -18.08
C THR D 243 -30.42 -20.62 -17.47
N ASP D 244 -30.26 -21.88 -17.06
CA ASP D 244 -31.38 -22.60 -16.46
C ASP D 244 -31.57 -22.23 -14.99
N GLY D 245 -30.47 -21.90 -14.30
CA GLY D 245 -30.57 -21.39 -12.95
C GLY D 245 -30.99 -19.94 -12.95
N ASP D 246 -31.11 -19.39 -11.74
CA ASP D 246 -31.50 -17.99 -11.57
C ASP D 246 -30.24 -17.13 -11.63
N LEU D 247 -30.19 -16.23 -12.59
CA LEU D 247 -29.05 -15.34 -12.78
C LEU D 247 -29.34 -13.90 -12.37
N LEU D 248 -30.60 -13.58 -12.06
CA LEU D 248 -30.94 -12.22 -11.65
C LEU D 248 -30.44 -11.87 -10.26
N LYS D 249 -30.04 -12.86 -9.48
CA LYS D 249 -29.57 -12.62 -8.11
C LYS D 249 -28.06 -12.48 -8.02
N ILE D 250 -27.31 -12.88 -9.05
CA ILE D 250 -25.87 -12.67 -9.09
C ILE D 250 -25.48 -11.86 -10.32
N GLN D 251 -26.37 -10.97 -10.75
CA GLN D 251 -26.09 -10.12 -11.90
C GLN D 251 -25.58 -8.75 -11.48
N PHE D 252 -26.14 -8.17 -10.42
CA PHE D 252 -25.77 -6.85 -9.95
C PHE D 252 -24.77 -6.89 -8.79
N GLY D 253 -24.15 -8.02 -8.57
CA GLY D 253 -23.24 -8.16 -7.45
C GLY D 253 -21.86 -7.59 -7.72
N GLY D 254 -21.31 -7.88 -8.89
CA GLY D 254 -19.97 -7.45 -9.25
C GLY D 254 -19.02 -8.58 -9.53
N ALA D 255 -19.31 -9.80 -9.07
CA ALA D 255 -18.49 -10.96 -9.37
C ALA D 255 -18.91 -11.51 -10.73
N ASN D 256 -18.00 -11.43 -11.70
CA ASN D 256 -18.25 -11.98 -13.02
C ASN D 256 -18.35 -13.49 -12.98
N VAL D 257 -19.27 -14.04 -13.77
CA VAL D 257 -19.60 -15.47 -13.76
C VAL D 257 -19.55 -15.96 -15.19
N SER D 258 -18.74 -16.98 -15.43
CA SER D 258 -18.68 -17.62 -16.74
C SER D 258 -19.46 -18.94 -16.70
N GLY D 259 -19.64 -19.52 -17.88
CA GLY D 259 -20.36 -20.78 -17.97
C GLY D 259 -20.45 -21.24 -19.40
N PHE D 260 -21.16 -22.37 -19.58
CA PHE D 260 -21.27 -22.99 -20.89
C PHE D 260 -22.74 -23.17 -21.24
N GLN D 261 -23.10 -22.82 -22.47
CA GLN D 261 -24.45 -22.93 -22.97
C GLN D 261 -24.48 -23.81 -24.22
N ILE D 262 -25.49 -24.66 -24.33
CA ILE D 262 -25.66 -25.52 -25.49
C ILE D 262 -26.81 -25.07 -26.39
N VAL D 263 -27.76 -24.29 -25.87
CA VAL D 263 -28.91 -23.84 -26.65
C VAL D 263 -28.71 -22.35 -26.90
N ASP D 264 -28.32 -22.02 -28.13
CA ASP D 264 -28.13 -20.62 -28.52
C ASP D 264 -29.48 -20.02 -28.91
N TYR D 265 -29.93 -19.03 -28.14
CA TYR D 265 -31.24 -18.44 -28.36
C TYR D 265 -31.26 -17.46 -29.54
N ASP D 266 -30.11 -17.17 -30.15
CA ASP D 266 -30.04 -16.27 -31.29
C ASP D 266 -30.29 -16.97 -32.62
N ASP D 267 -30.39 -18.30 -32.62
CA ASP D 267 -30.64 -19.02 -33.84
C ASP D 267 -32.10 -18.85 -34.28
N SER D 268 -32.35 -19.09 -35.56
CA SER D 268 -33.69 -18.94 -36.09
C SER D 268 -34.61 -20.08 -35.67
N LEU D 269 -34.09 -21.31 -35.68
CA LEU D 269 -34.90 -22.47 -35.31
C LEU D 269 -35.18 -22.48 -33.81
N VAL D 270 -34.21 -22.04 -33.01
CA VAL D 270 -34.41 -21.95 -31.57
C VAL D 270 -35.44 -20.86 -31.24
N SER D 271 -35.39 -19.74 -31.97
CA SER D 271 -36.36 -18.67 -31.76
C SER D 271 -37.76 -19.11 -32.19
N LYS D 272 -37.85 -19.86 -33.29
CA LYS D 272 -39.15 -20.37 -33.74
C LYS D 272 -39.69 -21.44 -32.79
N PHE D 273 -38.80 -22.15 -32.09
CA PHE D 273 -39.27 -23.11 -31.09
C PHE D 273 -39.70 -22.43 -29.81
N ILE D 274 -38.99 -21.38 -29.39
CA ILE D 274 -39.38 -20.64 -28.18
C ILE D 274 -40.67 -19.86 -28.41
N GLU D 275 -40.90 -19.37 -29.64
CA GLU D 275 -42.14 -18.67 -29.96
C GLU D 275 -43.36 -19.59 -29.91
N ARG D 276 -43.16 -20.89 -30.13
CA ARG D 276 -44.23 -21.87 -29.95
C ARG D 276 -44.19 -22.54 -28.58
N TRP D 277 -43.14 -22.30 -27.79
CA TRP D 277 -42.99 -22.92 -26.48
C TRP D 277 -43.62 -22.08 -25.37
N SER D 278 -43.35 -20.77 -25.37
CA SER D 278 -43.80 -19.91 -24.27
C SER D 278 -45.30 -19.67 -24.30
N THR D 279 -45.95 -19.89 -25.44
CA THR D 279 -47.38 -19.67 -25.57
C THR D 279 -48.20 -20.90 -25.18
N LEU D 280 -47.56 -21.95 -24.69
CA LEU D 280 -48.28 -23.18 -24.35
C LEU D 280 -48.98 -23.05 -23.01
N GLU D 281 -50.09 -23.76 -22.88
CA GLU D 281 -50.87 -23.72 -21.65
C GLU D 281 -50.15 -24.49 -20.54
N GLU D 282 -50.09 -23.88 -19.35
CA GLU D 282 -49.39 -24.51 -18.24
C GLU D 282 -50.16 -25.70 -17.68
N LYS D 283 -51.49 -25.64 -17.71
CA LYS D 283 -52.29 -26.77 -17.26
C LYS D 283 -52.23 -27.92 -18.25
N GLU D 284 -52.14 -27.61 -19.55
CA GLU D 284 -52.02 -28.66 -20.55
C GLU D 284 -50.60 -29.22 -20.62
N TYR D 285 -49.59 -28.39 -20.40
CA TYR D 285 -48.19 -28.83 -20.43
C TYR D 285 -47.48 -28.27 -19.21
N PRO D 286 -47.08 -29.12 -18.26
CA PRO D 286 -46.44 -28.61 -17.05
C PRO D 286 -45.02 -28.12 -17.31
N GLY D 287 -44.69 -26.98 -16.72
CA GLY D 287 -43.37 -26.40 -16.84
C GLY D 287 -43.02 -25.91 -18.24
N ALA D 288 -44.00 -25.38 -18.96
CA ALA D 288 -43.77 -24.96 -20.34
C ALA D 288 -43.91 -23.45 -20.56
N HIS D 289 -44.57 -22.73 -19.66
CA HIS D 289 -44.82 -21.31 -19.86
C HIS D 289 -43.65 -20.50 -19.27
N THR D 290 -42.50 -20.66 -19.91
CA THR D 290 -41.30 -19.90 -19.57
C THR D 290 -40.68 -19.35 -20.85
N ALA D 291 -39.83 -18.34 -20.69
CA ALA D 291 -39.13 -17.77 -21.83
C ALA D 291 -37.93 -18.59 -22.25
N THR D 292 -37.39 -19.40 -21.36
CA THR D 292 -36.24 -20.25 -21.63
C THR D 292 -36.66 -21.71 -21.56
N ILE D 293 -35.68 -22.61 -21.66
CA ILE D 293 -35.92 -24.04 -21.60
C ILE D 293 -34.68 -24.71 -21.02
N LYS D 294 -34.89 -25.77 -20.25
CA LYS D 294 -33.78 -26.54 -19.72
C LYS D 294 -33.09 -27.32 -20.84
N TYR D 295 -31.84 -27.69 -20.58
CA TYR D 295 -31.06 -28.36 -21.62
C TYR D 295 -31.49 -29.81 -21.82
N THR D 296 -31.96 -30.46 -20.76
CA THR D 296 -32.45 -31.84 -20.88
C THR D 296 -33.69 -31.91 -21.77
N SER D 297 -34.56 -30.91 -21.68
CA SER D 297 -35.75 -30.89 -22.53
C SER D 297 -35.39 -30.65 -23.99
N ALA D 298 -34.37 -29.81 -24.23
CA ALA D 298 -33.93 -29.57 -25.60
C ALA D 298 -33.26 -30.81 -26.18
N LEU D 299 -32.50 -31.54 -25.37
CA LEU D 299 -31.89 -32.77 -25.86
C LEU D 299 -32.93 -33.86 -26.07
N THR D 300 -34.01 -33.87 -25.29
CA THR D 300 -35.11 -34.79 -25.55
C THR D 300 -35.82 -34.45 -26.86
N TYR D 301 -36.08 -33.16 -27.08
CA TYR D 301 -36.71 -32.71 -28.32
C TYR D 301 -35.83 -32.98 -29.54
N ASP D 302 -34.50 -32.97 -29.36
CA ASP D 302 -33.62 -33.35 -30.45
C ASP D 302 -33.55 -34.87 -30.63
N ALA D 303 -33.62 -35.63 -29.53
CA ALA D 303 -33.51 -37.08 -29.62
C ALA D 303 -34.73 -37.70 -30.29
N VAL D 304 -35.91 -37.08 -30.11
CA VAL D 304 -37.09 -37.52 -30.85
C VAL D 304 -36.87 -37.35 -32.35
N GLN D 305 -36.26 -36.23 -32.76
CA GLN D 305 -35.94 -35.99 -34.16
C GLN D 305 -34.91 -36.98 -34.68
N VAL D 306 -33.93 -37.34 -33.83
CA VAL D 306 -32.90 -38.31 -34.23
C VAL D 306 -33.51 -39.69 -34.45
N MET D 307 -34.38 -40.13 -33.54
CA MET D 307 -35.02 -41.43 -33.68
C MET D 307 -35.97 -41.47 -34.88
N THR D 308 -36.69 -40.36 -35.12
CA THR D 308 -37.58 -40.29 -36.26
C THR D 308 -36.81 -40.31 -37.57
N GLU D 309 -35.67 -39.61 -37.63
CA GLU D 309 -34.84 -39.62 -38.82
C GLU D 309 -34.21 -40.98 -39.08
N ALA D 310 -33.82 -41.69 -38.01
CA ALA D 310 -33.26 -43.03 -38.20
C ALA D 310 -34.32 -44.02 -38.68
N PHE D 311 -35.53 -43.96 -38.12
CA PHE D 311 -36.59 -44.83 -38.60
C PHE D 311 -37.03 -44.45 -40.02
N ARG D 312 -36.94 -43.18 -40.39
CA ARG D 312 -37.22 -42.78 -41.76
C ARG D 312 -36.14 -43.25 -42.72
N ASN D 313 -34.89 -43.30 -42.25
CA ASN D 313 -33.83 -43.86 -43.07
C ASN D 313 -33.98 -45.37 -43.25
N LEU D 314 -34.54 -46.06 -42.25
CA LEU D 314 -34.89 -47.46 -42.45
C LEU D 314 -36.08 -47.63 -43.39
N ARG D 315 -37.03 -46.70 -43.35
CA ARG D 315 -38.15 -46.76 -44.29
C ARG D 315 -37.71 -46.42 -45.71
N LYS D 316 -36.64 -45.64 -45.86
CA LYS D 316 -36.11 -45.28 -47.17
C LYS D 316 -35.08 -46.26 -47.69
N GLN D 317 -34.53 -47.12 -46.83
CA GLN D 317 -33.55 -48.11 -47.26
C GLN D 317 -34.16 -49.47 -47.56
N ARG D 318 -35.50 -49.60 -47.37
CA ARG D 318 -36.26 -50.83 -47.62
C ARG D 318 -35.70 -52.01 -46.82
N ILE D 319 -35.57 -51.81 -45.51
CA ILE D 319 -35.08 -52.83 -44.60
C ILE D 319 -36.21 -53.18 -43.64
N GLU D 320 -36.67 -54.42 -43.70
CA GLU D 320 -37.80 -54.88 -42.89
C GLU D 320 -37.25 -55.56 -41.63
N ILE D 321 -37.48 -54.95 -40.48
CA ILE D 321 -37.11 -55.52 -39.19
C ILE D 321 -38.35 -55.85 -38.36
N SER D 322 -39.49 -56.02 -39.02
CA SER D 322 -40.77 -56.10 -38.32
C SER D 322 -40.91 -57.41 -37.54
N ARG D 323 -41.47 -57.29 -36.34
CA ARG D 323 -41.72 -58.44 -35.48
C ARG D 323 -42.99 -58.15 -34.69
N ARG D 324 -43.23 -58.93 -33.63
CA ARG D 324 -44.42 -58.75 -32.82
C ARG D 324 -44.05 -58.59 -31.35
N GLY D 325 -45.04 -58.58 -30.47
CA GLY D 325 -44.80 -58.46 -29.05
C GLY D 325 -44.59 -59.79 -28.36
N ASN D 326 -43.61 -60.56 -28.85
CA ASN D 326 -43.28 -61.88 -28.31
C ASN D 326 -41.77 -62.01 -28.17
N ALA D 327 -41.14 -60.98 -27.59
CA ALA D 327 -39.70 -61.00 -27.39
C ALA D 327 -39.27 -61.91 -26.24
N GLY D 328 -40.20 -62.29 -25.37
CA GLY D 328 -39.89 -63.20 -24.30
C GLY D 328 -39.46 -62.51 -23.02
N ASP D 329 -38.83 -63.28 -22.15
CA ASP D 329 -38.36 -62.78 -20.87
C ASP D 329 -37.00 -62.11 -21.02
N CYS D 330 -36.76 -61.09 -20.21
CA CYS D 330 -35.47 -60.40 -20.21
C CYS D 330 -34.35 -61.21 -19.59
N LEU D 331 -34.68 -62.23 -18.80
CA LEU D 331 -33.69 -63.04 -18.08
C LEU D 331 -33.50 -64.40 -18.71
N ALA D 332 -33.47 -64.47 -20.04
CA ALA D 332 -33.29 -65.74 -20.73
C ALA D 332 -31.85 -66.22 -20.60
N ASN D 333 -31.69 -67.53 -20.51
CA ASN D 333 -30.37 -68.16 -20.41
C ASN D 333 -30.27 -69.27 -21.44
N PRO D 334 -29.42 -69.14 -22.48
CA PRO D 334 -28.65 -67.94 -22.82
C PRO D 334 -29.50 -66.91 -23.55
N ALA D 335 -29.34 -65.63 -23.20
CA ALA D 335 -30.08 -64.55 -23.83
C ALA D 335 -29.55 -64.35 -25.24
N VAL D 336 -30.23 -64.92 -26.22
CA VAL D 336 -29.78 -64.85 -27.61
C VAL D 336 -30.21 -63.50 -28.20
N PRO D 337 -29.33 -62.79 -28.88
CA PRO D 337 -29.71 -61.52 -29.49
C PRO D 337 -30.39 -61.73 -30.83
N TRP D 338 -31.11 -60.71 -31.26
CA TRP D 338 -31.69 -60.69 -32.60
C TRP D 338 -30.90 -59.69 -33.45
N GLY D 339 -30.37 -60.18 -34.57
CA GLY D 339 -29.34 -59.48 -35.31
C GLY D 339 -29.79 -58.20 -35.99
N GLN D 340 -31.09 -58.08 -36.27
CA GLN D 340 -31.62 -56.87 -36.91
C GLN D 340 -31.56 -55.65 -35.99
N GLY D 341 -31.37 -55.84 -34.69
CA GLY D 341 -31.08 -54.74 -33.81
C GLY D 341 -29.69 -54.19 -33.96
N VAL D 342 -28.76 -55.03 -34.45
CA VAL D 342 -27.38 -54.61 -34.64
C VAL D 342 -27.28 -53.55 -35.74
N GLU D 343 -28.17 -53.63 -36.72
CA GLU D 343 -28.28 -52.57 -37.72
C GLU D 343 -28.80 -51.27 -37.11
N ILE D 344 -29.63 -51.36 -36.07
CA ILE D 344 -30.32 -50.18 -35.52
C ILE D 344 -29.33 -49.22 -34.90
N GLU D 345 -28.36 -49.75 -34.13
CA GLU D 345 -27.24 -48.92 -33.67
C GLU D 345 -26.46 -48.36 -34.84
N ARG D 346 -26.19 -49.20 -35.85
CA ARG D 346 -25.59 -48.74 -37.09
C ARG D 346 -26.50 -47.78 -37.85
N ALA D 347 -27.81 -47.84 -37.58
CA ALA D 347 -28.71 -46.80 -38.05
C ALA D 347 -28.42 -45.48 -37.34
N LEU D 348 -28.30 -45.53 -36.01
CA LEU D 348 -28.26 -44.31 -35.20
C LEU D 348 -26.95 -43.55 -35.39
N LYS D 349 -25.86 -44.26 -35.69
CA LYS D 349 -24.61 -43.61 -36.01
C LYS D 349 -24.63 -42.93 -37.37
N GLN D 350 -25.61 -43.22 -38.21
CA GLN D 350 -25.72 -42.59 -39.52
C GLN D 350 -26.49 -41.27 -39.48
N VAL D 351 -27.04 -40.90 -38.33
CA VAL D 351 -27.84 -39.69 -38.22
C VAL D 351 -26.93 -38.48 -38.09
N GLN D 352 -27.14 -37.48 -38.95
CA GLN D 352 -26.43 -36.21 -38.87
C GLN D 352 -27.44 -35.12 -39.22
N VAL D 353 -27.99 -34.47 -38.20
CA VAL D 353 -29.09 -33.52 -38.37
C VAL D 353 -28.74 -32.21 -37.68
N GLU D 354 -29.69 -31.28 -37.67
CA GLU D 354 -29.52 -29.99 -37.03
C GLU D 354 -30.67 -29.76 -36.07
N GLY D 355 -30.37 -29.70 -34.77
CA GLY D 355 -31.38 -29.47 -33.76
C GLY D 355 -31.02 -28.34 -32.83
N LEU D 356 -31.64 -28.32 -31.64
CA LEU D 356 -31.46 -27.24 -30.68
C LEU D 356 -30.06 -27.20 -30.09
N SER D 357 -29.33 -28.32 -30.11
CA SER D 357 -27.94 -28.37 -29.70
C SER D 357 -26.99 -28.15 -30.88
N GLY D 358 -27.51 -27.64 -31.99
CA GLY D 358 -26.68 -27.41 -33.16
C GLY D 358 -26.56 -28.63 -34.05
N ASN D 359 -25.36 -28.88 -34.56
CA ASN D 359 -25.14 -30.03 -35.41
C ASN D 359 -25.09 -31.30 -34.57
N ILE D 360 -25.71 -32.37 -35.08
CA ILE D 360 -25.78 -33.64 -34.39
C ILE D 360 -25.18 -34.68 -35.32
N LYS D 361 -23.97 -35.14 -34.99
CA LYS D 361 -23.29 -36.21 -35.68
C LYS D 361 -22.58 -37.08 -34.66
N PHE D 362 -22.47 -38.37 -34.96
CA PHE D 362 -22.04 -39.36 -33.99
C PHE D 362 -20.79 -40.09 -34.47
N ASP D 363 -20.15 -40.78 -33.52
CA ASP D 363 -18.97 -41.59 -33.81
C ASP D 363 -19.37 -43.06 -33.88
N GLN D 364 -18.37 -43.94 -33.95
CA GLN D 364 -18.64 -45.37 -33.94
C GLN D 364 -19.05 -45.87 -32.55
N ASN D 365 -18.67 -45.16 -31.49
CA ASN D 365 -19.03 -45.58 -30.15
C ASN D 365 -20.45 -45.18 -29.79
N GLY D 366 -20.79 -43.91 -29.99
CA GLY D 366 -22.09 -43.41 -29.61
C GLY D 366 -22.03 -42.00 -29.04
N LYS D 367 -20.82 -41.47 -28.91
CA LYS D 367 -20.64 -40.11 -28.45
C LYS D 367 -21.01 -39.11 -29.56
N ARG D 368 -21.07 -37.84 -29.18
CA ARG D 368 -21.39 -36.79 -30.13
C ARG D 368 -20.11 -36.12 -30.63
N ILE D 369 -20.04 -35.91 -31.94
CA ILE D 369 -18.92 -35.23 -32.58
C ILE D 369 -19.45 -34.05 -33.37
N ASN D 370 -18.54 -33.09 -33.61
CA ASN D 370 -18.78 -31.90 -34.45
C ASN D 370 -19.95 -31.06 -33.91
N TYR D 371 -19.77 -30.57 -32.69
CA TYR D 371 -20.78 -29.77 -32.01
C TYR D 371 -20.18 -28.42 -31.61
N THR D 372 -20.99 -27.60 -30.94
CA THR D 372 -20.63 -26.23 -30.62
C THR D 372 -21.18 -25.87 -29.25
N ILE D 373 -20.32 -25.37 -28.37
CA ILE D 373 -20.72 -24.94 -27.03
C ILE D 373 -20.36 -23.48 -26.87
N ASN D 374 -21.34 -22.64 -26.56
CA ASN D 374 -21.07 -21.22 -26.36
C ASN D 374 -20.49 -20.99 -24.97
N ILE D 375 -19.43 -20.18 -24.90
CA ILE D 375 -18.86 -19.78 -23.61
C ILE D 375 -19.52 -18.47 -23.23
N MET D 376 -20.37 -18.49 -22.23
CA MET D 376 -21.14 -17.33 -21.82
C MET D 376 -20.47 -16.67 -20.62
N GLU D 377 -20.55 -15.34 -20.57
CA GLU D 377 -20.17 -14.57 -19.40
C GLU D 377 -21.31 -13.61 -19.06
N LEU D 378 -21.51 -13.40 -17.77
CA LEU D 378 -22.63 -12.61 -17.30
C LEU D 378 -22.22 -11.16 -17.13
N LYS D 379 -22.83 -10.27 -17.92
CA LYS D 379 -22.58 -8.84 -17.84
C LYS D 379 -23.69 -8.19 -17.02
N THR D 380 -23.71 -6.85 -17.00
CA THR D 380 -24.72 -6.12 -16.24
C THR D 380 -26.08 -6.24 -16.90
N ASN D 381 -26.15 -6.01 -18.21
CA ASN D 381 -27.41 -6.12 -18.94
C ASN D 381 -27.87 -7.56 -19.11
N GLY D 382 -26.99 -8.53 -18.92
CA GLY D 382 -27.36 -9.93 -19.03
C GLY D 382 -26.22 -10.79 -19.51
N PRO D 383 -26.52 -12.03 -19.90
CA PRO D 383 -25.47 -12.92 -20.42
C PRO D 383 -25.07 -12.53 -21.83
N ARG D 384 -23.81 -12.81 -22.16
CA ARG D 384 -23.27 -12.43 -23.45
C ARG D 384 -22.26 -13.48 -23.91
N LYS D 385 -22.38 -13.91 -25.16
CA LYS D 385 -21.46 -14.88 -25.71
C LYS D 385 -20.13 -14.23 -26.06
N ILE D 386 -19.05 -14.81 -25.55
CA ILE D 386 -17.70 -14.34 -25.87
C ILE D 386 -16.98 -15.23 -26.85
N GLY D 387 -17.57 -16.36 -27.24
CA GLY D 387 -16.93 -17.27 -28.15
C GLY D 387 -17.59 -18.63 -28.11
N TYR D 388 -17.10 -19.50 -28.99
CA TYR D 388 -17.63 -20.85 -29.12
C TYR D 388 -16.50 -21.87 -28.94
N TRP D 389 -16.90 -23.12 -28.72
CA TRP D 389 -15.97 -24.20 -28.49
C TRP D 389 -16.41 -25.41 -29.31
N SER D 390 -15.44 -26.05 -29.96
CA SER D 390 -15.68 -27.30 -30.66
C SER D 390 -14.60 -28.29 -30.27
N GLU D 391 -14.52 -29.43 -30.96
CA GLU D 391 -13.49 -30.42 -30.69
C GLU D 391 -12.41 -30.48 -31.75
N VAL D 392 -12.71 -30.11 -32.99
CA VAL D 392 -11.67 -30.00 -34.00
C VAL D 392 -10.94 -28.66 -33.92
N ASP D 393 -11.50 -27.70 -33.19
CA ASP D 393 -10.89 -26.39 -32.98
C ASP D 393 -10.86 -26.09 -31.50
N LYS D 394 -9.99 -25.17 -31.11
CA LYS D 394 -9.91 -24.71 -29.73
C LYS D 394 -10.93 -23.60 -29.52
N MET D 395 -10.83 -22.89 -28.39
CA MET D 395 -11.72 -21.79 -28.08
C MET D 395 -11.49 -20.60 -29.00
N VAL D 396 -12.43 -20.36 -29.91
CA VAL D 396 -12.36 -19.26 -30.86
C VAL D 396 -13.20 -18.12 -30.30
N VAL D 397 -12.61 -16.94 -30.17
CA VAL D 397 -13.32 -15.79 -29.63
C VAL D 397 -14.28 -15.22 -30.67
N THR D 398 -15.15 -14.33 -30.18
CA THR D 398 -16.13 -13.64 -31.02
C THR D 398 -16.22 -12.20 -30.54
N LEU D 399 -15.69 -11.27 -31.33
CA LEU D 399 -15.71 -9.86 -30.97
C LEU D 399 -16.64 -9.09 -31.90
N VAL D 416 7.90 9.30 -24.34
CA VAL D 416 8.17 10.69 -24.68
C VAL D 416 9.51 10.80 -25.40
N VAL D 417 9.45 11.37 -26.61
CA VAL D 417 10.62 11.49 -27.47
C VAL D 417 11.55 12.55 -26.88
N VAL D 418 12.73 12.13 -26.45
CA VAL D 418 13.74 13.01 -25.87
C VAL D 418 14.92 13.05 -26.83
N THR D 419 15.15 14.21 -27.44
CA THR D 419 16.23 14.38 -28.40
C THR D 419 17.43 15.06 -27.75
N THR D 420 18.62 14.71 -28.24
CA THR D 420 19.88 15.20 -27.71
C THR D 420 20.96 14.99 -28.77
N ILE D 421 22.21 15.25 -28.38
CA ILE D 421 23.35 15.14 -29.28
C ILE D 421 24.55 14.66 -28.45
N LEU D 422 25.46 13.95 -29.11
CA LEU D 422 26.67 13.45 -28.46
C LEU D 422 27.60 14.61 -28.17
N GLU D 423 27.59 15.09 -26.93
CA GLU D 423 28.51 16.11 -26.46
C GLU D 423 29.01 15.73 -25.08
N SER D 424 30.30 15.92 -24.84
CA SER D 424 30.87 15.58 -23.54
C SER D 424 30.76 16.77 -22.60
N PRO D 425 30.49 16.55 -21.30
CA PRO D 425 30.18 15.25 -20.68
C PRO D 425 28.68 15.01 -20.59
N TYR D 426 27.93 15.62 -21.50
CA TYR D 426 26.47 15.57 -21.40
C TYR D 426 25.93 14.23 -21.87
N VAL D 427 26.20 13.87 -23.12
CA VAL D 427 25.82 12.58 -23.68
C VAL D 427 27.05 11.99 -24.36
N MET D 428 27.51 10.84 -23.87
CA MET D 428 28.68 10.17 -24.40
C MET D 428 28.36 8.71 -24.71
N MET D 429 29.14 8.13 -25.61
CA MET D 429 28.96 6.73 -25.97
C MET D 429 29.47 5.81 -24.88
N LYS D 430 28.80 4.68 -24.72
CA LYS D 430 29.24 3.68 -23.77
C LYS D 430 30.29 2.78 -24.40
N LYS D 431 30.82 1.85 -23.59
CA LYS D 431 31.81 0.91 -24.10
C LYS D 431 31.16 -0.15 -24.99
N ASN D 432 30.24 -0.92 -24.43
CA ASN D 432 29.51 -1.94 -25.18
C ASN D 432 28.17 -1.41 -25.70
N HIS D 433 28.26 -0.30 -26.45
CA HIS D 433 27.06 0.32 -26.99
C HIS D 433 26.44 -0.51 -28.10
N GLU D 434 27.25 -1.24 -28.86
CA GLU D 434 26.72 -2.15 -29.85
C GLU D 434 26.21 -3.45 -29.25
N MET D 435 26.58 -3.74 -28.00
CA MET D 435 26.17 -4.98 -27.34
C MET D 435 24.98 -4.77 -26.40
N LEU D 436 24.48 -3.55 -26.26
CA LEU D 436 23.33 -3.26 -25.43
C LEU D 436 22.28 -2.53 -26.25
N GLU D 437 21.07 -2.45 -25.68
CA GLU D 437 19.94 -1.84 -26.37
C GLU D 437 19.15 -1.00 -25.38
N GLY D 438 18.29 -0.15 -25.93
CA GLY D 438 17.42 0.70 -25.13
C GLY D 438 18.05 2.02 -24.75
N ASN D 439 17.58 2.62 -23.66
CA ASN D 439 18.07 3.91 -23.21
C ASN D 439 19.37 3.82 -22.42
N GLU D 440 19.85 2.61 -22.14
CA GLU D 440 21.13 2.43 -21.47
C GLU D 440 22.31 2.47 -22.43
N ARG D 441 22.08 2.74 -23.71
CA ARG D 441 23.18 2.81 -24.67
C ARG D 441 23.98 4.10 -24.55
N TYR D 442 23.46 5.10 -23.84
CA TYR D 442 24.15 6.36 -23.66
C TYR D 442 24.36 6.62 -22.17
N GLU D 443 25.30 7.53 -21.88
CA GLU D 443 25.62 7.88 -20.50
C GLU D 443 26.23 9.28 -20.50
N GLY D 444 26.10 9.94 -19.36
CA GLY D 444 26.64 11.28 -19.19
C GLY D 444 25.76 12.10 -18.26
N TYR D 445 25.83 13.42 -18.44
CA TYR D 445 25.10 14.34 -17.57
C TYR D 445 23.62 14.36 -17.90
N CYS D 446 23.27 14.55 -19.18
CA CYS D 446 21.87 14.69 -19.57
C CYS D 446 21.10 13.39 -19.44
N VAL D 447 21.79 12.24 -19.47
CA VAL D 447 21.12 10.96 -19.27
C VAL D 447 20.60 10.85 -17.84
N ASP D 448 21.45 11.14 -16.86
CA ASP D 448 21.02 11.15 -15.47
C ASP D 448 20.07 12.30 -15.19
N LEU D 449 20.18 13.40 -15.95
CA LEU D 449 19.23 14.50 -15.82
C LEU D 449 17.84 14.08 -16.25
N ALA D 450 17.72 13.39 -17.39
CA ALA D 450 16.44 12.87 -17.84
C ALA D 450 15.93 11.78 -16.91
N ALA D 451 16.85 11.01 -16.30
CA ALA D 451 16.44 10.03 -15.30
C ALA D 451 15.84 10.71 -14.07
N GLU D 452 16.41 11.83 -13.65
CA GLU D 452 15.85 12.56 -12.51
C GLU D 452 14.54 13.23 -12.88
N ILE D 453 14.39 13.68 -14.14
CA ILE D 453 13.12 14.23 -14.61
C ILE D 453 12.03 13.17 -14.60
N ALA D 454 12.34 11.98 -15.09
CA ALA D 454 11.37 10.88 -15.06
C ALA D 454 11.12 10.37 -13.64
N LYS D 455 12.08 10.55 -12.72
CA LYS D 455 11.86 10.15 -11.34
C LYS D 455 10.94 11.13 -10.62
N HIS D 456 11.19 12.43 -10.80
CA HIS D 456 10.41 13.45 -10.11
C HIS D 456 9.18 13.90 -10.89
N CYS D 457 8.89 13.28 -12.03
CA CYS D 457 7.68 13.58 -12.79
C CYS D 457 6.88 12.36 -13.17
N GLY D 458 7.49 11.18 -13.27
CA GLY D 458 6.77 9.94 -13.49
C GLY D 458 6.21 9.76 -14.88
N PHE D 459 7.09 9.67 -15.89
CA PHE D 459 6.66 9.38 -17.24
C PHE D 459 7.79 8.69 -17.99
N LYS D 460 7.42 7.87 -18.97
CA LYS D 460 8.40 7.17 -19.78
C LYS D 460 9.02 8.12 -20.80
N TYR D 461 10.29 7.87 -21.11
CA TYR D 461 11.05 8.72 -22.02
C TYR D 461 11.62 7.88 -23.15
N LYS D 462 12.17 8.56 -24.15
CA LYS D 462 12.77 7.88 -25.29
C LYS D 462 13.96 8.72 -25.75
N LEU D 463 15.17 8.28 -25.39
CA LEU D 463 16.39 9.01 -25.72
C LEU D 463 16.68 8.86 -27.21
N THR D 464 16.36 9.91 -27.98
CA THR D 464 16.53 9.89 -29.42
C THR D 464 17.67 10.82 -29.83
N ILE D 465 18.10 10.67 -31.08
CA ILE D 465 19.22 11.40 -31.63
C ILE D 465 18.71 12.27 -32.76
N VAL D 466 19.15 13.54 -32.79
CA VAL D 466 18.80 14.44 -33.88
C VAL D 466 19.50 13.97 -35.15
N GLY D 467 18.83 14.14 -36.28
CA GLY D 467 19.32 13.64 -37.56
C GLY D 467 20.52 14.39 -38.10
N ASP D 468 20.38 15.69 -38.30
CA ASP D 468 21.43 16.49 -38.92
C ASP D 468 22.60 16.78 -37.98
N GLY D 469 22.44 16.58 -36.68
CA GLY D 469 23.49 16.95 -35.76
C GLY D 469 23.66 18.43 -35.54
N LYS D 470 22.62 19.21 -35.82
CA LYS D 470 22.64 20.66 -35.64
C LYS D 470 21.81 21.04 -34.42
N TYR D 471 22.13 22.20 -33.84
CA TYR D 471 21.42 22.66 -32.66
C TYR D 471 20.12 23.36 -33.05
N GLY D 472 20.23 24.47 -33.77
CA GLY D 472 19.07 25.18 -34.27
C GLY D 472 19.43 26.46 -34.99
N ALA D 473 18.82 26.68 -36.16
CA ALA D 473 19.11 27.86 -36.96
C ALA D 473 17.94 28.10 -37.90
N ARG D 474 17.61 29.37 -38.11
CA ARG D 474 16.53 29.77 -38.99
C ARG D 474 17.11 30.50 -40.19
N ASP D 475 16.83 29.99 -41.39
CA ASP D 475 17.32 30.61 -42.60
C ASP D 475 16.53 31.88 -42.88
N ALA D 476 17.19 32.85 -43.52
CA ALA D 476 16.55 34.11 -43.85
C ALA D 476 15.56 33.98 -44.99
N ASP D 477 15.68 32.94 -45.81
CA ASP D 477 14.80 32.75 -46.97
C ASP D 477 13.65 31.80 -46.64
N THR D 478 13.97 30.59 -46.20
CA THR D 478 12.95 29.58 -45.96
C THR D 478 12.21 29.79 -44.66
N LYS D 479 12.84 30.45 -43.67
CA LYS D 479 12.32 30.64 -42.31
C LYS D 479 11.94 29.31 -41.65
N ILE D 480 12.81 28.32 -41.83
CA ILE D 480 12.57 26.97 -41.33
C ILE D 480 13.68 26.63 -40.34
N TRP D 481 13.30 26.33 -39.11
CA TRP D 481 14.25 25.91 -38.08
C TRP D 481 14.71 24.49 -38.33
N ASN D 482 15.97 24.23 -38.01
CA ASN D 482 16.57 22.91 -38.16
C ASN D 482 17.03 22.38 -36.80
N GLY D 483 17.49 21.13 -36.81
CA GLY D 483 17.99 20.52 -35.59
C GLY D 483 16.88 20.19 -34.60
N MET D 484 17.24 20.24 -33.31
CA MET D 484 16.28 19.96 -32.25
C MET D 484 15.20 21.02 -32.17
N VAL D 485 15.53 22.27 -32.55
CA VAL D 485 14.53 23.32 -32.62
C VAL D 485 13.49 23.01 -33.69
N GLY D 486 13.96 22.57 -34.87
CA GLY D 486 13.03 22.16 -35.91
C GLY D 486 12.26 20.90 -35.57
N GLU D 487 12.84 20.02 -34.75
CA GLU D 487 12.10 18.85 -34.30
C GLU D 487 11.01 19.22 -33.31
N LEU D 488 11.26 20.22 -32.47
CA LEU D 488 10.23 20.66 -31.54
C LEU D 488 9.15 21.49 -32.22
N VAL D 489 9.52 22.28 -33.23
CA VAL D 489 8.52 23.09 -33.93
C VAL D 489 7.64 22.21 -34.81
N TYR D 490 8.26 21.39 -35.66
CA TYR D 490 7.51 20.57 -36.61
C TYR D 490 7.05 19.23 -36.02
N GLY D 491 7.11 19.08 -34.70
CA GLY D 491 6.54 17.91 -34.05
C GLY D 491 7.32 16.63 -34.20
N LYS D 492 8.59 16.69 -34.63
CA LYS D 492 9.38 15.47 -34.75
C LYS D 492 9.85 14.96 -33.39
N ALA D 493 9.95 15.84 -32.40
CA ALA D 493 10.33 15.47 -31.06
C ALA D 493 9.28 15.98 -30.07
N ASP D 494 9.36 15.49 -28.85
CA ASP D 494 8.45 15.87 -27.78
C ASP D 494 9.06 16.86 -26.80
N ILE D 495 10.24 16.55 -26.28
CA ILE D 495 10.96 17.45 -25.38
C ILE D 495 12.45 17.28 -25.67
N ALA D 496 13.19 18.37 -25.50
CA ALA D 496 14.63 18.38 -25.77
C ALA D 496 15.37 18.60 -24.46
N ILE D 497 16.15 17.61 -24.05
CA ILE D 497 17.01 17.74 -22.88
C ILE D 497 18.45 17.77 -23.37
N ALA D 498 18.97 18.98 -23.60
CA ALA D 498 20.25 19.18 -24.24
C ALA D 498 20.72 20.60 -23.95
N PRO D 499 22.04 20.85 -23.97
CA PRO D 499 22.51 22.23 -23.78
C PRO D 499 22.22 23.12 -24.97
N LEU D 500 21.00 23.66 -25.03
CA LEU D 500 20.59 24.58 -26.07
C LEU D 500 20.57 25.99 -25.49
N THR D 501 21.12 26.94 -26.24
CA THR D 501 21.22 28.32 -25.76
C THR D 501 19.85 29.00 -25.81
N ILE D 502 19.42 29.52 -24.67
CA ILE D 502 18.14 30.19 -24.57
C ILE D 502 18.30 31.63 -25.09
N THR D 503 17.72 31.90 -26.25
CA THR D 503 17.78 33.22 -26.86
C THR D 503 16.37 33.77 -27.06
N LEU D 504 16.32 35.03 -27.48
CA LEU D 504 15.03 35.69 -27.72
C LEU D 504 14.37 35.16 -28.99
N VAL D 505 15.18 34.84 -30.01
CA VAL D 505 14.64 34.37 -31.28
C VAL D 505 14.12 32.94 -31.17
N ARG D 506 14.55 32.20 -30.15
CA ARG D 506 14.03 30.85 -29.93
C ARG D 506 12.79 30.85 -29.03
N GLU D 507 12.58 31.91 -28.25
CA GLU D 507 11.36 32.04 -27.47
C GLU D 507 10.15 32.31 -28.34
N GLU D 508 10.35 32.86 -29.54
CA GLU D 508 9.24 33.23 -30.42
C GLU D 508 8.49 32.02 -30.97
N VAL D 509 9.09 30.83 -30.94
CA VAL D 509 8.45 29.63 -31.45
C VAL D 509 8.17 28.60 -30.36
N ILE D 510 9.07 28.45 -29.38
CA ILE D 510 8.92 27.46 -28.32
C ILE D 510 9.14 28.14 -26.98
N ASP D 511 8.94 27.36 -25.92
CA ASP D 511 9.08 27.83 -24.55
C ASP D 511 10.36 27.29 -23.92
N PHE D 512 10.70 27.82 -22.76
CA PHE D 512 11.90 27.42 -22.03
C PHE D 512 11.63 27.46 -20.53
N SER D 513 12.31 26.58 -19.81
CA SER D 513 12.22 26.55 -18.37
C SER D 513 13.33 27.43 -17.77
N LYS D 514 13.45 27.40 -16.46
CA LYS D 514 14.52 28.16 -15.81
C LYS D 514 15.86 27.45 -16.02
N PRO D 515 16.96 28.19 -16.11
CA PRO D 515 18.27 27.56 -16.31
C PRO D 515 18.71 26.79 -15.07
N PHE D 516 19.27 25.61 -15.29
CA PHE D 516 19.74 24.78 -14.19
C PHE D 516 21.19 25.09 -13.82
N MET D 517 22.02 25.46 -14.79
CA MET D 517 23.44 25.75 -14.56
C MET D 517 23.81 27.01 -15.31
N SER D 518 24.34 27.99 -14.58
CA SER D 518 24.78 29.24 -15.19
C SER D 518 26.22 29.12 -15.68
N LEU D 519 26.53 29.92 -16.69
CA LEU D 519 27.87 29.90 -17.29
C LEU D 519 28.12 31.24 -17.96
N GLY D 520 29.30 31.36 -18.56
CA GLY D 520 29.68 32.57 -19.26
C GLY D 520 30.85 32.32 -20.18
N ILE D 521 31.34 33.40 -20.78
CA ILE D 521 32.46 33.33 -21.71
C ILE D 521 33.76 33.36 -20.92
N SER D 522 34.64 32.40 -21.19
CA SER D 522 35.86 32.18 -20.44
C SER D 522 37.09 32.40 -21.32
N ILE D 523 38.26 32.26 -20.71
CA ILE D 523 39.55 32.43 -21.37
C ILE D 523 40.32 31.14 -21.23
N MET D 524 40.73 30.56 -22.36
CA MET D 524 41.51 29.32 -22.37
C MET D 524 42.97 29.65 -22.67
N ILE D 525 43.84 29.39 -21.69
CA ILE D 525 45.28 29.46 -21.89
C ILE D 525 45.87 28.13 -21.42
N LYS D 526 47.12 27.90 -21.82
CA LYS D 526 47.83 26.72 -21.35
C LYS D 526 48.34 26.93 -19.94
N LYS D 527 48.71 25.84 -19.29
CA LYS D 527 49.25 25.92 -17.94
C LYS D 527 50.68 26.45 -17.98
N PRO D 528 51.02 27.47 -17.18
CA PRO D 528 52.38 28.00 -17.21
C PRO D 528 53.40 27.06 -16.56
N GLN D 529 54.21 26.42 -17.39
CA GLN D 529 55.25 25.52 -16.91
C GLN D 529 56.54 26.30 -16.70
N LYS D 530 57.64 25.56 -16.48
CA LYS D 530 58.94 26.18 -16.30
C LYS D 530 59.53 26.53 -17.66
N SER D 531 59.77 27.82 -17.88
CA SER D 531 60.43 28.31 -19.08
C SER D 531 61.87 28.66 -18.75
N LYS D 532 62.73 28.58 -19.75
CA LYS D 532 64.16 28.86 -19.60
C LYS D 532 64.40 30.33 -19.32
N PRO D 533 64.88 30.69 -18.12
CA PRO D 533 64.98 32.12 -17.77
C PRO D 533 66.16 32.82 -18.44
N GLY D 534 67.30 32.15 -18.55
CA GLY D 534 68.43 32.68 -19.26
C GLY D 534 69.23 33.76 -18.55
N VAL D 535 69.68 34.75 -19.34
CA VAL D 535 70.62 35.77 -18.89
C VAL D 535 70.01 36.65 -17.79
N PHE D 536 68.68 36.74 -17.76
CA PHE D 536 67.99 37.51 -16.72
C PHE D 536 68.10 36.87 -15.33
N SER D 537 68.61 35.63 -15.22
CA SER D 537 68.72 34.97 -13.92
C SER D 537 69.78 35.58 -13.02
N PHE D 538 70.75 36.32 -13.58
CA PHE D 538 71.86 36.81 -12.77
C PHE D 538 71.44 37.92 -11.82
N LEU D 539 70.67 38.89 -12.31
CA LEU D 539 70.14 39.95 -11.47
C LEU D 539 68.68 39.70 -11.11
N ASP D 540 68.28 38.42 -11.14
CA ASP D 540 66.88 38.09 -10.83
C ASP D 540 66.53 38.25 -9.35
N PRO D 541 67.27 37.68 -8.37
CA PRO D 541 66.79 37.80 -7.00
C PRO D 541 67.08 39.16 -6.38
N LEU D 542 66.22 39.49 -5.40
CA LEU D 542 66.32 40.58 -4.42
C LEU D 542 66.09 41.98 -4.97
N ALA D 543 66.12 42.14 -6.29
CA ALA D 543 66.15 43.48 -6.88
C ALA D 543 66.02 43.40 -8.38
N TYR D 544 65.56 44.49 -8.98
CA TYR D 544 65.73 44.76 -10.40
C TYR D 544 66.39 46.11 -10.65
N GLU D 545 66.27 47.05 -9.70
CA GLU D 545 66.81 48.39 -9.83
C GLU D 545 67.79 48.75 -8.74
N ILE D 546 67.73 48.08 -7.58
CA ILE D 546 68.56 48.43 -6.42
C ILE D 546 70.04 48.13 -6.63
N TRP D 547 70.40 47.33 -7.63
CA TRP D 547 71.81 47.08 -7.95
C TRP D 547 72.49 48.35 -8.42
N MET D 548 71.76 49.21 -9.17
CA MET D 548 72.31 50.49 -9.58
C MET D 548 72.54 51.41 -8.38
N CYS D 549 71.67 51.32 -7.37
CA CYS D 549 71.89 52.08 -6.14
C CYS D 549 73.08 51.53 -5.37
N ILE D 550 73.31 50.21 -5.43
CA ILE D 550 74.49 49.61 -4.81
C ILE D 550 75.76 50.10 -5.50
N VAL D 551 75.75 50.17 -6.83
CA VAL D 551 76.92 50.64 -7.57
C VAL D 551 77.17 52.13 -7.34
N PHE D 552 76.10 52.92 -7.25
CA PHE D 552 76.25 54.35 -7.00
C PHE D 552 76.74 54.62 -5.59
N ALA D 553 76.26 53.85 -4.60
CA ALA D 553 76.80 53.96 -3.26
C ALA D 553 78.24 53.47 -3.18
N TYR D 554 78.60 52.49 -4.01
CA TYR D 554 79.99 52.05 -4.12
C TYR D 554 80.89 53.16 -4.62
N ILE D 555 80.45 53.88 -5.65
CA ILE D 555 81.21 55.02 -6.16
C ILE D 555 81.28 56.12 -5.11
N GLY D 556 80.19 56.35 -4.39
CA GLY D 556 80.18 57.39 -3.37
C GLY D 556 81.10 57.10 -2.19
N VAL D 557 81.09 55.85 -1.71
CA VAL D 557 81.98 55.45 -0.63
C VAL D 557 83.43 55.45 -1.10
N SER D 558 83.67 55.16 -2.39
CA SER D 558 85.02 55.28 -2.93
C SER D 558 85.49 56.74 -2.96
N VAL D 559 84.57 57.66 -3.29
CA VAL D 559 84.91 59.09 -3.28
C VAL D 559 85.17 59.57 -1.86
N VAL D 560 84.38 59.07 -0.88
CA VAL D 560 84.60 59.42 0.52
C VAL D 560 85.93 58.86 1.02
N LEU D 561 86.28 57.64 0.59
CA LEU D 561 87.55 57.03 0.99
C LEU D 561 88.74 57.78 0.40
N PHE D 562 88.61 58.25 -0.85
CA PHE D 562 89.68 59.06 -1.43
C PHE D 562 89.74 60.45 -0.79
N LEU D 563 88.60 60.98 -0.36
CA LEU D 563 88.59 62.28 0.28
C LEU D 563 89.19 62.23 1.68
N VAL D 564 89.05 61.11 2.37
CA VAL D 564 89.64 60.96 3.70
C VAL D 564 91.11 60.61 3.59
N SER D 565 91.44 59.65 2.72
CA SER D 565 92.80 59.13 2.65
C SER D 565 93.79 60.08 1.99
N ARG D 566 93.33 60.93 1.07
CA ARG D 566 94.22 61.80 0.30
C ARG D 566 93.98 63.27 0.62
N PHE D 567 93.75 63.59 1.89
CA PHE D 567 93.66 64.98 2.30
C PHE D 567 94.32 65.24 3.65
N SER D 568 95.04 64.26 4.21
CA SER D 568 95.66 64.42 5.53
C SER D 568 96.85 65.40 5.57
N PRO D 569 97.69 65.55 4.50
CA PRO D 569 98.60 66.68 4.71
C PRO D 569 97.98 68.02 4.32
N ASN D 590 100.10 56.53 2.32
CA ASN D 590 100.45 55.19 1.92
C ASN D 590 99.29 54.50 1.20
N GLU D 591 98.10 54.62 1.76
CA GLU D 591 96.89 54.05 1.18
C GLU D 591 96.19 54.99 0.22
N PHE D 592 96.88 56.01 -0.27
CA PHE D 592 96.28 57.01 -1.14
C PHE D 592 96.10 56.46 -2.55
N GLY D 593 95.53 57.28 -3.42
CA GLY D 593 95.26 56.89 -4.79
C GLY D 593 93.79 56.65 -5.04
N ILE D 594 93.26 57.23 -6.12
CA ILE D 594 91.83 57.07 -6.42
C ILE D 594 91.54 55.64 -6.87
N PHE D 595 92.43 55.05 -7.67
CA PHE D 595 92.21 53.67 -8.09
C PHE D 595 92.55 52.69 -6.97
N ASN D 596 93.52 53.02 -6.12
CA ASN D 596 93.80 52.18 -4.96
C ASN D 596 92.65 52.20 -3.97
N SER D 597 92.04 53.37 -3.75
CA SER D 597 90.87 53.44 -2.90
C SER D 597 89.67 52.74 -3.52
N LEU D 598 89.52 52.83 -4.86
CA LEU D 598 88.45 52.12 -5.55
C LEU D 598 88.62 50.62 -5.46
N TRP D 599 89.86 50.13 -5.59
CA TRP D 599 90.11 48.70 -5.49
C TRP D 599 90.02 48.20 -4.06
N PHE D 600 90.34 49.04 -3.07
CA PHE D 600 90.08 48.65 -1.68
C PHE D 600 88.59 48.63 -1.37
N SER D 601 87.81 49.51 -2.00
CA SER D 601 86.36 49.44 -1.86
C SER D 601 85.80 48.21 -2.54
N LEU D 602 86.41 47.80 -3.66
CA LEU D 602 86.04 46.54 -4.31
C LEU D 602 86.38 45.35 -3.42
N GLY D 603 87.54 45.41 -2.75
CA GLY D 603 87.90 44.37 -1.80
C GLY D 603 87.03 44.38 -0.57
N ALA D 604 86.44 45.54 -0.25
CA ALA D 604 85.47 45.61 0.84
C ALA D 604 84.14 45.01 0.43
N PHE D 605 83.71 45.22 -0.82
CA PHE D 605 82.39 44.77 -1.27
C PHE D 605 82.29 43.25 -1.28
N MET D 606 83.23 42.59 -1.94
CA MET D 606 83.34 41.15 -1.83
C MET D 606 84.23 40.84 -0.64
N ARG D 607 84.71 39.59 -0.50
CA ARG D 607 85.28 39.20 0.78
C ARG D 607 86.71 39.71 0.96
N GLN D 608 87.64 39.18 0.18
CA GLN D 608 89.04 39.62 0.25
C GLN D 608 89.23 41.02 -0.31
N ILE D 612 95.87 44.63 2.90
CA ILE D 612 96.04 46.08 2.91
C ILE D 612 94.87 46.74 3.64
N SER D 613 95.18 47.77 4.44
CA SER D 613 94.16 48.47 5.22
C SER D 613 94.66 49.86 5.54
N PRO D 614 93.84 50.89 5.42
CA PRO D 614 94.29 52.24 5.79
C PRO D 614 94.41 52.41 7.30
N ARG D 615 95.29 53.34 7.68
CA ARG D 615 95.54 53.62 9.09
C ARG D 615 95.20 55.05 9.47
N SER D 616 94.23 55.67 8.80
CA SER D 616 93.85 57.05 9.07
C SER D 616 92.90 57.18 10.25
N LEU D 617 92.38 56.07 10.76
CA LEU D 617 91.49 55.94 11.94
C LEU D 617 90.22 56.79 11.85
N SER D 618 89.87 57.30 10.69
CA SER D 618 88.59 57.97 10.48
C SER D 618 87.84 57.44 9.27
N GLY D 619 88.54 57.15 8.17
CA GLY D 619 87.94 56.46 7.06
C GLY D 619 87.82 54.97 7.26
N ARG D 620 88.50 54.44 8.29
CA ARG D 620 88.32 53.04 8.68
C ARG D 620 86.90 52.79 9.16
N ILE D 621 86.26 53.79 9.77
CA ILE D 621 84.85 53.66 10.16
C ILE D 621 83.97 53.57 8.91
N VAL D 622 84.32 54.32 7.87
CA VAL D 622 83.62 54.25 6.59
C VAL D 622 83.78 52.87 5.96
N GLY D 623 85.01 52.34 6.00
CA GLY D 623 85.24 51.00 5.48
C GLY D 623 84.52 49.93 6.26
N GLY D 624 84.45 50.08 7.58
CA GLY D 624 83.75 49.10 8.40
C GLY D 624 82.25 49.13 8.21
N VAL D 625 81.67 50.33 8.05
CA VAL D 625 80.23 50.38 7.85
C VAL D 625 79.86 49.92 6.44
N TRP D 626 80.71 50.20 5.44
CA TRP D 626 80.49 49.66 4.10
C TRP D 626 80.67 48.15 4.06
N TRP D 627 81.55 47.64 4.92
CA TRP D 627 81.88 46.22 4.97
C TRP D 627 80.78 45.43 5.65
N PHE D 628 80.23 45.95 6.75
CA PHE D 628 79.01 45.39 7.34
C PHE D 628 77.82 45.51 6.39
N PHE D 629 77.77 46.62 5.64
CA PHE D 629 76.71 46.87 4.66
C PHE D 629 76.66 45.80 3.59
N THR D 630 77.81 45.54 2.95
CA THR D 630 77.84 44.49 1.94
C THR D 630 77.78 43.09 2.53
N LEU D 631 78.12 42.90 3.81
CA LEU D 631 77.88 41.60 4.45
C LEU D 631 76.39 41.35 4.59
N ILE D 632 75.63 42.37 4.98
CA ILE D 632 74.16 42.30 4.99
C ILE D 632 73.62 42.04 3.59
N ILE D 633 74.24 42.67 2.58
CA ILE D 633 73.84 42.48 1.19
C ILE D 633 73.98 41.02 0.77
N ILE D 634 75.16 40.43 1.01
CA ILE D 634 75.38 39.07 0.51
C ILE D 634 74.63 38.05 1.36
N SER D 635 74.37 38.36 2.64
CA SER D 635 73.53 37.49 3.46
C SER D 635 72.10 37.48 2.94
N SER D 636 71.55 38.66 2.65
CA SER D 636 70.20 38.75 2.10
C SER D 636 70.14 38.17 0.69
N TYR D 637 71.25 38.24 -0.06
CA TYR D 637 71.30 37.66 -1.39
C TYR D 637 71.21 36.15 -1.34
N THR D 638 72.01 35.52 -0.46
CA THR D 638 71.95 34.08 -0.25
C THR D 638 70.57 33.66 0.22
N ALA D 639 69.98 34.44 1.13
CA ALA D 639 68.67 34.12 1.69
C ALA D 639 67.57 34.20 0.63
N ASN D 640 67.56 35.27 -0.17
CA ASN D 640 66.50 35.43 -1.15
C ASN D 640 66.68 34.48 -2.33
N LEU D 641 67.93 34.12 -2.66
CA LEU D 641 68.13 33.15 -3.72
C LEU D 641 67.73 31.75 -3.28
N ALA D 642 67.95 31.43 -1.99
CA ALA D 642 67.41 30.18 -1.46
C ALA D 642 65.89 30.21 -1.40
N ALA D 643 65.31 31.39 -1.17
CA ALA D 643 63.85 31.53 -1.20
C ALA D 643 63.28 31.29 -2.59
N PHE D 644 63.98 31.79 -3.62
CA PHE D 644 63.58 31.48 -5.00
C PHE D 644 63.76 29.99 -5.31
N LEU D 645 64.86 29.39 -4.87
CA LEU D 645 65.09 27.99 -5.23
C LEU D 645 64.33 27.00 -4.36
N THR D 646 63.63 27.47 -3.32
CA THR D 646 62.94 26.55 -2.43
C THR D 646 61.53 26.20 -2.93
N VAL D 647 60.68 27.22 -3.08
CA VAL D 647 59.27 26.96 -3.35
C VAL D 647 59.03 26.64 -4.82
N GLU D 648 59.57 27.49 -5.70
CA GLU D 648 59.37 27.44 -7.15
C GLU D 648 57.89 27.49 -7.50
N ARG D 649 57.27 28.62 -7.15
CA ARG D 649 55.84 28.85 -7.37
C ARG D 649 55.68 29.59 -8.69
N MET D 650 55.35 28.85 -9.74
CA MET D 650 55.11 29.46 -11.04
C MET D 650 53.78 30.22 -11.03
N VAL D 651 53.80 31.43 -11.61
CA VAL D 651 52.63 32.30 -11.61
C VAL D 651 52.18 32.53 -13.04
N SER D 652 50.92 32.95 -13.18
CA SER D 652 50.28 33.20 -14.45
C SER D 652 50.39 34.67 -14.83
N PRO D 653 50.76 34.97 -16.08
CA PRO D 653 50.87 36.37 -16.49
C PRO D 653 49.53 37.04 -16.73
N ILE D 654 48.50 36.27 -17.07
CA ILE D 654 47.18 36.81 -17.41
C ILE D 654 46.18 36.36 -16.36
N GLU D 655 45.51 37.32 -15.73
CA GLU D 655 44.53 37.02 -14.68
C GLU D 655 43.12 37.43 -15.05
N SER D 656 42.92 38.68 -15.43
CA SER D 656 41.58 39.22 -15.69
C SER D 656 41.36 39.40 -17.18
N ALA D 657 40.16 39.87 -17.52
CA ALA D 657 39.83 40.12 -18.93
C ALA D 657 40.50 41.38 -19.45
N GLU D 658 40.80 42.34 -18.56
CA GLU D 658 41.50 43.54 -18.96
C GLU D 658 42.98 43.29 -19.25
N ASP D 659 43.50 42.11 -18.88
CA ASP D 659 44.88 41.77 -19.20
C ASP D 659 45.09 41.58 -20.70
N LEU D 660 44.04 41.18 -21.41
CA LEU D 660 44.15 41.05 -22.87
C LEU D 660 44.28 42.41 -23.54
N SER D 661 43.56 43.41 -23.04
CA SER D 661 43.71 44.76 -23.55
C SER D 661 44.96 45.46 -23.02
N LYS D 662 45.50 44.99 -21.89
CA LYS D 662 46.66 45.63 -21.30
C LYS D 662 47.95 45.34 -22.06
N GLN D 663 48.01 44.22 -22.78
CA GLN D 663 49.21 43.85 -23.54
C GLN D 663 48.82 43.60 -24.98
N THR D 664 49.85 43.35 -25.80
CA THR D 664 49.64 43.05 -27.21
C THR D 664 50.51 41.92 -27.75
N GLU D 665 51.41 41.36 -26.93
CA GLU D 665 52.29 40.31 -27.42
C GLU D 665 51.55 38.98 -27.55
N ILE D 666 50.78 38.61 -26.53
CA ILE D 666 50.03 37.36 -26.56
C ILE D 666 48.65 37.64 -27.14
N ALA D 667 48.33 36.95 -28.24
CA ALA D 667 47.08 37.18 -28.94
C ALA D 667 45.97 36.29 -28.38
N TYR D 668 44.76 36.51 -28.89
CA TYR D 668 43.58 35.79 -28.41
C TYR D 668 42.52 35.83 -29.50
N GLY D 669 41.74 34.75 -29.59
CA GLY D 669 40.74 34.64 -30.63
C GLY D 669 39.51 33.87 -30.20
N THR D 670 38.49 33.94 -31.04
CA THR D 670 37.24 33.21 -30.89
C THR D 670 37.03 32.30 -32.10
N LEU D 671 35.86 31.68 -32.16
CA LEU D 671 35.49 30.87 -33.30
C LEU D 671 35.10 31.77 -34.48
N ASP D 672 35.29 31.26 -35.70
CA ASP D 672 35.08 32.07 -36.89
C ASP D 672 33.62 32.40 -37.14
N SER D 673 32.69 31.58 -36.64
CA SER D 673 31.27 31.85 -36.80
C SER D 673 30.51 31.33 -35.58
N GLY D 674 29.53 32.12 -35.14
CA GLY D 674 28.74 31.73 -33.99
C GLY D 674 28.22 32.90 -33.17
N SER D 675 27.48 32.62 -32.10
CA SER D 675 26.91 33.64 -31.24
C SER D 675 27.96 34.39 -30.43
N THR D 676 29.15 33.81 -30.26
CA THR D 676 30.24 34.52 -29.62
C THR D 676 30.66 35.73 -30.45
N LYS D 677 30.76 35.54 -31.77
CA LYS D 677 31.06 36.65 -32.68
C LYS D 677 29.93 37.67 -32.72
N GLU D 678 28.69 37.23 -32.56
CA GLU D 678 27.58 38.17 -32.46
C GLU D 678 27.61 38.95 -31.16
N PHE D 679 28.12 38.32 -30.09
CA PHE D 679 28.25 39.02 -28.81
C PHE D 679 29.35 40.07 -28.88
N PHE D 680 30.54 39.69 -29.34
CA PHE D 680 31.65 40.63 -29.39
C PHE D 680 31.49 41.65 -30.51
N ARG D 681 30.69 41.35 -31.53
CA ARG D 681 30.47 42.32 -32.59
C ARG D 681 29.47 43.40 -32.17
N ARG D 682 28.39 43.02 -31.51
CA ARG D 682 27.33 43.95 -31.13
C ARG D 682 27.52 44.52 -29.73
N SER D 683 28.75 44.51 -29.21
CA SER D 683 29.02 45.01 -27.88
C SER D 683 28.98 46.54 -27.84
N LYS D 684 28.77 47.07 -26.63
CA LYS D 684 28.78 48.51 -26.41
C LYS D 684 29.88 48.97 -25.47
N ILE D 685 30.55 48.05 -24.77
CA ILE D 685 31.64 48.41 -23.88
C ILE D 685 32.89 48.69 -24.72
N ALA D 686 33.58 49.79 -24.40
CA ALA D 686 34.75 50.20 -25.18
C ALA D 686 35.91 49.23 -25.03
N VAL D 687 35.98 48.50 -23.92
CA VAL D 687 37.00 47.47 -23.75
C VAL D 687 36.75 46.33 -24.73
N PHE D 688 35.52 45.82 -24.76
CA PHE D 688 35.17 44.78 -25.71
C PHE D 688 35.12 45.30 -27.15
N ASP D 689 34.88 46.60 -27.33
CA ASP D 689 34.98 47.18 -28.67
C ASP D 689 36.42 47.18 -29.16
N LYS D 690 37.37 47.50 -28.27
CA LYS D 690 38.78 47.41 -28.62
C LYS D 690 39.20 45.97 -28.85
N MET D 691 38.62 45.03 -28.09
CA MET D 691 38.89 43.61 -28.32
C MET D 691 38.40 43.16 -29.70
N TRP D 692 37.19 43.59 -30.08
CA TRP D 692 36.66 43.25 -31.40
C TRP D 692 37.43 43.94 -32.52
N THR D 693 37.95 45.15 -32.26
CA THR D 693 38.78 45.82 -33.25
C THR D 693 40.12 45.10 -33.42
N TYR D 694 40.69 44.63 -32.32
CA TYR D 694 41.96 43.90 -32.38
C TYR D 694 41.78 42.54 -33.04
N MET D 695 40.66 41.87 -32.79
CA MET D 695 40.42 40.57 -33.40
C MET D 695 39.86 40.67 -34.81
N ARG D 696 39.37 41.84 -35.22
CA ARG D 696 38.88 42.03 -36.57
C ARG D 696 39.98 42.43 -37.54
N SER D 697 41.02 43.11 -37.05
CA SER D 697 42.17 43.49 -37.86
C SER D 697 43.41 42.69 -37.49
N ALA D 698 43.24 41.41 -37.20
CA ALA D 698 44.33 40.56 -36.75
C ALA D 698 45.20 40.12 -37.92
N GLU D 699 46.49 40.00 -37.66
CA GLU D 699 47.45 39.51 -38.65
C GLU D 699 48.33 38.43 -38.02
N PRO D 700 48.16 37.15 -38.38
CA PRO D 700 47.20 36.61 -39.35
C PRO D 700 45.81 36.37 -38.77
N SER D 701 45.04 35.52 -39.43
CA SER D 701 43.68 35.22 -38.98
C SER D 701 43.73 34.38 -37.71
N VAL D 702 43.20 34.93 -36.61
CA VAL D 702 43.19 34.21 -35.34
C VAL D 702 41.99 33.28 -35.19
N PHE D 703 41.00 33.38 -36.07
CA PHE D 703 39.82 32.54 -35.98
C PHE D 703 40.14 31.11 -36.42
N VAL D 704 39.61 30.15 -35.68
CA VAL D 704 39.88 28.74 -35.93
C VAL D 704 38.64 28.10 -36.56
N ARG D 705 38.84 26.90 -37.10
CA ARG D 705 37.77 26.19 -37.78
C ARG D 705 36.81 25.55 -36.77
N THR D 706 37.32 24.64 -35.94
CA THR D 706 36.50 23.91 -34.97
C THR D 706 36.99 24.21 -33.56
N THR D 707 36.36 23.54 -32.60
CA THR D 707 36.73 23.73 -31.19
C THR D 707 38.05 23.04 -30.87
N ALA D 708 38.20 21.77 -31.28
CA ALA D 708 39.43 21.04 -31.03
C ALA D 708 40.60 21.63 -31.83
N GLU D 709 40.32 22.27 -32.97
CA GLU D 709 41.35 23.00 -33.69
C GLU D 709 41.85 24.19 -32.87
N GLY D 710 40.95 24.88 -32.17
CA GLY D 710 41.36 25.95 -31.29
C GLY D 710 42.12 25.43 -30.07
N VAL D 711 41.74 24.26 -29.57
CA VAL D 711 42.46 23.63 -28.46
C VAL D 711 43.88 23.28 -28.89
N ALA D 712 44.03 22.71 -30.09
CA ALA D 712 45.37 22.39 -30.60
C ALA D 712 46.16 23.66 -30.94
N ARG D 713 45.47 24.74 -31.30
CA ARG D 713 46.15 26.00 -31.56
C ARG D 713 46.69 26.61 -30.28
N VAL D 714 45.95 26.47 -29.18
CA VAL D 714 46.45 26.93 -27.89
C VAL D 714 47.58 26.02 -27.41
N ARG D 715 47.44 24.70 -27.61
CA ARG D 715 48.48 23.76 -27.21
C ARG D 715 49.75 23.88 -28.03
N LYS D 716 49.68 24.45 -29.24
CA LYS D 716 50.86 24.70 -30.06
C LYS D 716 51.26 26.17 -30.07
N SER D 717 50.84 26.94 -29.06
CA SER D 717 51.15 28.35 -28.98
C SER D 717 52.33 28.67 -28.08
N LYS D 718 52.61 27.79 -27.10
CA LYS D 718 53.70 27.96 -26.12
C LYS D 718 53.56 29.27 -25.34
N GLY D 719 52.34 29.60 -24.93
CA GLY D 719 52.11 30.80 -24.17
C GLY D 719 52.07 32.07 -24.99
N LYS D 720 51.57 32.00 -26.22
CA LYS D 720 51.51 33.17 -27.09
C LYS D 720 50.13 33.42 -27.68
N TYR D 721 49.16 32.53 -27.48
CA TYR D 721 47.85 32.69 -28.09
C TYR D 721 46.80 31.99 -27.25
N ALA D 722 45.65 32.64 -27.09
CA ALA D 722 44.56 32.14 -26.26
C ALA D 722 43.28 32.03 -27.08
N TYR D 723 42.33 31.26 -26.55
CA TYR D 723 41.04 31.05 -27.20
C TYR D 723 39.92 31.39 -26.22
N LEU D 724 38.84 31.95 -26.77
CA LEU D 724 37.69 32.35 -25.98
C LEU D 724 36.51 31.43 -26.29
N LEU D 725 35.83 30.98 -25.24
CA LEU D 725 34.74 30.03 -25.37
C LEU D 725 33.90 30.06 -24.10
N GLU D 726 32.91 29.19 -24.03
CA GLU D 726 32.07 29.07 -22.84
C GLU D 726 32.86 28.49 -21.67
N SER D 727 32.36 28.74 -20.46
CA SER D 727 33.11 28.35 -19.27
C SER D 727 32.99 26.86 -18.98
N THR D 728 31.85 26.25 -19.29
CA THR D 728 31.63 24.83 -18.99
C THR D 728 32.54 23.95 -19.85
N MET D 729 32.63 24.27 -21.14
CA MET D 729 33.50 23.51 -22.04
C MET D 729 34.96 23.71 -21.67
N ASN D 730 35.34 24.91 -21.25
CA ASN D 730 36.73 25.18 -20.87
C ASN D 730 37.09 24.46 -19.58
N GLU D 731 36.16 24.43 -18.61
CA GLU D 731 36.41 23.69 -17.38
C GLU D 731 36.38 22.19 -17.60
N TYR D 732 35.67 21.73 -18.64
CA TYR D 732 35.75 20.31 -18.99
C TYR D 732 37.10 19.97 -19.60
N ILE D 733 37.56 20.76 -20.57
CA ILE D 733 38.84 20.51 -21.24
C ILE D 733 40.00 20.68 -20.26
N GLU D 734 39.86 21.56 -19.25
CA GLU D 734 40.86 21.70 -18.20
C GLU D 734 40.98 20.43 -17.36
N GLN D 735 39.88 19.68 -17.22
CA GLN D 735 39.87 18.45 -16.44
C GLN D 735 40.05 17.21 -17.30
N ARG D 736 40.73 17.31 -18.44
CA ARG D 736 41.01 16.17 -19.28
C ARG D 736 42.51 16.08 -19.55
N LYS D 737 42.91 14.97 -20.14
CA LYS D 737 44.31 14.75 -20.49
C LYS D 737 44.73 15.69 -21.62
N PRO D 738 46.01 16.10 -21.66
CA PRO D 738 47.15 15.81 -20.78
C PRO D 738 47.25 16.69 -19.54
N CYS D 739 46.13 17.30 -19.11
CA CYS D 739 46.08 18.22 -17.96
C CYS D 739 47.05 19.38 -18.16
N ASP D 740 47.00 20.00 -19.34
CA ASP D 740 48.01 20.96 -19.77
C ASP D 740 47.49 22.39 -19.91
N THR D 741 46.21 22.63 -19.70
CA THR D 741 45.64 23.97 -19.80
C THR D 741 44.96 24.33 -18.48
N MET D 742 44.61 25.61 -18.36
CA MET D 742 43.86 26.09 -17.20
C MET D 742 43.06 27.32 -17.60
N LYS D 743 41.97 27.55 -16.87
CA LYS D 743 41.08 28.68 -17.11
C LYS D 743 41.19 29.67 -15.95
N VAL D 744 41.27 30.95 -16.29
CA VAL D 744 41.38 32.01 -15.30
C VAL D 744 40.26 33.02 -15.54
N GLY D 745 40.06 33.88 -14.55
CA GLY D 745 39.10 34.96 -14.65
C GLY D 745 37.66 34.50 -14.45
N GLY D 746 36.81 35.48 -14.19
CA GLY D 746 35.39 35.22 -14.05
C GLY D 746 34.68 35.16 -15.39
N ASN D 747 33.37 35.00 -15.32
CA ASN D 747 32.55 34.95 -16.52
C ASN D 747 32.34 36.34 -17.09
N LEU D 748 32.21 36.43 -18.40
CA LEU D 748 32.07 37.72 -19.06
C LEU D 748 30.61 38.12 -19.30
N ASP D 749 29.70 37.15 -19.40
CA ASP D 749 28.30 37.44 -19.67
C ASP D 749 27.42 36.49 -18.87
N SER D 750 26.11 36.63 -19.05
CA SER D 750 25.13 35.84 -18.32
C SER D 750 24.54 34.80 -19.28
N LYS D 751 25.15 33.63 -19.29
CA LYS D 751 24.69 32.53 -20.11
C LYS D 751 24.10 31.43 -19.23
N GLY D 752 23.12 30.73 -19.79
CA GLY D 752 22.46 29.67 -19.06
C GLY D 752 21.70 28.70 -19.94
N TYR D 753 21.88 27.41 -19.72
CA TYR D 753 21.15 26.38 -20.44
C TYR D 753 19.96 25.91 -19.62
N GLY D 754 18.82 25.72 -20.28
CA GLY D 754 17.64 25.23 -19.63
C GLY D 754 16.93 24.21 -20.51
N ILE D 755 15.90 23.59 -19.93
CA ILE D 755 15.14 22.57 -20.64
C ILE D 755 14.19 23.25 -21.61
N ALA D 756 14.22 22.81 -22.86
CA ALA D 756 13.36 23.36 -23.90
C ALA D 756 12.10 22.52 -24.07
N THR D 757 10.98 23.19 -24.31
CA THR D 757 9.71 22.54 -24.55
C THR D 757 8.94 23.35 -25.58
N PRO D 758 8.11 22.69 -26.39
CA PRO D 758 7.27 23.44 -27.34
C PRO D 758 6.20 24.25 -26.63
N LYS D 759 5.74 25.30 -27.31
CA LYS D 759 4.70 26.16 -26.76
C LYS D 759 3.36 25.45 -26.80
N GLY D 760 2.55 25.70 -25.78
CA GLY D 760 1.27 25.03 -25.66
C GLY D 760 1.35 23.62 -25.11
N SER D 761 2.48 23.24 -24.54
CA SER D 761 2.64 21.93 -23.91
C SER D 761 2.22 21.99 -22.45
N SER D 762 1.59 20.91 -21.99
CA SER D 762 1.07 20.88 -20.63
C SER D 762 2.12 20.50 -19.61
N LEU D 763 3.28 20.01 -20.04
CA LEU D 763 4.28 19.50 -19.11
C LEU D 763 5.31 20.54 -18.70
N GLY D 764 5.25 21.75 -19.24
CA GLY D 764 6.31 22.72 -19.03
C GLY D 764 6.42 23.21 -17.59
N ALA D 765 5.28 23.45 -16.95
CA ALA D 765 5.27 23.85 -15.55
C ALA D 765 5.72 22.74 -14.60
N ALA D 766 5.30 21.45 -14.75
CA ALA D 766 5.94 20.42 -13.91
C ALA D 766 7.41 20.18 -14.21
N VAL D 767 7.84 20.35 -15.47
CA VAL D 767 9.27 20.26 -15.78
C VAL D 767 10.04 21.38 -15.07
N ASN D 768 9.49 22.59 -15.05
CA ASN D 768 10.17 23.70 -14.38
C ASN D 768 10.18 23.50 -12.87
N LEU D 769 9.10 22.94 -12.31
CA LEU D 769 9.08 22.60 -10.89
C LEU D 769 10.10 21.52 -10.56
N ALA D 770 10.30 20.56 -11.46
CA ALA D 770 11.31 19.53 -11.25
C ALA D 770 12.72 20.11 -11.33
N VAL D 771 12.92 21.08 -12.23
CA VAL D 771 14.21 21.77 -12.33
C VAL D 771 14.51 22.55 -11.05
N LEU D 772 13.50 23.24 -10.52
CA LEU D 772 13.69 23.97 -9.26
C LEU D 772 13.91 23.04 -8.09
N LYS D 773 13.26 21.88 -8.10
CA LYS D 773 13.44 20.89 -7.04
C LYS D 773 14.84 20.27 -7.09
N LEU D 774 15.35 20.00 -8.29
CA LEU D 774 16.71 19.50 -8.42
C LEU D 774 17.74 20.57 -8.10
N ALA D 775 17.40 21.84 -8.30
CA ALA D 775 18.33 22.91 -7.97
C ALA D 775 18.41 23.13 -6.45
N GLU D 776 17.27 23.09 -5.76
CA GLU D 776 17.28 23.38 -4.34
C GLU D 776 17.84 22.22 -3.52
N GLN D 777 17.72 20.99 -4.00
CA GLN D 777 18.22 19.85 -3.26
C GLN D 777 19.72 19.63 -3.44
N GLY D 778 20.38 20.40 -4.30
CA GLY D 778 21.82 20.28 -4.48
C GLY D 778 22.25 19.08 -5.28
N ALA D 779 21.32 18.36 -5.93
CA ALA D 779 21.70 17.21 -6.74
C ALA D 779 22.38 17.64 -8.02
N LEU D 780 22.07 18.84 -8.52
CA LEU D 780 22.73 19.35 -9.71
C LEU D 780 24.19 19.67 -9.42
N ASP D 781 24.48 20.20 -8.23
CA ASP D 781 25.87 20.42 -7.84
C ASP D 781 26.62 19.11 -7.62
N LYS D 782 25.91 18.08 -7.15
CA LYS D 782 26.51 16.75 -7.02
C LYS D 782 26.86 16.17 -8.38
N LEU D 783 25.97 16.33 -9.36
CA LEU D 783 26.26 15.85 -10.70
C LEU D 783 27.35 16.71 -11.37
N LYS D 784 27.44 17.99 -11.01
CA LYS D 784 28.51 18.83 -11.50
C LYS D 784 29.86 18.40 -10.95
N ASN D 785 29.90 18.01 -9.66
CA ASN D 785 31.12 17.49 -9.08
C ASN D 785 31.45 16.11 -9.63
N LYS D 786 30.42 15.34 -10.02
CA LYS D 786 30.66 14.00 -10.55
C LYS D 786 31.21 14.06 -11.96
N TRP D 787 30.49 14.69 -12.89
CA TRP D 787 30.81 14.57 -14.30
C TRP D 787 31.84 15.58 -14.80
N TRP D 788 32.42 16.38 -13.91
CA TRP D 788 33.52 17.26 -14.28
C TRP D 788 34.78 17.01 -13.47
N TYR D 789 34.67 16.86 -12.15
CA TYR D 789 35.86 16.65 -11.34
C TYR D 789 36.10 15.17 -11.08
N ASP D 790 35.07 14.42 -10.71
CA ASP D 790 35.24 13.01 -10.39
C ASP D 790 35.42 12.16 -11.64
N LYS D 791 34.73 12.50 -12.72
CA LYS D 791 34.89 11.79 -13.98
C LYS D 791 36.19 12.20 -14.68
N GLY D 792 36.67 13.42 -14.45
CA GLY D 792 37.85 13.89 -15.14
C GLY D 792 39.13 13.21 -14.69
N GLU D 793 40.17 13.40 -15.48
CA GLU D 793 41.44 12.71 -15.30
C GLU D 793 42.51 13.58 -14.66
N CYS D 794 42.15 14.78 -14.20
CA CYS D 794 43.10 15.71 -13.62
C CYS D 794 42.90 15.80 -12.12
N GLY D 795 44.00 15.71 -11.38
CA GLY D 795 43.94 15.92 -9.93
C GLY D 795 44.47 17.29 -9.55
N ALA D 796 44.06 18.33 -10.28
CA ALA D 796 44.56 19.69 -10.12
C ALA D 796 44.21 20.29 -8.76
N LYS D 797 45.04 21.23 -8.30
CA LYS D 797 44.89 22.01 -7.07
C LYS D 797 44.93 21.15 -5.81
N ASP D 798 45.40 19.91 -5.92
CA ASP D 798 45.46 19.01 -4.78
C ASP D 798 46.90 18.65 -4.42
N SER D 799 47.69 18.26 -5.42
CA SER D 799 49.04 17.78 -5.21
C SER D 799 49.99 18.87 -4.75
N GLY D 800 50.15 19.91 -5.57
CA GLY D 800 51.09 20.96 -5.27
C GLY D 800 52.49 20.66 -5.76
N SER D 801 53.45 20.83 -4.85
CA SER D 801 54.86 20.61 -5.16
C SER D 801 55.21 19.12 -5.19
N LYS D 802 55.89 18.69 -6.25
CA LYS D 802 56.41 17.33 -6.37
C LYS D 802 57.91 17.32 -6.19
N GLU D 803 58.39 18.19 -5.28
CA GLU D 803 59.75 18.36 -4.76
C GLU D 803 60.72 18.99 -5.75
N LYS D 804 60.32 19.11 -7.02
CA LYS D 804 61.10 19.72 -8.12
C LYS D 804 62.54 19.20 -8.17
N THR D 805 62.68 17.92 -8.54
CA THR D 805 63.97 17.25 -8.45
C THR D 805 64.86 17.51 -9.66
N SER D 806 65.04 18.78 -10.02
CA SER D 806 66.05 19.17 -11.01
C SER D 806 67.17 19.88 -10.29
N ALA D 807 68.42 19.49 -10.58
CA ALA D 807 69.58 20.02 -9.87
C ALA D 807 69.77 21.51 -10.07
N LEU D 808 70.15 21.91 -11.29
CA LEU D 808 70.31 23.31 -11.67
C LEU D 808 70.50 23.36 -13.17
N SER D 809 69.73 24.21 -13.85
CA SER D 809 69.94 24.41 -15.27
C SER D 809 71.14 25.33 -15.51
N LEU D 810 71.72 25.19 -16.69
CA LEU D 810 72.82 26.04 -17.12
C LEU D 810 72.33 27.40 -17.62
N SER D 811 71.01 27.56 -17.81
CA SER D 811 70.45 28.84 -18.20
C SER D 811 70.63 29.89 -17.12
N ASN D 812 70.67 29.46 -15.85
CA ASN D 812 71.02 30.36 -14.76
C ASN D 812 72.50 30.72 -14.74
N VAL D 813 73.32 30.00 -15.50
CA VAL D 813 74.76 30.19 -15.50
C VAL D 813 75.26 30.77 -16.83
N ALA D 814 74.45 30.71 -17.89
CA ALA D 814 74.94 31.00 -19.24
C ALA D 814 75.22 32.48 -19.44
N GLY D 815 74.30 33.35 -19.04
CA GLY D 815 74.56 34.78 -19.10
C GLY D 815 75.66 35.23 -18.16
N VAL D 816 75.88 34.49 -17.07
CA VAL D 816 76.96 34.79 -16.16
C VAL D 816 78.30 34.45 -16.80
N PHE D 817 78.38 33.31 -17.49
CA PHE D 817 79.52 33.00 -18.34
C PHE D 817 79.73 34.05 -19.43
N TYR D 818 78.63 34.57 -19.98
CA TYR D 818 78.73 35.53 -21.08
C TYR D 818 79.29 36.86 -20.60
N ILE D 819 78.84 37.33 -19.42
CA ILE D 819 79.40 38.57 -18.88
C ILE D 819 80.82 38.36 -18.38
N LEU D 820 81.16 37.13 -17.98
CA LEU D 820 82.56 36.80 -17.68
C LEU D 820 83.45 36.95 -18.91
N VAL D 821 83.01 36.36 -20.04
CA VAL D 821 83.77 36.46 -21.29
C VAL D 821 83.86 37.90 -21.78
N GLY D 822 82.77 38.66 -21.63
CA GLY D 822 82.81 40.07 -22.00
C GLY D 822 83.75 40.89 -21.16
N GLY D 823 83.78 40.65 -19.84
CA GLY D 823 84.73 41.31 -18.97
C GLY D 823 86.17 40.95 -19.27
N LEU D 824 86.42 39.66 -19.57
CA LEU D 824 87.78 39.23 -19.92
C LEU D 824 88.25 39.86 -21.22
N GLY D 825 87.38 39.91 -22.23
CA GLY D 825 87.76 40.53 -23.49
C GLY D 825 87.95 42.03 -23.39
N LEU D 826 87.11 42.69 -22.58
CA LEU D 826 87.27 44.12 -22.34
C LEU D 826 88.59 44.40 -21.61
N ALA D 827 88.94 43.55 -20.65
CA ALA D 827 90.20 43.71 -19.93
C ALA D 827 91.40 43.46 -20.84
N MET D 828 91.28 42.48 -21.76
CA MET D 828 92.33 42.23 -22.75
C MET D 828 92.55 43.44 -23.64
N LEU D 829 91.47 44.01 -24.18
CA LEU D 829 91.61 45.16 -25.07
C LEU D 829 92.12 46.41 -24.35
N VAL D 830 91.67 46.63 -23.10
CA VAL D 830 92.14 47.77 -22.33
C VAL D 830 93.62 47.63 -21.98
N ALA D 831 94.04 46.42 -21.61
CA ALA D 831 95.46 46.17 -21.31
C ALA D 831 96.33 46.35 -22.56
N LEU D 832 95.84 45.88 -23.71
CA LEU D 832 96.61 46.01 -24.94
C LEU D 832 96.73 47.47 -25.39
N ILE D 833 95.64 48.25 -25.28
CA ILE D 833 95.74 49.64 -25.73
C ILE D 833 96.57 50.46 -24.74
N GLU D 834 96.53 50.13 -23.45
CA GLU D 834 97.36 50.86 -22.50
C GLU D 834 98.83 50.51 -22.65
N PHE D 835 99.15 49.24 -22.96
CA PHE D 835 100.55 48.93 -23.22
C PHE D 835 101.03 49.52 -24.54
N CYS D 836 100.15 49.61 -25.54
CA CYS D 836 100.52 50.25 -26.80
C CYS D 836 100.75 51.74 -26.60
N TYR D 837 99.94 52.40 -25.77
CA TYR D 837 100.14 53.81 -25.47
C TYR D 837 101.40 54.04 -24.65
N LYS D 838 101.71 53.14 -23.71
CA LYS D 838 102.94 53.24 -22.95
C LYS D 838 104.17 53.02 -23.83
N SER D 839 104.08 52.08 -24.77
CA SER D 839 105.19 51.83 -25.69
C SER D 839 105.38 53.00 -26.65
N ARG D 840 104.28 53.62 -27.10
CA ARG D 840 104.39 54.77 -27.98
C ARG D 840 104.95 55.99 -27.24
N ALA D 841 104.58 56.16 -25.96
CA ALA D 841 105.13 57.25 -25.17
C ALA D 841 106.60 57.02 -24.86
N GLU D 842 107.00 55.77 -24.66
CA GLU D 842 108.41 55.47 -24.43
C GLU D 842 109.23 55.63 -25.70
N ALA D 843 108.64 55.33 -26.86
CA ALA D 843 109.34 55.55 -28.13
C ALA D 843 109.43 57.03 -28.48
N LYS D 844 108.42 57.82 -28.11
CA LYS D 844 108.47 59.26 -28.37
C LYS D 844 109.36 59.99 -27.39
N ARG D 845 109.48 59.49 -26.16
CA ARG D 845 110.32 60.15 -25.16
C ARG D 845 111.79 59.78 -25.34
N MET D 846 112.08 58.50 -25.58
CA MET D 846 113.42 57.93 -25.77
C MET D 846 114.37 58.24 -24.61
N UNK E 1 90.42 74.82 -21.31
CA UNK E 1 88.97 74.72 -21.44
C UNK E 1 88.39 73.83 -20.35
N UNK E 2 89.19 73.58 -19.31
CA UNK E 2 88.75 72.73 -18.21
C UNK E 2 87.76 73.44 -17.30
N UNK E 3 87.94 74.75 -17.09
CA UNK E 3 87.00 75.51 -16.26
C UNK E 3 85.65 75.65 -16.95
N UNK E 4 85.65 75.85 -18.27
CA UNK E 4 84.40 75.92 -19.02
C UNK E 4 83.71 74.56 -19.07
N UNK E 5 84.50 73.48 -19.14
CA UNK E 5 83.93 72.13 -19.09
C UNK E 5 83.32 71.83 -17.73
N UNK E 6 83.97 72.29 -16.65
CA UNK E 6 83.42 72.09 -15.31
C UNK E 6 82.16 72.92 -15.10
N UNK E 7 82.12 74.14 -15.66
CA UNK E 7 80.93 74.97 -15.56
C UNK E 7 79.78 74.37 -16.37
N UNK E 8 80.08 73.83 -17.55
CA UNK E 8 79.05 73.15 -18.34
C UNK E 8 78.55 71.88 -17.66
N UNK E 9 79.45 71.17 -16.97
CA UNK E 9 79.05 69.99 -16.23
C UNK E 9 78.17 70.35 -15.03
N UNK E 10 78.48 71.47 -14.36
CA UNK E 10 77.65 71.91 -13.25
C UNK E 10 76.28 72.40 -13.74
N UNK E 11 76.25 73.06 -14.90
CA UNK E 11 74.98 73.49 -15.48
C UNK E 11 74.13 72.30 -15.92
N UNK E 12 74.78 71.28 -16.51
CA UNK E 12 74.05 70.06 -16.88
C UNK E 12 73.59 69.29 -15.65
N UNK E 13 74.35 69.33 -14.56
CA UNK E 13 73.91 68.68 -13.32
C UNK E 13 72.72 69.40 -12.71
N UNK E 14 72.73 70.74 -12.76
CA UNK E 14 71.57 71.49 -12.27
C UNK E 14 70.34 71.27 -13.15
N UNK E 15 70.55 71.14 -14.47
CA UNK E 15 69.45 70.86 -15.37
C UNK E 15 68.90 69.45 -15.17
N UNK E 16 69.77 68.50 -14.85
CA UNK E 16 69.31 67.14 -14.56
C UNK E 16 68.61 67.05 -13.22
N UNK E 17 69.04 67.86 -12.24
CA UNK E 17 68.34 67.91 -10.96
C UNK E 17 66.99 68.59 -11.10
N UNK E 18 66.87 69.54 -12.03
CA UNK E 18 65.58 70.16 -12.30
C UNK E 18 64.68 69.26 -13.14
N UNK E 19 65.28 68.38 -13.96
CA UNK E 19 64.50 67.54 -14.85
C UNK E 19 63.98 66.29 -14.14
N UNK E 20 64.90 65.45 -13.66
CA UNK E 20 64.51 64.20 -13.01
C UNK E 20 65.34 63.94 -11.76
N UNK E 21 57.27 58.88 -1.06
CA UNK E 21 57.08 59.14 0.36
C UNK E 21 57.24 60.62 0.67
N UNK E 22 56.60 61.07 1.76
CA UNK E 22 56.73 62.47 2.16
C UNK E 22 58.11 62.77 2.73
N UNK E 23 58.68 61.81 3.48
CA UNK E 23 60.03 61.99 4.00
C UNK E 23 61.06 61.92 2.89
N UNK E 24 60.84 61.07 1.87
CA UNK E 24 61.74 61.00 0.73
C UNK E 24 61.69 62.29 -0.10
N UNK E 25 60.48 62.85 -0.27
CA UNK E 25 60.36 64.11 -1.00
C UNK E 25 60.97 65.27 -0.22
N UNK E 26 60.83 65.24 1.12
CA UNK E 26 61.46 66.28 1.93
C UNK E 26 62.97 66.16 1.92
N UNK E 27 63.49 64.93 1.89
CA UNK E 27 64.94 64.72 1.78
C UNK E 27 65.45 65.16 0.41
N UNK E 28 64.66 64.93 -0.64
CA UNK E 28 65.05 65.38 -1.98
C UNK E 28 65.02 66.91 -2.07
N UNK E 29 64.06 67.54 -1.38
CA UNK E 29 64.02 69.01 -1.35
C UNK E 29 65.19 69.57 -0.56
N UNK E 30 65.56 68.91 0.55
CA UNK E 30 66.72 69.35 1.31
C UNK E 30 68.01 69.15 0.52
N UNK E 31 68.08 68.07 -0.26
CA UNK E 31 69.24 67.85 -1.12
C UNK E 31 69.32 68.89 -2.23
N UNK E 32 68.18 69.28 -2.79
CA UNK E 32 68.15 70.32 -3.81
C UNK E 32 68.55 71.67 -3.24
N UNK E 33 68.11 71.97 -2.01
CA UNK E 33 68.49 73.23 -1.37
C UNK E 33 69.97 73.25 -1.02
N UNK E 34 70.52 72.14 -0.53
CA UNK E 34 71.94 72.06 -0.23
C UNK E 34 72.79 72.13 -1.50
N UNK E 35 72.31 71.52 -2.58
CA UNK E 35 73.02 71.60 -3.86
C UNK E 35 72.97 73.00 -4.44
N UNK E 36 71.85 73.71 -4.24
CA UNK E 36 71.76 75.10 -4.67
C UNK E 36 72.69 76.00 -3.87
N UNK E 37 72.80 75.74 -2.56
CA UNK E 37 73.73 76.51 -1.73
C UNK E 37 75.18 76.21 -2.11
N UNK E 38 75.48 74.96 -2.44
CA UNK E 38 76.83 74.60 -2.87
C UNK E 38 77.15 75.21 -4.23
N UNK E 39 76.17 75.26 -5.14
CA UNK E 39 76.38 75.88 -6.43
C UNK E 39 76.56 77.38 -6.31
N UNK E 40 75.83 78.01 -5.39
CA UNK E 40 75.99 79.44 -5.16
C UNK E 40 77.35 79.76 -4.55
N UNK E 41 77.81 78.93 -3.61
CA UNK E 41 79.14 79.13 -3.02
C UNK E 41 80.24 78.88 -4.04
N UNK E 42 80.05 77.89 -4.92
CA UNK E 42 81.04 77.62 -5.97
C UNK E 42 81.07 78.74 -7.00
N UNK E 43 79.90 79.32 -7.31
CA UNK E 43 79.85 80.44 -8.24
C UNK E 43 80.49 81.68 -7.63
N UNK E 44 80.30 81.90 -6.32
CA UNK E 44 80.93 83.02 -5.65
C UNK E 44 82.45 82.85 -5.58
N UNK E 45 82.91 81.62 -5.33
CA UNK E 45 84.35 81.36 -5.30
C UNK E 45 84.96 81.50 -6.70
N UNK E 46 84.23 81.07 -7.74
CA UNK E 46 84.73 81.23 -9.11
C UNK E 46 84.75 82.69 -9.52
N UNK E 47 83.77 83.48 -9.07
CA UNK E 47 83.76 84.90 -9.36
C UNK E 47 84.91 85.62 -8.65
N UNK E 48 85.19 85.22 -7.40
CA UNK E 48 86.32 85.80 -6.67
C UNK E 48 87.65 85.41 -7.31
N UNK E 49 87.75 84.17 -7.80
CA UNK E 49 88.99 83.73 -8.46
C UNK E 49 89.18 84.43 -9.80
N UNK E 50 88.08 84.67 -10.54
CA UNK E 50 88.18 85.38 -11.80
C UNK E 50 88.47 86.87 -11.57
N UNK E 51 88.00 87.43 -10.46
CA UNK E 51 88.32 88.82 -10.15
C UNK E 51 89.77 88.96 -9.70
N UNK E 52 90.29 87.96 -8.98
CA UNK E 52 91.68 87.99 -8.53
C UNK E 52 92.67 87.55 -9.60
N UNK E 53 92.20 86.89 -10.66
CA UNK E 53 93.08 86.42 -11.72
C UNK E 53 93.52 87.55 -12.65
N UNK E 54 92.56 88.29 -13.20
CA UNK E 54 92.87 89.39 -14.10
C UNK E 54 92.86 90.72 -13.36
N UNK E 55 97.40 88.38 -0.18
CA UNK E 55 96.52 88.77 -1.27
C UNK E 55 95.95 87.55 -1.98
N UNK E 56 96.77 86.93 -2.83
CA UNK E 56 96.31 85.76 -3.58
C UNK E 56 96.31 84.50 -2.70
N UNK E 57 97.09 84.50 -1.62
CA UNK E 57 97.19 83.32 -0.77
C UNK E 57 95.90 83.10 0.02
N UNK E 58 95.30 84.19 0.52
CA UNK E 58 94.04 84.07 1.24
C UNK E 58 92.90 83.68 0.30
N UNK E 59 92.96 84.16 -0.95
CA UNK E 59 91.98 83.76 -1.95
C UNK E 59 92.13 82.29 -2.32
N UNK E 60 93.37 81.80 -2.39
CA UNK E 60 93.60 80.39 -2.69
C UNK E 60 93.15 79.51 -1.53
N UNK E 61 93.38 79.97 -0.28
CA UNK E 61 92.91 79.21 0.87
C UNK E 61 91.39 79.18 0.95
N UNK E 62 90.74 80.30 0.65
CA UNK E 62 89.28 80.33 0.63
C UNK E 62 88.72 79.47 -0.50
N UNK E 63 89.40 79.44 -1.65
CA UNK E 63 88.96 78.59 -2.75
C UNK E 63 89.14 77.11 -2.42
N UNK E 64 90.21 76.76 -1.71
CA UNK E 64 90.42 75.37 -1.31
C UNK E 64 89.39 74.95 -0.25
N UNK E 65 89.08 75.84 0.69
CA UNK E 65 88.06 75.53 1.70
C UNK E 65 86.68 75.42 1.07
N UNK E 66 86.38 76.28 0.09
CA UNK E 66 85.10 76.21 -0.61
C UNK E 66 85.01 74.95 -1.47
N UNK E 67 86.13 74.52 -2.05
CA UNK E 67 86.13 73.27 -2.83
C UNK E 67 85.94 72.06 -1.92
N UNK E 68 86.54 72.07 -0.73
CA UNK E 68 86.35 70.96 0.21
C UNK E 68 84.92 70.93 0.73
N UNK E 69 84.34 72.10 1.04
CA UNK E 69 82.96 72.15 1.50
C UNK E 69 81.98 71.76 0.40
N UNK E 70 82.28 72.14 -0.85
CA UNK E 70 81.44 71.74 -1.97
C UNK E 70 81.55 70.26 -2.25
N UNK E 71 82.73 69.67 -2.03
CA UNK E 71 82.89 68.23 -2.20
C UNK E 71 82.12 67.46 -1.13
N UNK E 72 82.16 67.94 0.12
CA UNK E 72 81.39 67.30 1.19
C UNK E 72 79.89 67.45 0.95
N UNK E 73 79.46 68.63 0.50
CA UNK E 73 78.05 68.84 0.20
C UNK E 73 77.60 68.03 -1.01
N UNK E 74 78.48 67.81 -1.99
CA UNK E 74 78.15 67.00 -3.15
C UNK E 74 78.06 65.53 -2.77
N UNK E 75 78.91 65.07 -1.84
CA UNK E 75 78.81 63.70 -1.35
C UNK E 75 77.52 63.48 -0.58
N UNK E 76 77.15 64.45 0.27
CA UNK E 76 75.90 64.35 1.02
C UNK E 76 74.69 64.43 0.09
N UNK E 77 74.77 65.26 -0.96
CA UNK E 77 73.68 65.36 -1.92
C UNK E 77 73.57 64.10 -2.77
N UNK E 78 74.70 63.45 -3.07
CA UNK E 78 74.66 62.19 -3.81
C UNK E 78 74.07 61.08 -2.96
N UNK E 79 74.39 61.06 -1.66
CA UNK E 79 73.78 60.09 -0.76
C UNK E 79 72.29 60.31 -0.63
N UNK E 80 71.86 61.57 -0.49
CA UNK E 80 70.44 61.86 -0.40
C UNK E 80 69.72 61.59 -1.72
N UNK E 81 70.39 61.77 -2.85
CA UNK E 81 69.77 61.48 -4.14
C UNK E 81 69.64 59.97 -4.35
N UNK E 82 70.61 59.19 -3.86
CA UNK E 82 70.49 57.74 -3.90
C UNK E 82 69.38 57.26 -2.99
N UNK E 83 69.22 57.90 -1.82
CA UNK E 83 68.12 57.56 -0.92
C UNK E 83 66.78 57.94 -1.51
N UNK E 84 66.70 59.04 -2.26
CA UNK E 84 65.45 59.43 -2.91
C UNK E 84 65.14 58.52 -4.08
N UNK E 85 66.17 58.06 -4.79
CA UNK E 85 65.97 57.09 -5.86
C UNK E 85 65.55 55.73 -5.31
N UNK E 86 65.97 55.41 -4.08
CA UNK E 86 65.50 54.19 -3.43
C UNK E 86 64.05 54.35 -3.00
N UNK E 87 63.77 55.27 -2.09
CA UNK E 87 62.41 55.49 -1.61
C UNK E 87 61.65 56.41 -2.54
N UNK E 88 66.27 59.96 -13.49
CA UNK E 88 66.50 58.93 -12.48
C UNK E 88 67.99 58.65 -12.33
N UNK E 89 68.49 57.66 -13.07
CA UNK E 89 69.89 57.30 -12.99
C UNK E 89 70.80 58.33 -13.64
N UNK E 90 70.29 59.11 -14.60
CA UNK E 90 71.11 60.12 -15.25
C UNK E 90 71.44 61.26 -14.30
N UNK E 91 70.53 61.58 -13.38
CA UNK E 91 70.80 62.62 -12.39
C UNK E 91 71.88 62.19 -11.41
N UNK E 92 71.85 60.93 -10.97
CA UNK E 92 72.89 60.41 -10.10
C UNK E 92 74.23 60.30 -10.84
N UNK E 93 74.19 59.95 -12.13
CA UNK E 93 75.41 59.91 -12.93
C UNK E 93 76.00 61.30 -13.11
N UNK E 94 75.14 62.31 -13.30
CA UNK E 94 75.61 63.69 -13.42
C UNK E 94 76.17 64.20 -12.10
N UNK E 95 75.56 63.79 -10.98
CA UNK E 95 76.08 64.17 -9.67
C UNK E 95 77.42 63.51 -9.40
N UNK E 96 77.59 62.25 -9.83
CA UNK E 96 78.86 61.56 -9.65
C UNK E 96 79.94 62.17 -10.54
N UNK E 97 79.59 62.56 -11.76
CA UNK E 97 80.55 63.21 -12.65
C UNK E 97 80.93 64.59 -12.13
N UNK E 98 79.97 65.32 -11.54
CA UNK E 98 80.26 66.62 -10.96
C UNK E 98 81.15 66.48 -9.72
N UNK E 99 80.94 65.43 -8.93
CA UNK E 99 81.80 65.19 -7.78
C UNK E 99 83.21 64.79 -8.21
N UNK E 100 83.32 64.00 -9.28
CA UNK E 100 84.63 63.63 -9.80
C UNK E 100 85.37 64.84 -10.38
N UNK E 101 84.65 65.71 -11.08
CA UNK E 101 85.25 66.95 -11.58
C UNK E 101 85.63 67.88 -10.45
N UNK E 102 84.85 67.91 -9.36
CA UNK E 102 85.20 68.72 -8.20
C UNK E 102 86.44 68.17 -7.50
N UNK E 103 86.58 66.84 -7.45
CA UNK E 103 87.76 66.25 -6.85
C UNK E 103 89.01 66.51 -7.70
N UNK E 104 88.86 66.44 -9.03
CA UNK E 104 89.99 66.72 -9.91
C UNK E 104 90.39 68.19 -9.84
N UNK E 105 89.40 69.10 -9.77
CA UNK E 105 89.69 70.52 -9.63
C UNK E 105 90.30 70.84 -8.26
N UNK E 106 89.90 70.11 -7.21
CA UNK E 106 90.48 70.31 -5.89
C UNK E 106 91.93 69.83 -5.86
N UNK E 107 92.22 68.70 -6.53
CA UNK E 107 93.60 68.23 -6.62
C UNK E 107 94.46 69.19 -7.44
N UNK E 108 93.90 69.75 -8.52
CA UNK E 108 94.64 70.72 -9.33
C UNK E 108 94.87 72.02 -8.56
N UNK E 109 93.89 72.44 -7.76
CA UNK E 109 94.06 73.64 -6.95
C UNK E 109 95.07 73.42 -5.82
N UNK E 110 95.10 72.21 -5.26
CA UNK E 110 96.10 71.88 -4.26
C UNK E 110 97.50 71.85 -4.86
N UNK E 111 97.63 71.33 -6.08
CA UNK E 111 98.91 71.33 -6.77
C UNK E 111 99.35 72.76 -7.12
N UNK E 112 98.40 73.61 -7.51
CA UNK E 112 98.73 75.00 -7.83
C UNK E 112 99.12 75.78 -6.58
N UNK E 113 98.47 75.48 -5.44
CA UNK E 113 98.83 76.14 -4.20
C UNK E 113 100.17 75.63 -3.67
N UNK E 114 100.51 74.37 -3.93
CA UNK E 114 101.81 73.84 -3.55
C UNK E 114 102.91 74.40 -4.45
N UNK E 115 102.61 74.67 -5.72
CA UNK E 115 103.63 75.20 -6.62
C UNK E 115 103.82 76.70 -6.43
N UNK E 116 102.75 77.43 -6.09
CA UNK E 116 102.84 78.87 -5.96
C UNK E 116 103.50 79.31 -4.65
N UNK E 117 103.62 78.41 -3.68
CA UNK E 117 104.23 78.75 -2.40
C UNK E 117 105.75 78.84 -2.52
N ARG F 6 98.21 62.45 34.95
CA ARG F 6 98.84 61.85 36.12
C ARG F 6 97.82 61.57 37.21
N GLY F 7 97.69 62.52 38.14
CA GLY F 7 96.72 62.35 39.22
C GLY F 7 95.29 62.54 38.77
N VAL F 8 95.07 63.32 37.71
CA VAL F 8 93.71 63.55 37.21
C VAL F 8 93.15 62.28 36.59
N GLN F 9 93.99 61.51 35.89
CA GLN F 9 93.53 60.24 35.33
C GLN F 9 93.27 59.22 36.43
N MET F 10 94.06 59.25 37.50
CA MET F 10 93.81 58.37 38.64
C MET F 10 92.52 58.72 39.35
N LEU F 11 92.23 60.03 39.48
CA LEU F 11 90.96 60.44 40.09
C LEU F 11 89.78 60.10 39.19
N LEU F 12 89.97 60.18 37.87
CA LEU F 12 88.92 59.79 36.94
C LEU F 12 88.66 58.28 37.00
N THR F 13 89.72 57.49 37.14
CA THR F 13 89.56 56.05 37.30
C THR F 13 88.88 55.71 38.62
N THR F 14 89.21 56.46 39.68
CA THR F 14 88.58 56.23 40.99
C THR F 14 87.10 56.57 40.97
N VAL F 15 86.72 57.70 40.37
CA VAL F 15 85.30 58.06 40.32
C VAL F 15 84.56 57.18 39.32
N GLY F 16 85.25 56.65 38.31
CA GLY F 16 84.60 55.70 37.42
C GLY F 16 84.34 54.36 38.09
N ALA F 17 85.28 53.90 38.93
CA ALA F 17 85.05 52.68 39.71
C ALA F 17 83.96 52.90 40.74
N PHE F 18 83.89 54.10 41.33
CA PHE F 18 82.84 54.42 42.30
C PHE F 18 81.47 54.45 41.62
N ALA F 19 81.38 55.05 40.43
CA ALA F 19 80.11 55.11 39.72
C ALA F 19 79.69 53.73 39.22
N ALA F 20 80.67 52.89 38.82
CA ALA F 20 80.35 51.54 38.41
C ALA F 20 79.86 50.69 39.59
N PHE F 21 80.47 50.89 40.77
CA PHE F 21 80.00 50.19 41.96
C PHE F 21 78.61 50.66 42.38
N SER F 22 78.33 51.97 42.22
CA SER F 22 77.01 52.49 42.56
C SER F 22 75.94 51.99 41.60
N LEU F 23 76.25 51.93 40.30
CA LEU F 23 75.29 51.39 39.34
C LEU F 23 75.13 49.89 39.49
N MET F 24 76.18 49.18 39.91
CA MET F 24 76.03 47.75 40.21
C MET F 24 75.17 47.54 41.45
N THR F 25 75.29 48.42 42.45
CA THR F 25 74.42 48.37 43.62
C THR F 25 72.97 48.64 43.25
N ILE F 26 72.75 49.59 42.34
CA ILE F 26 71.40 49.90 41.87
C ILE F 26 70.85 48.75 41.03
N ALA F 27 71.72 48.02 40.33
CA ALA F 27 71.27 46.86 39.56
C ALA F 27 70.92 45.68 40.48
N VAL F 28 71.66 45.54 41.58
CA VAL F 28 71.33 44.51 42.57
C VAL F 28 70.03 44.88 43.29
N GLY F 29 69.79 46.16 43.53
CA GLY F 29 68.66 46.62 44.33
C GLY F 29 67.26 46.31 43.81
N THR F 30 66.84 46.94 42.72
CA THR F 30 65.47 46.78 42.23
C THR F 30 65.42 47.17 40.76
N ASP F 31 64.25 46.87 40.15
CA ASP F 31 63.87 47.31 38.80
C ASP F 31 64.83 46.80 37.73
N TYR F 32 65.31 45.57 37.89
CA TYR F 32 66.20 44.98 36.90
C TYR F 32 65.44 44.54 35.65
N TRP F 33 64.23 44.01 35.83
CA TRP F 33 63.43 43.52 34.73
C TRP F 33 61.97 43.90 34.92
N LEU F 34 61.19 43.74 33.86
CA LEU F 34 59.76 44.02 33.87
C LEU F 34 59.05 42.96 33.04
N TYR F 35 57.91 42.50 33.54
CA TYR F 35 57.15 41.45 32.86
C TYR F 35 55.68 41.55 33.25
N SER F 36 54.81 41.28 32.29
CA SER F 36 53.37 41.30 32.53
C SER F 36 52.93 39.95 33.07
N ARG F 37 52.35 39.95 34.28
CA ARG F 37 51.88 38.74 34.91
C ARG F 37 50.43 38.48 34.52
N GLY F 38 49.79 37.51 35.17
CA GLY F 38 48.41 37.19 34.89
C GLY F 38 47.43 37.99 35.72
N VAL F 57 48.37 43.26 33.41
CA VAL F 57 49.09 44.21 34.26
C VAL F 57 50.57 43.85 34.30
N MET F 58 51.42 44.87 34.22
CA MET F 58 52.86 44.66 34.25
C MET F 58 53.34 44.46 35.68
N THR F 59 54.58 44.01 35.81
CA THR F 59 55.20 43.79 37.12
C THR F 59 56.70 43.94 36.99
N HIS F 60 57.31 44.65 37.94
CA HIS F 60 58.74 44.87 37.94
C HIS F 60 59.44 43.81 38.78
N SER F 61 60.74 43.64 38.53
CA SER F 61 61.54 42.68 39.27
C SER F 61 62.97 43.18 39.33
N GLY F 62 63.65 42.83 40.42
CA GLY F 62 65.04 43.23 40.62
C GLY F 62 65.94 42.06 40.97
N LEU F 63 65.66 40.91 40.36
CA LEU F 63 66.38 39.63 40.49
C LEU F 63 66.29 39.04 41.89
N TRP F 64 65.50 39.62 42.78
CA TRP F 64 65.25 39.05 44.11
C TRP F 64 63.77 38.84 44.36
N ARG F 65 62.95 39.84 44.08
CA ARG F 65 61.51 39.77 44.34
C ARG F 65 60.78 40.57 43.27
N THR F 66 59.52 40.20 43.03
CA THR F 66 58.69 40.86 42.04
C THR F 66 57.62 41.70 42.71
N CYS F 67 57.27 42.81 42.06
CA CYS F 67 56.24 43.72 42.53
C CYS F 67 55.29 44.03 41.39
N CYS F 68 54.00 43.75 41.59
CA CYS F 68 53.02 43.98 40.55
C CYS F 68 52.66 45.46 40.44
N LEU F 69 51.86 45.79 39.43
CA LEU F 69 51.43 47.16 39.20
C LEU F 69 50.39 47.60 40.22
N PHE F 73 47.23 42.85 45.56
CA PHE F 73 46.73 43.65 44.45
C PHE F 73 47.80 44.59 43.93
N LYS F 74 47.40 45.81 43.58
CA LYS F 74 48.34 46.80 43.07
C LYS F 74 49.21 47.33 44.19
N GLY F 75 50.49 46.93 44.19
CA GLY F 75 51.44 47.35 45.21
C GLY F 75 51.98 46.22 46.06
N LEU F 76 51.45 45.01 45.97
CA LEU F 76 51.97 43.90 46.74
C LEU F 76 53.28 43.40 46.18
N CYS F 77 54.19 43.00 47.07
CA CYS F 77 55.50 42.53 46.68
C CYS F 77 55.79 41.20 47.35
N LYS F 78 56.40 40.29 46.59
CA LYS F 78 56.75 38.97 47.11
C LYS F 78 57.93 38.42 46.32
N GLN F 79 58.65 37.49 46.96
CA GLN F 79 59.81 36.84 46.33
C GLN F 79 59.33 35.84 45.31
N ILE F 80 59.29 36.24 44.04
CA ILE F 80 58.82 35.38 42.96
C ILE F 80 59.99 34.76 42.19
N ASP F 81 61.17 34.73 42.79
CA ASP F 81 62.35 34.12 42.15
C ASP F 81 62.50 32.65 42.53
N HIS F 82 61.45 31.88 42.30
CA HIS F 82 61.44 30.46 42.64
C HIS F 82 62.03 29.67 41.48
N PHE F 83 63.16 29.01 41.73
CA PHE F 83 63.82 28.19 40.71
C PHE F 83 63.07 26.90 40.35
N PRO F 84 62.47 26.13 41.28
CA PRO F 84 61.58 25.06 40.84
C PRO F 84 60.20 25.60 40.49
N GLU F 85 59.34 24.70 40.02
CA GLU F 85 57.98 25.08 39.65
C GLU F 85 57.06 25.07 40.85
N ASP F 92 67.39 18.34 30.33
CA ASP F 92 68.51 17.56 30.82
C ASP F 92 69.06 18.15 32.11
N THR F 93 70.18 17.60 32.59
CA THR F 93 70.80 18.11 33.81
C THR F 93 71.46 19.46 33.59
N ALA F 94 71.77 19.81 32.34
CA ALA F 94 72.29 21.15 32.05
C ALA F 94 71.23 22.22 32.30
N GLU F 95 69.95 21.88 32.10
CA GLU F 95 68.88 22.81 32.44
C GLU F 95 68.79 23.02 33.94
N TYR F 96 69.00 21.96 34.73
CA TYR F 96 69.01 22.10 36.18
C TYR F 96 70.22 22.89 36.65
N PHE F 97 71.36 22.72 35.98
CA PHE F 97 72.55 23.51 36.32
C PHE F 97 72.35 24.99 35.96
N LEU F 98 71.70 25.26 34.83
CA LEU F 98 71.39 26.64 34.46
C LEU F 98 70.39 27.27 35.41
N ARG F 99 69.43 26.47 35.90
CA ARG F 99 68.49 26.96 36.90
C ARG F 99 69.17 27.20 38.24
N ALA F 100 70.17 26.39 38.58
CA ALA F 100 70.91 26.59 39.82
C ALA F 100 71.80 27.82 39.74
N VAL F 101 72.38 28.09 38.56
CA VAL F 101 73.16 29.31 38.36
C VAL F 101 72.24 30.54 38.39
N ARG F 102 71.08 30.44 37.73
CA ARG F 102 70.13 31.55 37.72
C ARG F 102 69.43 31.73 39.06
N ALA F 103 69.52 30.74 39.95
CA ALA F 103 68.93 30.88 41.28
C ALA F 103 69.73 31.87 42.12
N SER F 104 69.03 32.89 42.62
CA SER F 104 69.51 33.94 43.53
C SER F 104 70.60 34.84 42.93
N SER F 105 70.86 34.72 41.63
CA SER F 105 71.78 35.57 40.85
C SER F 105 73.20 35.54 41.45
N ILE F 106 73.78 34.33 41.42
CA ILE F 106 75.05 34.08 42.10
C ILE F 106 76.19 34.79 41.38
N PHE F 107 76.21 34.70 40.05
CA PHE F 107 77.28 35.32 39.25
C PHE F 107 77.36 36.84 39.35
N PRO F 108 76.27 37.63 39.27
CA PRO F 108 76.45 39.08 39.46
C PRO F 108 76.77 39.49 40.89
N ILE F 109 76.35 38.71 41.89
CA ILE F 109 76.74 39.00 43.26
C ILE F 109 78.24 38.77 43.45
N LEU F 110 78.75 37.65 42.93
CA LEU F 110 80.19 37.41 42.98
C LEU F 110 80.97 38.42 42.15
N SER F 111 80.39 38.87 41.03
CA SER F 111 81.02 39.92 40.23
C SER F 111 81.07 41.25 40.97
N VAL F 112 80.02 41.57 41.72
CA VAL F 112 79.99 42.82 42.48
C VAL F 112 80.96 42.76 43.65
N ILE F 113 81.10 41.59 44.29
CA ILE F 113 82.09 41.43 45.35
C ILE F 113 83.50 41.52 44.80
N LEU F 114 83.73 40.98 43.60
CA LEU F 114 85.03 41.12 42.97
C LEU F 114 85.32 42.55 42.53
N LEU F 115 84.29 43.29 42.11
CA LEU F 115 84.47 44.72 41.80
C LEU F 115 84.76 45.52 43.07
N PHE F 116 84.14 45.14 44.19
CA PHE F 116 84.45 45.78 45.47
C PHE F 116 85.88 45.50 45.90
N MET F 117 86.36 44.27 45.67
CA MET F 117 87.74 43.93 46.00
C MET F 117 88.73 44.66 45.10
N GLY F 118 88.40 44.79 43.80
CA GLY F 118 89.25 45.54 42.90
C GLY F 118 89.27 47.03 43.21
N GLY F 119 88.13 47.57 43.65
CA GLY F 119 88.09 48.97 44.06
C GLY F 119 88.87 49.22 45.34
N LEU F 120 88.81 48.27 46.28
CA LEU F 120 89.62 48.37 47.49
C LEU F 120 91.11 48.25 47.18
N CYS F 121 91.47 47.41 46.21
CA CYS F 121 92.87 47.30 45.80
C CYS F 121 93.35 48.57 45.10
N ILE F 122 92.49 49.18 44.28
CA ILE F 122 92.84 50.43 43.62
C ILE F 122 92.95 51.57 44.63
N ALA F 123 92.10 51.58 45.65
CA ALA F 123 92.20 52.59 46.70
C ALA F 123 93.43 52.39 47.57
N ALA F 124 93.84 51.13 47.79
CA ALA F 124 95.05 50.88 48.56
C ALA F 124 96.31 51.18 47.73
N SER F 125 96.23 51.02 46.41
CA SER F 125 97.36 51.33 45.54
C SER F 125 97.42 52.80 45.16
N GLU F 126 96.34 53.57 45.36
CA GLU F 126 96.37 54.99 45.06
C GLU F 126 97.22 55.75 46.06
N PHE F 127 97.00 55.50 47.36
CA PHE F 127 97.78 56.12 48.42
C PHE F 127 98.95 55.21 48.79
N TYR F 128 100.16 55.79 48.80
CA TYR F 128 101.41 55.12 49.13
C TYR F 128 101.66 53.91 48.23
N LYS F 129 101.82 54.18 46.93
CA LYS F 129 102.06 53.15 45.93
C LYS F 129 103.51 52.68 46.05
N THR F 130 103.71 51.70 46.94
CA THR F 130 105.03 51.13 47.15
C THR F 130 105.40 50.10 46.08
N ARG F 131 104.54 49.10 45.89
CA ARG F 131 104.78 48.07 44.88
C ARG F 131 104.25 48.54 43.53
N HIS F 132 105.07 48.36 42.49
CA HIS F 132 104.72 48.78 41.14
C HIS F 132 104.06 47.66 40.33
N ASN F 133 103.46 46.68 40.99
CA ASN F 133 102.80 45.59 40.30
C ASN F 133 101.42 45.25 40.86
N ILE F 134 100.98 45.92 41.93
CA ILE F 134 99.66 45.64 42.48
C ILE F 134 98.58 46.25 41.60
N ILE F 135 98.90 47.31 40.87
CA ILE F 135 97.93 47.97 40.00
C ILE F 135 97.59 47.09 38.81
N LEU F 136 98.56 46.33 38.29
CA LEU F 136 98.29 45.44 37.17
C LEU F 136 97.41 44.27 37.58
N SER F 137 97.67 43.70 38.76
CA SER F 137 96.83 42.60 39.26
C SER F 137 95.43 43.10 39.61
N ALA F 138 95.33 44.33 40.13
CA ALA F 138 94.03 44.92 40.42
C ALA F 138 93.25 45.17 39.13
N GLY F 139 93.93 45.64 38.08
CA GLY F 139 93.26 45.84 36.81
C GLY F 139 92.87 44.53 36.15
N ILE F 140 93.69 43.50 36.31
CA ILE F 140 93.36 42.18 35.75
C ILE F 140 92.15 41.60 36.48
N PHE F 141 92.10 41.74 37.80
CA PHE F 141 90.93 41.30 38.56
C PHE F 141 89.70 42.12 38.22
N PHE F 142 89.89 43.40 37.91
CA PHE F 142 88.78 44.27 37.53
C PHE F 142 88.20 43.87 36.16
N VAL F 143 89.08 43.56 35.21
CA VAL F 143 88.62 43.12 33.88
C VAL F 143 87.97 41.74 33.97
N SER F 144 88.51 40.85 34.80
CA SER F 144 87.88 39.54 34.99
C SER F 144 86.53 39.66 35.69
N ALA F 145 86.39 40.63 36.60
CA ALA F 145 85.11 40.87 37.25
C ALA F 145 84.10 41.43 36.26
N GLY F 146 84.56 42.29 35.34
CA GLY F 146 83.68 42.77 34.28
C GLY F 146 83.23 41.65 33.34
N LEU F 147 84.15 40.74 33.01
CA LEU F 147 83.80 39.60 32.17
C LEU F 147 82.83 38.66 32.88
N SER F 148 83.01 38.46 34.19
CA SER F 148 82.06 37.65 34.95
C SER F 148 80.71 38.33 35.09
N ASN F 149 80.68 39.67 35.16
CA ASN F 149 79.42 40.38 35.20
C ASN F 149 78.71 40.30 33.85
N ILE F 150 79.46 40.30 32.75
CA ILE F 150 78.86 40.13 31.44
C ILE F 150 78.32 38.71 31.28
N ILE F 151 79.02 37.72 31.83
CA ILE F 151 78.55 36.34 31.81
C ILE F 151 77.28 36.20 32.65
N GLY F 152 77.24 36.87 33.81
CA GLY F 152 76.03 36.86 34.62
C GLY F 152 74.88 37.59 33.97
N ILE F 153 75.16 38.62 33.18
CA ILE F 153 74.12 39.31 32.43
C ILE F 153 73.58 38.40 31.33
N ILE F 154 74.46 37.59 30.72
CA ILE F 154 74.02 36.63 29.72
C ILE F 154 73.17 35.53 30.36
N VAL F 155 73.51 35.13 31.59
CA VAL F 155 72.71 34.15 32.31
C VAL F 155 71.35 34.72 32.68
N TYR F 156 71.32 35.97 33.15
CA TYR F 156 70.06 36.60 33.54
C TYR F 156 69.18 36.90 32.33
N ILE F 157 69.79 37.09 31.16
CA ILE F 157 68.99 37.23 29.95
C ILE F 157 68.55 35.86 29.43
N SER F 158 69.30 34.81 29.73
CA SER F 158 68.98 33.49 29.18
C SER F 158 67.79 32.86 29.89
N ALA F 159 67.63 33.11 31.18
CA ALA F 159 66.55 32.51 31.95
C ALA F 159 65.25 33.29 31.87
N ASN F 160 65.18 34.34 31.05
CA ASN F 160 63.96 35.13 30.94
C ASN F 160 62.86 34.39 30.19
N ALA F 161 63.23 33.59 29.20
CA ALA F 161 62.25 32.82 28.45
C ALA F 161 61.86 31.55 29.20
N TYR F 174 55.70 42.67 27.41
CA TYR F 174 57.08 42.28 27.66
C TYR F 174 58.03 43.46 27.48
N SER F 175 58.80 43.77 28.51
CA SER F 175 59.73 44.89 28.49
C SER F 175 60.96 44.52 29.31
N TYR F 176 61.78 45.53 29.62
CA TYR F 176 62.97 45.34 30.43
C TYR F 176 63.06 46.47 31.45
N GLY F 177 63.74 46.19 32.56
CA GLY F 177 63.95 47.18 33.58
C GLY F 177 65.11 48.10 33.28
N TRP F 178 65.11 49.25 33.94
CA TRP F 178 66.16 50.24 33.73
C TRP F 178 67.46 49.89 34.44
N SER F 179 67.40 49.03 35.46
CA SER F 179 68.63 48.63 36.15
C SER F 179 69.48 47.68 35.31
N PHE F 180 68.87 46.98 34.35
CA PHE F 180 69.64 46.20 33.39
C PHE F 180 70.48 47.12 32.50
N TYR F 181 69.88 48.22 32.03
CA TYR F 181 70.62 49.20 31.26
C TYR F 181 71.65 49.92 32.12
N PHE F 182 71.35 50.11 33.41
CA PHE F 182 72.32 50.70 34.32
C PHE F 182 73.51 49.77 34.54
N GLY F 183 73.26 48.47 34.64
CA GLY F 183 74.35 47.52 34.74
C GLY F 183 75.17 47.41 33.48
N ALA F 184 74.51 47.54 32.32
CA ALA F 184 75.24 47.58 31.05
C ALA F 184 76.11 48.83 30.95
N LEU F 185 75.58 49.97 31.39
CA LEU F 185 76.37 51.20 31.41
C LEU F 185 77.53 51.11 32.40
N SER F 186 77.32 50.45 33.55
CA SER F 186 78.42 50.22 34.47
C SER F 186 79.46 49.28 33.89
N PHE F 187 79.03 48.31 33.07
CA PHE F 187 79.98 47.45 32.36
C PHE F 187 80.80 48.23 31.35
N ILE F 188 80.17 49.19 30.66
CA ILE F 188 80.90 50.02 29.69
C ILE F 188 81.89 50.94 30.41
N ILE F 189 81.46 51.55 31.53
CA ILE F 189 82.34 52.40 32.32
C ILE F 189 83.47 51.57 32.95
N ALA F 190 83.19 50.33 33.33
CA ALA F 190 84.24 49.47 33.87
C ALA F 190 85.25 49.05 32.81
N GLU F 191 84.78 48.83 31.58
CA GLU F 191 85.70 48.55 30.47
C GLU F 191 86.58 49.75 30.18
N MET F 192 86.01 50.96 30.14
CA MET F 192 86.79 52.16 29.92
C MET F 192 87.76 52.44 31.06
N VAL F 193 87.34 52.12 32.29
CA VAL F 193 88.20 52.32 33.45
C VAL F 193 89.35 51.32 33.46
N GLY F 194 89.10 50.10 33.00
CA GLY F 194 90.18 49.13 32.85
C GLY F 194 91.16 49.53 31.77
N VAL F 195 90.66 50.11 30.67
CA VAL F 195 91.52 50.63 29.62
C VAL F 195 92.39 51.78 30.15
N LEU F 196 91.79 52.70 30.89
CA LEU F 196 92.54 53.81 31.47
C LEU F 196 93.53 53.34 32.52
N ALA F 197 93.18 52.30 33.28
CA ALA F 197 94.06 51.77 34.30
C ALA F 197 95.28 51.09 33.71
N VAL F 198 95.08 50.27 32.66
CA VAL F 198 96.24 49.64 32.04
C VAL F 198 97.04 50.64 31.22
N HIS F 199 96.41 51.73 30.76
CA HIS F 199 97.16 52.78 30.08
C HIS F 199 98.05 53.53 31.06
N MET F 200 97.54 53.82 32.26
CA MET F 200 98.37 54.42 33.30
C MET F 200 99.45 53.45 33.76
N PHE F 201 99.16 52.14 33.77
CA PHE F 201 100.17 51.17 34.17
C PHE F 201 101.30 51.07 33.15
N ILE F 202 100.97 51.10 31.85
CA ILE F 202 102.05 51.02 30.87
C ILE F 202 102.80 52.34 30.79
N ASP F 203 102.14 53.46 31.12
CA ASP F 203 102.86 54.73 31.23
C ASP F 203 103.84 54.73 32.39
N ARG F 204 103.42 54.19 33.54
CA ARG F 204 104.32 54.07 34.69
C ARG F 204 105.44 53.07 34.42
N HIS F 205 105.13 52.01 33.67
CA HIS F 205 106.16 51.04 33.32
C HIS F 205 107.19 51.62 32.35
N LYS F 206 106.73 52.43 31.39
CA LYS F 206 107.65 53.10 30.48
C LYS F 206 108.48 54.15 31.21
N GLN F 207 107.89 54.82 32.21
CA GLN F 207 108.63 55.78 33.01
C GLN F 207 109.69 55.08 33.86
N LEU F 208 109.35 53.91 34.41
CA LEU F 208 110.32 53.15 35.21
C LEU F 208 111.42 52.58 34.32
N ARG F 209 111.09 52.17 33.09
CA ARG F 209 112.11 51.67 32.17
C ARG F 209 112.99 52.80 31.66
N ALA F 210 112.46 54.01 31.54
CA ALA F 210 113.28 55.15 31.14
C ALA F 210 114.19 55.61 32.27
N THR F 211 113.68 55.58 33.51
CA THR F 211 114.50 55.98 34.65
C THR F 211 115.52 54.93 35.05
N ALA F 212 115.26 53.65 34.76
CA ALA F 212 116.20 52.59 35.10
C ALA F 212 117.39 52.54 34.16
N ARG F 213 117.24 53.02 32.94
CA ARG F 213 118.33 53.02 31.97
C ARG F 213 119.30 54.17 32.24
N UNK G 1 115.43 10.16 29.59
CA UNK G 1 114.16 9.52 29.87
C UNK G 1 113.15 9.80 28.76
N UNK G 2 113.58 10.55 27.75
CA UNK G 2 112.70 10.88 26.64
C UNK G 2 112.55 9.73 25.67
N UNK G 3 113.61 8.94 25.47
CA UNK G 3 113.54 7.79 24.57
C UNK G 3 112.66 6.69 25.13
N UNK G 4 112.75 6.45 26.44
CA UNK G 4 111.88 5.46 27.07
C UNK G 4 110.43 5.93 27.09
N UNK G 5 110.21 7.24 27.25
CA UNK G 5 108.86 7.78 27.19
C UNK G 5 108.28 7.68 25.79
N UNK G 6 109.09 7.90 24.76
CA UNK G 6 108.63 7.75 23.39
C UNK G 6 108.34 6.30 23.05
N UNK G 7 109.16 5.37 23.57
CA UNK G 7 108.92 3.96 23.34
C UNK G 7 107.66 3.49 24.07
N UNK G 8 107.42 3.99 25.29
CA UNK G 8 106.20 3.66 26.01
C UNK G 8 104.97 4.27 25.33
N UNK G 9 105.12 5.45 24.73
CA UNK G 9 104.02 6.06 23.99
C UNK G 9 103.72 5.28 22.71
N UNK G 10 104.76 4.77 22.04
CA UNK G 10 104.54 3.95 20.85
C UNK G 10 103.91 2.61 21.21
N UNK G 11 104.30 2.03 22.34
CA UNK G 11 103.69 0.78 22.80
C UNK G 11 102.23 1.00 23.20
N UNK G 12 101.93 2.12 23.86
CA UNK G 12 100.55 2.44 24.20
C UNK G 12 99.72 2.74 22.96
N UNK G 13 100.33 3.33 21.94
CA UNK G 13 99.64 3.58 20.68
C UNK G 13 99.33 2.28 19.94
N UNK G 14 100.28 1.33 19.97
CA UNK G 14 100.03 0.03 19.37
C UNK G 14 98.96 -0.74 20.14
N UNK G 15 98.96 -0.61 21.47
CA UNK G 15 97.93 -1.27 22.27
C UNK G 15 96.56 -0.65 22.05
N UNK G 16 96.51 0.66 21.84
CA UNK G 16 95.24 1.32 21.54
C UNK G 16 94.75 0.99 20.14
N UNK G 17 95.67 0.81 19.19
CA UNK G 17 95.29 0.39 17.85
C UNK G 17 94.81 -1.06 17.84
N UNK G 18 95.35 -1.88 18.75
CA UNK G 18 94.87 -3.25 18.86
C UNK G 18 93.52 -3.31 19.58
N UNK G 19 93.32 -2.46 20.60
CA UNK G 19 92.09 -2.51 21.38
C UNK G 19 90.98 -1.70 20.72
N UNK G 20 91.19 -0.39 20.55
CA UNK G 20 90.18 0.48 19.99
C UNK G 20 90.24 0.50 18.46
N UNK G 21 81.23 -1.43 6.61
CA UNK G 21 81.77 -1.31 5.27
C UNK G 21 83.01 -2.17 5.09
N UNK G 22 83.04 -2.94 4.00
CA UNK G 22 84.19 -3.80 3.73
C UNK G 22 85.40 -2.98 3.27
N UNK G 23 85.16 -1.89 2.54
CA UNK G 23 86.25 -1.04 2.09
C UNK G 23 86.88 -0.28 3.25
N UNK G 24 86.07 0.14 4.23
CA UNK G 24 86.59 0.82 5.40
C UNK G 24 87.39 -0.12 6.28
N UNK G 25 86.92 -1.37 6.42
CA UNK G 25 87.67 -2.36 7.19
C UNK G 25 88.96 -2.76 6.49
N UNK G 26 88.94 -2.83 5.16
CA UNK G 26 90.16 -3.13 4.41
C UNK G 26 91.15 -1.98 4.50
N UNK G 27 90.65 -0.74 4.49
CA UNK G 27 91.53 0.41 4.66
C UNK G 27 92.12 0.48 6.07
N UNK G 28 91.33 0.08 7.07
CA UNK G 28 91.84 0.02 8.44
C UNK G 28 92.89 -1.09 8.58
N UNK G 29 92.68 -2.21 7.90
CA UNK G 29 93.67 -3.29 7.92
C UNK G 29 94.95 -2.87 7.21
N UNK G 30 94.84 -2.14 6.10
CA UNK G 30 96.01 -1.64 5.40
C UNK G 30 96.74 -0.59 6.23
N UNK G 31 96.00 0.23 6.98
CA UNK G 31 96.62 1.20 7.87
C UNK G 31 97.33 0.51 9.02
N UNK G 32 96.74 -0.57 9.55
CA UNK G 32 97.39 -1.33 10.62
C UNK G 32 98.66 -2.02 10.12
N UNK G 33 98.63 -2.53 8.88
CA UNK G 33 99.81 -3.17 8.32
C UNK G 33 100.92 -2.15 8.04
N UNK G 34 100.55 -0.98 7.53
CA UNK G 34 101.53 0.08 7.29
C UNK G 34 102.10 0.61 8.60
N UNK G 35 101.27 0.70 9.64
CA UNK G 35 101.76 1.14 10.94
C UNK G 35 102.67 0.10 11.57
N UNK G 36 102.37 -1.19 11.35
CA UNK G 36 103.24 -2.24 11.84
C UNK G 36 104.58 -2.24 11.12
N UNK G 37 104.57 -1.97 9.81
CA UNK G 37 105.82 -1.85 9.05
C UNK G 37 106.63 -0.64 9.49
N UNK G 38 105.95 0.48 9.78
CA UNK G 38 106.63 1.66 10.27
C UNK G 38 107.20 1.45 11.66
N UNK G 39 106.47 0.72 12.52
CA UNK G 39 106.97 0.42 13.85
C UNK G 39 108.16 -0.53 13.80
N UNK G 40 108.14 -1.49 12.86
CA UNK G 40 109.28 -2.39 12.70
C UNK G 40 110.50 -1.66 12.16
N UNK G 41 110.30 -0.72 11.23
CA UNK G 41 111.42 0.07 10.71
C UNK G 41 111.97 1.00 11.78
N UNK G 42 111.09 1.58 12.61
CA UNK G 42 111.54 2.43 13.71
C UNK G 42 112.26 1.64 14.78
N UNK G 43 111.82 0.41 15.06
CA UNK G 43 112.51 -0.44 16.02
C UNK G 43 113.88 -0.87 15.49
N UNK G 44 113.97 -1.14 14.18
CA UNK G 44 115.26 -1.49 13.59
C UNK G 44 116.22 -0.30 13.60
N UNK G 45 115.70 0.90 13.33
CA UNK G 45 116.55 2.10 13.38
C UNK G 45 116.98 2.41 14.80
N UNK G 46 116.10 2.19 15.78
CA UNK G 46 116.47 2.42 17.18
C UNK G 46 117.47 1.39 17.66
N UNK G 47 117.36 0.15 17.18
CA UNK G 47 118.34 -0.88 17.53
C UNK G 47 119.70 -0.58 16.91
N UNK G 48 119.71 -0.08 15.66
CA UNK G 48 120.97 0.31 15.03
C UNK G 48 121.59 1.51 15.73
N UNK G 49 120.77 2.46 16.18
CA UNK G 49 121.29 3.63 16.89
C UNK G 49 121.81 3.25 18.27
N UNK G 50 121.15 2.31 18.94
CA UNK G 50 121.64 1.86 20.24
C UNK G 50 122.90 1.00 20.09
N UNK G 51 123.04 0.29 18.97
CA UNK G 51 124.26 -0.48 18.73
C UNK G 51 125.42 0.44 18.36
N UNK G 52 125.14 1.52 17.65
CA UNK G 52 126.20 2.46 17.26
C UNK G 52 126.50 3.49 18.35
N UNK G 53 125.64 3.64 19.34
CA UNK G 53 125.87 4.61 20.41
C UNK G 53 126.78 4.07 21.50
N UNK G 54 126.58 2.83 21.92
CA UNK G 54 127.41 2.22 22.95
C UNK G 54 128.62 1.52 22.34
N UNK G 55 131.18 6.98 9.74
CA UNK G 55 130.66 5.88 10.53
C UNK G 55 129.31 6.25 11.14
N UNK G 56 129.33 7.20 12.08
CA UNK G 56 128.10 7.61 12.74
C UNK G 56 127.27 8.54 11.87
N UNK G 57 127.89 9.16 10.87
CA UNK G 57 127.16 10.11 10.01
C UNK G 57 126.17 9.38 9.11
N UNK G 58 126.56 8.22 8.57
CA UNK G 58 125.65 7.43 7.75
C UNK G 58 124.51 6.86 8.58
N UNK G 59 124.81 6.49 9.83
CA UNK G 59 123.76 6.03 10.74
C UNK G 59 122.80 7.15 11.10
N UNK G 60 123.32 8.36 11.27
CA UNK G 60 122.44 9.51 11.57
C UNK G 60 121.59 9.87 10.36
N UNK G 61 122.15 9.77 9.15
CA UNK G 61 121.38 10.04 7.94
C UNK G 61 120.30 8.98 7.72
N UNK G 62 120.63 7.71 7.99
CA UNK G 62 119.63 6.65 7.87
C UNK G 62 118.54 6.80 8.93
N UNK G 63 118.90 7.25 10.14
CA UNK G 63 117.92 7.48 11.19
C UNK G 63 117.01 8.65 10.85
N UNK G 64 117.56 9.70 10.23
CA UNK G 64 116.74 10.85 9.81
C UNK G 64 115.81 10.47 8.67
N UNK G 65 116.30 9.67 7.72
CA UNK G 65 115.44 9.22 6.63
C UNK G 65 114.34 8.28 7.13
N UNK G 66 114.68 7.41 8.09
CA UNK G 66 113.68 6.52 8.68
C UNK G 66 112.65 7.30 9.49
N UNK G 67 113.09 8.37 10.16
CA UNK G 67 112.16 9.21 10.91
C UNK G 67 111.22 9.97 9.98
N UNK G 68 111.73 10.45 8.84
CA UNK G 68 110.88 11.13 7.88
C UNK G 68 109.89 10.17 7.23
N UNK G 69 110.35 8.97 6.88
CA UNK G 69 109.44 7.97 6.30
C UNK G 69 108.40 7.50 7.31
N UNK G 70 108.79 7.36 8.58
CA UNK G 70 107.84 6.99 9.62
C UNK G 70 106.85 8.11 9.90
N UNK G 71 107.28 9.37 9.77
CA UNK G 71 106.35 10.49 9.95
C UNK G 71 105.34 10.54 8.81
N UNK G 72 105.79 10.29 7.57
CA UNK G 72 104.88 10.26 6.44
C UNK G 72 103.90 9.08 6.54
N UNK G 73 104.41 7.92 6.96
CA UNK G 73 103.55 6.75 7.15
C UNK G 73 102.58 6.95 8.31
N UNK G 74 102.99 7.66 9.37
CA UNK G 74 102.10 7.94 10.48
C UNK G 74 101.03 8.95 10.09
N UNK G 75 101.36 9.92 9.23
CA UNK G 75 100.36 10.85 8.73
C UNK G 75 99.34 10.14 7.84
N UNK G 76 99.81 9.24 6.97
CA UNK G 76 98.90 8.46 6.13
C UNK G 76 98.04 7.52 6.96
N UNK G 77 98.62 6.92 8.01
CA UNK G 77 97.87 6.04 8.89
C UNK G 77 96.86 6.82 9.73
N UNK G 78 97.18 8.05 10.11
CA UNK G 78 96.22 8.87 10.85
C UNK G 78 95.07 9.31 9.96
N UNK G 79 95.37 9.60 8.69
CA UNK G 79 94.30 9.92 7.73
C UNK G 79 93.40 8.71 7.48
N UNK G 80 93.98 7.53 7.32
CA UNK G 80 93.18 6.33 7.13
C UNK G 80 92.41 5.95 8.39
N UNK G 81 92.95 6.23 9.57
CA UNK G 81 92.24 5.95 10.81
C UNK G 81 91.09 6.92 11.00
N UNK G 82 91.26 8.19 10.59
CA UNK G 82 90.15 9.14 10.64
C UNK G 82 89.06 8.76 9.63
N UNK G 83 89.47 8.25 8.46
CA UNK G 83 88.49 7.79 7.48
C UNK G 83 87.75 6.54 7.96
N UNK G 84 88.44 5.65 8.70
CA UNK G 84 87.78 4.47 9.25
C UNK G 84 86.86 4.84 10.40
N UNK G 85 87.25 5.85 11.20
CA UNK G 85 86.37 6.33 12.26
C UNK G 85 85.17 7.07 11.71
N UNK G 86 85.30 7.67 10.53
CA UNK G 86 84.14 8.26 9.86
C UNK G 86 83.20 7.17 9.33
N UNK G 87 83.69 6.35 8.41
CA UNK G 87 82.87 5.28 7.84
C UNK G 87 82.97 4.02 8.69
N UNK G 88 87.95 4.38 19.96
CA UNK G 88 87.52 5.27 18.89
C UNK G 88 88.40 6.51 18.83
N UNK G 89 88.05 7.54 19.60
CA UNK G 89 88.81 8.78 19.60
C UNK G 89 90.15 8.65 20.32
N UNK G 90 90.27 7.68 21.23
CA UNK G 90 91.53 7.49 21.95
C UNK G 90 92.62 6.96 21.03
N UNK G 91 92.26 6.14 20.04
CA UNK G 91 93.25 5.64 19.09
C UNK G 91 93.78 6.75 18.20
N UNK G 92 92.89 7.65 17.75
CA UNK G 92 93.33 8.80 16.96
C UNK G 92 94.13 9.77 17.81
N UNK G 93 93.79 9.93 19.09
CA UNK G 93 94.56 10.78 19.98
C UNK G 93 95.95 10.20 20.22
N UNK G 94 96.05 8.88 20.36
CA UNK G 94 97.34 8.23 20.54
C UNK G 94 98.18 8.32 19.27
N UNK G 95 97.53 8.23 18.09
CA UNK G 95 98.26 8.39 16.84
C UNK G 95 98.75 9.82 16.67
N UNK G 96 97.95 10.80 17.08
CA UNK G 96 98.38 12.19 17.00
C UNK G 96 99.51 12.49 17.97
N UNK G 97 99.46 11.90 19.17
CA UNK G 97 100.54 12.09 20.14
C UNK G 97 101.81 11.40 19.69
N UNK G 98 101.68 10.24 19.04
CA UNK G 98 102.85 9.55 18.50
C UNK G 98 103.46 10.32 17.33
N UNK G 99 102.61 10.95 16.50
CA UNK G 99 103.13 11.78 15.42
C UNK G 99 103.81 13.03 15.94
N UNK G 100 103.27 13.62 17.02
CA UNK G 100 103.90 14.79 17.63
C UNK G 100 105.23 14.43 18.27
N UNK G 101 105.30 13.26 18.92
CA UNK G 101 106.55 12.79 19.49
C UNK G 101 107.57 12.46 18.42
N UNK G 102 107.10 11.94 17.27
CA UNK G 102 107.99 11.67 16.15
C UNK G 102 108.52 12.96 15.54
N UNK G 103 107.67 14.00 15.48
CA UNK G 103 108.13 15.29 14.97
C UNK G 103 109.13 15.94 15.92
N UNK G 104 108.90 15.83 17.23
CA UNK G 104 109.85 16.37 18.20
C UNK G 104 111.18 15.62 18.17
N UNK G 105 111.12 14.29 18.03
CA UNK G 105 112.33 13.50 17.91
C UNK G 105 113.07 13.76 16.61
N UNK G 106 112.34 14.05 15.53
CA UNK G 106 112.98 14.38 14.26
C UNK G 106 113.64 15.75 14.33
N UNK G 107 113.02 16.70 15.02
CA UNK G 107 113.65 18.01 15.21
C UNK G 107 114.89 17.90 16.11
N UNK G 108 114.83 17.06 17.14
CA UNK G 108 116.00 16.85 18.00
C UNK G 108 117.12 16.13 17.25
N UNK G 109 116.77 15.19 16.37
CA UNK G 109 117.79 14.50 15.58
C UNK G 109 118.40 15.43 14.54
N UNK G 110 117.59 16.33 13.98
CA UNK G 110 118.13 17.32 13.05
C UNK G 110 119.05 18.30 13.76
N UNK G 111 118.71 18.69 14.99
CA UNK G 111 119.58 19.55 15.78
C UNK G 111 120.88 18.84 16.15
N UNK G 112 120.80 17.55 16.49
CA UNK G 112 122.00 16.78 16.81
C UNK G 112 122.88 16.56 15.59
N UNK G 113 122.27 16.38 14.41
CA UNK G 113 123.06 16.23 13.19
C UNK G 113 123.67 17.55 12.76
N UNK G 114 123.00 18.67 13.04
CA UNK G 114 123.58 19.98 12.75
C UNK G 114 124.70 20.31 13.73
N UNK G 115 124.61 19.84 14.97
CA UNK G 115 125.67 20.09 15.94
C UNK G 115 126.87 19.18 15.72
N UNK G 116 126.65 17.94 15.30
CA UNK G 116 127.74 17.00 15.11
C UNK G 116 128.50 17.23 13.81
N UNK G 117 127.94 17.99 12.88
CA UNK G 117 128.60 18.26 11.61
C UNK G 117 129.74 19.25 11.77
N ARG H 6 116.42 26.16 -26.65
CA ARG H 6 116.11 27.28 -27.53
C ARG H 6 115.07 26.87 -28.57
N GLY H 7 115.53 26.18 -29.62
CA GLY H 7 114.63 25.74 -30.67
C GLY H 7 113.77 24.55 -30.31
N VAL H 8 114.13 23.82 -29.25
CA VAL H 8 113.36 22.65 -28.84
C VAL H 8 112.02 23.08 -28.26
N GLN H 9 112.00 24.15 -27.47
CA GLN H 9 110.74 24.65 -26.93
C GLN H 9 109.88 25.27 -28.02
N MET H 10 110.51 25.87 -29.03
CA MET H 10 109.77 26.40 -30.18
C MET H 10 109.14 25.28 -30.99
N LEU H 11 109.87 24.18 -31.19
CA LEU H 11 109.32 23.04 -31.90
C LEU H 11 108.22 22.37 -31.09
N LEU H 12 108.35 22.35 -29.76
CA LEU H 12 107.31 21.80 -28.90
C LEU H 12 106.04 22.66 -28.96
N THR H 13 106.20 23.98 -28.98
CA THR H 13 105.06 24.89 -29.12
C THR H 13 104.42 24.73 -30.49
N THR H 14 105.22 24.52 -31.54
CA THR H 14 104.70 24.33 -32.88
C THR H 14 103.90 23.04 -33.00
N VAL H 15 104.42 21.94 -32.45
CA VAL H 15 103.67 20.68 -32.54
C VAL H 15 102.48 20.67 -31.60
N GLY H 16 102.54 21.47 -30.51
CA GLY H 16 101.36 21.61 -29.67
C GLY H 16 100.26 22.39 -30.35
N ALA H 17 100.62 23.45 -31.09
CA ALA H 17 99.64 24.18 -31.87
C ALA H 17 99.08 23.33 -33.01
N PHE H 18 99.92 22.48 -33.60
CA PHE H 18 99.47 21.58 -34.66
C PHE H 18 98.50 20.54 -34.11
N ALA H 19 98.79 19.98 -32.93
CA ALA H 19 97.91 19.00 -32.32
C ALA H 19 96.60 19.64 -31.86
N ALA H 20 96.67 20.88 -31.37
CA ALA H 20 95.46 21.59 -30.99
C ALA H 20 94.58 21.90 -32.19
N PHE H 21 95.22 22.27 -33.32
CA PHE H 21 94.47 22.50 -34.55
C PHE H 21 93.86 21.21 -35.09
N SER H 22 94.57 20.09 -34.95
CA SER H 22 94.04 18.81 -35.42
C SER H 22 92.87 18.35 -34.55
N LEU H 23 92.97 18.53 -33.24
CA LEU H 23 91.86 18.17 -32.37
C LEU H 23 90.68 19.11 -32.53
N MET H 24 90.94 20.39 -32.85
CA MET H 24 89.85 21.31 -33.17
C MET H 24 89.17 20.92 -34.47
N THR H 25 89.95 20.44 -35.45
CA THR H 25 89.38 19.95 -36.70
C THR H 25 88.54 18.70 -36.46
N ILE H 26 89.00 17.81 -35.59
CA ILE H 26 88.24 16.61 -35.23
C ILE H 26 86.97 16.98 -34.46
N ALA H 27 87.01 18.06 -33.69
CA ALA H 27 85.81 18.52 -32.99
C ALA H 27 84.82 19.17 -33.94
N VAL H 28 85.32 19.84 -34.98
CA VAL H 28 84.44 20.36 -36.03
C VAL H 28 83.81 19.23 -36.82
N GLY H 29 84.56 18.14 -37.04
CA GLY H 29 84.14 17.06 -37.91
C GLY H 29 82.90 16.27 -37.51
N THR H 30 82.98 15.48 -36.45
CA THR H 30 81.87 14.62 -36.06
C THR H 30 82.01 14.22 -34.60
N ASP H 31 80.93 13.60 -34.08
CA ASP H 31 80.89 12.95 -32.76
C ASP H 31 81.17 13.93 -31.62
N TYR H 32 80.62 15.15 -31.74
CA TYR H 32 80.83 16.15 -30.69
C TYR H 32 79.97 15.86 -29.47
N TRP H 33 78.73 15.44 -29.67
CA TRP H 33 77.81 15.18 -28.57
C TRP H 33 77.05 13.88 -28.85
N LEU H 34 76.26 13.47 -27.86
CA LEU H 34 75.45 12.26 -27.96
C LEU H 34 74.09 12.55 -27.32
N TYR H 35 73.01 12.17 -28.01
CA TYR H 35 71.68 12.44 -27.51
C TYR H 35 70.75 11.29 -27.89
N SER H 36 70.05 10.75 -26.90
CA SER H 36 69.09 9.67 -27.13
C SER H 36 67.82 10.27 -27.72
N ARG H 37 67.55 9.98 -28.99
CA ARG H 37 66.38 10.50 -29.66
C ARG H 37 65.20 9.53 -29.48
N GLY H 38 64.09 9.81 -30.15
CA GLY H 38 62.91 8.96 -30.05
C GLY H 38 62.90 7.85 -31.08
N VAL H 57 66.92 4.99 -28.44
CA VAL H 57 68.12 4.84 -29.26
C VAL H 57 68.96 6.10 -29.21
N MET H 58 70.27 5.94 -29.03
CA MET H 58 71.17 7.07 -28.97
C MET H 58 71.46 7.62 -30.36
N THR H 59 71.95 8.86 -30.40
CA THR H 59 72.31 9.51 -31.65
C THR H 59 73.42 10.52 -31.39
N HIS H 60 74.40 10.54 -32.28
CA HIS H 60 75.53 11.45 -32.17
C HIS H 60 75.30 12.68 -33.04
N SER H 61 76.04 13.74 -32.72
CA SER H 61 75.96 14.98 -33.47
C SER H 61 77.29 15.70 -33.40
N GLY H 62 77.61 16.44 -34.46
CA GLY H 62 78.85 17.17 -34.53
C GLY H 62 78.65 18.64 -34.84
N LEU H 63 77.60 19.22 -34.26
CA LEU H 63 77.14 20.62 -34.36
C LEU H 63 76.69 21.01 -35.77
N TRP H 64 76.67 20.10 -36.74
CA TRP H 64 76.14 20.36 -38.07
C TRP H 64 75.03 19.41 -38.43
N ARG H 65 75.20 18.11 -38.21
CA ARG H 65 74.22 17.11 -38.56
C ARG H 65 74.16 16.05 -37.45
N THR H 66 73.09 15.28 -37.44
CA THR H 66 72.88 14.22 -36.46
C THR H 66 72.82 12.87 -37.16
N CYS H 67 73.37 11.86 -36.51
CA CYS H 67 73.39 10.49 -37.02
C CYS H 67 72.95 9.54 -35.92
N CYS H 68 71.89 8.76 -36.18
CA CYS H 68 71.39 7.83 -35.20
C CYS H 68 72.27 6.59 -35.11
N LEU H 69 72.01 5.78 -34.09
CA LEU H 69 72.77 4.56 -33.88
C LEU H 69 72.11 3.37 -34.56
N PHE H 73 66.59 4.94 -40.80
CA PHE H 73 66.80 4.03 -39.68
C PHE H 73 68.20 4.18 -39.11
N LYS H 74 68.77 3.07 -38.64
CA LYS H 74 70.11 3.11 -38.08
C LYS H 74 71.15 3.28 -39.19
N GLY H 75 71.83 4.42 -39.18
CA GLY H 75 72.82 4.75 -40.18
C GLY H 75 72.48 5.97 -41.01
N LEU H 76 71.22 6.39 -41.03
CA LEU H 76 70.82 7.56 -41.78
C LEU H 76 71.29 8.83 -41.08
N CYS H 77 71.76 9.79 -41.88
CA CYS H 77 72.28 11.04 -41.35
C CYS H 77 71.60 12.21 -42.05
N LYS H 78 71.30 13.25 -41.28
CA LYS H 78 70.65 14.44 -41.81
C LYS H 78 71.02 15.64 -40.96
N GLN H 79 70.96 16.82 -41.56
CA GLN H 79 71.28 18.07 -40.87
C GLN H 79 70.13 18.42 -39.92
N ILE H 80 70.33 18.15 -38.63
CA ILE H 80 69.32 18.40 -37.62
C ILE H 80 69.59 19.71 -36.87
N ASP H 81 70.36 20.62 -37.45
CA ASP H 81 70.67 21.89 -36.83
C ASP H 81 69.65 22.96 -37.24
N HIS H 82 68.39 22.66 -36.98
CA HIS H 82 67.30 23.57 -37.31
C HIS H 82 67.18 24.64 -36.24
N PHE H 83 67.49 25.88 -36.60
CA PHE H 83 67.41 27.00 -35.67
C PHE H 83 65.96 27.39 -35.30
N PRO H 84 64.96 27.39 -36.20
CA PRO H 84 63.58 27.47 -35.72
C PRO H 84 63.07 26.11 -35.30
N GLU H 85 61.82 26.09 -34.83
CA GLU H 85 61.18 24.86 -34.38
C GLU H 85 60.62 24.07 -35.55
N ASP H 92 61.78 36.54 -25.25
CA ASP H 92 62.53 37.79 -25.38
C ASP H 92 63.49 37.72 -26.57
N THR H 93 64.04 38.87 -26.94
CA THR H 93 64.99 38.94 -28.04
C THR H 93 66.34 38.33 -27.69
N ALA H 94 66.65 38.20 -26.39
CA ALA H 94 67.89 37.54 -25.99
C ALA H 94 67.87 36.05 -26.30
N GLU H 95 66.69 35.42 -26.25
CA GLU H 95 66.57 34.02 -26.63
C GLU H 95 66.80 33.84 -28.12
N TYR H 96 66.29 34.76 -28.94
CA TYR H 96 66.53 34.70 -30.37
C TYR H 96 67.99 34.99 -30.70
N PHE H 97 68.63 35.88 -29.94
CA PHE H 97 70.05 36.14 -30.12
C PHE H 97 70.89 34.92 -29.75
N LEU H 98 70.53 34.24 -28.66
CA LEU H 98 71.23 33.02 -28.28
C LEU H 98 71.02 31.90 -29.29
N ARG H 99 69.81 31.82 -29.86
CA ARG H 99 69.56 30.84 -30.92
C ARG H 99 70.35 31.17 -32.18
N ALA H 100 70.49 32.45 -32.51
CA ALA H 100 71.28 32.85 -33.68
C ALA H 100 72.76 32.59 -33.46
N VAL H 101 73.24 32.74 -32.23
CA VAL H 101 74.64 32.41 -31.93
C VAL H 101 74.86 30.90 -31.98
N ARG H 102 73.92 30.12 -31.43
CA ARG H 102 74.06 28.67 -31.44
C ARG H 102 73.88 28.08 -32.84
N ALA H 103 73.17 28.78 -33.71
CA ALA H 103 73.01 28.30 -35.08
C ALA H 103 74.29 28.49 -35.88
N SER H 104 74.62 27.48 -36.68
CA SER H 104 75.72 27.42 -37.64
C SER H 104 77.11 27.46 -37.00
N SER H 105 77.19 27.47 -35.67
CA SER H 105 78.44 27.44 -34.88
C SER H 105 79.36 28.60 -35.26
N ILE H 106 78.85 29.82 -35.03
CA ILE H 106 79.55 31.02 -35.45
C ILE H 106 80.81 31.24 -34.61
N PHE H 107 80.73 30.94 -33.31
CA PHE H 107 81.90 31.13 -32.44
C PHE H 107 83.03 30.14 -32.70
N PRO H 108 82.82 28.77 -32.70
CA PRO H 108 84.00 27.89 -32.80
C PRO H 108 84.63 27.85 -34.18
N ILE H 109 83.87 28.12 -35.24
CA ILE H 109 84.45 28.16 -36.59
C ILE H 109 85.39 29.34 -36.74
N LEU H 110 84.95 30.54 -36.30
CA LEU H 110 85.83 31.70 -36.30
C LEU H 110 86.98 31.55 -35.31
N SER H 111 86.75 30.81 -34.22
CA SER H 111 87.84 30.50 -33.29
C SER H 111 88.89 29.62 -33.94
N VAL H 112 88.46 28.64 -34.73
CA VAL H 112 89.41 27.75 -35.41
C VAL H 112 90.14 28.50 -36.53
N ILE H 113 89.45 29.43 -37.20
CA ILE H 113 90.12 30.25 -38.22
C ILE H 113 91.13 31.18 -37.58
N LEU H 114 90.82 31.71 -36.38
CA LEU H 114 91.79 32.53 -35.66
C LEU H 114 92.97 31.70 -35.15
N LEU H 115 92.72 30.44 -34.78
CA LEU H 115 93.82 29.56 -34.40
C LEU H 115 94.70 29.24 -35.60
N PHE H 116 94.09 29.08 -36.78
CA PHE H 116 94.86 28.87 -38.01
C PHE H 116 95.70 30.10 -38.35
N MET H 117 95.13 31.30 -38.13
CA MET H 117 95.88 32.53 -38.38
C MET H 117 97.02 32.70 -37.39
N GLY H 118 96.80 32.34 -36.13
CA GLY H 118 97.88 32.39 -35.15
C GLY H 118 98.96 31.36 -35.42
N GLY H 119 98.58 30.19 -35.90
CA GLY H 119 99.58 29.19 -36.28
C GLY H 119 100.37 29.62 -37.50
N LEU H 120 99.72 30.27 -38.46
CA LEU H 120 100.43 30.81 -39.62
C LEU H 120 101.37 31.95 -39.21
N CYS H 121 100.96 32.76 -38.23
CA CYS H 121 101.83 33.81 -37.73
C CYS H 121 103.02 33.25 -36.97
N ILE H 122 102.81 32.17 -36.21
CA ILE H 122 103.91 31.53 -35.50
C ILE H 122 104.87 30.85 -36.48
N ALA H 123 104.34 30.28 -37.56
CA ALA H 123 105.19 29.67 -38.57
C ALA H 123 105.97 30.73 -39.37
N ALA H 124 105.37 31.90 -39.58
CA ALA H 124 106.09 32.98 -40.26
C ALA H 124 107.12 33.64 -39.35
N SER H 125 106.87 33.65 -38.04
CA SER H 125 107.83 34.21 -37.10
C SER H 125 108.91 33.22 -36.69
N GLU H 126 108.70 31.92 -36.93
CA GLU H 126 109.72 30.93 -36.60
C GLU H 126 110.91 31.03 -37.54
N PHE H 127 110.67 31.24 -38.82
CA PHE H 127 111.71 31.39 -39.82
C PHE H 127 111.92 32.87 -40.12
N TYR H 128 113.18 33.31 -40.00
CA TYR H 128 113.62 34.69 -40.23
C TYR H 128 112.87 35.68 -39.34
N LYS H 129 113.07 35.55 -38.04
CA LYS H 129 112.44 36.41 -37.05
C LYS H 129 113.16 37.76 -37.05
N THR H 130 112.72 38.65 -37.94
CA THR H 130 113.32 39.97 -38.03
C THR H 130 112.79 40.88 -36.92
N ARG H 131 111.47 41.03 -36.84
CA ARG H 131 110.84 41.86 -35.82
C ARG H 131 110.56 41.02 -34.59
N HIS H 132 110.99 41.53 -33.42
CA HIS H 132 110.82 40.82 -32.15
C HIS H 132 109.55 41.24 -31.42
N ASN H 133 108.52 41.67 -32.15
CA ASN H 133 107.27 42.07 -31.53
C ASN H 133 106.05 41.40 -32.14
N ILE H 134 106.19 40.67 -33.25
CA ILE H 134 105.06 39.97 -33.84
C ILE H 134 104.68 38.72 -33.05
N ILE H 135 105.61 38.16 -32.29
CA ILE H 135 105.33 36.97 -31.50
C ILE H 135 104.38 37.29 -30.36
N LEU H 136 104.48 38.49 -29.79
CA LEU H 136 103.58 38.89 -28.71
C LEU H 136 102.16 39.08 -29.20
N SER H 137 101.99 39.72 -30.37
CA SER H 137 100.66 39.88 -30.94
C SER H 137 100.09 38.54 -31.41
N ALA H 138 100.94 37.65 -31.90
CA ALA H 138 100.49 36.31 -32.28
C ALA H 138 100.04 35.51 -31.08
N GLY H 139 100.78 35.61 -29.97
CA GLY H 139 100.36 34.95 -28.74
C GLY H 139 99.11 35.55 -28.13
N ILE H 140 98.94 36.86 -28.24
CA ILE H 140 97.73 37.52 -27.73
C ILE H 140 96.52 37.11 -28.56
N PHE H 141 96.68 37.02 -29.88
CA PHE H 141 95.61 36.54 -30.74
C PHE H 141 95.31 35.06 -30.50
N PHE H 142 96.34 34.29 -30.15
CA PHE H 142 96.16 32.87 -29.83
C PHE H 142 95.38 32.69 -28.54
N VAL H 143 95.70 33.48 -27.51
CA VAL H 143 94.99 33.42 -26.23
C VAL H 143 93.55 33.90 -26.40
N SER H 144 93.34 34.95 -27.21
CA SER H 144 91.97 35.42 -27.48
C SER H 144 91.17 34.41 -28.28
N ALA H 145 91.84 33.67 -29.18
CA ALA H 145 91.15 32.60 -29.92
C ALA H 145 90.80 31.44 -28.99
N GLY H 146 91.65 31.13 -28.03
CA GLY H 146 91.31 30.14 -27.03
C GLY H 146 90.15 30.56 -26.15
N LEU H 147 90.11 31.84 -25.79
CA LEU H 147 89.00 32.37 -25.00
C LEU H 147 87.69 32.35 -25.79
N SER H 148 87.78 32.65 -27.08
CA SER H 148 86.59 32.57 -27.94
C SER H 148 86.13 31.14 -28.15
N ASN H 149 87.08 30.18 -28.18
CA ASN H 149 86.70 28.78 -28.28
C ASN H 149 86.05 28.29 -26.99
N ILE H 150 86.51 28.80 -25.84
CA ILE H 150 85.88 28.48 -24.57
C ILE H 150 84.48 29.09 -24.50
N ILE H 151 84.31 30.30 -25.05
CA ILE H 151 82.99 30.92 -25.09
C ILE H 151 82.06 30.14 -26.02
N GLY H 152 82.58 29.65 -27.14
CA GLY H 152 81.79 28.81 -28.02
C GLY H 152 81.43 27.47 -27.40
N ILE H 153 82.32 26.92 -26.58
CA ILE H 153 82.01 25.69 -25.85
C ILE H 153 80.92 25.96 -24.82
N ILE H 154 80.94 27.15 -24.21
CA ILE H 154 79.89 27.53 -23.26
C ILE H 154 78.55 27.70 -23.98
N VAL H 155 78.57 28.25 -25.19
CA VAL H 155 77.35 28.39 -25.98
C VAL H 155 76.81 27.03 -26.39
N TYR H 156 77.70 26.12 -26.82
CA TYR H 156 77.27 24.80 -27.24
C TYR H 156 76.79 23.96 -26.06
N ILE H 157 77.29 24.24 -24.86
CA ILE H 157 76.76 23.56 -23.68
C ILE H 157 75.44 24.18 -23.25
N SER H 158 75.26 25.48 -23.44
CA SER H 158 74.02 26.13 -23.01
C SER H 158 72.87 25.81 -23.96
N ALA H 159 73.18 25.56 -25.23
CA ALA H 159 72.14 25.26 -26.20
C ALA H 159 71.67 23.82 -26.16
N ASN H 160 72.25 22.98 -25.29
CA ASN H 160 71.86 21.58 -25.24
C ASN H 160 70.51 21.39 -24.55
N ALA H 161 70.13 22.32 -23.69
CA ALA H 161 68.86 22.22 -22.98
C ALA H 161 67.69 22.57 -23.89
N TYR H 174 70.91 10.28 -21.98
CA TYR H 174 71.69 11.49 -22.20
C TYR H 174 73.16 11.27 -21.86
N SER H 175 74.04 11.61 -22.79
CA SER H 175 75.48 11.44 -22.60
C SER H 175 76.19 12.55 -23.36
N TYR H 176 77.50 12.38 -23.57
CA TYR H 176 78.30 13.34 -24.31
C TYR H 176 79.18 12.61 -25.31
N GLY H 177 79.68 13.36 -26.30
CA GLY H 177 80.56 12.81 -27.30
C GLY H 177 82.01 12.92 -26.91
N TRP H 178 82.87 12.29 -27.73
CA TRP H 178 84.30 12.29 -27.48
C TRP H 178 85.00 13.50 -28.09
N SER H 179 84.43 14.10 -29.13
CA SER H 179 85.05 15.27 -29.73
C SER H 179 84.90 16.51 -28.87
N PHE H 180 83.91 16.55 -27.97
CA PHE H 180 83.85 17.61 -26.98
C PHE H 180 85.02 17.52 -26.01
N TYR H 181 85.36 16.30 -25.56
CA TYR H 181 86.53 16.11 -24.72
C TYR H 181 87.81 16.36 -25.48
N PHE H 182 87.83 16.07 -26.79
CA PHE H 182 88.98 16.38 -27.62
C PHE H 182 89.16 17.89 -27.77
N GLY H 183 88.06 18.63 -27.89
CA GLY H 183 88.14 20.08 -27.96
C GLY H 183 88.56 20.68 -26.64
N ALA H 184 88.14 20.08 -25.52
CA ALA H 184 88.60 20.52 -24.22
C ALA H 184 90.09 20.26 -24.03
N LEU H 185 90.56 19.10 -24.51
CA LEU H 185 91.98 18.80 -24.45
C LEU H 185 92.79 19.72 -25.34
N SER H 186 92.25 20.09 -26.51
CA SER H 186 92.90 21.07 -27.37
C SER H 186 92.92 22.44 -26.74
N PHE H 187 91.90 22.78 -25.96
CA PHE H 187 91.89 24.04 -25.21
C PHE H 187 92.96 24.04 -24.12
N ILE H 188 93.16 22.89 -23.45
CA ILE H 188 94.20 22.79 -22.43
C ILE H 188 95.59 22.88 -23.07
N ILE H 189 95.79 22.19 -24.19
CA ILE H 189 97.05 22.25 -24.93
C ILE H 189 97.31 23.65 -25.48
N ALA H 190 96.25 24.36 -25.89
CA ALA H 190 96.40 25.73 -26.37
C ALA H 190 96.75 26.69 -25.24
N GLU H 191 96.18 26.47 -24.05
CA GLU H 191 96.56 27.28 -22.90
C GLU H 191 98.01 27.05 -22.50
N MET H 192 98.45 25.79 -22.50
CA MET H 192 99.85 25.48 -22.18
C MET H 192 100.80 26.00 -23.26
N VAL H 193 100.37 25.98 -24.52
CA VAL H 193 101.19 26.49 -25.61
C VAL H 193 101.30 28.00 -25.56
N GLY H 194 100.22 28.67 -25.14
CA GLY H 194 100.29 30.11 -24.93
C GLY H 194 101.19 30.49 -23.77
N VAL H 195 101.16 29.70 -22.70
CA VAL H 195 102.06 29.90 -21.57
C VAL H 195 103.51 29.72 -21.99
N LEU H 196 103.79 28.67 -22.76
CA LEU H 196 105.15 28.42 -23.25
C LEU H 196 105.60 29.50 -24.24
N ALA H 197 104.67 30.01 -25.06
CA ALA H 197 104.99 31.04 -26.03
C ALA H 197 105.32 32.36 -25.34
N VAL H 198 104.54 32.75 -24.33
CA VAL H 198 104.84 34.01 -23.66
C VAL H 198 106.06 33.84 -22.75
N HIS H 199 106.35 32.62 -22.31
CA HIS H 199 107.57 32.37 -21.55
C HIS H 199 108.81 32.52 -22.44
N MET H 200 108.74 31.97 -23.65
CA MET H 200 109.83 32.18 -24.61
C MET H 200 109.94 33.63 -25.04
N PHE H 201 108.80 34.35 -25.10
CA PHE H 201 108.85 35.76 -25.47
C PHE H 201 109.50 36.59 -24.38
N ILE H 202 109.20 36.31 -23.11
CA ILE H 202 109.83 37.10 -22.05
C ILE H 202 111.30 36.70 -21.88
N ASP H 203 111.64 35.45 -22.22
CA ASP H 203 113.05 35.06 -22.24
C ASP H 203 113.82 35.78 -23.35
N ARG H 204 113.22 35.90 -24.53
CA ARG H 204 113.86 36.64 -25.61
C ARG H 204 113.92 38.13 -25.31
N HIS H 205 112.91 38.66 -24.60
CA HIS H 205 112.92 40.07 -24.22
C HIS H 205 113.98 40.35 -23.16
N LYS H 206 114.17 39.42 -22.22
CA LYS H 206 115.24 39.56 -21.23
C LYS H 206 116.61 39.43 -21.88
N GLN H 207 116.73 38.57 -22.89
CA GLN H 207 117.99 38.44 -23.63
C GLN H 207 118.29 39.72 -24.42
N LEU H 208 117.26 40.32 -25.03
CA LEU H 208 117.46 41.56 -25.76
C LEU H 208 117.78 42.72 -24.82
N ARG H 209 117.17 42.73 -23.64
CA ARG H 209 117.48 43.78 -22.66
C ARG H 209 118.87 43.59 -22.06
N ALA H 210 119.34 42.35 -21.95
CA ALA H 210 120.69 42.12 -21.46
C ALA H 210 121.74 42.45 -22.52
N THR H 211 121.45 42.16 -23.79
CA THR H 211 122.40 42.47 -24.86
C THR H 211 122.38 43.93 -25.25
N ALA H 212 121.28 44.65 -25.00
CA ALA H 212 121.21 46.06 -25.35
C ALA H 212 121.99 46.93 -24.37
N ARG H 213 122.20 46.46 -23.15
CA ARG H 213 122.94 47.23 -22.16
C ARG H 213 124.44 47.00 -22.31
N GLU I 1 16.49 -74.78 -2.73
CA GLU I 1 15.34 -75.67 -2.90
C GLU I 1 15.09 -76.47 -1.62
N VAL I 2 13.97 -77.20 -1.61
CA VAL I 2 13.61 -78.02 -0.46
C VAL I 2 14.50 -79.25 -0.43
N LYS I 3 15.09 -79.54 0.72
CA LYS I 3 16.00 -80.66 0.88
C LYS I 3 15.77 -81.34 2.21
N LEU I 4 15.66 -82.67 2.18
CA LEU I 4 15.52 -83.47 3.39
C LEU I 4 16.54 -84.60 3.36
N LEU I 5 17.13 -84.88 4.52
CA LEU I 5 18.20 -85.86 4.60
C LEU I 5 17.97 -86.73 5.83
N GLU I 6 17.77 -88.03 5.60
CA GLU I 6 17.65 -88.99 6.69
C GLU I 6 19.03 -89.48 7.11
N SER I 7 19.15 -89.85 8.37
CA SER I 7 20.43 -90.28 8.92
C SER I 7 20.17 -91.20 10.11
N GLY I 8 21.17 -92.03 10.41
CA GLY I 8 21.07 -93.01 11.47
C GLY I 8 20.68 -94.40 11.03
N GLY I 9 20.54 -94.63 9.72
CA GLY I 9 20.16 -95.93 9.21
C GLY I 9 21.32 -96.90 9.18
N GLY I 10 21.01 -98.11 8.73
CA GLY I 10 22.00 -99.18 8.67
C GLY I 10 21.49 -100.49 9.21
N LEU I 11 22.15 -101.00 10.25
CA LEU I 11 21.77 -102.27 10.87
C LEU I 11 21.62 -102.10 12.37
N VAL I 12 20.72 -102.90 12.94
CA VAL I 12 20.45 -102.88 14.38
C VAL I 12 20.14 -104.30 14.84
N GLN I 13 20.46 -104.58 16.09
CA GLN I 13 20.20 -105.91 16.64
C GLN I 13 18.73 -106.09 16.97
N PRO I 14 18.26 -107.34 17.05
CA PRO I 14 16.83 -107.57 17.35
C PRO I 14 16.57 -107.42 18.84
N GLY I 15 15.48 -106.74 19.18
CA GLY I 15 15.07 -106.54 20.55
C GLY I 15 15.56 -105.24 21.17
N GLY I 16 16.47 -104.53 20.51
CA GLY I 16 17.00 -103.28 21.01
C GLY I 16 16.18 -102.09 20.57
N SER I 17 16.81 -100.92 20.63
CA SER I 17 16.18 -99.67 20.25
C SER I 17 16.97 -99.04 19.11
N LEU I 18 16.33 -98.08 18.44
CA LEU I 18 16.94 -97.39 17.31
C LEU I 18 16.35 -95.99 17.20
N LYS I 19 17.19 -95.03 16.84
CA LYS I 19 16.78 -93.64 16.69
C LYS I 19 17.30 -93.10 15.37
N LEU I 20 16.40 -92.73 14.47
CA LEU I 20 16.74 -92.15 13.18
C LEU I 20 16.38 -90.68 13.16
N SER I 21 17.24 -89.87 12.55
CA SER I 21 17.02 -88.44 12.46
C SER I 21 16.76 -88.04 11.01
N CYS I 22 16.13 -86.88 10.84
CA CYS I 22 15.83 -86.35 9.51
C CYS I 22 16.00 -84.84 9.56
N ALA I 23 17.06 -84.34 8.93
CA ALA I 23 17.30 -82.91 8.87
C ALA I 23 16.63 -82.32 7.64
N ALA I 24 16.26 -81.05 7.74
CA ALA I 24 15.57 -80.34 6.68
C ALA I 24 16.24 -79.01 6.40
N SER I 25 16.11 -78.55 5.15
CA SER I 25 16.65 -77.26 4.73
C SER I 25 15.87 -76.76 3.54
N GLY I 26 15.91 -75.45 3.31
CA GLY I 26 15.22 -74.83 2.21
C GLY I 26 13.85 -74.29 2.52
N PHE I 27 13.27 -74.67 3.66
CA PHE I 27 11.96 -74.19 4.05
C PHE I 27 11.88 -74.20 5.58
N ASP I 28 10.71 -73.83 6.11
CA ASP I 28 10.49 -73.75 7.55
C ASP I 28 9.84 -75.05 8.01
N PHE I 29 10.58 -75.84 8.79
CA PHE I 29 10.01 -77.06 9.35
C PHE I 29 9.17 -76.77 10.59
N SER I 30 9.24 -75.54 11.11
CA SER I 30 8.51 -75.15 12.30
C SER I 30 7.05 -74.80 12.04
N GLU I 31 6.61 -74.85 10.78
CA GLU I 31 5.22 -74.59 10.44
C GLU I 31 4.61 -75.64 9.52
N TYR I 32 5.40 -76.45 8.83
CA TYR I 32 4.90 -77.48 7.94
C TYR I 32 4.89 -78.83 8.64
N TRP I 33 3.90 -79.64 8.31
CA TRP I 33 3.78 -80.97 8.92
C TRP I 33 4.80 -81.92 8.32
N MET I 34 5.14 -82.96 9.09
CA MET I 34 6.08 -83.97 8.65
C MET I 34 5.41 -85.34 8.70
N SER I 35 5.96 -86.27 7.93
CA SER I 35 5.41 -87.62 7.91
C SER I 35 6.54 -88.61 7.69
N TRP I 36 6.31 -89.85 8.15
CA TRP I 36 7.24 -90.94 7.98
C TRP I 36 6.48 -92.12 7.39
N VAL I 37 7.07 -92.77 6.40
CA VAL I 37 6.43 -93.88 5.70
C VAL I 37 7.47 -94.97 5.46
N ARG I 38 7.07 -96.22 5.66
CA ARG I 38 7.97 -97.36 5.50
C ARG I 38 7.71 -98.04 4.16
N GLN I 39 8.71 -98.80 3.72
CA GLN I 39 8.61 -99.56 2.48
C GLN I 39 9.42 -100.84 2.63
N ALA I 40 8.75 -101.98 2.47
CA ALA I 40 9.44 -103.25 2.56
C ALA I 40 10.21 -103.53 1.27
N PRO I 41 11.17 -104.45 1.31
CA PRO I 41 11.96 -104.76 0.10
C PRO I 41 11.13 -105.58 -0.87
N GLY I 42 10.84 -104.98 -2.02
CA GLY I 42 10.04 -105.63 -3.05
C GLY I 42 8.55 -105.43 -2.93
N LYS I 43 8.08 -104.86 -1.83
CA LYS I 43 6.66 -104.61 -1.60
C LYS I 43 6.38 -103.11 -1.74
N GLY I 44 5.10 -102.76 -1.60
CA GLY I 44 4.68 -101.37 -1.70
C GLY I 44 5.01 -100.58 -0.45
N LEU I 45 4.73 -99.28 -0.53
CA LEU I 45 4.98 -98.40 0.60
C LEU I 45 3.91 -98.56 1.67
N GLU I 46 4.23 -98.11 2.87
CA GLU I 46 3.31 -98.18 4.00
C GLU I 46 3.54 -96.97 4.89
N TRP I 47 2.46 -96.22 5.14
CA TRP I 47 2.55 -95.02 5.97
C TRP I 47 2.74 -95.40 7.43
N ILE I 48 3.81 -94.88 8.04
CA ILE I 48 4.10 -95.18 9.43
C ILE I 48 3.37 -94.18 10.33
N GLY I 49 3.46 -92.90 9.99
CA GLY I 49 2.76 -91.90 10.78
C GLY I 49 2.99 -90.51 10.26
N GLU I 50 2.35 -89.55 10.94
CA GLU I 50 2.49 -88.14 10.63
C GLU I 50 2.48 -87.36 11.93
N ILE I 51 3.09 -86.17 11.89
CA ILE I 51 3.19 -85.31 13.07
C ILE I 51 3.17 -83.86 12.62
N ASN I 52 2.62 -83.00 13.46
CA ASN I 52 2.48 -81.59 13.18
C ASN I 52 3.72 -80.82 13.58
N PRO I 53 3.73 -79.50 13.35
CA PRO I 53 4.94 -78.74 13.71
C PRO I 53 5.03 -78.41 15.19
N ASP I 54 3.90 -78.27 15.87
CA ASP I 54 3.89 -77.90 17.27
C ASP I 54 4.03 -79.08 18.22
N SER I 55 4.13 -80.30 17.68
CA SER I 55 4.24 -81.56 18.44
C SER I 55 3.08 -81.74 19.42
N SER I 56 1.88 -81.63 18.90
CA SER I 56 0.66 -81.76 19.70
C SER I 56 -0.22 -82.93 19.30
N SER I 57 -0.24 -83.30 18.01
CA SER I 57 -1.04 -84.41 17.53
C SER I 57 -0.18 -85.25 16.59
N ILE I 58 0.22 -86.44 17.03
CA ILE I 58 1.03 -87.35 16.25
C ILE I 58 0.18 -88.59 15.95
N ASP I 59 -0.20 -88.74 14.69
CA ASP I 59 -1.03 -89.85 14.25
C ASP I 59 -0.14 -90.95 13.68
N TYR I 60 -0.60 -92.19 13.78
CA TYR I 60 0.11 -93.34 13.26
C TYR I 60 -0.89 -94.41 12.83
N THR I 61 -0.37 -95.54 12.38
CA THR I 61 -1.23 -96.67 12.01
C THR I 61 -1.74 -97.36 13.26
N PRO I 62 -2.86 -98.08 13.19
CA PRO I 62 -3.38 -98.74 14.40
C PRO I 62 -2.66 -100.03 14.75
N SER I 63 -1.78 -100.54 13.88
CA SER I 63 -1.12 -101.81 14.10
C SER I 63 0.37 -101.67 14.41
N LEU I 64 0.89 -100.44 14.47
CA LEU I 64 2.29 -100.20 14.74
C LEU I 64 2.46 -99.08 15.76
N LYS I 65 1.67 -99.10 16.82
CA LYS I 65 1.69 -98.04 17.81
C LYS I 65 2.65 -98.32 18.96
N ASP I 66 2.84 -99.59 19.32
CA ASP I 66 3.66 -99.96 20.46
C ASP I 66 5.15 -100.03 20.13
N LYS I 67 5.55 -99.73 18.90
CA LYS I 67 6.95 -99.83 18.51
C LYS I 67 7.45 -98.63 17.72
N ILE I 68 6.71 -97.52 17.68
CA ILE I 68 7.09 -96.34 16.92
C ILE I 68 6.77 -95.11 17.74
N ILE I 69 7.72 -94.16 17.78
CA ILE I 69 7.52 -92.87 18.44
C ILE I 69 8.08 -91.79 17.52
N ILE I 70 7.31 -90.73 17.33
CA ILE I 70 7.69 -89.64 16.43
C ILE I 70 7.82 -88.36 17.23
N SER I 71 8.91 -87.62 17.00
CA SER I 71 9.12 -86.33 17.63
C SER I 71 9.78 -85.40 16.62
N ARG I 72 9.89 -84.13 16.98
CA ARG I 72 10.48 -83.15 16.07
C ARG I 72 11.17 -82.06 16.88
N ASP I 73 12.03 -81.30 16.21
CA ASP I 73 12.73 -80.18 16.82
C ASP I 73 12.65 -79.01 15.84
N ASN I 74 11.90 -77.98 16.22
CA ASN I 74 11.73 -76.82 15.36
C ASN I 74 12.95 -75.90 15.41
N ALA I 75 13.68 -75.89 16.53
CA ALA I 75 14.89 -75.07 16.61
C ALA I 75 16.01 -75.65 15.78
N LYS I 76 16.10 -76.98 15.69
CA LYS I 76 17.06 -77.64 14.82
C LYS I 76 16.44 -78.07 13.51
N LYS I 77 15.10 -78.00 13.39
CA LYS I 77 14.33 -78.40 12.21
C LYS I 77 14.61 -79.86 11.82
N THR I 78 14.65 -80.73 12.82
CA THR I 78 15.02 -82.13 12.61
C THR I 78 13.95 -83.02 13.24
N LEU I 79 13.40 -83.93 12.44
CA LEU I 79 12.48 -84.92 12.96
C LEU I 79 13.24 -86.12 13.48
N TYR I 80 12.60 -86.87 14.38
CA TYR I 80 13.22 -88.02 15.02
C TYR I 80 12.21 -89.15 15.14
N LEU I 81 12.65 -90.35 14.80
CA LEU I 81 11.84 -91.55 14.91
C LEU I 81 12.55 -92.56 15.80
N GLN I 82 11.82 -93.10 16.77
CA GLN I 82 12.37 -94.03 17.74
C GLN I 82 11.60 -95.33 17.66
N LEU I 83 12.32 -96.43 17.47
CA LEU I 83 11.74 -97.77 17.43
C LEU I 83 12.33 -98.60 18.57
N SER I 84 11.47 -99.42 19.18
CA SER I 84 11.87 -100.29 20.28
C SER I 84 11.31 -101.68 20.05
N LYS I 85 12.11 -102.70 20.41
CA LYS I 85 11.79 -104.12 20.26
C LYS I 85 11.49 -104.46 18.80
N VAL I 86 12.51 -104.31 17.96
CA VAL I 86 12.35 -104.53 16.54
C VAL I 86 12.24 -106.02 16.24
N ARG I 87 11.57 -106.34 15.15
CA ARG I 87 11.33 -107.71 14.71
C ARG I 87 11.97 -107.91 13.34
N SER I 88 11.68 -109.07 12.72
CA SER I 88 12.22 -109.35 11.39
C SER I 88 11.54 -108.51 10.32
N GLU I 89 10.33 -108.01 10.59
CA GLU I 89 9.64 -107.13 9.66
C GLU I 89 10.16 -105.70 9.68
N ASP I 90 11.03 -105.36 10.63
CA ASP I 90 11.59 -104.02 10.74
C ASP I 90 12.70 -103.74 9.73
N THR I 91 13.19 -104.78 9.05
CA THR I 91 14.21 -104.60 8.01
C THR I 91 13.56 -104.01 6.77
N ALA I 92 13.50 -102.68 6.70
CA ALA I 92 12.80 -101.99 5.64
C ALA I 92 13.42 -100.61 5.46
N LEU I 93 12.94 -99.89 4.45
CA LEU I 93 13.41 -98.53 4.17
C LEU I 93 12.38 -97.54 4.66
N TYR I 94 12.75 -96.74 5.66
CA TYR I 94 11.91 -95.66 6.14
C TYR I 94 12.21 -94.40 5.33
N TYR I 95 11.23 -93.50 5.30
CA TYR I 95 11.37 -92.27 4.52
C TYR I 95 10.60 -91.16 5.19
N CYS I 96 11.29 -90.06 5.50
CA CYS I 96 10.64 -88.86 6.01
C CYS I 96 10.28 -87.95 4.84
N ALA I 97 9.15 -87.27 4.96
CA ALA I 97 8.63 -86.43 3.88
C ALA I 97 7.81 -85.29 4.45
N ARG I 98 7.47 -84.34 3.59
CA ARG I 98 6.63 -83.17 3.84
C ARG I 98 5.16 -83.57 3.82
N PRO I 99 4.23 -82.63 4.04
CA PRO I 99 2.81 -82.98 4.11
C PRO I 99 2.22 -83.48 2.80
N ARG I 100 1.82 -84.75 2.78
CA ARG I 100 1.29 -85.38 1.58
C ARG I 100 -0.20 -85.67 1.68
N GLY I 101 -0.85 -85.24 2.74
CA GLY I 101 -2.28 -85.43 2.90
C GLY I 101 -3.11 -84.61 1.92
N ASN I 102 -2.87 -83.31 1.90
CA ASN I 102 -3.57 -82.41 0.99
C ASN I 102 -2.61 -81.52 0.20
N TYR I 103 -1.43 -81.24 0.74
CA TYR I 103 -0.47 -80.32 0.11
C TYR I 103 0.19 -81.01 -1.07
N VAL I 104 -0.15 -80.57 -2.28
CA VAL I 104 0.42 -81.17 -3.49
C VAL I 104 1.65 -80.40 -3.96
N VAL I 105 1.63 -79.07 -3.84
CA VAL I 105 2.73 -78.26 -4.35
C VAL I 105 3.93 -78.32 -3.41
N MET I 106 3.68 -78.51 -2.11
CA MET I 106 4.74 -78.60 -1.11
C MET I 106 5.14 -80.04 -0.83
N ASP I 107 4.85 -80.96 -1.75
CA ASP I 107 5.17 -82.36 -1.55
C ASP I 107 6.63 -82.62 -1.91
N TYR I 108 7.39 -83.16 -0.96
CA TYR I 108 8.79 -83.48 -1.17
C TYR I 108 9.19 -84.59 -0.20
N TRP I 109 9.83 -85.61 -0.73
CA TRP I 109 10.28 -86.75 0.06
C TRP I 109 11.76 -86.62 0.38
N GLY I 110 12.21 -87.41 1.36
CA GLY I 110 13.59 -87.35 1.81
C GLY I 110 14.54 -88.19 0.98
N GLN I 111 15.42 -88.92 1.66
CA GLN I 111 16.41 -89.75 0.99
C GLN I 111 16.30 -91.23 1.37
N GLY I 112 15.56 -91.57 2.42
CA GLY I 112 15.39 -92.95 2.81
C GLY I 112 16.51 -93.48 3.68
N THR I 113 16.17 -94.31 4.66
CA THR I 113 17.13 -94.95 5.54
C THR I 113 16.76 -96.42 5.70
N SER I 114 17.74 -97.28 5.47
CA SER I 114 17.53 -98.73 5.52
C SER I 114 17.84 -99.24 6.92
N VAL I 115 16.93 -100.06 7.45
CA VAL I 115 17.10 -100.67 8.77
C VAL I 115 17.06 -102.18 8.59
N THR I 116 18.14 -102.85 8.96
CA THR I 116 18.26 -104.31 8.85
C THR I 116 18.37 -104.91 10.24
N VAL I 117 17.46 -105.81 10.56
CA VAL I 117 17.47 -106.47 11.86
C VAL I 117 18.13 -107.84 11.76
N ASN I 135 -13.73 -99.46 -0.74
CA ASN I 135 -12.28 -99.53 -0.83
C ASN I 135 -11.78 -99.11 -2.22
N ILE I 136 -10.60 -98.52 -2.26
CA ILE I 136 -9.98 -98.05 -3.49
C ILE I 136 -8.86 -99.01 -3.86
N VAL I 137 -8.92 -99.55 -5.08
CA VAL I 137 -7.90 -100.46 -5.59
C VAL I 137 -7.25 -99.80 -6.80
N LEU I 138 -5.97 -99.45 -6.65
CA LEU I 138 -5.21 -98.80 -7.71
C LEU I 138 -4.37 -99.85 -8.44
N THR I 139 -4.61 -100.00 -9.74
CA THR I 139 -3.90 -100.96 -10.57
C THR I 139 -3.14 -100.21 -11.65
N GLN I 140 -1.84 -100.49 -11.75
CA GLN I 140 -0.97 -99.87 -12.74
C GLN I 140 -0.98 -100.69 -14.03
N SER I 141 -0.62 -100.01 -15.12
CA SER I 141 -0.60 -100.64 -16.44
C SER I 141 0.47 -100.00 -17.32
N PRO I 142 1.47 -100.78 -17.77
CA PRO I 142 1.65 -102.21 -17.51
C PRO I 142 2.51 -102.45 -16.27
N ALA I 143 2.95 -103.69 -16.07
CA ALA I 143 3.82 -104.01 -14.95
C ALA I 143 5.28 -103.70 -15.25
N SER I 144 5.72 -103.97 -16.48
CA SER I 144 7.09 -103.68 -16.89
C SER I 144 7.10 -103.38 -18.38
N LEU I 145 7.79 -102.31 -18.76
CA LEU I 145 7.87 -101.90 -20.15
C LEU I 145 9.26 -101.38 -20.43
N ALA I 146 9.67 -101.50 -21.70
CA ALA I 146 10.98 -101.07 -22.15
C ALA I 146 10.80 -100.03 -23.25
N VAL I 147 11.30 -98.82 -23.01
CA VAL I 147 11.20 -97.71 -23.95
C VAL I 147 12.61 -97.25 -24.30
N SER I 148 12.80 -96.83 -25.55
CA SER I 148 14.09 -96.36 -25.99
C SER I 148 14.33 -94.93 -25.51
N LEU I 149 15.54 -94.43 -25.74
CA LEU I 149 15.92 -93.09 -25.33
C LEU I 149 15.29 -92.05 -26.24
N GLY I 150 14.83 -90.95 -25.65
CA GLY I 150 14.22 -89.87 -26.40
C GLY I 150 12.82 -90.13 -26.88
N GLN I 151 12.15 -91.15 -26.35
CA GLN I 151 10.79 -91.50 -26.76
C GLN I 151 9.79 -90.98 -25.73
N ARG I 152 8.52 -91.32 -25.92
CA ARG I 152 7.44 -90.92 -25.03
C ARG I 152 6.74 -92.18 -24.53
N ALA I 153 6.80 -92.43 -23.23
CA ALA I 153 6.19 -93.61 -22.62
C ALA I 153 4.89 -93.20 -21.94
N THR I 154 3.95 -94.15 -21.90
CA THR I 154 2.65 -93.93 -21.28
C THR I 154 2.40 -94.99 -20.23
N ILE I 155 1.94 -94.56 -19.05
CA ILE I 155 1.63 -95.47 -17.95
C ILE I 155 0.23 -95.13 -17.44
N SER I 156 -0.66 -96.11 -17.47
CA SER I 156 -2.05 -95.92 -17.05
C SER I 156 -2.26 -96.45 -15.63
N CYS I 157 -3.32 -95.95 -15.00
CA CYS I 157 -3.69 -96.34 -13.65
C CYS I 157 -5.20 -96.35 -13.54
N ARG I 158 -5.75 -97.41 -12.97
CA ARG I 158 -7.19 -97.58 -12.81
C ARG I 158 -7.53 -97.67 -11.34
N ALA I 159 -8.57 -96.94 -10.93
CA ALA I 159 -9.02 -96.92 -9.54
C ALA I 159 -10.37 -97.62 -9.44
N SER I 160 -10.61 -98.25 -8.28
CA SER I 160 -11.88 -98.95 -8.07
C SER I 160 -13.01 -97.98 -7.73
N GLU I 161 -12.72 -96.94 -6.97
CA GLU I 161 -13.72 -95.95 -6.56
C GLU I 161 -13.38 -94.60 -7.19
N SER I 162 -14.29 -93.65 -7.04
CA SER I 162 -14.10 -92.32 -7.60
C SER I 162 -13.14 -91.52 -6.72
N VAL I 163 -12.00 -91.14 -7.28
CA VAL I 163 -11.01 -90.34 -6.57
C VAL I 163 -11.14 -88.86 -6.89
N ASP I 164 -12.13 -88.48 -7.68
CA ASP I 164 -12.35 -87.09 -8.05
C ASP I 164 -13.11 -86.39 -6.94
N SER I 165 -12.58 -85.26 -6.48
CA SER I 165 -13.19 -84.48 -5.41
C SER I 165 -13.13 -83.01 -5.77
N TYR I 166 -14.30 -82.39 -5.94
CA TYR I 166 -14.48 -80.96 -6.23
C TYR I 166 -13.76 -80.55 -7.52
N GLY I 167 -13.77 -81.44 -8.51
CA GLY I 167 -13.22 -81.14 -9.81
C GLY I 167 -11.72 -81.29 -9.95
N SER I 168 -11.04 -81.84 -8.94
CA SER I 168 -9.59 -82.01 -8.97
C SER I 168 -9.24 -83.48 -8.91
N SER I 169 -8.34 -83.90 -9.80
CA SER I 169 -7.87 -85.29 -9.85
C SER I 169 -6.83 -85.45 -8.74
N PHE I 170 -7.26 -85.96 -7.59
CA PHE I 170 -6.42 -86.02 -6.40
C PHE I 170 -5.59 -87.30 -6.40
N VAL I 171 -4.56 -87.30 -7.22
CA VAL I 171 -3.65 -88.43 -7.35
C VAL I 171 -2.25 -87.91 -7.67
N HIS I 172 -1.24 -88.46 -7.01
CA HIS I 172 0.15 -88.10 -7.24
C HIS I 172 0.88 -89.23 -7.94
N TRP I 173 1.97 -88.87 -8.61
CA TRP I 173 2.80 -89.83 -9.34
C TRP I 173 4.25 -89.63 -8.94
N TYR I 174 4.89 -90.68 -8.45
CA TYR I 174 6.27 -90.64 -8.00
C TYR I 174 7.09 -91.70 -8.71
N GLN I 175 8.42 -91.55 -8.63
CA GLN I 175 9.36 -92.49 -9.24
C GLN I 175 10.40 -92.87 -8.20
N GLN I 176 10.53 -94.15 -7.91
CA GLN I 176 11.48 -94.67 -6.93
C GLN I 176 12.44 -95.63 -7.62
N LYS I 177 13.73 -95.40 -7.43
CA LYS I 177 14.76 -96.27 -7.97
C LYS I 177 15.34 -97.16 -6.88
N PRO I 178 16.23 -98.08 -7.24
CA PRO I 178 16.85 -98.93 -6.21
C PRO I 178 17.88 -98.17 -5.39
N GLY I 179 17.53 -97.88 -4.14
CA GLY I 179 18.38 -97.10 -3.26
C GLY I 179 18.04 -95.63 -3.19
N GLN I 180 17.09 -95.16 -3.98
CA GLN I 180 16.68 -93.77 -4.00
C GLN I 180 15.23 -93.65 -3.55
N PRO I 181 14.89 -92.58 -2.84
CA PRO I 181 13.52 -92.42 -2.35
C PRO I 181 12.60 -91.95 -3.48
N PRO I 182 11.29 -92.13 -3.33
CA PRO I 182 10.37 -91.71 -4.39
C PRO I 182 10.13 -90.22 -4.39
N LYS I 183 10.69 -89.51 -5.36
CA LYS I 183 10.46 -88.08 -5.49
C LYS I 183 9.09 -87.82 -6.10
N LEU I 184 8.38 -86.85 -5.54
CA LEU I 184 7.04 -86.50 -6.01
C LEU I 184 7.15 -85.81 -7.36
N LEU I 185 6.93 -86.57 -8.44
CA LEU I 185 7.13 -86.03 -9.78
C LEU I 185 5.92 -85.21 -10.22
N ILE I 186 4.73 -85.81 -10.21
CA ILE I 186 3.52 -85.18 -10.70
C ILE I 186 2.55 -85.03 -9.53
N PHE I 187 2.00 -83.83 -9.37
CA PHE I 187 1.05 -83.53 -8.32
C PHE I 187 -0.29 -83.12 -8.92
N LEU I 188 -1.37 -83.69 -8.37
CA LEU I 188 -2.77 -83.44 -8.71
C LEU I 188 -3.10 -83.77 -10.17
N ALA I 189 -2.29 -84.60 -10.83
CA ALA I 189 -2.47 -85.14 -12.17
C ALA I 189 -2.52 -84.08 -13.28
N SER I 190 -2.23 -82.81 -12.97
CA SER I 190 -2.20 -81.76 -13.99
C SER I 190 -1.09 -80.76 -13.79
N LYS I 191 -0.23 -80.93 -12.78
CA LYS I 191 0.83 -79.98 -12.49
C LYS I 191 2.16 -80.71 -12.29
N LEU I 192 3.23 -80.06 -12.74
CA LEU I 192 4.57 -80.59 -12.59
C LEU I 192 5.24 -79.96 -11.38
N GLU I 193 5.98 -80.78 -10.64
CA GLU I 193 6.64 -80.31 -9.42
C GLU I 193 7.85 -79.46 -9.77
N SER I 194 8.22 -78.57 -8.85
CA SER I 194 9.39 -77.73 -9.04
C SER I 194 10.67 -78.54 -8.92
N GLY I 195 11.68 -78.13 -9.68
CA GLY I 195 12.95 -78.83 -9.74
C GLY I 195 13.02 -79.89 -10.81
N VAL I 196 11.96 -80.65 -11.00
CA VAL I 196 11.91 -81.65 -12.07
C VAL I 196 11.67 -80.92 -13.39
N PRO I 197 12.37 -81.29 -14.47
CA PRO I 197 12.20 -80.59 -15.74
C PRO I 197 10.90 -80.98 -16.42
N ALA I 198 10.60 -80.26 -17.52
CA ALA I 198 9.38 -80.48 -18.29
C ALA I 198 9.56 -81.72 -19.17
N ARG I 199 9.46 -82.89 -18.53
CA ARG I 199 9.58 -84.16 -19.21
C ARG I 199 8.49 -85.15 -18.83
N PHE I 200 7.61 -84.79 -17.89
CA PHE I 200 6.53 -85.66 -17.45
C PHE I 200 5.25 -84.86 -17.37
N SER I 201 4.18 -85.40 -17.96
CA SER I 201 2.87 -84.77 -17.93
C SER I 201 1.85 -85.80 -17.45
N GLY I 202 0.68 -85.30 -17.04
CA GLY I 202 -0.38 -86.15 -16.55
C GLY I 202 -1.72 -85.75 -17.13
N SER I 203 -2.59 -86.75 -17.26
CA SER I 203 -3.95 -86.53 -17.74
C SER I 203 -4.82 -87.66 -17.22
N GLY I 204 -6.10 -87.64 -17.61
CA GLY I 204 -7.04 -88.67 -17.25
C GLY I 204 -8.32 -88.10 -16.68
N SER I 205 -9.24 -89.01 -16.37
CA SER I 205 -10.55 -88.63 -15.87
C SER I 205 -11.08 -89.73 -14.97
N ARG I 206 -11.11 -89.48 -13.65
CA ARG I 206 -12.09 -89.96 -12.67
C ARG I 206 -12.20 -91.47 -12.48
N THR I 207 -11.67 -92.25 -13.41
CA THR I 207 -11.45 -93.68 -13.29
C THR I 207 -10.15 -94.11 -13.92
N ASP I 208 -9.58 -93.32 -14.84
CA ASP I 208 -8.35 -93.69 -15.53
C ASP I 208 -7.41 -92.50 -15.55
N PHE I 209 -6.23 -92.68 -14.95
CA PHE I 209 -5.17 -91.69 -14.99
C PHE I 209 -4.07 -92.17 -15.93
N THR I 210 -3.31 -91.23 -16.48
CA THR I 210 -2.29 -91.55 -17.46
C THR I 210 -1.13 -90.57 -17.32
N LEU I 211 0.06 -91.11 -17.06
CA LEU I 211 1.27 -90.31 -17.01
C LEU I 211 2.08 -90.54 -18.29
N THR I 212 2.54 -89.45 -18.90
CA THR I 212 3.30 -89.49 -20.13
C THR I 212 4.70 -88.94 -19.88
N ILE I 213 5.70 -89.57 -20.49
CA ILE I 213 7.09 -89.16 -20.35
C ILE I 213 7.62 -88.84 -21.73
N ASP I 214 8.03 -87.58 -21.95
CA ASP I 214 8.55 -87.12 -23.22
C ASP I 214 9.50 -85.95 -23.02
N PRO I 215 10.79 -86.09 -23.35
CA PRO I 215 11.45 -87.27 -23.90
C PRO I 215 11.93 -88.24 -22.83
N VAL I 216 12.38 -89.42 -23.24
CA VAL I 216 12.81 -90.47 -22.33
C VAL I 216 14.32 -90.39 -22.19
N GLU I 217 14.79 -90.23 -20.95
CA GLU I 217 16.21 -90.20 -20.65
C GLU I 217 16.65 -91.53 -20.03
N ALA I 218 17.95 -91.68 -19.85
CA ALA I 218 18.48 -92.92 -19.28
C ALA I 218 18.39 -92.94 -17.76
N ASP I 219 18.28 -91.78 -17.12
CA ASP I 219 18.22 -91.74 -15.66
C ASP I 219 16.81 -92.01 -15.14
N ASP I 220 15.81 -92.02 -16.02
CA ASP I 220 14.43 -92.25 -15.62
C ASP I 220 14.07 -93.73 -15.47
N ALA I 221 15.05 -94.62 -15.56
CA ALA I 221 14.80 -96.04 -15.40
C ALA I 221 14.58 -96.39 -13.94
N ALA I 222 13.32 -96.34 -13.50
CA ALA I 222 12.96 -96.62 -12.12
C ALA I 222 11.55 -97.19 -12.10
N THR I 223 10.98 -97.29 -10.91
CA THR I 223 9.62 -97.79 -10.73
C THR I 223 8.68 -96.62 -10.49
N TYR I 224 7.69 -96.48 -11.37
CA TYR I 224 6.68 -95.43 -11.26
C TYR I 224 5.52 -95.92 -10.42
N TYR I 225 4.98 -95.04 -9.58
CA TYR I 225 3.90 -95.38 -8.67
C TYR I 225 2.90 -94.25 -8.61
N CYS I 226 1.62 -94.58 -8.82
CA CYS I 226 0.52 -93.65 -8.67
C CYS I 226 -0.17 -93.89 -7.34
N GLN I 227 -0.27 -92.83 -6.54
CA GLN I 227 -0.80 -92.93 -5.18
C GLN I 227 -1.96 -91.97 -5.01
N GLN I 228 -2.91 -92.34 -4.16
CA GLN I 228 -4.08 -91.52 -3.86
C GLN I 228 -4.39 -91.60 -2.39
N THR I 229 -4.91 -90.49 -1.84
CA THR I 229 -5.29 -90.39 -0.44
C THR I 229 -6.66 -89.75 -0.31
N ASN I 230 -7.62 -90.23 -1.10
CA ASN I 230 -8.97 -89.66 -1.11
C ASN I 230 -9.72 -89.99 0.17
N GLU I 231 -9.72 -91.26 0.57
CA GLU I 231 -10.41 -91.68 1.78
C GLU I 231 -9.62 -92.78 2.46
N ASP I 232 -10.21 -93.36 3.50
CA ASP I 232 -9.57 -94.43 4.24
C ASP I 232 -9.78 -95.75 3.51
N PRO I 233 -8.71 -96.51 3.24
CA PRO I 233 -7.31 -96.22 3.57
C PRO I 233 -6.55 -95.58 2.41
N TYR I 234 -5.50 -94.82 2.73
CA TYR I 234 -4.66 -94.18 1.71
C TYR I 234 -3.75 -95.25 1.12
N THR I 235 -4.16 -95.79 -0.02
CA THR I 235 -3.42 -96.86 -0.67
C THR I 235 -2.30 -96.30 -1.54
N PHE I 236 -1.45 -97.20 -2.01
CA PHE I 236 -0.34 -96.86 -2.88
C PHE I 236 -0.40 -97.72 -4.14
N GLY I 237 0.42 -97.37 -5.13
CA GLY I 237 0.42 -98.09 -6.38
C GLY I 237 1.13 -99.43 -6.29
N GLY I 238 0.90 -100.25 -7.32
CA GLY I 238 1.53 -101.56 -7.37
C GLY I 238 2.96 -101.56 -7.82
N GLY I 239 3.39 -100.51 -8.53
CA GLY I 239 4.76 -100.41 -8.99
C GLY I 239 4.92 -100.83 -10.43
N THR I 240 5.34 -99.90 -11.29
CA THR I 240 5.57 -100.15 -12.70
C THR I 240 6.99 -99.73 -13.04
N LYS I 241 7.85 -100.71 -13.31
CA LYS I 241 9.25 -100.42 -13.62
C LYS I 241 9.40 -99.93 -15.04
N LEU I 242 10.33 -99.01 -15.25
CA LEU I 242 10.64 -98.46 -16.56
C LEU I 242 12.02 -98.92 -16.98
N GLU I 243 12.11 -99.53 -18.16
CA GLU I 243 13.37 -100.00 -18.71
C GLU I 243 13.80 -99.12 -19.87
N ILE I 244 15.10 -98.81 -19.91
CA ILE I 244 15.68 -97.99 -20.97
C ILE I 244 16.33 -98.93 -21.97
N LYS I 245 15.86 -98.89 -23.22
CA LYS I 245 16.41 -99.74 -24.26
C LYS I 245 17.75 -99.21 -24.74
N ARG I 246 18.62 -100.13 -25.16
CA ARG I 246 19.94 -99.77 -25.64
C ARG I 246 20.43 -100.74 -26.70
N GLU J 2 -56.71 -55.03 -41.95
CA GLU J 2 -56.06 -54.30 -40.87
C GLU J 2 -56.66 -54.67 -39.52
N ILE J 3 -56.33 -53.88 -38.50
CA ILE J 3 -56.84 -54.13 -37.16
C ILE J 3 -58.30 -53.69 -37.10
N GLN J 4 -59.19 -54.62 -36.78
CA GLN J 4 -60.62 -54.36 -36.72
C GLN J 4 -61.09 -54.34 -35.27
N MET J 5 -61.75 -53.26 -34.88
CA MET J 5 -62.35 -53.16 -33.56
C MET J 5 -63.83 -53.51 -33.65
N THR J 6 -64.37 -54.00 -32.53
CA THR J 6 -65.77 -54.43 -32.50
C THR J 6 -66.31 -54.26 -31.09
N GLN J 7 -67.64 -54.21 -31.00
CA GLN J 7 -68.34 -54.12 -29.73
C GLN J 7 -69.59 -54.98 -29.81
N THR J 8 -69.79 -55.84 -28.81
CA THR J 8 -70.94 -56.75 -28.83
C THR J 8 -72.22 -56.02 -28.47
N THR J 9 -72.19 -55.22 -27.40
CA THR J 9 -73.38 -54.50 -26.96
C THR J 9 -73.65 -53.32 -27.89
N SER J 10 -74.81 -53.32 -28.52
CA SER J 10 -75.21 -52.23 -29.41
C SER J 10 -76.13 -51.22 -28.74
N SER J 11 -76.96 -51.66 -27.79
CA SER J 11 -77.86 -50.78 -27.07
C SER J 11 -77.93 -51.25 -25.62
N LEU J 12 -77.59 -50.37 -24.69
CA LEU J 12 -77.59 -50.68 -23.27
C LEU J 12 -78.63 -49.84 -22.55
N SER J 13 -79.26 -50.45 -21.56
CA SER J 13 -80.25 -49.78 -20.72
C SER J 13 -79.72 -49.63 -19.31
N ALA J 14 -79.88 -48.43 -18.74
CA ALA J 14 -79.41 -48.16 -17.39
C ALA J 14 -80.27 -47.06 -16.79
N SER J 15 -80.24 -46.98 -15.46
CA SER J 15 -80.98 -45.99 -14.71
C SER J 15 -80.02 -44.95 -14.14
N LEU J 16 -80.58 -43.96 -13.46
CA LEU J 16 -79.78 -42.89 -12.87
C LEU J 16 -79.09 -43.41 -11.62
N GLY J 17 -77.75 -43.40 -11.63
CA GLY J 17 -76.97 -43.84 -10.50
C GLY J 17 -76.43 -45.25 -10.60
N ASP J 18 -76.51 -45.89 -11.76
CA ASP J 18 -76.04 -47.25 -11.92
C ASP J 18 -74.65 -47.27 -12.52
N ARG J 19 -73.83 -48.22 -12.06
CA ARG J 19 -72.47 -48.42 -12.59
C ARG J 19 -72.59 -49.18 -13.89
N VAL J 20 -72.46 -48.47 -15.01
CA VAL J 20 -72.64 -49.03 -16.35
C VAL J 20 -71.28 -49.42 -16.90
N THR J 21 -71.21 -50.60 -17.51
CA THR J 21 -69.98 -51.10 -18.11
C THR J 21 -70.15 -51.21 -19.61
N ILE J 22 -69.18 -50.70 -20.35
CA ILE J 22 -69.17 -50.76 -21.81
C ILE J 22 -67.87 -51.45 -22.23
N SER J 23 -68.00 -52.59 -22.91
CA SER J 23 -66.86 -53.41 -23.28
C SER J 23 -66.46 -53.15 -24.72
N CYS J 24 -65.21 -53.51 -25.04
CA CYS J 24 -64.68 -53.34 -26.38
C CYS J 24 -63.61 -54.39 -26.62
N ARG J 25 -63.58 -54.91 -27.85
CA ARG J 25 -62.64 -55.94 -28.24
C ARG J 25 -61.91 -55.51 -29.51
N ALA J 26 -60.73 -56.07 -29.70
CA ALA J 26 -59.88 -55.74 -30.84
C ALA J 26 -59.46 -57.02 -31.56
N SER J 27 -58.87 -56.83 -32.75
CA SER J 27 -58.40 -57.96 -33.54
C SER J 27 -57.10 -58.55 -33.04
N GLN J 28 -56.29 -57.77 -32.32
CA GLN J 28 -55.02 -58.23 -31.79
C GLN J 28 -54.68 -57.41 -30.55
N ASP J 29 -53.45 -57.55 -30.09
CA ASP J 29 -53.00 -56.81 -28.92
C ASP J 29 -52.73 -55.36 -29.30
N ILE J 30 -53.39 -54.44 -28.59
CA ILE J 30 -53.25 -53.01 -28.85
C ILE J 30 -52.34 -52.32 -27.85
N SER J 31 -51.87 -53.05 -26.83
CA SER J 31 -50.96 -52.58 -25.78
C SER J 31 -51.54 -51.38 -25.02
N ASN J 32 -52.86 -51.45 -24.78
CA ASN J 32 -53.65 -50.47 -24.04
C ASN J 32 -53.58 -49.06 -24.64
N TYR J 33 -53.37 -48.96 -25.96
CA TYR J 33 -53.33 -47.67 -26.64
C TYR J 33 -54.69 -47.37 -27.28
N LEU J 34 -55.71 -47.27 -26.43
CA LEU J 34 -57.06 -47.02 -26.87
C LEU J 34 -57.66 -45.88 -26.06
N SER J 35 -58.59 -45.16 -26.68
CA SER J 35 -59.26 -44.04 -26.02
C SER J 35 -60.77 -44.23 -26.13
N TRP J 36 -61.48 -43.72 -25.13
CA TRP J 36 -62.93 -43.77 -25.07
C TRP J 36 -63.47 -42.35 -25.16
N TYR J 37 -64.37 -42.10 -26.10
CA TYR J 37 -64.90 -40.78 -26.37
C TYR J 37 -66.41 -40.81 -26.34
N GLN J 38 -67.01 -39.71 -25.91
CA GLN J 38 -68.46 -39.57 -25.86
C GLN J 38 -68.95 -38.62 -26.96
N GLN J 39 -70.07 -38.99 -27.55
CA GLN J 39 -70.69 -38.20 -28.62
C GLN J 39 -72.17 -38.07 -28.30
N LYS J 40 -72.64 -36.84 -28.11
CA LYS J 40 -74.03 -36.61 -27.77
C LYS J 40 -74.91 -36.73 -29.01
N PRO J 41 -76.23 -36.59 -28.86
CA PRO J 41 -77.13 -36.68 -30.02
C PRO J 41 -77.03 -35.48 -30.95
N ASP J 42 -76.51 -34.34 -30.49
CA ASP J 42 -76.37 -33.18 -31.36
C ASP J 42 -75.24 -33.32 -32.35
N GLY J 43 -74.21 -34.09 -32.04
CA GLY J 43 -73.09 -34.27 -32.95
C GLY J 43 -71.75 -33.89 -32.34
N THR J 44 -71.78 -33.26 -31.17
CA THR J 44 -70.56 -32.86 -30.49
C THR J 44 -69.87 -34.08 -29.91
N VAL J 45 -68.59 -34.26 -30.24
CA VAL J 45 -67.81 -35.41 -29.80
C VAL J 45 -66.72 -34.90 -28.87
N LYS J 46 -66.74 -35.35 -27.62
CA LYS J 46 -65.75 -34.98 -26.63
C LYS J 46 -65.04 -36.25 -26.14
N LEU J 47 -63.73 -36.13 -25.94
CA LEU J 47 -62.96 -37.26 -25.43
C LEU J 47 -63.21 -37.42 -23.94
N LEU J 48 -63.25 -38.68 -23.49
CA LEU J 48 -63.55 -38.98 -22.09
C LEU J 48 -62.37 -39.61 -21.37
N ILE J 49 -61.81 -40.70 -21.89
CA ILE J 49 -60.71 -41.40 -21.23
C ILE J 49 -59.61 -41.64 -22.23
N TYR J 50 -58.36 -41.39 -21.82
CA TYR J 50 -57.19 -41.53 -22.68
C TYR J 50 -56.28 -42.64 -22.15
N TYR J 51 -55.70 -43.37 -23.10
CA TYR J 51 -54.76 -44.48 -22.88
C TYR J 51 -55.35 -45.61 -22.03
N THR J 52 -56.68 -45.77 -22.07
CA THR J 52 -57.46 -46.87 -21.50
C THR J 52 -57.43 -46.97 -19.98
N SER J 53 -56.69 -46.09 -19.31
CA SER J 53 -56.67 -46.08 -17.85
C SER J 53 -56.70 -44.69 -17.23
N ARG J 54 -56.47 -43.62 -18.00
CA ARG J 54 -56.37 -42.28 -17.46
C ARG J 54 -57.58 -41.46 -17.84
N LEU J 55 -57.83 -40.42 -17.06
CA LEU J 55 -58.92 -39.47 -17.30
C LEU J 55 -58.32 -38.10 -17.65
N HIS J 56 -58.82 -37.51 -18.72
CA HIS J 56 -58.32 -36.23 -19.20
C HIS J 56 -58.83 -35.09 -18.32
N SER J 57 -58.13 -33.97 -18.38
CA SER J 57 -58.52 -32.78 -17.62
C SER J 57 -59.77 -32.17 -18.23
N GLY J 58 -60.85 -32.14 -17.46
CA GLY J 58 -62.13 -31.62 -17.91
C GLY J 58 -63.27 -32.61 -17.83
N VAL J 59 -62.99 -33.89 -17.67
CA VAL J 59 -64.00 -34.93 -17.56
C VAL J 59 -64.28 -35.20 -16.09
N PRO J 60 -65.47 -35.65 -15.72
CA PRO J 60 -65.76 -35.91 -14.31
C PRO J 60 -65.10 -37.18 -13.82
N SER J 61 -65.00 -37.29 -12.50
CA SER J 61 -64.35 -38.42 -11.85
C SER J 61 -65.27 -39.63 -11.71
N ARG J 62 -66.51 -39.54 -12.20
CA ARG J 62 -67.43 -40.68 -12.11
C ARG J 62 -67.09 -41.78 -13.11
N PHE J 63 -66.34 -41.46 -14.16
CA PHE J 63 -65.97 -42.45 -15.16
C PHE J 63 -64.59 -43.02 -14.86
N SER J 64 -64.35 -44.25 -15.33
CA SER J 64 -63.06 -44.88 -15.19
C SER J 64 -62.89 -45.89 -16.32
N GLY J 65 -61.67 -46.38 -16.49
CA GLY J 65 -61.38 -47.35 -17.54
C GLY J 65 -60.47 -48.44 -17.02
N SER J 66 -60.57 -49.59 -17.66
CA SER J 66 -59.73 -50.75 -17.33
C SER J 66 -59.66 -51.65 -18.56
N GLY J 67 -58.90 -52.72 -18.44
CA GLY J 67 -58.77 -53.70 -19.50
C GLY J 67 -57.32 -54.03 -19.80
N SER J 68 -57.15 -55.10 -20.56
CA SER J 68 -55.83 -55.58 -20.93
C SER J 68 -55.95 -56.42 -22.19
N GLY J 69 -54.79 -56.65 -22.83
CA GLY J 69 -54.71 -57.47 -24.02
C GLY J 69 -55.50 -56.93 -25.19
N ILE J 70 -56.61 -57.60 -25.50
CA ILE J 70 -57.54 -57.14 -26.53
C ILE J 70 -58.87 -56.68 -25.94
N ASP J 71 -59.11 -56.88 -24.64
CA ASP J 71 -60.40 -56.60 -24.04
C ASP J 71 -60.27 -55.37 -23.13
N TYR J 72 -60.98 -54.29 -23.50
CA TYR J 72 -61.01 -53.09 -22.70
C TYR J 72 -62.44 -52.79 -22.25
N SER J 73 -62.57 -51.93 -21.25
CA SER J 73 -63.88 -51.63 -20.70
C SER J 73 -63.86 -50.25 -20.04
N LEU J 74 -64.98 -49.57 -20.15
CA LEU J 74 -65.22 -48.31 -19.44
C LEU J 74 -66.35 -48.49 -18.44
N THR J 75 -66.17 -47.94 -17.25
CA THR J 75 -67.11 -48.12 -16.15
C THR J 75 -67.50 -46.77 -15.58
N ILE J 76 -68.79 -46.48 -15.60
CA ILE J 76 -69.35 -45.27 -15.00
C ILE J 76 -69.96 -45.65 -13.66
N ASN J 77 -69.60 -44.91 -12.61
CA ASN J 77 -70.07 -45.24 -11.28
C ASN J 77 -71.54 -44.87 -11.09
N ASN J 78 -71.91 -43.67 -11.53
CA ASN J 78 -73.29 -43.20 -11.42
C ASN J 78 -73.61 -42.33 -12.62
N LEU J 79 -74.59 -42.75 -13.42
CA LEU J 79 -74.97 -42.02 -14.61
C LEU J 79 -75.77 -40.77 -14.23
N GLU J 80 -75.62 -39.73 -15.03
CA GLU J 80 -76.34 -38.47 -14.84
C GLU J 80 -77.19 -38.18 -16.08
N GLN J 81 -77.80 -36.99 -16.09
CA GLN J 81 -78.60 -36.58 -17.25
C GLN J 81 -77.71 -36.23 -18.43
N GLU J 82 -76.50 -35.71 -18.17
CA GLU J 82 -75.57 -35.37 -19.23
C GLU J 82 -74.82 -36.58 -19.78
N ASP J 83 -74.93 -37.74 -19.13
CA ASP J 83 -74.24 -38.94 -19.58
C ASP J 83 -75.01 -39.71 -20.64
N PHE J 84 -76.18 -39.22 -21.04
CA PHE J 84 -76.97 -39.88 -22.09
C PHE J 84 -76.34 -39.55 -23.44
N ALA J 85 -75.43 -40.42 -23.89
CA ALA J 85 -74.71 -40.20 -25.14
C ALA J 85 -74.26 -41.56 -25.68
N THR J 86 -73.44 -41.51 -26.73
CA THR J 86 -72.87 -42.71 -27.33
C THR J 86 -71.38 -42.77 -27.02
N TYR J 87 -70.94 -43.91 -26.49
CA TYR J 87 -69.54 -44.13 -26.16
C TYR J 87 -68.86 -44.92 -27.27
N PHE J 88 -67.70 -44.44 -27.72
CA PHE J 88 -66.97 -45.03 -28.83
C PHE J 88 -65.52 -45.27 -28.43
N CYS J 89 -64.98 -46.40 -28.85
CA CYS J 89 -63.59 -46.76 -28.60
C CYS J 89 -62.77 -46.57 -29.86
N GLN J 90 -61.60 -45.97 -29.71
CA GLN J 90 -60.73 -45.67 -30.85
C GLN J 90 -59.32 -46.15 -30.52
N GLN J 91 -58.78 -47.04 -31.35
CA GLN J 91 -57.42 -47.53 -31.19
C GLN J 91 -56.49 -46.82 -32.17
N GLY J 92 -55.30 -46.47 -31.69
CA GLY J 92 -54.35 -45.75 -32.51
C GLY J 92 -52.99 -46.42 -32.58
N ASN J 93 -53.00 -47.76 -32.63
CA ASN J 93 -51.74 -48.50 -32.69
C ASN J 93 -51.14 -48.45 -34.10
N THR J 94 -51.88 -48.92 -35.10
CA THR J 94 -51.37 -49.03 -36.46
C THR J 94 -52.24 -48.22 -37.40
N LEU J 95 -51.62 -47.40 -38.24
CA LEU J 95 -52.35 -46.67 -39.25
C LEU J 95 -52.72 -47.60 -40.40
N PRO J 96 -53.94 -47.50 -40.95
CA PRO J 96 -55.05 -46.59 -40.66
C PRO J 96 -55.82 -46.98 -39.39
N LEU J 97 -56.04 -46.00 -38.52
CA LEU J 97 -56.66 -46.25 -37.22
C LEU J 97 -58.15 -46.50 -37.42
N THR J 98 -58.63 -47.63 -36.90
CA THR J 98 -60.04 -48.00 -36.99
C THR J 98 -60.72 -47.74 -35.66
N PHE J 99 -61.79 -46.97 -35.69
CA PHE J 99 -62.57 -46.69 -34.50
C PHE J 99 -63.65 -47.77 -34.33
N GLY J 100 -64.15 -47.89 -33.10
CA GLY J 100 -65.14 -48.89 -32.80
C GLY J 100 -66.52 -48.53 -33.33
N ALA J 101 -67.43 -49.51 -33.23
CA ALA J 101 -68.79 -49.28 -33.70
C ALA J 101 -69.57 -48.38 -32.76
N GLY J 102 -69.35 -48.53 -31.45
CA GLY J 102 -69.99 -47.68 -30.47
C GLY J 102 -71.34 -48.21 -30.02
N THR J 103 -71.67 -47.96 -28.75
CA THR J 103 -72.95 -48.36 -28.18
C THR J 103 -73.78 -47.13 -27.86
N LYS J 104 -75.08 -47.35 -27.63
CA LYS J 104 -76.01 -46.28 -27.31
C LYS J 104 -76.68 -46.60 -25.98
N LEU J 105 -76.37 -45.81 -24.96
CA LEU J 105 -76.99 -45.98 -23.66
C LEU J 105 -78.42 -45.45 -23.68
N GLU J 106 -79.29 -46.10 -22.91
CA GLU J 106 -80.70 -45.74 -22.87
C GLU J 106 -81.18 -45.69 -21.44
N LEU J 107 -82.15 -44.82 -21.18
CA LEU J 107 -82.73 -44.66 -19.86
C LEU J 107 -83.83 -45.69 -19.65
N LYS J 108 -83.81 -46.33 -18.48
CA LYS J 108 -84.81 -47.34 -18.16
C LYS J 108 -86.03 -46.69 -17.52
N ARG J 109 -87.21 -47.15 -17.94
CA ARG J 109 -88.47 -46.64 -17.41
C ARG J 109 -89.49 -47.76 -17.44
N ALA J 110 -90.75 -47.42 -17.21
CA ALA J 110 -91.82 -48.41 -17.24
C ALA J 110 -92.15 -48.78 -18.67
N ASP J 111 -92.43 -50.06 -18.90
CA ASP J 111 -92.79 -50.56 -20.23
C ASP J 111 -94.20 -50.11 -20.55
N ALA J 112 -94.32 -48.98 -21.25
CA ALA J 112 -95.61 -48.40 -21.59
C ALA J 112 -96.10 -48.95 -22.92
N ALA J 113 -97.42 -49.07 -23.05
CA ALA J 113 -98.01 -49.57 -24.28
C ALA J 113 -97.93 -48.50 -25.37
N PRO J 114 -97.79 -48.89 -26.63
CA PRO J 114 -97.69 -47.89 -27.70
C PRO J 114 -99.07 -47.32 -28.04
N THR J 115 -99.20 -46.00 -27.88
CA THR J 115 -100.42 -45.30 -28.27
C THR J 115 -100.46 -45.19 -29.78
N VAL J 116 -101.38 -45.89 -30.42
CA VAL J 116 -101.46 -46.01 -31.87
C VAL J 116 -102.55 -45.08 -32.39
N SER J 117 -102.30 -44.47 -33.55
CA SER J 117 -103.28 -43.61 -34.19
C SER J 117 -103.13 -43.76 -35.70
N ILE J 118 -104.23 -44.05 -36.39
CA ILE J 118 -104.24 -44.24 -37.84
C ILE J 118 -104.81 -42.98 -38.48
N PHE J 119 -104.25 -42.58 -39.61
CA PHE J 119 -104.68 -41.40 -40.35
C PHE J 119 -104.77 -41.72 -41.83
N PRO J 120 -105.90 -41.43 -42.48
CA PRO J 120 -106.00 -41.70 -43.93
C PRO J 120 -105.41 -40.55 -44.73
N PRO J 121 -105.42 -40.66 -46.05
CA PRO J 121 -104.83 -39.60 -46.88
C PRO J 121 -105.74 -38.38 -46.98
N SER J 122 -105.11 -37.26 -47.31
CA SER J 122 -105.83 -36.00 -47.45
C SER J 122 -106.54 -35.93 -48.79
N SER J 123 -107.41 -34.92 -48.92
CA SER J 123 -108.16 -34.75 -50.17
C SER J 123 -107.28 -34.20 -51.28
N GLU J 124 -106.35 -33.30 -50.95
CA GLU J 124 -105.44 -32.76 -51.96
C GLU J 124 -104.44 -33.81 -52.43
N GLN J 125 -104.01 -34.70 -51.52
CA GLN J 125 -103.13 -35.80 -51.93
C GLN J 125 -103.87 -36.81 -52.79
N LEU J 126 -105.14 -37.07 -52.49
CA LEU J 126 -105.93 -37.97 -53.32
C LEU J 126 -106.23 -37.34 -54.68
N THR J 127 -106.37 -36.01 -54.73
CA THR J 127 -106.49 -35.33 -56.02
C THR J 127 -105.17 -35.31 -56.77
N SER J 128 -104.05 -35.39 -56.05
CA SER J 128 -102.73 -35.46 -56.68
C SER J 128 -102.43 -36.84 -57.27
N GLY J 129 -103.17 -37.87 -56.90
CA GLY J 129 -102.99 -39.20 -57.45
C GLY J 129 -102.39 -40.21 -56.50
N GLY J 130 -102.00 -39.80 -55.30
CA GLY J 130 -101.40 -40.70 -54.33
C GLY J 130 -102.25 -40.82 -53.06
N ALA J 131 -101.84 -41.76 -52.21
CA ALA J 131 -102.51 -41.97 -50.93
C ALA J 131 -101.48 -42.53 -49.96
N SER J 132 -101.17 -41.77 -48.91
CA SER J 132 -100.19 -42.17 -47.91
C SER J 132 -100.91 -42.34 -46.58
N VAL J 133 -101.25 -43.58 -46.26
CA VAL J 133 -101.86 -43.89 -44.97
C VAL J 133 -100.78 -43.86 -43.89
N VAL J 134 -101.04 -43.12 -42.81
CA VAL J 134 -100.07 -42.91 -41.75
C VAL J 134 -100.50 -43.68 -40.51
N CYS J 135 -99.52 -44.20 -39.79
CA CYS J 135 -99.76 -44.88 -38.52
C CYS J 135 -98.70 -44.39 -37.53
N PHE J 136 -99.13 -43.63 -36.53
CA PHE J 136 -98.24 -43.06 -35.54
C PHE J 136 -98.37 -43.80 -34.22
N LEU J 137 -97.27 -44.35 -33.73
CA LEU J 137 -97.23 -45.04 -32.46
C LEU J 137 -96.31 -44.24 -31.54
N ASN J 138 -96.92 -43.51 -30.60
CA ASN J 138 -96.18 -42.64 -29.69
C ASN J 138 -96.25 -43.19 -28.27
N ASN J 139 -95.28 -42.76 -27.45
CA ASN J 139 -95.20 -43.04 -26.02
C ASN J 139 -95.12 -44.56 -25.75
N PHE J 140 -94.06 -45.16 -26.29
CA PHE J 140 -93.84 -46.60 -26.20
C PHE J 140 -92.50 -46.86 -25.53
N TYR J 141 -92.43 -47.99 -24.83
CA TYR J 141 -91.21 -48.43 -24.16
C TYR J 141 -91.19 -49.94 -24.07
N PRO J 142 -90.11 -50.61 -24.52
CA PRO J 142 -88.90 -50.06 -25.11
C PRO J 142 -89.03 -49.77 -26.61
N LYS J 143 -87.89 -49.56 -27.27
CA LYS J 143 -87.90 -49.22 -28.69
C LYS J 143 -88.20 -50.41 -29.59
N ASP J 144 -88.15 -51.63 -29.07
CA ASP J 144 -88.42 -52.82 -29.87
C ASP J 144 -89.93 -52.94 -30.11
N ILE J 145 -90.34 -52.78 -31.36
CA ILE J 145 -91.74 -52.89 -31.74
C ILE J 145 -91.81 -53.30 -33.21
N ASN J 146 -92.95 -53.86 -33.60
CA ASN J 146 -93.16 -54.30 -34.98
C ASN J 146 -94.44 -53.67 -35.51
N VAL J 147 -94.45 -53.43 -36.82
CA VAL J 147 -95.61 -52.84 -37.49
C VAL J 147 -96.05 -53.77 -38.61
N LYS J 148 -97.37 -53.86 -38.80
CA LYS J 148 -97.94 -54.70 -39.84
C LYS J 148 -99.08 -53.95 -40.51
N TRP J 149 -99.10 -53.97 -41.85
CA TRP J 149 -100.15 -53.31 -42.61
C TRP J 149 -101.09 -54.36 -43.20
N LYS J 150 -102.37 -54.02 -43.27
CA LYS J 150 -103.38 -54.90 -43.84
C LYS J 150 -104.31 -54.09 -44.72
N ILE J 151 -104.53 -54.57 -45.94
CA ILE J 151 -105.44 -53.93 -46.89
C ILE J 151 -106.59 -54.89 -47.12
N ASP J 152 -107.73 -54.62 -46.45
CA ASP J 152 -108.92 -55.48 -46.45
C ASP J 152 -108.59 -56.90 -46.00
N GLY J 153 -107.74 -57.00 -44.97
CA GLY J 153 -107.30 -58.28 -44.45
C GLY J 153 -106.05 -58.85 -45.09
N SER J 154 -105.66 -58.34 -46.27
CA SER J 154 -104.48 -58.83 -46.96
C SER J 154 -103.26 -58.03 -46.54
N GLU J 155 -102.22 -58.72 -46.09
CA GLU J 155 -101.01 -58.06 -45.64
C GLU J 155 -100.16 -57.66 -46.84
N ARG J 156 -99.72 -56.40 -46.86
CA ARG J 156 -98.90 -55.87 -47.93
C ARG J 156 -97.61 -55.30 -47.34
N GLN J 157 -96.48 -55.66 -47.95
CA GLN J 157 -95.18 -55.19 -47.51
C GLN J 157 -94.55 -54.16 -48.43
N ASN J 158 -95.05 -54.02 -49.65
CA ASN J 158 -94.50 -53.04 -50.59
C ASN J 158 -95.07 -51.66 -50.31
N GLY J 159 -94.21 -50.65 -50.37
CA GLY J 159 -94.62 -49.28 -50.15
C GLY J 159 -94.70 -48.86 -48.70
N VAL J 160 -94.26 -49.69 -47.78
CA VAL J 160 -94.30 -49.37 -46.35
C VAL J 160 -92.94 -48.81 -45.94
N LEU J 161 -92.95 -47.65 -45.30
CA LEU J 161 -91.73 -47.02 -44.79
C LEU J 161 -91.89 -46.74 -43.32
N ASN J 162 -90.89 -47.10 -42.53
CA ASN J 162 -90.90 -46.92 -41.09
C ASN J 162 -89.82 -45.94 -40.68
N SER J 163 -90.18 -45.00 -39.81
CA SER J 163 -89.24 -43.99 -39.33
C SER J 163 -89.39 -43.89 -37.82
N TRP J 164 -88.31 -44.17 -37.10
CA TRP J 164 -88.30 -44.13 -35.65
C TRP J 164 -87.68 -42.82 -35.16
N THR J 165 -88.04 -42.46 -33.93
CA THR J 165 -87.49 -41.28 -33.28
C THR J 165 -86.64 -41.69 -32.08
N ASP J 166 -85.87 -40.74 -31.58
CA ASP J 166 -85.00 -41.00 -30.44
C ASP J 166 -85.79 -40.94 -29.13
N GLN J 167 -85.12 -41.30 -28.04
CA GLN J 167 -85.73 -41.24 -26.73
C GLN J 167 -85.86 -39.80 -26.27
N ASP J 168 -87.06 -39.40 -25.87
CA ASP J 168 -87.31 -38.02 -25.47
C ASP J 168 -86.69 -37.74 -24.11
N SER J 169 -86.29 -36.48 -23.90
CA SER J 169 -85.65 -36.06 -22.67
C SER J 169 -86.66 -35.67 -21.59
N LYS J 170 -87.94 -35.92 -21.79
CA LYS J 170 -88.97 -35.57 -20.82
C LYS J 170 -89.65 -36.80 -20.22
N ASP J 171 -90.20 -37.68 -21.06
CA ASP J 171 -90.93 -38.85 -20.59
C ASP J 171 -90.17 -40.15 -20.81
N SER J 172 -89.01 -40.10 -21.46
CA SER J 172 -88.17 -41.26 -21.81
C SER J 172 -88.96 -42.29 -22.62
N THR J 173 -89.66 -41.82 -23.64
CA THR J 173 -90.51 -42.65 -24.46
C THR J 173 -90.00 -42.62 -25.91
N TYR J 174 -90.74 -43.26 -26.80
CA TYR J 174 -90.35 -43.37 -28.20
C TYR J 174 -91.56 -43.15 -29.11
N SER J 175 -91.27 -42.74 -30.34
CA SER J 175 -92.28 -42.51 -31.34
C SER J 175 -91.87 -43.16 -32.66
N MET J 176 -92.85 -43.65 -33.40
CA MET J 176 -92.61 -44.31 -34.67
C MET J 176 -93.71 -43.90 -35.64
N SER J 177 -93.33 -43.75 -36.91
CA SER J 177 -94.27 -43.38 -37.97
C SER J 177 -94.14 -44.36 -39.12
N SER J 178 -95.27 -44.94 -39.52
CA SER J 178 -95.33 -45.86 -40.64
C SER J 178 -96.16 -45.23 -41.74
N THR J 179 -95.64 -45.25 -42.97
CA THR J 179 -96.30 -44.65 -44.12
C THR J 179 -96.49 -45.70 -45.19
N LEU J 180 -97.73 -45.92 -45.60
CA LEU J 180 -98.08 -46.83 -46.69
C LEU J 180 -98.53 -45.97 -47.86
N THR J 181 -97.69 -45.88 -48.89
CA THR J 181 -97.94 -45.03 -50.05
C THR J 181 -98.38 -45.90 -51.22
N LEU J 182 -99.56 -45.59 -51.75
CA LEU J 182 -100.12 -46.29 -52.91
C LEU J 182 -100.73 -45.28 -53.86
N THR J 183 -101.23 -45.77 -54.98
CA THR J 183 -101.86 -44.91 -55.98
C THR J 183 -103.30 -44.59 -55.58
N LYS J 184 -103.95 -43.74 -56.37
CA LYS J 184 -105.34 -43.40 -56.09
C LYS J 184 -106.27 -44.53 -56.48
N ASP J 185 -105.97 -45.22 -57.59
CA ASP J 185 -106.77 -46.37 -58.00
C ASP J 185 -106.54 -47.56 -57.09
N GLU J 186 -105.35 -47.65 -56.49
CA GLU J 186 -105.09 -48.70 -55.52
C GLU J 186 -105.80 -48.42 -54.19
N TYR J 187 -105.93 -47.14 -53.81
CA TYR J 187 -106.63 -46.81 -52.58
C TYR J 187 -108.14 -46.91 -52.75
N GLU J 188 -108.65 -46.58 -53.94
CA GLU J 188 -110.08 -46.71 -54.20
C GLU J 188 -110.52 -48.15 -54.37
N ARG J 189 -109.60 -49.06 -54.68
CA ARG J 189 -109.92 -50.48 -54.82
C ARG J 189 -110.06 -51.19 -53.49
N HIS J 190 -109.69 -50.55 -52.38
CA HIS J 190 -109.82 -51.13 -51.05
C HIS J 190 -110.70 -50.24 -50.19
N ASN J 191 -111.36 -50.84 -49.21
CA ASN J 191 -112.25 -50.13 -48.30
C ASN J 191 -111.65 -49.94 -46.92
N SER J 192 -111.18 -51.02 -46.30
CA SER J 192 -110.66 -50.98 -44.94
C SER J 192 -109.15 -51.19 -44.95
N TYR J 193 -108.42 -50.31 -44.29
CA TYR J 193 -106.99 -50.43 -44.10
C TYR J 193 -106.68 -50.42 -42.61
N THR J 194 -105.82 -51.35 -42.18
CA THR J 194 -105.55 -51.54 -40.75
C THR J 194 -104.06 -51.56 -40.51
N CYS J 195 -103.64 -51.01 -39.37
CA CYS J 195 -102.26 -51.04 -38.93
C CYS J 195 -102.18 -51.68 -37.55
N GLU J 196 -101.33 -52.70 -37.42
CA GLU J 196 -101.18 -53.44 -36.18
C GLU J 196 -99.78 -53.21 -35.61
N ALA J 197 -99.74 -52.88 -34.33
CA ALA J 197 -98.49 -52.64 -33.61
C ALA J 197 -98.27 -53.76 -32.61
N THR J 198 -97.09 -54.37 -32.65
CA THR J 198 -96.71 -55.45 -31.75
C THR J 198 -95.63 -54.95 -30.81
N HIS J 199 -95.90 -55.00 -29.51
CA HIS J 199 -94.96 -54.58 -28.49
C HIS J 199 -94.83 -55.66 -27.43
N LYS J 200 -93.90 -55.45 -26.50
CA LYS J 200 -93.67 -56.43 -25.44
C LYS J 200 -94.67 -56.27 -24.31
N THR J 201 -95.43 -55.17 -24.29
CA THR J 201 -96.40 -54.93 -23.22
C THR J 201 -97.64 -55.81 -23.35
N SER J 202 -97.97 -56.29 -24.56
CA SER J 202 -99.15 -57.10 -24.76
C SER J 202 -98.85 -58.13 -25.85
N THR J 203 -99.32 -59.36 -25.64
CA THR J 203 -99.10 -60.41 -26.63
C THR J 203 -99.95 -60.20 -27.88
N SER J 204 -101.12 -59.58 -27.73
CA SER J 204 -101.97 -59.30 -28.88
C SER J 204 -101.58 -57.95 -29.49
N PRO J 205 -101.48 -57.85 -30.82
CA PRO J 205 -101.10 -56.57 -31.42
C PRO J 205 -102.25 -55.59 -31.43
N ILE J 206 -101.95 -54.35 -31.03
CA ILE J 206 -102.97 -53.30 -31.03
C ILE J 206 -103.24 -52.89 -32.47
N VAL J 207 -104.48 -53.07 -32.91
CA VAL J 207 -104.86 -52.81 -34.29
C VAL J 207 -105.70 -51.54 -34.36
N LYS J 208 -105.45 -50.73 -35.38
CA LYS J 208 -106.25 -49.54 -35.67
C LYS J 208 -106.64 -49.59 -37.14
N SER J 209 -107.95 -49.64 -37.41
CA SER J 209 -108.46 -49.80 -38.76
C SER J 209 -109.29 -48.59 -39.15
N PHE J 210 -109.44 -48.41 -40.45
CA PHE J 210 -110.25 -47.32 -40.99
C PHE J 210 -110.94 -47.82 -42.26
N ASN J 211 -112.23 -47.53 -42.36
CA ASN J 211 -113.05 -47.94 -43.48
C ASN J 211 -113.32 -46.75 -44.39
N ARG J 212 -113.98 -47.00 -45.52
CA ARG J 212 -114.30 -45.95 -46.48
C ARG J 212 -115.81 -45.77 -46.61
N GLN K 22 -63.07 -22.96 -24.26
CA GLN K 22 -62.97 -24.38 -24.62
C GLN K 22 -62.63 -24.53 -26.10
N ALA K 23 -62.36 -25.77 -26.50
CA ALA K 23 -62.02 -26.09 -27.89
C ALA K 23 -63.25 -26.60 -28.62
N GLN K 24 -63.56 -26.00 -29.76
CA GLN K 24 -64.70 -26.39 -30.57
C GLN K 24 -64.27 -26.51 -32.03
N LEU K 25 -65.06 -27.23 -32.81
CA LEU K 25 -64.81 -27.40 -34.24
C LEU K 25 -66.12 -27.71 -34.96
N LYS K 26 -66.22 -27.22 -36.19
CA LYS K 26 -67.42 -27.41 -37.00
C LYS K 26 -67.03 -27.58 -38.47
N GLU K 27 -67.61 -28.58 -39.13
CA GLU K 27 -67.36 -28.84 -40.53
C GLU K 27 -68.52 -28.35 -41.38
N SER K 28 -68.21 -27.82 -42.56
CA SER K 28 -69.21 -27.30 -43.48
C SER K 28 -68.86 -27.71 -44.90
N GLY K 29 -69.89 -27.92 -45.72
CA GLY K 29 -69.73 -28.33 -47.08
C GLY K 29 -70.89 -27.94 -47.96
N PRO K 30 -70.97 -28.50 -49.16
CA PRO K 30 -72.07 -28.14 -50.07
C PRO K 30 -73.40 -28.80 -49.71
N GLY K 31 -73.39 -29.93 -49.02
CA GLY K 31 -74.62 -30.64 -48.69
C GLY K 31 -75.02 -31.63 -49.75
N LEU K 32 -75.18 -31.15 -50.98
CA LEU K 32 -75.51 -32.00 -52.12
C LEU K 32 -74.52 -31.72 -53.23
N VAL K 33 -74.00 -32.80 -53.84
CA VAL K 33 -73.05 -32.69 -54.93
C VAL K 33 -73.38 -33.75 -55.98
N ALA K 34 -72.89 -33.51 -57.20
CA ALA K 34 -73.12 -34.45 -58.28
C ALA K 34 -72.08 -35.58 -58.23
N PRO K 35 -72.35 -36.68 -58.93
CA PRO K 35 -71.40 -37.79 -58.93
C PRO K 35 -70.17 -37.47 -59.77
N SER K 36 -69.04 -38.08 -59.36
CA SER K 36 -67.72 -37.90 -59.97
C SER K 36 -67.29 -36.44 -60.03
N GLN K 37 -67.63 -35.68 -58.99
CA GLN K 37 -67.28 -34.27 -58.89
C GLN K 37 -66.35 -34.06 -57.69
N SER K 38 -66.00 -32.81 -57.46
CA SER K 38 -65.14 -32.46 -56.33
C SER K 38 -65.98 -32.13 -55.10
N LEU K 39 -65.34 -32.22 -53.93
CA LEU K 39 -66.01 -31.93 -52.67
C LEU K 39 -65.01 -31.27 -51.74
N SER K 40 -65.21 -29.99 -51.46
CA SER K 40 -64.34 -29.23 -50.59
C SER K 40 -65.06 -29.01 -49.26
N ILE K 41 -64.47 -29.49 -48.17
CA ILE K 41 -65.02 -29.35 -46.84
C ILE K 41 -64.16 -28.38 -46.06
N THR K 42 -64.81 -27.40 -45.43
CA THR K 42 -64.12 -26.39 -44.64
C THR K 42 -64.43 -26.64 -43.16
N CYS K 43 -63.39 -26.88 -42.38
CA CYS K 43 -63.53 -27.14 -40.95
C CYS K 43 -62.95 -25.96 -40.19
N THR K 44 -63.77 -25.33 -39.35
CA THR K 44 -63.37 -24.20 -38.53
C THR K 44 -63.24 -24.67 -37.09
N VAL K 45 -62.03 -24.55 -36.54
CA VAL K 45 -61.78 -24.92 -35.16
C VAL K 45 -61.36 -23.67 -34.39
N SER K 46 -61.61 -23.70 -33.08
CA SER K 46 -61.36 -22.56 -32.21
C SER K 46 -61.06 -23.07 -30.81
N GLY K 47 -60.42 -22.21 -30.02
CA GLY K 47 -60.00 -22.58 -28.68
C GLY K 47 -58.57 -23.05 -28.58
N PHE K 48 -57.87 -23.17 -29.72
CA PHE K 48 -56.47 -23.60 -29.74
C PHE K 48 -55.83 -23.02 -31.00
N SER K 49 -54.59 -23.43 -31.25
CA SER K 49 -53.85 -23.00 -32.43
C SER K 49 -53.44 -24.22 -33.25
N LEU K 50 -53.60 -24.12 -34.56
CA LEU K 50 -53.29 -25.23 -35.47
C LEU K 50 -51.86 -25.19 -35.99
N THR K 51 -51.00 -24.33 -35.43
CA THR K 51 -49.61 -24.28 -35.86
C THR K 51 -48.72 -25.25 -35.11
N ASN K 52 -49.18 -25.78 -33.97
CA ASN K 52 -48.39 -26.68 -33.15
C ASN K 52 -49.02 -28.05 -32.97
N TYR K 53 -50.14 -28.33 -33.62
CA TYR K 53 -50.81 -29.62 -33.55
C TYR K 53 -51.22 -30.08 -34.94
N GLY K 54 -51.43 -31.39 -35.08
CA GLY K 54 -51.84 -31.96 -36.34
C GLY K 54 -53.35 -32.06 -36.46
N VAL K 55 -53.80 -32.27 -37.69
CA VAL K 55 -55.23 -32.33 -38.01
C VAL K 55 -55.51 -33.67 -38.67
N HIS K 56 -56.69 -34.22 -38.39
CA HIS K 56 -57.14 -35.47 -38.99
C HIS K 56 -58.58 -35.32 -39.47
N TRP K 57 -58.85 -35.87 -40.65
CA TRP K 57 -60.18 -35.85 -41.24
C TRP K 57 -60.69 -37.28 -41.33
N VAL K 58 -61.93 -37.50 -40.90
CA VAL K 58 -62.52 -38.83 -40.84
C VAL K 58 -63.98 -38.76 -41.23
N ARG K 59 -64.45 -39.75 -41.97
CA ARG K 59 -65.84 -39.83 -42.38
C ARG K 59 -66.61 -40.80 -41.50
N GLN K 60 -67.94 -40.75 -41.62
CA GLN K 60 -68.85 -41.58 -40.86
C GLN K 60 -70.05 -41.93 -41.71
N PRO K 61 -70.19 -43.19 -42.12
CA PRO K 61 -71.34 -43.57 -42.94
C PRO K 61 -72.53 -43.92 -42.07
N PRO K 62 -73.75 -43.88 -42.61
CA PRO K 62 -74.93 -44.23 -41.82
C PRO K 62 -75.05 -45.73 -41.66
N GLY K 63 -75.03 -46.21 -40.41
CA GLY K 63 -75.14 -47.62 -40.13
C GLY K 63 -73.87 -48.42 -40.30
N LYS K 64 -72.75 -47.77 -40.58
CA LYS K 64 -71.47 -48.44 -40.75
C LYS K 64 -70.48 -47.90 -39.71
N GLY K 65 -69.23 -48.37 -39.81
CA GLY K 65 -68.20 -47.92 -38.90
C GLY K 65 -67.52 -46.66 -39.37
N LEU K 66 -67.12 -45.84 -38.41
CA LEU K 66 -66.43 -44.59 -38.72
C LEU K 66 -65.00 -44.88 -39.15
N GLU K 67 -64.64 -44.44 -40.36
CA GLU K 67 -63.34 -44.73 -40.96
C GLU K 67 -62.52 -43.45 -41.05
N TRP K 68 -61.24 -43.55 -40.72
CA TRP K 68 -60.33 -42.43 -40.86
C TRP K 68 -59.98 -42.23 -42.32
N LEU K 69 -60.04 -40.97 -42.77
CA LEU K 69 -59.73 -40.63 -44.16
C LEU K 69 -58.28 -40.19 -44.33
N GLY K 70 -57.83 -39.23 -43.53
CA GLY K 70 -56.45 -38.79 -43.69
C GLY K 70 -56.02 -37.92 -42.52
N VAL K 71 -54.78 -37.46 -42.60
CA VAL K 71 -54.21 -36.59 -41.57
C VAL K 71 -53.12 -35.75 -42.19
N ILE K 72 -52.92 -34.56 -41.63
CA ILE K 72 -51.81 -33.68 -41.98
C ILE K 72 -51.14 -33.21 -40.70
N TRP K 73 -49.81 -33.24 -40.69
CA TRP K 73 -49.02 -32.95 -39.51
C TRP K 73 -48.93 -31.44 -39.29
N ALA K 74 -48.41 -31.06 -38.12
CA ALA K 74 -48.23 -29.64 -37.80
C ALA K 74 -47.06 -29.03 -38.57
N GLY K 75 -46.11 -29.86 -38.99
CA GLY K 75 -44.95 -29.37 -39.71
C GLY K 75 -45.19 -29.20 -41.20
N GLY K 76 -46.02 -30.06 -41.77
CA GLY K 76 -46.32 -29.97 -43.19
C GLY K 76 -46.44 -31.30 -43.91
N SER K 77 -46.20 -32.40 -43.21
CA SER K 77 -46.37 -33.72 -43.79
C SER K 77 -47.83 -34.13 -43.74
N THR K 78 -48.24 -34.92 -44.73
CA THR K 78 -49.61 -35.36 -44.87
C THR K 78 -49.67 -36.79 -45.38
N ASN K 79 -50.63 -37.56 -44.89
CA ASN K 79 -50.87 -38.93 -45.33
C ASN K 79 -52.37 -39.19 -45.37
N TYR K 80 -52.76 -40.27 -46.02
CA TYR K 80 -54.16 -40.62 -46.18
C TYR K 80 -54.35 -42.11 -45.89
N ASN K 81 -55.59 -42.56 -46.02
CA ASN K 81 -55.91 -43.98 -45.85
C ASN K 81 -55.47 -44.76 -47.08
N SER K 82 -55.32 -46.07 -46.90
CA SER K 82 -54.79 -46.91 -47.97
C SER K 82 -55.81 -47.21 -49.06
N ALA K 83 -57.10 -46.97 -48.79
CA ALA K 83 -58.13 -47.31 -49.77
C ALA K 83 -58.32 -46.23 -50.82
N LEU K 84 -58.30 -44.96 -50.43
CA LEU K 84 -58.59 -43.84 -51.32
C LEU K 84 -57.56 -42.73 -51.17
N MET K 85 -56.28 -43.11 -51.21
CA MET K 85 -55.20 -42.12 -51.06
C MET K 85 -55.10 -41.21 -52.27
N SER K 86 -55.51 -41.68 -53.44
CA SER K 86 -55.46 -40.90 -54.67
C SER K 86 -56.68 -40.02 -54.87
N ARG K 87 -57.56 -39.92 -53.86
CA ARG K 87 -58.78 -39.12 -53.98
C ARG K 87 -58.90 -38.05 -52.91
N VAL K 88 -58.09 -38.10 -51.86
CA VAL K 88 -58.21 -37.17 -50.73
C VAL K 88 -56.98 -36.27 -50.71
N SER K 89 -57.19 -35.00 -50.36
CA SER K 89 -56.11 -34.04 -50.19
C SER K 89 -56.48 -33.09 -49.07
N ILE K 90 -55.46 -32.51 -48.44
CA ILE K 90 -55.64 -31.66 -47.26
C ILE K 90 -54.79 -30.42 -47.39
N SER K 91 -55.37 -29.27 -47.01
CA SER K 91 -54.63 -28.03 -46.85
C SER K 91 -55.15 -27.32 -45.59
N LYS K 92 -54.41 -26.31 -45.15
CA LYS K 92 -54.76 -25.64 -43.90
C LYS K 92 -54.51 -24.14 -44.04
N ASP K 93 -55.29 -23.39 -43.25
CA ASP K 93 -55.11 -21.94 -43.13
C ASP K 93 -54.97 -21.65 -41.64
N ASN K 94 -53.73 -21.41 -41.21
CA ASN K 94 -53.45 -21.21 -39.80
C ASN K 94 -53.85 -19.83 -39.31
N SER K 95 -54.05 -18.88 -40.24
CA SER K 95 -54.48 -17.54 -39.84
C SER K 95 -55.94 -17.55 -39.38
N LYS K 96 -56.80 -18.28 -40.09
CA LYS K 96 -58.19 -18.41 -39.70
C LYS K 96 -58.48 -19.69 -38.92
N SER K 97 -57.46 -20.52 -38.69
CA SER K 97 -57.57 -21.82 -38.00
C SER K 97 -58.59 -22.73 -38.68
N GLN K 98 -58.42 -22.91 -39.99
CA GLN K 98 -59.36 -23.68 -40.79
C GLN K 98 -58.62 -24.77 -41.57
N VAL K 99 -59.37 -25.79 -41.95
CA VAL K 99 -58.83 -26.93 -42.70
C VAL K 99 -59.69 -27.13 -43.95
N PHE K 100 -59.05 -27.27 -45.10
CA PHE K 100 -59.73 -27.52 -46.36
C PHE K 100 -59.42 -28.94 -46.83
N LEU K 101 -60.44 -29.79 -46.84
CA LEU K 101 -60.30 -31.17 -47.26
C LEU K 101 -60.97 -31.35 -48.62
N LYS K 102 -60.18 -31.75 -49.62
CA LYS K 102 -60.67 -31.93 -50.98
C LYS K 102 -60.83 -33.41 -51.25
N MET K 103 -62.01 -33.80 -51.75
CA MET K 103 -62.30 -35.18 -52.09
C MET K 103 -62.94 -35.21 -53.46
N ASN K 104 -62.28 -35.85 -54.41
CA ASN K 104 -62.77 -35.97 -55.78
C ASN K 104 -63.19 -37.42 -56.03
N SER K 105 -63.75 -37.65 -57.23
CA SER K 105 -64.24 -38.96 -57.68
C SER K 105 -65.27 -39.53 -56.72
N LEU K 106 -66.22 -38.70 -56.33
CA LEU K 106 -67.25 -39.14 -55.39
C LEU K 106 -68.26 -40.04 -56.09
N GLN K 107 -68.63 -41.12 -55.42
CA GLN K 107 -69.55 -42.11 -55.96
C GLN K 107 -70.91 -41.96 -55.29
N THR K 108 -71.82 -42.89 -55.62
CA THR K 108 -73.17 -42.85 -55.08
C THR K 108 -73.23 -43.24 -53.61
N ASP K 109 -72.21 -43.92 -53.09
CA ASP K 109 -72.15 -44.29 -51.68
C ASP K 109 -71.45 -43.24 -50.83
N ASP K 110 -71.42 -41.98 -51.25
CA ASP K 110 -70.74 -40.91 -50.54
C ASP K 110 -71.71 -40.04 -49.75
N THR K 111 -72.92 -40.54 -49.50
CA THR K 111 -73.91 -39.83 -48.69
C THR K 111 -73.64 -40.15 -47.22
N VAL K 112 -72.69 -39.42 -46.63
CA VAL K 112 -72.19 -39.70 -45.29
C VAL K 112 -71.82 -38.39 -44.61
N MET K 113 -71.42 -38.48 -43.35
CA MET K 113 -70.97 -37.32 -42.60
C MET K 113 -69.45 -37.25 -42.61
N TYR K 114 -68.92 -36.04 -42.45
CA TYR K 114 -67.47 -35.81 -42.42
C TYR K 114 -67.14 -34.93 -41.23
N TYR K 115 -66.02 -35.22 -40.56
CA TYR K 115 -65.61 -34.49 -39.38
C TYR K 115 -64.09 -34.33 -39.36
N CYS K 116 -63.63 -33.29 -38.66
CA CYS K 116 -62.21 -33.03 -38.47
C CYS K 116 -61.90 -32.95 -36.99
N ALA K 117 -60.64 -33.26 -36.65
CA ALA K 117 -60.22 -33.30 -35.26
C ALA K 117 -58.75 -32.94 -35.16
N ARG K 118 -58.32 -32.58 -33.96
CA ARG K 118 -56.91 -32.34 -33.67
C ARG K 118 -56.29 -33.58 -33.04
N GLU K 119 -54.97 -33.67 -33.12
CA GLU K 119 -54.22 -34.80 -32.59
C GLU K 119 -53.33 -34.34 -31.44
N ASP K 120 -52.99 -35.28 -30.56
CA ASP K 120 -52.14 -34.99 -29.42
C ASP K 120 -51.45 -36.27 -28.96
N TYR K 121 -50.42 -36.11 -28.15
CA TYR K 121 -49.63 -37.22 -27.63
C TYR K 121 -49.66 -37.16 -26.10
N ASP K 122 -50.31 -38.15 -25.49
CA ASP K 122 -50.40 -38.27 -24.04
C ASP K 122 -50.05 -39.70 -23.63
N TYR K 123 -48.91 -40.17 -24.15
CA TYR K 123 -48.37 -41.54 -24.21
C TYR K 123 -49.16 -42.40 -25.18
N ASP K 124 -50.07 -41.82 -25.95
CA ASP K 124 -50.78 -42.49 -27.04
C ASP K 124 -51.31 -41.41 -27.97
N TRP K 125 -51.35 -41.74 -29.26
CA TRP K 125 -51.86 -40.80 -30.25
C TRP K 125 -53.36 -40.66 -30.09
N HIS K 126 -53.80 -39.53 -29.53
CA HIS K 126 -55.19 -39.34 -29.14
C HIS K 126 -55.79 -38.19 -29.92
N PHE K 127 -57.08 -38.30 -30.23
CA PHE K 127 -57.85 -37.25 -30.88
C PHE K 127 -58.53 -36.45 -29.78
N ASP K 128 -57.99 -35.27 -29.48
CA ASP K 128 -58.43 -34.50 -28.33
C ASP K 128 -59.77 -33.81 -28.58
N VAL K 129 -59.81 -32.89 -29.55
CA VAL K 129 -60.99 -32.09 -29.83
C VAL K 129 -61.44 -32.36 -31.26
N TRP K 130 -62.69 -32.77 -31.41
CA TRP K 130 -63.25 -33.14 -32.72
C TRP K 130 -64.31 -32.13 -33.12
N GLY K 131 -64.96 -32.39 -34.25
CA GLY K 131 -65.96 -31.48 -34.78
C GLY K 131 -67.35 -32.08 -34.87
N ALA K 132 -68.33 -31.25 -35.23
CA ALA K 132 -69.70 -31.73 -35.35
C ALA K 132 -69.88 -32.57 -36.61
N GLY K 133 -69.20 -32.19 -37.70
CA GLY K 133 -69.30 -32.92 -38.94
C GLY K 133 -70.49 -32.52 -39.77
N THR K 134 -70.31 -32.39 -41.08
CA THR K 134 -71.38 -32.03 -42.00
C THR K 134 -71.74 -33.23 -42.86
N THR K 135 -73.01 -33.30 -43.23
CA THR K 135 -73.53 -34.38 -44.06
C THR K 135 -73.43 -33.99 -45.52
N VAL K 136 -73.09 -34.95 -46.37
CA VAL K 136 -72.98 -34.75 -47.80
C VAL K 136 -73.70 -35.89 -48.49
N THR K 137 -74.63 -35.56 -49.38
CA THR K 137 -75.36 -36.54 -50.18
C THR K 137 -74.95 -36.37 -51.64
N VAL K 138 -74.27 -37.37 -52.17
CA VAL K 138 -73.77 -37.33 -53.54
C VAL K 138 -74.80 -37.98 -54.44
N SER K 139 -75.53 -37.16 -55.19
CA SER K 139 -76.56 -37.67 -56.09
C SER K 139 -76.76 -36.67 -57.22
N SER K 140 -77.17 -37.19 -58.38
CA SER K 140 -77.41 -36.38 -59.56
C SER K 140 -78.85 -35.90 -59.68
N ALA K 141 -79.60 -35.95 -58.59
CA ALA K 141 -80.99 -35.51 -58.60
C ALA K 141 -81.08 -33.99 -58.63
N LYS K 142 -82.19 -33.49 -59.15
CA LYS K 142 -82.43 -32.06 -59.26
C LYS K 142 -83.13 -31.54 -58.01
N THR K 143 -82.88 -30.27 -57.70
CA THR K 143 -83.48 -29.65 -56.52
C THR K 143 -84.86 -29.10 -56.85
N THR K 144 -85.83 -29.41 -55.99
CA THR K 144 -87.20 -28.97 -56.16
C THR K 144 -87.79 -28.56 -54.82
N PRO K 145 -88.85 -27.74 -54.83
CA PRO K 145 -89.48 -27.33 -53.57
C PRO K 145 -90.36 -28.44 -53.02
N PRO K 146 -90.58 -28.47 -51.72
CA PRO K 146 -91.40 -29.53 -51.11
C PRO K 146 -92.89 -29.22 -51.25
N SER K 147 -93.70 -30.19 -50.84
CA SER K 147 -95.15 -30.05 -50.83
C SER K 147 -95.66 -30.35 -49.43
N VAL K 148 -96.39 -29.40 -48.85
CA VAL K 148 -96.86 -29.49 -47.48
C VAL K 148 -98.33 -29.89 -47.50
N TYR K 149 -98.66 -30.97 -46.80
CA TYR K 149 -100.03 -31.45 -46.67
C TYR K 149 -100.42 -31.55 -45.21
N PRO K 150 -101.66 -31.24 -44.86
CA PRO K 150 -102.08 -31.33 -43.46
C PRO K 150 -102.50 -32.75 -43.09
N LEU K 151 -102.57 -33.00 -41.79
CA LEU K 151 -102.97 -34.30 -41.26
C LEU K 151 -103.68 -34.07 -39.93
N ALA K 152 -105.00 -34.10 -39.97
CA ALA K 152 -105.82 -33.96 -38.78
C ALA K 152 -106.29 -35.31 -38.28
N PRO K 153 -106.96 -35.36 -37.13
CA PRO K 153 -107.45 -36.66 -36.63
C PRO K 153 -108.68 -37.16 -37.35
N GLY K 154 -109.36 -36.32 -38.12
CA GLY K 154 -110.57 -36.73 -38.82
C GLY K 154 -111.82 -36.52 -37.99
N SER K 155 -111.98 -37.33 -36.95
CA SER K 155 -113.12 -37.19 -36.05
C SER K 155 -112.83 -36.13 -35.00
N ALA K 156 -113.84 -35.34 -34.65
CA ALA K 156 -113.71 -34.27 -33.67
C ALA K 156 -114.05 -34.73 -32.26
N ALA K 157 -113.96 -36.03 -31.98
CA ALA K 157 -114.26 -36.53 -30.64
C ALA K 157 -113.10 -36.21 -29.70
N GLN K 158 -113.37 -35.37 -28.71
CA GLN K 158 -112.35 -34.96 -27.74
C GLN K 158 -112.16 -36.09 -26.74
N THR K 159 -111.23 -37.00 -27.06
CA THR K 159 -110.93 -38.10 -26.15
C THR K 159 -110.09 -37.64 -24.98
N ASN K 160 -109.31 -36.59 -25.16
CA ASN K 160 -108.48 -36.03 -24.10
C ASN K 160 -108.41 -34.51 -24.29
N SER K 161 -107.72 -33.85 -23.36
CA SER K 161 -107.58 -32.40 -23.43
C SER K 161 -106.55 -31.96 -24.45
N MET K 162 -105.69 -32.86 -24.92
CA MET K 162 -104.65 -32.54 -25.88
C MET K 162 -104.95 -33.21 -27.21
N VAL K 163 -104.98 -32.42 -28.28
CA VAL K 163 -105.23 -32.93 -29.62
C VAL K 163 -103.97 -32.74 -30.45
N THR K 164 -103.67 -33.75 -31.27
CA THR K 164 -102.45 -33.77 -32.07
C THR K 164 -102.77 -33.53 -33.53
N LEU K 165 -101.91 -32.74 -34.18
CA LEU K 165 -101.99 -32.45 -35.60
C LEU K 165 -100.65 -32.76 -36.24
N GLY K 166 -100.64 -32.86 -37.57
CA GLY K 166 -99.41 -33.19 -38.27
C GLY K 166 -99.32 -32.50 -39.61
N CYS K 167 -98.08 -32.37 -40.08
CA CYS K 167 -97.79 -31.79 -41.39
C CYS K 167 -96.80 -32.71 -42.11
N LEU K 168 -97.15 -33.10 -43.33
CA LEU K 168 -96.32 -33.99 -44.13
C LEU K 168 -95.68 -33.18 -45.26
N VAL K 169 -94.36 -33.10 -45.24
CA VAL K 169 -93.58 -32.46 -46.30
C VAL K 169 -93.08 -33.57 -47.20
N LYS K 170 -93.68 -33.69 -48.37
CA LYS K 170 -93.35 -34.74 -49.33
C LYS K 170 -92.82 -34.12 -50.61
N GLY K 171 -91.83 -34.79 -51.21
CA GLY K 171 -91.28 -34.36 -52.48
C GLY K 171 -90.31 -33.21 -52.35
N TYR K 172 -89.26 -33.41 -51.56
CA TYR K 172 -88.24 -32.39 -51.34
C TYR K 172 -86.89 -32.90 -51.82
N PHE K 173 -86.05 -31.97 -52.27
CA PHE K 173 -84.71 -32.31 -52.74
C PHE K 173 -83.80 -31.10 -52.60
N PRO K 174 -82.70 -31.20 -51.82
CA PRO K 174 -82.31 -32.36 -51.02
C PRO K 174 -82.63 -32.19 -49.55
N GLU K 175 -82.22 -33.17 -48.74
CA GLU K 175 -82.43 -33.09 -47.30
C GLU K 175 -81.42 -32.12 -46.67
N PRO K 176 -81.81 -31.43 -45.59
CA PRO K 176 -83.08 -31.38 -44.86
C PRO K 176 -83.79 -30.04 -44.97
N VAL K 177 -84.95 -29.93 -44.33
CA VAL K 177 -85.71 -28.69 -44.27
C VAL K 177 -85.96 -28.37 -42.80
N THR K 178 -86.37 -27.13 -42.55
CA THR K 178 -86.68 -26.65 -41.21
C THR K 178 -88.19 -26.50 -41.10
N VAL K 179 -88.82 -27.31 -40.26
CA VAL K 179 -90.26 -27.31 -40.07
C VAL K 179 -90.56 -26.79 -38.67
N THR K 180 -91.25 -25.67 -38.59
CA THR K 180 -91.61 -25.05 -37.32
C THR K 180 -93.12 -24.83 -37.27
N TRP K 181 -93.62 -24.54 -36.07
CA TRP K 181 -95.04 -24.31 -35.84
C TRP K 181 -95.25 -22.88 -35.37
N ASN K 182 -95.84 -22.06 -36.25
CA ASN K 182 -96.16 -20.65 -36.00
C ASN K 182 -94.91 -19.83 -35.65
N SER K 183 -93.85 -20.05 -36.45
CA SER K 183 -92.56 -19.37 -36.33
C SER K 183 -91.94 -19.55 -34.95
N GLY K 184 -92.06 -20.76 -34.40
CA GLY K 184 -91.49 -21.08 -33.11
C GLY K 184 -92.31 -20.66 -31.91
N SER K 185 -93.58 -20.32 -32.10
CA SER K 185 -94.43 -19.93 -30.98
C SER K 185 -95.02 -21.15 -30.26
N LEU K 186 -95.36 -22.19 -31.01
CA LEU K 186 -95.92 -23.42 -30.45
C LEU K 186 -94.80 -24.43 -30.27
N SER K 187 -94.51 -24.80 -29.02
CA SER K 187 -93.43 -25.73 -28.71
C SER K 187 -93.84 -26.78 -27.68
N SER K 188 -95.13 -26.95 -27.42
CA SER K 188 -95.60 -27.92 -26.46
C SER K 188 -95.94 -29.22 -27.19
N GLY K 189 -95.25 -30.30 -26.86
CA GLY K 189 -95.52 -31.59 -27.45
C GLY K 189 -95.13 -31.71 -28.91
N VAL K 190 -94.14 -30.95 -29.36
CA VAL K 190 -93.71 -30.98 -30.75
C VAL K 190 -92.86 -32.23 -30.96
N HIS K 191 -93.30 -33.10 -31.86
CA HIS K 191 -92.61 -34.36 -32.17
C HIS K 191 -92.33 -34.38 -33.67
N THR K 192 -91.20 -33.80 -34.06
CA THR K 192 -90.79 -33.80 -35.46
C THR K 192 -90.05 -35.09 -35.78
N PHE K 193 -90.54 -35.82 -36.78
CA PHE K 193 -89.89 -37.07 -37.12
C PHE K 193 -88.86 -36.86 -38.24
N PRO K 194 -87.91 -37.78 -38.38
CA PRO K 194 -86.89 -37.62 -39.42
C PRO K 194 -87.44 -37.95 -40.80
N ALA K 195 -86.78 -37.43 -41.82
CA ALA K 195 -87.19 -37.64 -43.20
C ALA K 195 -86.65 -38.96 -43.73
N VAL K 196 -87.30 -39.46 -44.77
CA VAL K 196 -86.90 -40.67 -45.46
C VAL K 196 -86.80 -40.37 -46.95
N LEU K 197 -86.15 -41.27 -47.69
CA LEU K 197 -85.92 -41.10 -49.11
C LEU K 197 -86.69 -42.16 -49.89
N GLN K 198 -87.37 -41.72 -50.94
CA GLN K 198 -88.15 -42.60 -51.80
C GLN K 198 -88.24 -41.97 -53.17
N SER K 199 -87.72 -42.68 -54.18
CA SER K 199 -87.68 -42.24 -55.59
C SER K 199 -86.99 -40.89 -55.73
N ASP K 200 -85.87 -40.74 -55.01
CA ASP K 200 -85.12 -39.49 -54.87
C ASP K 200 -85.99 -38.33 -54.38
N LEU K 201 -86.92 -38.63 -53.46
CA LEU K 201 -87.81 -37.62 -52.90
C LEU K 201 -87.78 -37.75 -51.38
N TYR K 202 -87.74 -36.60 -50.70
CA TYR K 202 -87.71 -36.57 -49.24
C TYR K 202 -89.13 -36.52 -48.70
N THR K 203 -89.40 -37.34 -47.68
CA THR K 203 -90.69 -37.39 -47.03
C THR K 203 -90.49 -37.26 -45.53
N LEU K 204 -91.03 -36.19 -44.94
CA LEU K 204 -90.90 -35.92 -43.52
C LEU K 204 -92.27 -35.64 -42.94
N SER K 205 -92.41 -35.91 -41.64
CA SER K 205 -93.65 -35.67 -40.93
C SER K 205 -93.36 -34.98 -39.61
N SER K 206 -94.09 -33.91 -39.33
CA SER K 206 -93.97 -33.18 -38.08
C SER K 206 -95.29 -33.28 -37.32
N SER K 207 -95.22 -33.38 -36.00
CA SER K 207 -96.40 -33.56 -35.17
C SER K 207 -96.37 -32.54 -34.03
N VAL K 208 -97.54 -31.98 -33.75
CA VAL K 208 -97.71 -31.01 -32.67
C VAL K 208 -98.89 -31.43 -31.81
N THR K 209 -98.83 -31.08 -30.53
CA THR K 209 -99.87 -31.42 -29.56
C THR K 209 -100.35 -30.15 -28.89
N VAL K 210 -101.53 -29.66 -29.31
CA VAL K 210 -102.08 -28.42 -28.79
C VAL K 210 -103.27 -28.74 -27.89
N PRO K 211 -103.88 -27.76 -27.24
CA PRO K 211 -105.06 -28.05 -26.41
C PRO K 211 -106.30 -28.25 -27.25
N SER K 212 -107.31 -28.87 -26.63
CA SER K 212 -108.56 -29.14 -27.33
C SER K 212 -109.40 -27.88 -27.52
N SER K 213 -109.28 -26.91 -26.61
CA SER K 213 -110.02 -25.66 -26.71
C SER K 213 -109.30 -24.62 -27.56
N THR K 214 -107.99 -24.78 -27.79
CA THR K 214 -107.27 -23.83 -28.61
C THR K 214 -107.58 -24.02 -30.09
N TRP K 215 -107.86 -25.26 -30.49
CA TRP K 215 -108.20 -25.54 -31.88
C TRP K 215 -109.71 -25.76 -32.01
N PRO K 216 -110.37 -25.17 -33.01
CA PRO K 216 -109.79 -24.29 -34.05
C PRO K 216 -109.95 -22.81 -33.71
N SER K 217 -109.92 -22.49 -32.42
CA SER K 217 -110.04 -21.10 -32.00
C SER K 217 -108.77 -20.31 -32.27
N GLU K 218 -107.62 -20.98 -32.27
CA GLU K 218 -106.33 -20.35 -32.54
C GLU K 218 -105.76 -20.90 -33.83
N THR K 219 -105.12 -20.03 -34.61
CA THR K 219 -104.55 -20.43 -35.90
C THR K 219 -103.23 -21.14 -35.68
N VAL K 220 -103.15 -22.40 -36.12
CA VAL K 220 -101.93 -23.19 -36.05
C VAL K 220 -101.39 -23.32 -37.48
N THR K 221 -100.28 -22.67 -37.75
CA THR K 221 -99.69 -22.64 -39.08
C THR K 221 -98.29 -23.24 -39.03
N CYS K 222 -98.04 -24.22 -39.90
CA CYS K 222 -96.72 -24.83 -40.00
C CYS K 222 -95.93 -24.16 -41.12
N ASN K 223 -94.69 -23.80 -40.81
CA ASN K 223 -93.79 -23.13 -41.75
C ASN K 223 -92.65 -24.08 -42.07
N VAL K 224 -92.48 -24.38 -43.36
CA VAL K 224 -91.44 -25.28 -43.84
C VAL K 224 -90.49 -24.46 -44.72
N ALA K 225 -89.22 -24.43 -44.34
CA ALA K 225 -88.19 -23.74 -45.10
C ALA K 225 -87.23 -24.77 -45.67
N HIS K 226 -87.22 -24.89 -46.99
CA HIS K 226 -86.31 -25.79 -47.68
C HIS K 226 -85.08 -24.99 -48.10
N PRO K 227 -83.91 -25.23 -47.52
CA PRO K 227 -82.73 -24.43 -47.89
C PRO K 227 -82.08 -24.86 -49.19
N ALA K 228 -82.46 -26.01 -49.75
CA ALA K 228 -81.92 -26.43 -51.04
C ALA K 228 -82.49 -25.57 -52.17
N SER K 229 -83.78 -25.27 -52.11
CA SER K 229 -84.41 -24.34 -53.03
C SER K 229 -84.82 -23.04 -52.35
N SER K 230 -84.58 -22.92 -51.04
CA SER K 230 -84.93 -21.76 -50.20
C SER K 230 -86.43 -21.44 -50.28
N THR K 231 -87.25 -22.48 -50.28
CA THR K 231 -88.70 -22.33 -50.43
C THR K 231 -89.34 -22.27 -49.04
N LYS K 232 -90.09 -21.19 -48.79
CA LYS K 232 -90.79 -21.00 -47.52
C LYS K 232 -92.28 -21.20 -47.77
N VAL K 233 -92.84 -22.26 -47.19
CA VAL K 233 -94.24 -22.62 -47.40
C VAL K 233 -94.94 -22.58 -46.04
N ASP K 234 -96.03 -21.83 -45.98
CA ASP K 234 -96.85 -21.74 -44.77
C ASP K 234 -98.17 -22.47 -45.03
N LYS K 235 -98.55 -23.33 -44.08
CA LYS K 235 -99.79 -24.11 -44.18
C LYS K 235 -100.56 -23.94 -42.88
N LYS K 236 -101.68 -23.23 -42.94
CA LYS K 236 -102.50 -23.00 -41.76
C LYS K 236 -103.29 -24.24 -41.38
N GLU L 1 -41.60 64.70 0.90
CA GLU L 1 -42.99 64.31 1.00
C GLU L 1 -43.76 64.72 -0.26
N VAL L 2 -45.07 64.49 -0.24
CA VAL L 2 -45.92 64.87 -1.37
C VAL L 2 -46.14 66.37 -1.35
N LYS L 3 -45.89 67.01 -2.49
CA LYS L 3 -46.02 68.46 -2.59
C LYS L 3 -46.63 68.82 -3.94
N LEU L 4 -47.65 69.67 -3.92
CA LEU L 4 -48.30 70.16 -5.13
C LEU L 4 -48.39 71.67 -5.07
N LEU L 5 -48.03 72.33 -6.17
CA LEU L 5 -48.01 73.79 -6.23
C LEU L 5 -48.73 74.25 -7.48
N GLU L 6 -49.78 75.04 -7.30
CA GLU L 6 -50.54 75.61 -8.40
C GLU L 6 -50.04 77.00 -8.73
N SER L 7 -50.12 77.35 -10.02
CA SER L 7 -49.66 78.64 -10.50
C SER L 7 -50.46 79.03 -11.72
N GLY L 8 -50.40 80.32 -12.04
CA GLY L 8 -51.14 80.88 -13.16
C GLY L 8 -52.44 81.57 -12.79
N GLY L 9 -52.79 81.60 -11.50
CA GLY L 9 -54.03 82.22 -11.06
C GLY L 9 -53.91 83.73 -10.97
N GLY L 10 -55.02 84.35 -10.57
CA GLY L 10 -55.08 85.79 -10.45
C GLY L 10 -56.34 86.38 -11.05
N LEU L 11 -56.17 87.29 -12.01
CA LEU L 11 -57.28 87.97 -12.66
C LEU L 11 -57.28 87.67 -14.15
N VAL L 12 -58.47 87.63 -14.74
CA VAL L 12 -58.63 87.36 -16.16
C VAL L 12 -59.86 88.12 -16.66
N GLN L 13 -59.81 88.55 -17.92
CA GLN L 13 -60.93 89.28 -18.49
C GLN L 13 -62.05 88.32 -18.89
N PRO L 14 -63.29 88.80 -18.96
CA PRO L 14 -64.42 87.93 -19.33
C PRO L 14 -64.41 87.66 -20.83
N GLY L 15 -64.52 86.38 -21.19
CA GLY L 15 -64.55 85.97 -22.58
C GLY L 15 -63.22 85.49 -23.13
N GLY L 16 -62.13 85.69 -22.40
CA GLY L 16 -60.83 85.26 -22.83
C GLY L 16 -60.53 83.82 -22.43
N SER L 17 -59.24 83.49 -22.44
CA SER L 17 -58.77 82.16 -22.08
C SER L 17 -57.88 82.25 -20.86
N LEU L 18 -57.72 81.12 -20.18
CA LEU L 18 -56.90 81.04 -18.98
C LEU L 18 -56.28 79.65 -18.88
N LYS L 19 -55.01 79.62 -18.47
CA LYS L 19 -54.28 78.37 -18.33
C LYS L 19 -53.64 78.34 -16.95
N LEU L 20 -54.00 77.34 -16.16
CA LEU L 20 -53.44 77.15 -14.82
C LEU L 20 -52.60 75.88 -14.79
N SER L 21 -51.41 75.98 -14.22
CA SER L 21 -50.50 74.85 -14.12
C SER L 21 -50.43 74.36 -12.68
N CYS L 22 -50.10 73.09 -12.51
CA CYS L 22 -49.98 72.47 -11.20
C CYS L 22 -48.79 71.51 -11.23
N ALA L 23 -47.70 71.90 -10.59
CA ALA L 23 -46.51 71.06 -10.54
C ALA L 23 -46.53 70.17 -9.31
N ALA L 24 -46.02 68.96 -9.47
CA ALA L 24 -45.94 67.98 -8.40
C ALA L 24 -44.49 67.63 -8.11
N SER L 25 -44.22 67.29 -6.85
CA SER L 25 -42.89 66.91 -6.43
C SER L 25 -42.99 65.97 -5.24
N GLY L 26 -42.12 64.97 -5.20
CA GLY L 26 -42.12 63.99 -4.14
C GLY L 26 -42.84 62.70 -4.44
N PHE L 27 -43.47 62.59 -5.61
CA PHE L 27 -44.20 61.39 -5.99
C PHE L 27 -44.12 61.24 -7.50
N ASP L 28 -44.68 60.14 -8.01
CA ASP L 28 -44.66 59.84 -9.44
C ASP L 28 -46.02 60.22 -10.02
N PHE L 29 -46.04 61.25 -10.87
CA PHE L 29 -47.28 61.67 -11.52
C PHE L 29 -47.65 60.77 -12.71
N SER L 30 -46.72 59.93 -13.17
CA SER L 30 -46.96 59.06 -14.31
C SER L 30 -47.73 57.80 -13.96
N GLU L 31 -48.08 57.60 -12.70
CA GLU L 31 -48.85 56.43 -12.29
C GLU L 31 -50.07 56.85 -11.49
N TYR L 32 -49.97 57.99 -10.80
CA TYR L 32 -51.05 58.48 -9.95
C TYR L 32 -51.97 59.41 -10.73
N TRP L 33 -53.27 59.22 -10.56
CA TRP L 33 -54.25 60.06 -11.22
C TRP L 33 -54.34 61.42 -10.54
N MET L 34 -54.83 62.41 -11.28
CA MET L 34 -54.98 63.77 -10.77
C MET L 34 -56.44 64.19 -10.86
N SER L 35 -56.80 65.19 -10.08
CA SER L 35 -58.16 65.71 -10.09
C SER L 35 -58.12 67.22 -9.89
N TRP L 36 -59.17 67.89 -10.34
CA TRP L 36 -59.34 69.33 -10.17
C TRP L 36 -60.74 69.59 -9.64
N VAL L 37 -60.83 70.43 -8.61
CA VAL L 37 -62.10 70.74 -7.97
C VAL L 37 -62.16 72.24 -7.69
N ARG L 38 -63.30 72.85 -7.98
CA ARG L 38 -63.50 74.27 -7.76
C ARG L 38 -64.24 74.50 -6.45
N GLN L 39 -64.12 75.72 -5.94
CA GLN L 39 -64.80 76.11 -4.72
C GLN L 39 -65.16 77.58 -4.80
N ALA L 40 -66.46 77.88 -4.69
CA ALA L 40 -66.90 79.26 -4.72
C ALA L 40 -66.59 79.94 -3.40
N PRO L 41 -66.54 81.28 -3.39
CA PRO L 41 -66.25 82.00 -2.14
C PRO L 41 -67.45 81.98 -1.20
N GLY L 42 -67.28 81.34 -0.05
CA GLY L 42 -68.34 81.21 0.92
C GLY L 42 -69.28 80.05 0.70
N LYS L 43 -69.11 79.30 -0.38
CA LYS L 43 -69.95 78.15 -0.69
C LYS L 43 -69.12 76.87 -0.60
N GLY L 44 -69.77 75.74 -0.88
CA GLY L 44 -69.11 74.46 -0.84
C GLY L 44 -68.25 74.22 -2.07
N LEU L 45 -67.52 73.11 -2.03
CA LEU L 45 -66.64 72.76 -3.14
C LEU L 45 -67.44 72.14 -4.28
N GLU L 46 -66.79 72.03 -5.43
CA GLU L 46 -67.40 71.44 -6.61
C GLU L 46 -66.32 70.81 -7.47
N TRP L 47 -66.44 69.50 -7.70
CA TRP L 47 -65.44 68.77 -8.46
C TRP L 47 -65.54 69.12 -9.95
N ILE L 48 -64.46 69.66 -10.50
CA ILE L 48 -64.44 70.05 -11.90
C ILE L 48 -64.22 68.81 -12.76
N GLY L 49 -63.25 67.98 -12.40
CA GLY L 49 -63.02 66.77 -13.17
C GLY L 49 -61.84 65.99 -12.62
N GLU L 50 -61.52 64.91 -13.34
CA GLU L 50 -60.39 64.06 -13.01
C GLU L 50 -59.74 63.58 -14.30
N ILE L 51 -58.47 63.23 -14.21
CA ILE L 51 -57.70 62.78 -15.36
C ILE L 51 -56.72 61.71 -14.90
N ASN L 52 -56.48 60.73 -15.77
CA ASN L 52 -55.61 59.60 -15.46
C ASN L 52 -54.16 59.93 -15.77
N PRO L 53 -53.25 58.98 -15.54
CA PRO L 53 -51.84 59.26 -15.81
C PRO L 53 -51.46 59.14 -17.28
N ASP L 54 -52.10 58.23 -18.01
CA ASP L 54 -51.77 57.98 -19.41
C ASP L 54 -52.45 58.93 -20.38
N SER L 55 -53.30 59.85 -19.88
CA SER L 55 -54.06 60.81 -20.69
C SER L 55 -54.94 60.12 -21.72
N SER L 56 -55.68 59.10 -21.25
CA SER L 56 -56.58 58.33 -22.11
C SER L 56 -58.05 58.56 -21.81
N SER L 57 -58.39 58.94 -20.57
CA SER L 57 -59.77 59.21 -20.19
C SER L 57 -59.78 60.35 -19.19
N ILE L 58 -60.32 61.49 -19.59
CA ILE L 58 -60.45 62.66 -18.72
C ILE L 58 -61.92 62.91 -18.50
N ASP L 59 -62.38 62.66 -17.28
CA ASP L 59 -63.78 62.81 -16.92
C ASP L 59 -64.02 64.18 -16.31
N TYR L 60 -65.24 64.69 -16.48
CA TYR L 60 -65.62 65.98 -15.93
C TYR L 60 -67.10 65.95 -15.56
N THR L 61 -67.57 67.08 -15.05
CA THR L 61 -68.98 67.21 -14.72
C THR L 61 -69.80 67.35 -16.01
N PRO L 62 -71.09 66.98 -16.00
CA PRO L 62 -71.88 67.09 -17.23
C PRO L 62 -72.37 68.49 -17.53
N SER L 63 -72.16 69.45 -16.63
CA SER L 63 -72.66 70.82 -16.81
C SER L 63 -71.55 71.83 -17.06
N LEU L 64 -70.30 71.40 -17.12
CA LEU L 64 -69.16 72.30 -17.35
C LEU L 64 -68.18 71.68 -18.33
N LYS L 65 -68.70 71.09 -19.41
CA LYS L 65 -67.85 70.39 -20.37
C LYS L 65 -67.36 71.29 -21.49
N ASP L 66 -68.12 72.32 -21.85
CA ASP L 66 -67.78 73.18 -22.97
C ASP L 66 -66.80 74.29 -22.62
N LYS L 67 -66.36 74.38 -21.37
CA LYS L 67 -65.47 75.45 -20.94
C LYS L 67 -64.29 74.98 -20.12
N ILE L 68 -64.03 73.68 -20.04
CA ILE L 68 -62.94 73.14 -19.24
C ILE L 68 -62.18 72.11 -20.07
N ILE L 69 -60.85 72.16 -20.00
CA ILE L 69 -59.99 71.19 -20.66
C ILE L 69 -58.88 70.80 -19.69
N ILE L 70 -58.68 69.50 -19.49
CA ILE L 70 -57.69 68.98 -18.56
C ILE L 70 -56.63 68.22 -19.33
N SER L 71 -55.36 68.54 -19.08
CA SER L 71 -54.24 67.83 -19.68
C SER L 71 -53.17 67.62 -18.61
N ARG L 72 -52.17 66.81 -18.94
CA ARG L 72 -51.11 66.53 -17.98
C ARG L 72 -49.82 66.25 -18.74
N ASP L 73 -48.70 66.34 -18.02
CA ASP L 73 -47.38 66.04 -18.57
C ASP L 73 -46.64 65.19 -17.54
N ASN L 74 -46.41 63.93 -17.87
CA ASN L 74 -45.71 63.02 -16.96
C ASN L 74 -44.21 63.25 -16.97
N ALA L 75 -43.68 63.79 -18.07
CA ALA L 75 -42.25 64.08 -18.12
C ALA L 75 -41.90 65.29 -17.25
N LYS L 76 -42.76 66.31 -17.24
CA LYS L 76 -42.61 67.44 -16.34
C LYS L 76 -43.41 67.28 -15.06
N LYS L 77 -44.29 66.26 -15.00
CA LYS L 77 -45.14 65.96 -13.85
C LYS L 77 -46.03 67.15 -13.46
N THR L 78 -46.61 67.80 -14.47
CA THR L 78 -47.39 69.01 -14.27
C THR L 78 -48.73 68.88 -14.98
N LEU L 79 -49.80 69.13 -14.24
CA LEU L 79 -51.13 69.15 -14.83
C LEU L 79 -51.48 70.56 -15.31
N TYR L 80 -52.38 70.62 -16.29
CA TYR L 80 -52.76 71.89 -16.90
C TYR L 80 -54.28 71.95 -17.06
N LEU L 81 -54.87 73.06 -16.66
CA LEU L 81 -56.30 73.31 -16.80
C LEU L 81 -56.50 74.52 -17.68
N GLN L 82 -57.30 74.37 -18.73
CA GLN L 82 -57.55 75.43 -19.70
C GLN L 82 -59.04 75.78 -19.66
N LEU L 83 -59.34 77.06 -19.44
CA LEU L 83 -60.71 77.56 -19.43
C LEU L 83 -60.87 78.58 -20.54
N SER L 84 -61.99 78.51 -21.25
CA SER L 84 -62.30 79.42 -22.33
C SER L 84 -63.69 80.01 -22.12
N LYS L 85 -63.83 81.30 -22.45
CA LYS L 85 -65.06 82.08 -22.31
C LYS L 85 -65.55 82.09 -20.87
N VAL L 86 -64.71 82.68 -20.01
CA VAL L 86 -65.01 82.74 -18.58
C VAL L 86 -66.16 83.69 -18.31
N ARG L 87 -66.94 83.38 -17.28
CA ARG L 87 -68.11 84.15 -16.89
C ARG L 87 -67.91 84.68 -15.47
N SER L 88 -68.98 85.26 -14.91
CA SER L 88 -68.91 85.79 -13.55
C SER L 88 -68.85 84.67 -12.52
N GLU L 89 -69.30 83.47 -12.87
CA GLU L 89 -69.22 82.32 -11.96
C GLU L 89 -67.83 81.70 -11.93
N ASP L 90 -66.92 82.13 -12.80
CA ASP L 90 -65.55 81.62 -12.84
C ASP L 90 -64.66 82.20 -11.76
N THR L 91 -65.13 83.21 -11.03
CA THR L 91 -64.36 83.80 -9.94
C THR L 91 -64.44 82.86 -8.74
N ALA L 92 -63.52 81.90 -8.68
CA ALA L 92 -63.55 80.88 -7.65
C ALA L 92 -62.13 80.39 -7.41
N LEU L 93 -61.97 79.54 -6.39
CA LEU L 93 -60.69 78.96 -6.06
C LEU L 93 -60.64 77.54 -6.60
N TYR L 94 -59.80 77.30 -7.59
CA TYR L 94 -59.56 75.96 -8.13
C TYR L 94 -58.48 75.28 -7.32
N TYR L 95 -58.54 73.95 -7.28
CA TYR L 95 -57.59 73.18 -6.51
C TYR L 95 -57.28 71.87 -7.23
N CYS L 96 -56.01 71.66 -7.53
CA CYS L 96 -55.54 70.39 -8.06
C CYS L 96 -55.19 69.47 -6.89
N ALA L 97 -55.52 68.19 -7.04
CA ALA L 97 -55.36 67.22 -5.97
C ALA L 97 -54.92 65.88 -6.55
N ARG L 98 -54.31 65.05 -5.70
CA ARG L 98 -53.91 63.68 -6.02
C ARG L 98 -55.12 62.76 -6.06
N PRO L 99 -54.95 61.47 -6.35
CA PRO L 99 -56.09 60.56 -6.37
C PRO L 99 -56.72 60.35 -5.00
N ARG L 100 -57.91 60.92 -4.80
CA ARG L 100 -58.59 60.83 -3.51
C ARG L 100 -59.64 59.74 -3.50
N GLY L 101 -60.21 59.41 -4.65
CA GLY L 101 -61.15 58.31 -4.74
C GLY L 101 -60.41 56.99 -4.81
N ASN L 102 -59.21 57.02 -5.37
CA ASN L 102 -58.41 55.81 -5.55
C ASN L 102 -57.75 55.35 -4.26
N TYR L 103 -56.89 56.19 -3.68
CA TYR L 103 -56.12 55.84 -2.49
C TYR L 103 -56.46 56.83 -1.38
N VAL L 104 -56.98 56.30 -0.26
CA VAL L 104 -57.32 57.15 0.87
C VAL L 104 -56.08 57.54 1.68
N VAL L 105 -55.03 56.73 1.65
CA VAL L 105 -53.82 57.06 2.40
C VAL L 105 -52.96 58.05 1.64
N MET L 106 -52.94 57.96 0.31
CA MET L 106 -52.20 58.88 -0.53
C MET L 106 -53.03 60.08 -0.97
N ASP L 107 -54.13 60.35 -0.29
CA ASP L 107 -54.99 61.49 -0.63
C ASP L 107 -54.34 62.78 -0.13
N TYR L 108 -54.06 63.68 -1.06
CA TYR L 108 -53.46 64.97 -0.72
C TYR L 108 -53.89 66.00 -1.75
N TRP L 109 -54.26 67.19 -1.28
CA TRP L 109 -54.76 68.25 -2.13
C TRP L 109 -53.77 69.41 -2.16
N GLY L 110 -53.54 69.95 -3.35
CA GLY L 110 -52.67 71.09 -3.51
C GLY L 110 -53.33 72.38 -3.06
N GLN L 111 -52.54 73.46 -3.14
CA GLN L 111 -53.00 74.76 -2.63
C GLN L 111 -54.07 75.39 -3.52
N GLY L 112 -53.99 75.20 -4.83
CA GLY L 112 -54.94 75.80 -5.74
C GLY L 112 -54.64 77.26 -6.03
N THR L 113 -55.44 77.83 -6.93
CA THR L 113 -55.29 79.22 -7.33
C THR L 113 -56.66 79.87 -7.45
N SER L 114 -56.70 81.17 -7.17
CA SER L 114 -57.94 81.94 -7.24
C SER L 114 -58.03 82.65 -8.58
N VAL L 115 -59.20 82.58 -9.21
CA VAL L 115 -59.45 83.21 -10.49
C VAL L 115 -60.60 84.20 -10.32
N THR L 116 -60.34 85.46 -10.60
CA THR L 116 -61.34 86.53 -10.49
C THR L 116 -61.58 87.11 -11.88
N VAL L 117 -62.83 87.08 -12.31
CA VAL L 117 -63.20 87.61 -13.62
C VAL L 117 -63.64 89.06 -13.50
N ASN L 135 -80.83 60.60 -3.12
CA ASN L 135 -80.11 61.82 -2.78
C ASN L 135 -79.54 61.74 -1.37
N ILE L 136 -78.26 62.09 -1.24
CA ILE L 136 -77.57 62.07 0.04
C ILE L 136 -77.38 63.50 0.50
N VAL L 137 -77.85 63.81 1.70
CA VAL L 137 -77.74 65.14 2.29
C VAL L 137 -76.87 65.03 3.53
N LEU L 138 -75.73 65.71 3.52
CA LEU L 138 -74.78 65.72 4.63
C LEU L 138 -74.95 67.01 5.41
N THR L 139 -75.40 66.90 6.66
CA THR L 139 -75.62 68.05 7.52
C THR L 139 -74.59 68.02 8.65
N GLN L 140 -73.91 69.15 8.86
CA GLN L 140 -72.93 69.28 9.91
C GLN L 140 -73.56 69.78 11.19
N SER L 141 -72.89 69.49 12.31
CA SER L 141 -73.40 69.89 13.62
C SER L 141 -72.25 70.15 14.58
N PRO L 142 -72.12 71.38 15.12
CA PRO L 142 -72.99 72.52 14.85
C PRO L 142 -72.48 73.39 13.70
N ALA L 143 -73.08 74.56 13.50
CA ALA L 143 -72.62 75.46 12.46
C ALA L 143 -71.37 76.22 12.89
N SER L 144 -71.32 76.64 14.15
CA SER L 144 -70.17 77.35 14.69
C SER L 144 -70.04 77.03 16.17
N LEU L 145 -68.79 76.86 16.61
CA LEU L 145 -68.52 76.53 18.00
C LEU L 145 -67.18 77.13 18.40
N ALA L 146 -67.06 77.44 19.69
CA ALA L 146 -65.84 78.03 20.24
C ALA L 146 -65.30 77.12 21.33
N VAL L 147 -64.09 76.61 21.12
CA VAL L 147 -63.43 75.71 22.05
C VAL L 147 -62.11 76.34 22.48
N SER L 148 -61.74 76.11 23.74
CA SER L 148 -60.50 76.66 24.27
C SER L 148 -59.32 75.82 23.81
N LEU L 149 -58.11 76.29 24.14
CA LEU L 149 -56.89 75.60 23.75
C LEU L 149 -56.66 74.38 24.65
N GLY L 150 -56.20 73.29 24.04
CA GLY L 150 -55.94 72.08 24.79
C GLY L 150 -57.16 71.26 25.16
N GLN L 151 -58.31 71.54 24.56
CA GLN L 151 -59.54 70.83 24.86
C GLN L 151 -59.83 69.80 23.78
N ARG L 152 -60.98 69.16 23.88
CA ARG L 152 -61.43 68.16 22.91
C ARG L 152 -62.78 68.58 22.36
N ALA L 153 -62.84 68.83 21.06
CA ALA L 153 -64.06 69.28 20.40
C ALA L 153 -64.67 68.12 19.62
N THR L 154 -65.99 68.15 19.46
CA THR L 154 -66.72 67.12 18.74
C THR L 154 -67.57 67.76 17.66
N ILE L 155 -67.51 67.20 16.45
CA ILE L 155 -68.29 67.68 15.32
C ILE L 155 -69.02 66.49 14.72
N SER L 156 -70.34 66.57 14.65
CA SER L 156 -71.17 65.48 14.15
C SER L 156 -71.59 65.77 12.70
N CYS L 157 -71.94 64.70 12.00
CA CYS L 157 -72.39 64.78 10.62
C CYS L 157 -73.46 63.73 10.39
N ARG L 158 -74.58 64.15 9.81
CA ARG L 158 -75.72 63.27 9.55
C ARG L 158 -75.91 63.12 8.05
N ALA L 159 -76.03 61.89 7.59
CA ALA L 159 -76.26 61.59 6.19
C ALA L 159 -77.70 61.15 5.97
N SER L 160 -78.28 61.59 4.87
CA SER L 160 -79.68 61.25 4.57
C SER L 160 -79.82 59.82 4.06
N GLU L 161 -78.83 59.33 3.31
CA GLU L 161 -78.84 57.97 2.78
C GLU L 161 -77.72 57.17 3.43
N SER L 162 -77.74 55.86 3.17
CA SER L 162 -76.72 54.97 3.73
C SER L 162 -75.42 55.14 2.96
N VAL L 163 -74.36 55.53 3.67
CA VAL L 163 -73.04 55.72 3.08
C VAL L 163 -72.13 54.54 3.35
N ASP L 164 -72.62 53.52 4.08
CA ASP L 164 -71.82 52.35 4.40
C ASP L 164 -71.82 51.39 3.22
N SER L 165 -70.63 50.92 2.85
CA SER L 165 -70.49 49.99 1.74
C SER L 165 -69.32 49.06 2.03
N TYR L 166 -69.63 47.76 2.09
CA TYR L 166 -68.65 46.68 2.32
C TYR L 166 -67.90 46.86 3.64
N GLY L 167 -68.61 47.34 4.67
CA GLY L 167 -68.04 47.46 6.00
C GLY L 167 -67.30 48.75 6.28
N SER L 168 -66.89 49.49 5.26
CA SER L 168 -66.14 50.72 5.44
C SER L 168 -67.02 51.92 5.08
N SER L 169 -66.94 52.96 5.90
CA SER L 169 -67.68 54.20 5.68
C SER L 169 -66.80 55.15 4.89
N PHE L 170 -67.08 55.28 3.59
CA PHE L 170 -66.25 56.11 2.70
C PHE L 170 -66.64 57.58 2.85
N VAL L 171 -66.14 58.17 3.92
CA VAL L 171 -66.37 59.59 4.23
C VAL L 171 -65.03 60.20 4.65
N HIS L 172 -64.70 61.35 4.08
CA HIS L 172 -63.46 62.04 4.39
C HIS L 172 -63.76 63.35 5.12
N TRP L 173 -62.91 63.66 6.10
CA TRP L 173 -63.04 64.88 6.90
C TRP L 173 -61.82 65.76 6.63
N TYR L 174 -62.07 66.97 6.14
CA TYR L 174 -61.02 67.93 5.79
C TYR L 174 -61.24 69.23 6.53
N GLN L 175 -60.19 70.06 6.56
CA GLN L 175 -60.23 71.37 7.21
C GLN L 175 -59.66 72.41 6.25
N GLN L 176 -60.48 73.41 5.90
CA GLN L 176 -60.07 74.47 5.02
C GLN L 176 -60.15 75.80 5.76
N LYS L 177 -59.07 76.58 5.68
CA LYS L 177 -59.00 77.88 6.32
C LYS L 177 -59.13 79.00 5.29
N PRO L 178 -59.20 80.25 5.74
CA PRO L 178 -59.28 81.36 4.79
C PRO L 178 -57.94 81.61 4.11
N GLY L 179 -57.85 81.25 2.83
CA GLY L 179 -56.61 81.34 2.08
C GLY L 179 -55.83 80.04 2.04
N GLN L 180 -56.22 79.04 2.81
CA GLN L 180 -55.57 77.75 2.83
C GLN L 180 -56.47 76.68 2.24
N PRO L 181 -55.91 75.67 1.58
CA PRO L 181 -56.75 74.65 0.94
C PRO L 181 -57.17 73.59 1.94
N PRO L 182 -58.18 72.79 1.60
CA PRO L 182 -58.63 71.75 2.53
C PRO L 182 -57.71 70.54 2.54
N LYS L 183 -56.96 70.37 3.62
CA LYS L 183 -56.10 69.20 3.76
C LYS L 183 -56.92 68.00 4.22
N LEU L 184 -56.67 66.85 3.60
CA LEU L 184 -57.39 65.62 3.94
C LEU L 184 -56.93 65.13 5.30
N LEU L 185 -57.71 65.43 6.34
CA LEU L 185 -57.31 65.08 7.70
C LEU L 185 -57.65 63.64 8.03
N ILE L 186 -58.91 63.26 7.89
CA ILE L 186 -59.38 61.93 8.27
C ILE L 186 -59.91 61.23 7.03
N PHE L 187 -59.48 59.99 6.82
CA PHE L 187 -59.90 59.17 5.69
C PHE L 187 -60.61 57.92 6.18
N LEU L 188 -61.73 57.61 5.52
CA LEU L 188 -62.56 56.42 5.73
C LEU L 188 -63.11 56.30 7.15
N ALA L 189 -63.22 57.44 7.86
CA ALA L 189 -63.84 57.61 9.17
C ALA L 189 -63.17 56.83 10.30
N SER L 190 -62.06 56.15 10.05
CA SER L 190 -61.38 55.40 11.10
C SER L 190 -59.85 55.48 11.01
N LYS L 191 -59.29 56.22 10.07
CA LYS L 191 -57.85 56.28 9.89
C LYS L 191 -57.40 57.73 9.80
N LEU L 192 -56.24 58.00 10.40
CA LEU L 192 -55.63 59.32 10.36
C LEU L 192 -54.63 59.39 9.21
N GLU L 193 -54.62 60.52 8.52
CA GLU L 193 -53.74 60.68 7.37
C GLU L 193 -52.30 60.91 7.82
N SER L 194 -51.36 60.58 6.93
CA SER L 194 -49.95 60.78 7.21
C SER L 194 -49.61 62.27 7.18
N GLY L 195 -48.64 62.65 8.02
CA GLY L 195 -48.24 64.03 8.15
C GLY L 195 -48.99 64.81 9.22
N VAL L 196 -50.29 64.60 9.32
CA VAL L 196 -51.08 65.22 10.38
C VAL L 196 -50.79 64.51 11.69
N PRO L 197 -50.66 65.23 12.81
CA PRO L 197 -50.34 64.57 14.08
C PRO L 197 -51.54 63.85 14.68
N ALA L 198 -51.31 63.13 15.79
CA ALA L 198 -52.37 62.39 16.46
C ALA L 198 -53.18 63.34 17.34
N ARG L 199 -53.99 64.16 16.67
CA ARG L 199 -54.85 65.13 17.35
C ARG L 199 -56.28 65.09 16.84
N PHE L 200 -56.59 64.25 15.86
CA PHE L 200 -57.94 64.15 15.30
C PHE L 200 -58.29 62.68 15.11
N SER L 201 -59.45 62.29 15.62
CA SER L 201 -59.94 60.93 15.49
C SER L 201 -61.35 60.95 14.91
N GLY L 202 -61.79 59.81 14.42
CA GLY L 202 -63.11 59.69 13.84
C GLY L 202 -63.82 58.43 14.28
N SER L 203 -65.14 58.52 14.35
CA SER L 203 -65.99 57.39 14.71
C SER L 203 -67.36 57.61 14.11
N GLY L 204 -68.28 56.67 14.40
CA GLY L 204 -69.65 56.78 13.96
C GLY L 204 -70.16 55.48 13.38
N SER L 205 -71.44 55.52 13.01
CA SER L 205 -72.13 54.35 12.49
C SER L 205 -73.22 54.79 11.52
N ARG L 206 -72.98 54.60 10.22
CA ARG L 206 -73.96 54.30 9.16
C ARG L 206 -75.07 55.32 8.92
N THR L 207 -75.28 56.23 9.86
CA THR L 207 -76.09 57.42 9.71
C THR L 207 -75.47 58.62 10.39
N ASP L 208 -74.58 58.42 11.38
CA ASP L 208 -74.02 59.53 12.13
C ASP L 208 -72.51 59.34 12.25
N PHE L 209 -71.75 60.30 11.74
CA PHE L 209 -70.30 60.33 11.88
C PHE L 209 -69.92 61.40 12.89
N THR L 210 -68.75 61.24 13.50
CA THR L 210 -68.31 62.15 14.55
C THR L 210 -66.79 62.28 14.49
N LEU L 211 -66.30 63.51 14.35
CA LEU L 211 -64.88 63.81 14.40
C LEU L 211 -64.56 64.46 15.73
N THR L 212 -63.50 63.98 16.38
CA THR L 212 -63.07 64.49 17.68
C THR L 212 -61.68 65.07 17.55
N ILE L 213 -61.44 66.19 18.24
CA ILE L 213 -60.17 66.88 18.22
C ILE L 213 -59.64 66.95 19.65
N ASP L 214 -58.49 66.34 19.89
CA ASP L 214 -57.87 66.30 21.21
C ASP L 214 -56.37 66.13 21.09
N PRO L 215 -55.56 67.11 21.52
CA PRO L 215 -55.95 68.39 22.12
C PRO L 215 -56.20 69.47 21.08
N VAL L 216 -56.82 70.57 21.51
CA VAL L 216 -57.18 71.65 20.60
C VAL L 216 -56.04 72.67 20.58
N GLU L 217 -55.53 72.93 19.38
CA GLU L 217 -54.48 73.92 19.18
C GLU L 217 -55.07 75.19 18.57
N ALA L 218 -54.26 76.25 18.55
CA ALA L 218 -54.71 77.52 18.01
C ALA L 218 -54.67 77.57 16.49
N ASP L 219 -53.85 76.73 15.85
CA ASP L 219 -53.74 76.75 14.40
C ASP L 219 -54.86 75.97 13.72
N ASP L 220 -55.65 75.21 14.48
CA ASP L 220 -56.73 74.40 13.92
C ASP L 220 -58.02 75.18 13.75
N ALA L 221 -58.00 76.50 13.91
CA ALA L 221 -59.19 77.32 13.75
C ALA L 221 -59.51 77.49 12.27
N ALA L 222 -60.33 76.60 11.72
CA ALA L 222 -60.70 76.65 10.32
C ALA L 222 -62.11 76.09 10.18
N THR L 223 -62.52 75.81 8.94
CA THR L 223 -63.82 75.25 8.64
C THR L 223 -63.67 73.76 8.33
N TYR L 224 -64.33 72.93 9.12
CA TYR L 224 -64.31 71.49 8.93
C TYR L 224 -65.44 71.07 8.00
N TYR L 225 -65.15 70.08 7.15
CA TYR L 225 -66.11 69.61 6.17
C TYR L 225 -66.01 68.10 6.03
N CYS L 226 -67.15 67.43 6.11
CA CYS L 226 -67.25 65.99 5.90
C CYS L 226 -67.91 65.72 4.56
N GLN L 227 -67.23 64.96 3.70
CA GLN L 227 -67.71 64.70 2.35
C GLN L 227 -67.72 63.20 2.10
N GLN L 228 -68.83 62.70 1.57
CA GLN L 228 -68.98 61.29 1.23
C GLN L 228 -69.12 61.14 -0.28
N THR L 229 -68.37 60.21 -0.85
CA THR L 229 -68.37 59.93 -2.27
C THR L 229 -68.69 58.46 -2.53
N ASN L 230 -69.67 57.93 -1.80
CA ASN L 230 -70.06 56.52 -1.90
C ASN L 230 -70.77 56.24 -3.23
N GLU L 231 -71.73 57.09 -3.59
CA GLU L 231 -72.45 56.95 -4.85
C GLU L 231 -72.68 58.33 -5.44
N ASP L 232 -73.31 58.36 -6.60
CA ASP L 232 -73.60 59.63 -7.26
C ASP L 232 -74.80 60.30 -6.59
N PRO L 233 -74.75 61.61 -6.32
CA PRO L 233 -73.65 62.53 -6.62
C PRO L 233 -72.68 62.69 -5.44
N TYR L 234 -71.42 63.01 -5.73
CA TYR L 234 -70.42 63.23 -4.70
C TYR L 234 -70.69 64.58 -4.06
N THR L 235 -71.33 64.57 -2.90
CA THR L 235 -71.70 65.78 -2.20
C THR L 235 -70.58 66.22 -1.26
N PHE L 236 -70.75 67.42 -0.70
CA PHE L 236 -69.80 67.99 0.24
C PHE L 236 -70.55 68.47 1.47
N GLY L 237 -69.78 68.77 2.53
CA GLY L 237 -70.38 69.21 3.77
C GLY L 237 -70.80 70.67 3.74
N GLY L 238 -71.58 71.04 4.76
CA GLY L 238 -72.05 72.41 4.86
C GLY L 238 -71.01 73.39 5.38
N GLY L 239 -69.99 72.89 6.07
CA GLY L 239 -68.95 73.76 6.60
C GLY L 239 -69.22 74.17 8.04
N THR L 240 -68.33 73.77 8.95
CA THR L 240 -68.44 74.08 10.37
C THR L 240 -67.16 74.76 10.81
N LYS L 241 -67.24 76.06 11.13
CA LYS L 241 -66.08 76.81 11.55
C LYS L 241 -65.69 76.46 12.98
N LEU L 242 -64.41 76.52 13.27
CA LEU L 242 -63.87 76.25 14.59
C LEU L 242 -63.26 77.53 15.15
N GLU L 243 -63.73 77.96 16.31
CA GLU L 243 -63.21 79.15 16.96
C GLU L 243 -62.36 78.77 18.16
N ILE L 244 -61.21 79.43 18.28
CA ILE L 244 -60.28 79.20 19.39
C ILE L 244 -60.51 80.27 20.43
N LYS L 245 -60.90 79.84 21.65
CA LYS L 245 -61.14 80.79 22.72
C LYS L 245 -59.83 81.33 23.28
N ARG L 246 -59.92 82.51 23.88
CA ARG L 246 -58.74 83.17 24.44
C ARG L 246 -59.11 83.98 25.67
N GLU M 2 -82.01 -2.84 35.95
CA GLU M 2 -80.96 -2.84 34.95
C GLU M 2 -81.53 -2.99 33.55
N ILE M 3 -80.66 -3.27 32.57
CA ILE M 3 -81.09 -3.44 31.20
C ILE M 3 -81.77 -4.80 31.06
N GLN M 4 -83.01 -4.80 30.59
CA GLN M 4 -83.80 -6.01 30.45
C GLN M 4 -84.04 -6.30 28.97
N MET M 5 -83.69 -7.49 28.54
CA MET M 5 -83.96 -7.95 27.19
C MET M 5 -85.27 -8.73 27.16
N THR M 6 -85.91 -8.75 25.99
CA THR M 6 -87.19 -9.42 25.85
C THR M 6 -87.33 -9.91 24.42
N GLN M 7 -88.23 -10.88 24.25
CA GLN M 7 -88.57 -11.43 22.94
C GLN M 7 -90.05 -11.74 22.92
N THR M 8 -90.75 -11.25 21.88
CA THR M 8 -92.19 -11.44 21.81
C THR M 8 -92.54 -12.85 21.35
N THR M 9 -91.86 -13.35 20.32
CA THR M 9 -92.13 -14.68 19.79
C THR M 9 -91.54 -15.73 20.72
N SER M 10 -92.40 -16.55 21.32
CA SER M 10 -91.96 -17.62 22.20
C SER M 10 -91.85 -18.97 21.50
N SER M 11 -92.65 -19.20 20.46
CA SER M 11 -92.61 -20.44 19.71
C SER M 11 -92.88 -20.12 18.24
N LEU M 12 -91.95 -20.48 17.37
CA LEU M 12 -92.08 -20.22 15.94
C LEU M 12 -92.17 -21.52 15.18
N SER M 13 -92.96 -21.51 14.10
CA SER M 13 -93.13 -22.66 13.23
C SER M 13 -92.55 -22.35 11.86
N ALA M 14 -91.76 -23.27 11.33
CA ALA M 14 -91.15 -23.09 10.02
C ALA M 14 -90.90 -24.45 9.40
N SER M 15 -90.75 -24.45 8.09
CA SER M 15 -90.49 -25.66 7.32
C SER M 15 -89.04 -25.67 6.85
N LEU M 16 -88.66 -26.74 6.16
CA LEU M 16 -87.29 -26.89 5.65
C LEU M 16 -87.12 -25.99 4.43
N GLY M 17 -86.17 -25.06 4.51
CA GLY M 17 -85.88 -24.16 3.42
C GLY M 17 -86.51 -22.79 3.51
N ASP M 18 -87.09 -22.44 4.67
CA ASP M 18 -87.75 -21.15 4.84
C ASP M 18 -86.81 -20.16 5.52
N ARG M 19 -86.89 -18.90 5.10
CA ARG M 19 -86.11 -17.83 5.70
C ARG M 19 -86.82 -17.41 6.99
N VAL M 20 -86.29 -17.86 8.13
CA VAL M 20 -86.91 -17.65 9.42
C VAL M 20 -86.28 -16.42 10.08
N THR M 21 -87.12 -15.56 10.65
CA THR M 21 -86.68 -14.36 11.33
C THR M 21 -86.99 -14.46 12.82
N ILE M 22 -85.99 -14.13 13.64
CA ILE M 22 -86.12 -14.13 15.09
C ILE M 22 -85.76 -12.74 15.58
N SER M 23 -86.70 -12.05 16.21
CA SER M 23 -86.53 -10.68 16.64
C SER M 23 -86.16 -10.61 18.12
N CYS M 24 -85.58 -9.48 18.51
CA CYS M 24 -85.18 -9.26 19.89
C CYS M 24 -85.21 -7.77 20.18
N ARG M 25 -85.68 -7.42 21.38
CA ARG M 25 -85.78 -6.03 21.81
C ARG M 25 -85.06 -5.86 23.14
N ALA M 26 -84.65 -4.64 23.41
CA ALA M 26 -83.90 -4.30 24.61
C ALA M 26 -84.57 -3.14 25.34
N SER M 27 -84.07 -2.86 26.55
CA SER M 27 -84.62 -1.78 27.35
C SER M 27 -84.10 -0.42 26.91
N GLN M 28 -82.92 -0.35 26.31
CA GLN M 28 -82.35 0.89 25.84
C GLN M 28 -81.42 0.60 24.67
N ASP M 29 -80.63 1.60 24.30
CA ASP M 29 -79.69 1.43 23.19
C ASP M 29 -78.50 0.60 23.64
N ILE M 30 -78.24 -0.50 22.92
CA ILE M 30 -77.14 -1.40 23.24
C ILE M 30 -75.95 -1.20 22.32
N SER M 31 -76.08 -0.35 21.29
CA SER M 31 -75.03 -0.01 20.33
C SER M 31 -74.49 -1.25 19.61
N ASN M 32 -75.42 -2.14 19.26
CA ASN M 32 -75.20 -3.38 18.52
C ASN M 32 -74.20 -4.31 19.21
N TYR M 33 -74.11 -4.25 20.54
CA TYR M 33 -73.22 -5.13 21.30
C TYR M 33 -73.99 -6.34 21.82
N LEU M 34 -74.59 -7.07 20.88
CA LEU M 34 -75.40 -8.24 21.20
C LEU M 34 -74.94 -9.42 20.36
N SER M 35 -75.09 -10.61 20.93
CA SER M 35 -74.73 -11.85 20.25
C SER M 35 -75.93 -12.79 20.22
N TRP M 36 -75.95 -13.65 19.22
CA TRP M 36 -77.00 -14.64 19.05
C TRP M 36 -76.38 -16.03 19.13
N TYR M 37 -76.90 -16.85 20.04
CA TYR M 37 -76.36 -18.19 20.28
C TYR M 37 -77.46 -19.23 20.11
N GLN M 38 -77.03 -20.45 19.79
CA GLN M 38 -77.95 -21.57 19.63
C GLN M 38 -77.72 -22.60 20.72
N GLN M 39 -78.81 -23.20 21.18
CA GLN M 39 -78.78 -24.22 22.23
C GLN M 39 -79.69 -25.36 21.81
N LYS M 40 -79.12 -26.53 21.60
CA LYS M 40 -79.89 -27.69 21.20
C LYS M 40 -80.66 -28.27 22.38
N PRO M 41 -81.49 -29.29 22.14
CA PRO M 41 -82.24 -29.89 23.26
C PRO M 41 -81.39 -30.72 24.20
N ASP M 42 -80.19 -31.12 23.79
CA ASP M 42 -79.31 -31.90 24.66
C ASP M 42 -78.67 -31.05 25.75
N GLY M 43 -78.47 -29.76 25.49
CA GLY M 43 -77.86 -28.89 26.49
C GLY M 43 -76.62 -28.17 25.97
N THR M 44 -76.15 -28.56 24.80
CA THR M 44 -74.97 -27.94 24.20
C THR M 44 -75.33 -26.56 23.67
N VAL M 45 -74.57 -25.55 24.08
CA VAL M 45 -74.81 -24.16 23.69
C VAL M 45 -73.62 -23.69 22.86
N LYS M 46 -73.89 -23.39 21.59
CA LYS M 46 -72.87 -22.90 20.68
C LYS M 46 -73.25 -21.51 20.20
N LEU M 47 -72.25 -20.63 20.15
CA LEU M 47 -72.48 -19.27 19.65
C LEU M 47 -72.62 -19.28 18.14
N LEU M 48 -73.50 -18.43 17.63
CA LEU M 48 -73.80 -18.39 16.20
C LEU M 48 -73.35 -17.09 15.55
N ILE M 49 -73.79 -15.94 16.05
CA ILE M 49 -73.48 -14.64 15.45
C ILE M 49 -72.96 -13.71 16.52
N TYR M 50 -71.90 -12.98 16.21
CA TYR M 50 -71.25 -12.07 17.15
C TYR M 50 -71.38 -10.63 16.66
N TYR M 51 -71.55 -9.72 17.64
CA TYR M 51 -71.64 -8.27 17.46
C TYR M 51 -72.80 -7.86 16.55
N THR M 52 -73.86 -8.68 16.50
CA THR M 52 -75.15 -8.46 15.84
C THR M 52 -75.09 -8.38 14.32
N SER M 53 -73.90 -8.43 13.70
CA SER M 53 -73.80 -8.41 12.26
C SER M 53 -72.77 -9.38 11.70
N ARG M 54 -71.87 -9.92 12.51
CA ARG M 54 -70.79 -10.77 12.03
C ARG M 54 -71.09 -12.24 12.32
N LEU M 55 -70.51 -13.11 11.50
CA LEU M 55 -70.62 -14.54 11.65
C LEU M 55 -69.29 -15.12 12.12
N HIS M 56 -69.33 -15.90 13.20
CA HIS M 56 -68.13 -16.46 13.78
C HIS M 56 -67.62 -17.62 12.94
N SER M 57 -66.34 -17.96 13.12
CA SER M 57 -65.73 -19.06 12.39
C SER M 57 -66.28 -20.39 12.90
N GLY M 58 -66.84 -21.18 12.00
CA GLY M 58 -67.42 -22.47 12.33
C GLY M 58 -68.92 -22.55 12.12
N VAL M 59 -69.59 -21.42 11.95
CA VAL M 59 -71.03 -21.37 11.74
C VAL M 59 -71.30 -21.33 10.24
N PRO M 60 -72.41 -21.85 9.77
CA PRO M 60 -72.68 -21.85 8.32
C PRO M 60 -73.11 -20.47 7.83
N SER M 61 -73.00 -20.29 6.52
CA SER M 61 -73.33 -19.02 5.88
C SER M 61 -74.81 -18.82 5.66
N ARG M 62 -75.65 -19.78 6.05
CA ARG M 62 -77.09 -19.63 5.87
C ARG M 62 -77.69 -18.65 6.87
N PHE M 63 -77.01 -18.39 7.98
CA PHE M 63 -77.50 -17.46 8.98
C PHE M 63 -76.91 -16.06 8.77
N SER M 64 -77.65 -15.05 9.20
CA SER M 64 -77.19 -13.68 9.14
C SER M 64 -77.89 -12.89 10.25
N GLY M 65 -77.38 -11.68 10.49
CA GLY M 65 -77.96 -10.83 11.51
C GLY M 65 -78.06 -9.40 11.04
N SER M 66 -79.00 -8.68 11.63
CA SER M 66 -79.20 -7.26 11.32
C SER M 66 -79.88 -6.61 12.53
N GLY M 67 -80.10 -5.31 12.43
CA GLY M 67 -80.80 -4.57 13.47
C GLY M 67 -80.04 -3.32 13.87
N SER M 68 -80.74 -2.47 14.61
CA SER M 68 -80.18 -1.21 15.06
C SER M 68 -80.97 -0.74 16.28
N GLY M 69 -80.38 0.21 17.00
CA GLY M 69 -81.00 0.82 18.16
C GLY M 69 -81.25 -0.16 19.29
N ILE M 70 -82.52 -0.49 19.49
CA ILE M 70 -82.91 -1.52 20.46
C ILE M 70 -83.49 -2.76 19.78
N ASP M 71 -83.70 -2.74 18.47
CA ASP M 71 -84.36 -3.84 17.76
C ASP M 71 -83.33 -4.58 16.91
N TYR M 72 -83.08 -5.85 17.24
CA TYR M 72 -82.18 -6.70 16.49
C TYR M 72 -82.93 -7.90 15.95
N SER M 73 -82.34 -8.57 14.97
CA SER M 73 -82.99 -9.71 14.34
C SER M 73 -81.95 -10.64 13.73
N LEU M 74 -82.25 -11.93 13.76
CA LEU M 74 -81.47 -12.95 13.09
C LEU M 74 -82.31 -13.59 12.00
N THR M 75 -81.70 -13.82 10.85
CA THR M 75 -82.41 -14.32 9.67
C THR M 75 -81.67 -15.52 9.12
N ILE M 76 -82.37 -16.65 9.05
CA ILE M 76 -81.85 -17.87 8.44
C ILE M 76 -82.45 -17.99 7.05
N ASN M 77 -81.60 -18.24 6.05
CA ASN M 77 -82.07 -18.30 4.67
C ASN M 77 -82.81 -19.60 4.39
N ASN M 78 -82.29 -20.72 4.87
CA ASN M 78 -82.92 -22.01 4.67
C ASN M 78 -82.63 -22.89 5.87
N LEU M 79 -83.66 -23.31 6.58
CA LEU M 79 -83.50 -24.13 7.76
C LEU M 79 -83.16 -25.57 7.37
N GLU M 80 -82.31 -26.20 8.18
CA GLU M 80 -81.90 -27.58 7.98
C GLU M 80 -82.35 -28.41 9.17
N GLN M 81 -81.96 -29.69 9.18
CA GLN M 81 -82.30 -30.57 10.28
C GLN M 81 -81.49 -30.24 11.53
N GLU M 82 -80.28 -29.71 11.35
CA GLU M 82 -79.44 -29.32 12.48
C GLU M 82 -79.83 -27.98 13.06
N ASP M 83 -80.71 -27.23 12.41
CA ASP M 83 -81.13 -25.92 12.89
C ASP M 83 -82.28 -26.00 13.88
N PHE M 84 -82.75 -27.21 14.21
CA PHE M 84 -83.82 -27.37 15.18
C PHE M 84 -83.28 -27.18 16.59
N ALA M 85 -83.27 -25.94 17.07
CA ALA M 85 -82.73 -25.62 18.39
C ALA M 85 -83.40 -24.35 18.90
N THR M 86 -82.90 -23.84 20.01
CA THR M 86 -83.40 -22.61 20.61
C THR M 86 -82.39 -21.49 20.38
N TYR M 87 -82.85 -20.37 19.85
CA TYR M 87 -82.01 -19.20 19.61
C TYR M 87 -82.18 -18.20 20.74
N PHE M 88 -81.05 -17.71 21.27
CA PHE M 88 -81.05 -16.80 22.40
C PHE M 88 -80.19 -15.58 22.09
N CYS M 89 -80.64 -14.42 22.55
CA CYS M 89 -79.91 -13.17 22.39
C CYS M 89 -79.29 -12.76 23.72
N GLN M 90 -78.03 -12.31 23.67
CA GLN M 90 -77.29 -11.95 24.86
C GLN M 90 -76.65 -10.59 24.64
N GLN M 91 -77.02 -9.61 25.48
CA GLN M 91 -76.42 -8.29 25.43
C GLN M 91 -75.30 -8.19 26.46
N GLY M 92 -74.20 -7.55 26.05
CA GLY M 92 -73.05 -7.42 26.91
C GLY M 92 -72.59 -5.99 27.10
N ASN M 93 -73.55 -5.06 27.12
CA ASN M 93 -73.20 -3.65 27.27
C ASN M 93 -72.83 -3.33 28.72
N THR M 94 -73.76 -3.53 29.64
CA THR M 94 -73.58 -3.16 31.04
C THR M 94 -73.71 -4.39 31.92
N LEU M 95 -72.77 -4.54 32.86
CA LEU M 95 -72.88 -5.62 33.83
C LEU M 95 -73.94 -5.29 34.88
N PRO M 96 -74.76 -6.27 35.28
CA PRO M 96 -74.84 -7.68 34.90
C PRO M 96 -75.49 -7.91 33.55
N LEU M 97 -74.83 -8.73 32.72
CA LEU M 97 -75.29 -8.97 31.35
C LEU M 97 -76.53 -9.85 31.38
N THR M 98 -77.66 -9.28 30.96
CA THR M 98 -78.93 -10.02 30.93
C THR M 98 -79.14 -10.62 29.56
N PHE M 99 -79.30 -11.93 29.50
CA PHE M 99 -79.59 -12.62 28.25
C PHE M 99 -81.09 -12.64 27.99
N GLY M 100 -81.45 -12.89 26.74
CA GLY M 100 -82.84 -12.91 26.34
C GLY M 100 -83.58 -14.14 26.80
N ALA M 101 -84.89 -14.11 26.63
CA ALA M 101 -85.72 -15.26 27.01
C ALA M 101 -85.55 -16.42 26.04
N GLY M 102 -85.38 -16.14 24.76
CA GLY M 102 -85.18 -17.19 23.78
C GLY M 102 -86.46 -17.72 23.18
N THR M 103 -86.40 -18.14 21.92
CA THR M 103 -87.53 -18.72 21.23
C THR M 103 -87.23 -20.18 20.88
N LYS M 104 -88.29 -20.90 20.52
CA LYS M 104 -88.17 -22.32 20.16
C LYS M 104 -88.77 -22.51 18.77
N LEU M 105 -87.90 -22.82 17.81
CA LEU M 105 -88.36 -23.10 16.46
C LEU M 105 -88.95 -24.50 16.38
N GLU M 106 -90.01 -24.63 15.58
CA GLU M 106 -90.73 -25.89 15.46
C GLU M 106 -90.95 -26.23 13.99
N LEU M 107 -90.94 -27.52 13.70
CA LEU M 107 -91.14 -28.00 12.33
C LEU M 107 -92.63 -28.05 12.01
N LYS M 108 -92.99 -27.55 10.84
CA LYS M 108 -94.37 -27.54 10.42
C LYS M 108 -94.73 -28.85 9.71
N ARG M 109 -95.92 -29.36 10.01
CA ARG M 109 -96.40 -30.60 9.41
C ARG M 109 -97.92 -30.54 9.35
N ALA M 110 -98.54 -31.67 9.02
CA ALA M 110 -100.00 -31.74 8.95
C ALA M 110 -100.59 -31.78 10.35
N ASP M 111 -101.73 -31.11 10.51
CA ASP M 111 -102.42 -31.08 11.80
C ASP M 111 -103.10 -32.43 12.03
N ALA M 112 -102.43 -33.30 12.76
CA ALA M 112 -102.90 -34.66 13.02
C ALA M 112 -103.74 -34.68 14.29
N ALA M 113 -104.74 -35.55 14.30
CA ALA M 113 -105.61 -35.67 15.47
C ALA M 113 -104.87 -36.40 16.59
N PRO M 114 -105.15 -36.06 17.85
CA PRO M 114 -104.45 -36.72 18.95
C PRO M 114 -105.03 -38.11 19.22
N THR M 115 -104.19 -39.12 19.05
CA THR M 115 -104.57 -40.49 19.36
C THR M 115 -104.61 -40.66 20.88
N VAL M 116 -105.81 -40.89 21.42
CA VAL M 116 -106.04 -40.91 22.86
C VAL M 116 -106.14 -42.37 23.31
N SER M 117 -105.61 -42.65 24.49
CA SER M 117 -105.70 -43.98 25.10
C SER M 117 -105.78 -43.81 26.61
N ILE M 118 -106.84 -44.37 27.20
CA ILE M 118 -107.06 -44.29 28.64
C ILE M 118 -106.64 -45.61 29.27
N PHE M 119 -106.03 -45.52 30.46
CA PHE M 119 -105.55 -46.70 31.18
C PHE M 119 -105.94 -46.58 32.65
N PRO M 120 -106.58 -47.60 33.23
CA PRO M 120 -106.92 -47.55 34.65
C PRO M 120 -105.74 -47.98 35.51
N PRO M 121 -105.88 -47.94 36.83
CA PRO M 121 -104.77 -48.31 37.70
C PRO M 121 -104.59 -49.82 37.78
N SER M 122 -103.39 -50.22 38.20
CA SER M 122 -103.07 -51.63 38.34
C SER M 122 -103.59 -52.16 39.67
N SER M 123 -103.61 -53.49 39.78
CA SER M 123 -104.08 -54.13 41.01
C SER M 123 -103.08 -53.99 42.14
N GLU M 124 -101.78 -54.06 41.82
CA GLU M 124 -100.76 -53.86 42.84
C GLU M 124 -100.71 -52.40 43.31
N GLN M 125 -101.02 -51.46 42.41
CA GLN M 125 -101.10 -50.07 42.82
C GLN M 125 -102.36 -49.80 43.63
N LEU M 126 -103.47 -50.46 43.29
CA LEU M 126 -104.70 -50.30 44.06
C LEU M 126 -104.60 -50.98 45.41
N THR M 127 -103.75 -51.99 45.55
CA THR M 127 -103.52 -52.61 46.85
C THR M 127 -102.71 -51.71 47.77
N SER M 128 -101.97 -50.75 47.22
CA SER M 128 -101.21 -49.80 48.02
C SER M 128 -102.06 -48.64 48.55
N GLY M 129 -103.29 -48.50 48.08
CA GLY M 129 -104.18 -47.45 48.53
C GLY M 129 -104.36 -46.29 47.57
N GLY M 130 -103.68 -46.31 46.43
CA GLY M 130 -103.81 -45.23 45.46
C GLY M 130 -104.26 -45.72 44.10
N ALA M 131 -104.69 -44.79 43.25
CA ALA M 131 -105.13 -45.12 41.90
C ALA M 131 -104.85 -43.93 40.99
N SER M 132 -104.00 -44.13 39.99
CA SER M 132 -103.62 -43.09 39.06
C SER M 132 -104.12 -43.46 37.68
N VAL M 133 -105.24 -42.87 37.27
CA VAL M 133 -105.76 -43.08 35.92
C VAL M 133 -104.91 -42.29 34.94
N VAL M 134 -104.44 -42.96 33.89
CA VAL M 134 -103.54 -42.37 32.91
C VAL M 134 -104.29 -42.13 31.61
N CYS M 135 -103.91 -41.06 30.91
CA CYS M 135 -104.47 -40.74 29.60
C CYS M 135 -103.32 -40.27 28.72
N PHE M 136 -103.00 -41.07 27.70
CA PHE M 136 -101.91 -40.75 26.79
C PHE M 136 -102.47 -40.28 25.45
N LEU M 137 -102.06 -39.09 25.03
CA LEU M 137 -102.44 -38.52 23.74
C LEU M 137 -101.18 -38.39 22.92
N ASN M 138 -101.01 -39.30 21.96
CA ASN M 138 -99.81 -39.35 21.13
C ASN M 138 -100.15 -38.97 19.69
N ASN M 139 -99.10 -38.54 18.97
CA ASN M 139 -99.15 -38.23 17.53
C ASN M 139 -100.15 -37.09 17.25
N PHE M 140 -99.89 -35.95 17.87
CA PHE M 140 -100.75 -34.79 17.75
C PHE M 140 -99.97 -33.61 17.19
N TYR M 141 -100.69 -32.74 16.49
CA TYR M 141 -100.09 -31.53 15.91
C TYR M 141 -101.16 -30.46 15.78
N PRO M 142 -100.91 -29.24 16.30
CA PRO M 142 -99.71 -28.77 16.98
C PRO M 142 -99.69 -29.12 18.46
N LYS M 143 -98.80 -28.46 19.22
CA LYS M 143 -98.66 -28.75 20.64
C LYS M 143 -99.78 -28.15 21.49
N ASP M 144 -100.60 -27.26 20.93
CA ASP M 144 -101.69 -26.65 21.68
C ASP M 144 -102.83 -27.66 21.80
N ILE M 145 -103.09 -28.10 23.03
CA ILE M 145 -104.17 -29.05 23.30
C ILE M 145 -104.62 -28.86 24.74
N ASN M 146 -105.83 -29.31 25.04
CA ASN M 146 -106.38 -29.21 26.39
C ASN M 146 -106.87 -30.59 26.84
N VAL M 147 -106.81 -30.82 28.15
CA VAL M 147 -107.25 -32.07 28.74
C VAL M 147 -108.28 -31.78 29.82
N LYS M 148 -109.28 -32.66 29.92
CA LYS M 148 -110.33 -32.50 30.91
C LYS M 148 -110.68 -33.87 31.49
N TRP M 149 -110.71 -33.96 32.81
CA TRP M 149 -111.05 -35.19 33.50
C TRP M 149 -112.49 -35.13 33.98
N LYS M 150 -113.15 -36.29 34.01
CA LYS M 150 -114.52 -36.39 34.48
C LYS M 150 -114.66 -37.67 35.30
N ILE M 151 -115.25 -37.54 36.49
CA ILE M 151 -115.49 -38.67 37.38
C ILE M 151 -117.00 -38.82 37.49
N ASP M 152 -117.56 -39.78 36.75
CA ASP M 152 -119.00 -40.03 36.64
C ASP M 152 -119.75 -38.77 36.19
N GLY M 153 -119.17 -38.05 35.23
CA GLY M 153 -119.73 -36.81 34.74
C GLY M 153 -119.27 -35.57 35.47
N SER M 154 -118.75 -35.70 36.69
CA SER M 154 -118.30 -34.57 37.47
C SER M 154 -116.84 -34.26 37.14
N GLU M 155 -116.57 -33.03 36.71
CA GLU M 155 -115.22 -32.62 36.36
C GLU M 155 -114.42 -32.32 37.62
N ARG M 156 -113.21 -32.86 37.70
CA ARG M 156 -112.32 -32.67 38.83
C ARG M 156 -111.01 -32.06 38.35
N GLN M 157 -110.56 -31.01 39.02
CA GLN M 157 -109.32 -30.33 38.66
C GLN M 157 -108.18 -30.60 39.63
N ASN M 158 -108.44 -31.20 40.79
CA ASN M 158 -107.41 -31.48 41.78
C ASN M 158 -106.79 -32.84 41.52
N GLY M 159 -105.47 -32.92 41.64
CA GLY M 159 -104.76 -34.16 41.44
C GLY M 159 -104.48 -34.51 40.00
N VAL M 160 -104.48 -33.53 39.10
CA VAL M 160 -104.23 -33.76 37.68
C VAL M 160 -102.83 -33.28 37.35
N LEU M 161 -102.01 -34.15 36.78
CA LEU M 161 -100.66 -33.81 36.35
C LEU M 161 -100.55 -34.01 34.85
N ASN M 162 -100.10 -32.97 34.15
CA ASN M 162 -99.98 -33.00 32.70
C ASN M 162 -98.51 -32.84 32.33
N SER M 163 -97.96 -33.84 31.63
CA SER M 163 -96.57 -33.83 31.20
C SER M 163 -96.53 -33.91 29.69
N TRP M 164 -95.92 -32.91 29.06
CA TRP M 164 -95.81 -32.84 27.61
C TRP M 164 -94.41 -33.24 27.19
N THR M 165 -94.31 -33.97 26.08
CA THR M 165 -93.04 -34.38 25.51
C THR M 165 -92.64 -33.45 24.37
N ASP M 166 -91.37 -33.55 23.97
CA ASP M 166 -90.86 -32.70 22.92
C ASP M 166 -91.27 -33.24 21.55
N GLN M 167 -90.99 -32.45 20.51
CA GLN M 167 -91.30 -32.86 19.14
C GLN M 167 -90.32 -33.92 18.69
N ASP M 168 -90.84 -35.04 18.20
CA ASP M 168 -90.00 -36.15 17.78
C ASP M 168 -89.27 -35.83 16.48
N SER M 169 -88.09 -36.42 16.32
CA SER M 169 -87.27 -36.19 15.14
C SER M 169 -87.62 -37.11 13.98
N LYS M 170 -88.68 -37.90 14.09
CA LYS M 170 -89.09 -38.82 13.04
C LYS M 170 -90.40 -38.42 12.38
N ASP M 171 -91.46 -38.24 13.16
CA ASP M 171 -92.77 -37.93 12.62
C ASP M 171 -93.18 -36.48 12.85
N SER M 172 -92.38 -35.71 13.60
CA SER M 172 -92.65 -34.31 13.98
C SER M 172 -94.00 -34.16 14.67
N THR M 173 -94.23 -35.04 15.65
CA THR M 173 -95.49 -35.09 16.39
C THR M 173 -95.22 -34.79 17.86
N TYR M 174 -96.27 -34.91 18.68
CA TYR M 174 -96.20 -34.60 20.09
C TYR M 174 -96.93 -35.67 20.90
N SER M 175 -96.54 -35.78 22.17
CA SER M 175 -97.15 -36.72 23.09
C SER M 175 -97.38 -36.04 24.42
N MET M 176 -98.53 -36.35 25.04
CA MET M 176 -98.91 -35.78 26.32
C MET M 176 -99.44 -36.89 27.22
N SER M 177 -99.14 -36.77 28.52
CA SER M 177 -99.56 -37.75 29.50
C SER M 177 -100.29 -37.02 30.62
N SER M 178 -101.53 -37.41 30.88
CA SER M 178 -102.32 -36.87 31.98
C SER M 178 -102.50 -37.95 33.03
N THR M 179 -102.31 -37.57 34.30
CA THR M 179 -102.40 -38.51 35.41
C THR M 179 -103.34 -37.94 36.45
N LEU M 180 -104.42 -38.67 36.75
CA LEU M 180 -105.38 -38.33 37.79
C LEU M 180 -105.17 -39.29 38.93
N THR M 181 -104.56 -38.82 40.02
CA THR M 181 -104.22 -39.65 41.16
C THR M 181 -105.20 -39.39 42.29
N LEU M 182 -105.87 -40.44 42.75
CA LEU M 182 -106.80 -40.37 43.86
C LEU M 182 -106.55 -41.55 44.81
N THR M 183 -107.32 -41.60 45.89
CA THR M 183 -107.19 -42.67 46.86
C THR M 183 -107.93 -43.91 46.37
N LYS M 184 -107.79 -45.01 47.11
CA LYS M 184 -108.50 -46.24 46.78
C LYS M 184 -109.99 -46.13 47.07
N ASP M 185 -110.33 -45.47 48.19
CA ASP M 185 -111.75 -45.26 48.51
C ASP M 185 -112.37 -44.23 47.58
N GLU M 186 -111.56 -43.30 47.07
CA GLU M 186 -112.07 -42.34 46.09
C GLU M 186 -112.27 -42.99 44.73
N TYR M 187 -111.42 -43.95 44.38
CA TYR M 187 -111.58 -44.66 43.10
C TYR M 187 -112.70 -45.68 43.16
N GLU M 188 -112.91 -46.30 44.33
CA GLU M 188 -114.00 -47.27 44.46
C GLU M 188 -115.36 -46.58 44.56
N ARG M 189 -115.39 -45.31 44.94
CA ARG M 189 -116.64 -44.56 45.04
C ARG M 189 -117.19 -44.14 43.69
N HIS M 190 -116.41 -44.25 42.62
CA HIS M 190 -116.85 -43.91 41.28
C HIS M 190 -116.74 -45.14 40.38
N ASN M 191 -117.55 -45.15 39.32
CA ASN M 191 -117.58 -46.26 38.37
C ASN M 191 -116.98 -45.87 37.03
N SER M 192 -117.42 -44.77 36.44
CA SER M 192 -116.97 -44.34 35.12
C SER M 192 -116.06 -43.13 35.25
N TYR M 193 -114.89 -43.22 34.61
CA TYR M 193 -113.94 -42.11 34.55
C TYR M 193 -113.61 -41.85 33.09
N THR M 194 -113.61 -40.57 32.70
CA THR M 194 -113.46 -40.19 31.30
C THR M 194 -112.40 -39.10 31.18
N CYS M 195 -111.66 -39.13 30.08
CA CYS M 195 -110.69 -38.10 29.73
C CYS M 195 -111.01 -37.56 28.35
N GLU M 196 -111.13 -36.24 28.26
CA GLU M 196 -111.48 -35.56 27.01
C GLU M 196 -110.31 -34.70 26.56
N ALA M 197 -109.93 -34.86 25.29
CA ALA M 197 -108.84 -34.10 24.69
C ALA M 197 -109.42 -33.13 23.67
N THR M 198 -109.05 -31.86 23.79
CA THR M 198 -109.49 -30.81 22.89
C THR M 198 -108.30 -30.35 22.05
N HIS M 199 -108.44 -30.47 20.73
CA HIS M 199 -107.39 -30.07 19.80
C HIS M 199 -107.99 -29.19 18.71
N LYS M 200 -107.12 -28.65 17.86
CA LYS M 200 -107.58 -27.77 16.78
C LYS M 200 -108.09 -28.58 15.59
N THR M 201 -107.83 -29.89 15.56
CA THR M 201 -108.26 -30.72 14.45
C THR M 201 -109.77 -30.98 14.45
N SER M 202 -110.43 -30.91 15.61
CA SER M 202 -111.85 -31.17 15.71
C SER M 202 -112.46 -30.27 16.77
N THR M 203 -113.64 -29.72 16.49
CA THR M 203 -114.31 -28.86 17.46
C THR M 203 -114.84 -29.64 18.64
N SER M 204 -115.21 -30.91 18.44
CA SER M 204 -115.68 -31.75 19.53
C SER M 204 -114.50 -32.44 20.21
N PRO M 205 -114.44 -32.46 21.53
CA PRO M 205 -113.30 -33.11 22.20
C PRO M 205 -113.43 -34.63 22.15
N ILE M 206 -112.32 -35.28 21.81
CA ILE M 206 -112.27 -36.73 21.76
C ILE M 206 -112.26 -37.27 23.18
N VAL M 207 -113.29 -38.04 23.54
CA VAL M 207 -113.46 -38.54 24.89
C VAL M 207 -113.16 -40.02 24.92
N LYS M 208 -112.46 -40.47 25.97
CA LYS M 208 -112.20 -41.87 26.22
C LYS M 208 -112.62 -42.17 27.65
N SER M 209 -113.59 -43.09 27.81
CA SER M 209 -114.15 -43.39 29.12
C SER M 209 -113.90 -44.84 29.46
N PHE M 210 -113.96 -45.13 30.77
CA PHE M 210 -113.79 -46.49 31.27
C PHE M 210 -114.71 -46.68 32.46
N ASN M 211 -115.33 -47.86 32.52
CA ASN M 211 -116.27 -48.22 33.58
C ASN M 211 -115.67 -49.32 34.45
N ARG M 212 -116.39 -49.66 35.51
CA ARG M 212 -115.93 -50.69 36.44
C ARG M 212 -116.91 -51.85 36.48
N GLN N 22 -60.65 -28.68 20.01
CA GLN N 22 -61.32 -27.44 20.41
C GLN N 22 -61.50 -27.37 21.92
N ALA N 23 -62.07 -26.26 22.38
CA ALA N 23 -62.28 -26.05 23.81
C ALA N 23 -63.58 -26.69 24.26
N GLN N 24 -63.57 -27.22 25.48
CA GLN N 24 -64.75 -27.83 26.09
C GLN N 24 -64.81 -27.45 27.56
N LEU N 25 -66.01 -27.49 28.13
CA LEU N 25 -66.22 -27.20 29.54
C LEU N 25 -67.25 -28.16 30.10
N LYS N 26 -66.98 -28.68 31.30
CA LYS N 26 -67.84 -29.66 31.94
C LYS N 26 -68.09 -29.24 33.38
N GLU N 27 -69.36 -29.05 33.74
CA GLU N 27 -69.73 -28.65 35.09
C GLU N 27 -70.25 -29.86 35.87
N SER N 28 -69.80 -29.98 37.12
CA SER N 28 -70.16 -31.10 37.97
C SER N 28 -70.53 -30.59 39.35
N GLY N 29 -71.54 -31.21 39.95
CA GLY N 29 -72.01 -30.83 41.26
C GLY N 29 -72.69 -31.98 41.98
N PRO N 30 -73.37 -31.68 43.09
CA PRO N 30 -74.01 -32.75 43.86
C PRO N 30 -75.34 -33.19 43.27
N GLY N 31 -76.04 -32.28 42.64
CA GLY N 31 -77.37 -32.58 42.08
C GLY N 31 -78.52 -32.36 43.04
N LEU N 32 -78.38 -32.85 44.27
CA LEU N 32 -79.37 -32.67 45.31
C LEU N 32 -78.67 -32.17 46.57
N VAL N 33 -79.22 -31.12 47.19
CA VAL N 33 -78.67 -30.55 48.39
C VAL N 33 -79.81 -30.07 49.28
N ALA N 34 -79.51 -29.94 50.57
CA ALA N 34 -80.50 -29.50 51.53
C ALA N 34 -80.64 -27.98 51.52
N PRO N 35 -81.70 -27.46 52.13
CA PRO N 35 -81.88 -26.00 52.15
C PRO N 35 -80.93 -25.33 53.13
N SER N 36 -80.53 -24.10 52.78
CA SER N 36 -79.61 -23.26 53.55
C SER N 36 -78.26 -23.94 53.78
N GLN N 37 -77.79 -24.69 52.79
CA GLN N 37 -76.52 -25.39 52.87
C GLN N 37 -75.57 -24.83 51.80
N SER N 38 -74.37 -25.42 51.72
CA SER N 38 -73.39 -25.00 50.74
C SER N 38 -73.56 -25.77 49.45
N LEU N 39 -73.09 -25.18 48.36
CA LEU N 39 -73.18 -25.79 47.03
C LEU N 39 -71.91 -25.49 46.28
N SER N 40 -71.13 -26.52 45.97
CA SER N 40 -69.87 -26.38 45.25
C SER N 40 -70.01 -26.98 43.87
N ILE N 41 -69.66 -26.20 42.85
CA ILE N 41 -69.71 -26.65 41.46
C ILE N 41 -68.30 -26.54 40.89
N THR N 42 -67.86 -27.60 40.23
CA THR N 42 -66.52 -27.66 39.63
C THR N 42 -66.67 -27.68 38.12
N CYS N 43 -66.05 -26.69 37.45
CA CYS N 43 -66.10 -26.58 36.00
C CYS N 43 -64.70 -26.86 35.46
N THR N 44 -64.56 -27.98 34.77
CA THR N 44 -63.29 -28.38 34.17
C THR N 44 -63.26 -27.89 32.73
N VAL N 45 -62.17 -27.24 32.35
CA VAL N 45 -62.02 -26.67 31.02
C VAL N 45 -60.91 -27.41 30.28
N SER N 46 -61.04 -27.46 28.96
CA SER N 46 -60.07 -28.13 28.11
C SER N 46 -60.02 -27.41 26.76
N GLY N 47 -58.96 -27.69 26.00
CA GLY N 47 -58.78 -27.10 24.69
C GLY N 47 -58.29 -25.67 24.69
N PHE N 48 -58.03 -25.08 25.85
CA PHE N 48 -57.58 -23.70 25.96
C PHE N 48 -56.79 -23.57 27.26
N SER N 49 -56.53 -22.32 27.66
CA SER N 49 -55.81 -22.02 28.89
C SER N 49 -56.64 -21.07 29.74
N LEU N 50 -56.53 -21.23 31.06
CA LEU N 50 -57.26 -20.40 32.02
C LEU N 50 -56.38 -19.35 32.68
N THR N 51 -55.17 -19.13 32.16
CA THR N 51 -54.28 -18.13 32.72
C THR N 51 -54.43 -16.76 32.07
N ASN N 52 -54.92 -16.71 30.84
CA ASN N 52 -55.07 -15.45 30.11
C ASN N 52 -56.51 -15.07 29.83
N TYR N 53 -57.46 -15.96 30.05
CA TYR N 53 -58.87 -15.68 29.82
C TYR N 53 -59.64 -15.73 31.13
N GLY N 54 -60.82 -15.12 31.13
CA GLY N 54 -61.69 -15.14 32.28
C GLY N 54 -62.84 -16.11 32.13
N VAL N 55 -63.51 -16.46 33.22
CA VAL N 55 -64.57 -17.47 33.20
C VAL N 55 -65.81 -16.90 33.88
N HIS N 56 -66.95 -17.00 33.20
CA HIS N 56 -68.22 -16.54 33.73
C HIS N 56 -69.14 -17.73 33.99
N TRP N 57 -69.76 -17.72 35.17
CA TRP N 57 -70.70 -18.76 35.57
C TRP N 57 -72.10 -18.16 35.56
N VAL N 58 -73.06 -18.90 35.00
CA VAL N 58 -74.43 -18.43 34.83
C VAL N 58 -75.38 -19.54 35.27
N ARG N 59 -76.59 -19.14 35.66
CA ARG N 59 -77.64 -20.07 36.03
C ARG N 59 -78.79 -19.99 35.04
N GLN N 60 -79.64 -21.00 35.06
CA GLN N 60 -80.79 -21.09 34.17
C GLN N 60 -81.95 -21.75 34.89
N PRO N 61 -83.00 -21.00 35.19
CA PRO N 61 -84.20 -21.60 35.80
C PRO N 61 -85.08 -22.22 34.72
N PRO N 62 -85.74 -23.33 35.02
CA PRO N 62 -86.60 -23.97 34.00
C PRO N 62 -87.90 -23.18 33.83
N GLY N 63 -88.17 -22.78 32.60
CA GLY N 63 -89.34 -21.99 32.29
C GLY N 63 -89.20 -20.50 32.52
N LYS N 64 -88.00 -20.03 32.88
CA LYS N 64 -87.75 -18.61 33.10
C LYS N 64 -86.58 -18.17 32.24
N GLY N 65 -86.14 -16.92 32.46
CA GLY N 65 -85.00 -16.40 31.72
C GLY N 65 -83.68 -16.70 32.40
N LEU N 66 -82.65 -16.89 31.58
CA LEU N 66 -81.33 -17.21 32.10
C LEU N 66 -80.68 -15.96 32.70
N GLU N 67 -80.06 -16.12 33.86
CA GLU N 67 -79.45 -15.01 34.58
C GLU N 67 -77.97 -15.29 34.77
N TRP N 68 -77.16 -14.24 34.70
CA TRP N 68 -75.73 -14.35 34.91
C TRP N 68 -75.43 -14.33 36.41
N LEU N 69 -74.78 -15.38 36.90
CA LEU N 69 -74.45 -15.47 38.32
C LEU N 69 -73.23 -14.60 38.65
N GLY N 70 -72.12 -14.84 37.99
CA GLY N 70 -70.93 -14.04 38.24
C GLY N 70 -69.85 -14.31 37.22
N VAL N 71 -68.70 -13.69 37.43
CA VAL N 71 -67.57 -13.85 36.53
C VAL N 71 -66.29 -13.63 37.33
N ILE N 72 -65.22 -14.29 36.91
CA ILE N 72 -63.89 -14.12 37.48
C ILE N 72 -62.93 -13.83 36.34
N TRP N 73 -62.13 -12.77 36.51
CA TRP N 73 -61.20 -12.33 35.49
C TRP N 73 -59.92 -13.15 35.54
N ALA N 74 -59.08 -12.96 34.52
CA ALA N 74 -57.83 -13.72 34.46
C ALA N 74 -56.79 -13.18 35.43
N GLY N 75 -56.93 -11.93 35.85
CA GLY N 75 -56.00 -11.30 36.77
C GLY N 75 -56.38 -11.40 38.24
N GLY N 76 -57.22 -12.37 38.61
CA GLY N 76 -57.66 -12.52 39.98
C GLY N 76 -58.86 -11.69 40.35
N SER N 77 -59.33 -10.83 39.46
CA SER N 77 -60.49 -10.00 39.75
C SER N 77 -61.77 -10.83 39.60
N THR N 78 -62.76 -10.55 40.45
CA THR N 78 -64.02 -11.27 40.45
C THR N 78 -65.17 -10.32 40.72
N ASN N 79 -66.29 -10.54 40.04
CA ASN N 79 -67.50 -9.76 40.25
C ASN N 79 -68.70 -10.70 40.19
N TYR N 80 -69.81 -10.25 40.79
CA TYR N 80 -71.02 -11.06 40.86
C TYR N 80 -72.21 -10.19 40.48
N ASN N 81 -73.40 -10.78 40.56
CA ASN N 81 -74.63 -10.06 40.27
C ASN N 81 -75.04 -9.22 41.48
N SER N 82 -75.82 -8.18 41.22
CA SER N 82 -76.21 -7.25 42.28
C SER N 82 -77.31 -7.80 43.18
N ALA N 83 -78.00 -8.87 42.76
CA ALA N 83 -79.10 -9.40 43.55
C ALA N 83 -78.62 -10.34 44.64
N LEU N 84 -77.57 -11.12 44.39
CA LEU N 84 -77.06 -12.12 45.31
C LEU N 84 -75.55 -12.03 45.41
N MET N 85 -75.03 -10.81 45.64
CA MET N 85 -73.59 -10.60 45.71
C MET N 85 -73.01 -11.20 46.99
N SER N 86 -73.81 -11.30 48.04
CA SER N 86 -73.39 -11.88 49.31
C SER N 86 -73.74 -13.36 49.42
N ARG N 87 -73.85 -14.08 48.30
CA ARG N 87 -74.23 -15.48 48.32
C ARG N 87 -73.32 -16.33 47.44
N VAL N 88 -72.60 -15.69 46.52
CA VAL N 88 -71.80 -16.40 45.53
C VAL N 88 -70.33 -16.05 45.68
N SER N 89 -69.48 -17.02 45.42
CA SER N 89 -68.02 -16.84 45.41
C SER N 89 -67.42 -17.72 44.33
N ILE N 90 -66.24 -17.33 43.85
CA ILE N 90 -65.59 -18.02 42.74
C ILE N 90 -64.10 -18.09 43.00
N SER N 91 -63.51 -19.26 42.74
CA SER N 91 -62.07 -19.46 42.76
C SER N 91 -61.67 -20.30 41.55
N LYS N 92 -60.36 -20.44 41.36
CA LYS N 92 -59.88 -21.15 40.18
C LYS N 92 -58.59 -21.88 40.49
N ASP N 93 -58.36 -22.97 39.76
CA ASP N 93 -57.12 -23.73 39.80
C ASP N 93 -56.63 -23.91 38.38
N ASN N 94 -55.50 -23.28 38.06
CA ASN N 94 -54.98 -23.31 36.69
C ASN N 94 -54.28 -24.62 36.36
N SER N 95 -53.87 -25.38 37.39
CA SER N 95 -53.17 -26.63 37.13
C SER N 95 -54.12 -27.69 36.59
N LYS N 96 -55.33 -27.76 37.13
CA LYS N 96 -56.35 -28.69 36.65
C LYS N 96 -57.31 -28.04 35.66
N SER N 97 -57.12 -26.75 35.35
CA SER N 97 -58.01 -25.94 34.50
C SER N 97 -59.45 -26.00 35.00
N GLN N 98 -59.63 -25.74 36.29
CA GLN N 98 -60.92 -25.88 36.95
C GLN N 98 -61.33 -24.56 37.59
N VAL N 99 -62.64 -24.37 37.70
CA VAL N 99 -63.23 -23.21 38.35
C VAL N 99 -64.22 -23.71 39.40
N PHE N 100 -64.06 -23.24 40.63
CA PHE N 100 -64.91 -23.64 41.74
C PHE N 100 -65.88 -22.51 42.07
N LEU N 101 -67.17 -22.78 41.92
CA LEU N 101 -68.22 -21.83 42.24
C LEU N 101 -68.93 -22.28 43.51
N LYS N 102 -68.97 -21.41 44.50
CA LYS N 102 -69.57 -21.72 45.79
C LYS N 102 -70.80 -20.83 46.00
N MET N 103 -71.93 -21.46 46.26
CA MET N 103 -73.18 -20.76 46.52
C MET N 103 -73.79 -21.29 47.80
N ASN N 104 -74.00 -20.40 48.76
CA ASN N 104 -74.59 -20.74 50.05
C ASN N 104 -75.94 -20.04 50.18
N SER N 105 -76.64 -20.35 51.28
CA SER N 105 -77.98 -19.84 51.59
C SER N 105 -78.98 -20.12 50.47
N LEU N 106 -78.97 -21.36 50.01
CA LEU N 106 -79.83 -21.77 48.91
C LEU N 106 -81.27 -21.91 49.39
N GLN N 107 -82.22 -21.51 48.56
CA GLN N 107 -83.64 -21.56 48.88
C GLN N 107 -84.30 -22.68 48.09
N THR N 108 -85.63 -22.76 48.21
CA THR N 108 -86.38 -23.81 47.54
C THR N 108 -86.50 -23.57 46.03
N ASP N 109 -86.28 -22.34 45.58
CA ASP N 109 -86.33 -21.99 44.17
C ASP N 109 -84.99 -22.18 43.46
N ASP N 110 -84.06 -22.94 44.06
CA ASP N 110 -82.73 -23.15 43.51
C ASP N 110 -82.64 -24.42 42.67
N THR N 111 -83.79 -25.01 42.32
CA THR N 111 -83.81 -26.19 41.45
C THR N 111 -83.68 -25.73 40.02
N VAL N 112 -82.44 -25.50 39.60
CA VAL N 112 -82.11 -24.88 38.32
C VAL N 112 -80.98 -25.65 37.67
N MET N 113 -80.48 -25.12 36.55
CA MET N 113 -79.27 -25.61 35.90
C MET N 113 -78.17 -24.57 36.04
N TYR N 114 -76.93 -25.03 35.98
CA TYR N 114 -75.76 -24.16 36.10
C TYR N 114 -74.80 -24.45 34.96
N TYR N 115 -74.21 -23.40 34.41
CA TYR N 115 -73.28 -23.53 33.29
C TYR N 115 -72.12 -22.57 33.47
N CYS N 116 -70.99 -22.90 32.84
CA CYS N 116 -69.80 -22.07 32.85
C CYS N 116 -69.33 -21.83 31.41
N ALA N 117 -68.74 -20.66 31.17
CA ALA N 117 -68.30 -20.30 29.84
C ALA N 117 -67.08 -19.39 29.93
N ARG N 118 -66.39 -19.26 28.80
CA ARG N 118 -65.25 -18.37 28.68
C ARG N 118 -65.67 -17.09 27.96
N GLU N 119 -64.91 -16.03 28.19
CA GLU N 119 -65.17 -14.72 27.59
C GLU N 119 -64.14 -14.44 26.49
N ASP N 120 -64.50 -13.54 25.58
CA ASP N 120 -63.64 -13.16 24.49
C ASP N 120 -64.01 -11.77 24.02
N TYR N 121 -63.11 -11.15 23.26
CA TYR N 121 -63.30 -9.81 22.73
C TYR N 121 -63.18 -9.86 21.21
N ASP N 122 -64.29 -9.62 20.52
CA ASP N 122 -64.35 -9.59 19.07
C ASP N 122 -65.08 -8.33 18.62
N TYR N 123 -64.63 -7.19 19.17
CA TYR N 123 -65.20 -5.83 19.19
C TYR N 123 -66.44 -5.78 20.09
N ASP N 124 -66.75 -6.85 20.83
CA ASP N 124 -67.79 -6.86 21.84
C ASP N 124 -67.47 -8.01 22.79
N TRP N 125 -67.81 -7.79 24.07
CA TRP N 125 -67.56 -8.81 25.08
C TRP N 125 -68.51 -9.99 24.87
N HIS N 126 -68.01 -11.05 24.27
CA HIS N 126 -68.85 -12.17 23.85
C HIS N 126 -68.44 -13.43 24.60
N PHE N 127 -69.34 -14.41 24.60
CA PHE N 127 -69.09 -15.72 25.20
C PHE N 127 -68.81 -16.70 24.07
N ASP N 128 -67.57 -17.19 24.01
CA ASP N 128 -67.11 -18.01 22.90
C ASP N 128 -67.41 -19.49 23.09
N VAL N 129 -66.88 -20.10 24.16
CA VAL N 129 -67.03 -21.53 24.41
C VAL N 129 -67.78 -21.71 25.72
N TRP N 130 -68.96 -22.30 25.64
CA TRP N 130 -69.79 -22.57 26.81
C TRP N 130 -69.63 -24.03 27.23
N GLY N 131 -70.37 -24.42 28.26
CA GLY N 131 -70.30 -25.79 28.76
C GLY N 131 -71.62 -26.51 28.68
N ALA N 132 -71.70 -27.69 29.30
CA ALA N 132 -72.92 -28.48 29.29
C ALA N 132 -73.87 -28.10 30.43
N GLY N 133 -73.33 -27.81 31.60
CA GLY N 133 -74.17 -27.47 32.74
C GLY N 133 -74.69 -28.70 33.46
N THR N 134 -75.01 -28.50 34.74
CA THR N 134 -75.54 -29.56 35.57
C THR N 134 -76.77 -29.06 36.31
N THR N 135 -77.63 -29.99 36.69
CA THR N 135 -78.88 -29.68 37.36
C THR N 135 -78.70 -29.80 38.87
N VAL N 136 -79.20 -28.81 39.60
CA VAL N 136 -79.13 -28.79 41.06
C VAL N 136 -80.55 -28.56 41.59
N THR N 137 -81.02 -29.48 42.42
CA THR N 137 -82.33 -29.39 43.06
C THR N 137 -82.12 -29.24 44.56
N VAL N 138 -82.51 -28.10 45.10
CA VAL N 138 -82.33 -27.78 46.51
C VAL N 138 -83.62 -28.12 47.24
N SER N 139 -83.61 -29.23 47.98
CA SER N 139 -84.77 -29.67 48.73
C SER N 139 -84.31 -30.52 49.90
N SER N 140 -85.08 -30.46 50.99
CA SER N 140 -84.79 -31.21 52.21
C SER N 140 -85.44 -32.58 52.23
N ALA N 141 -85.87 -33.10 51.08
CA ALA N 141 -86.49 -34.40 51.02
C ALA N 141 -85.45 -35.50 51.11
N LYS N 142 -85.90 -36.68 51.56
CA LYS N 142 -85.03 -37.83 51.73
C LYS N 142 -84.96 -38.64 50.45
N THR N 143 -83.83 -39.34 50.27
CA THR N 143 -83.61 -40.17 49.09
C THR N 143 -84.24 -41.54 49.32
N THR N 144 -85.07 -41.96 48.36
CA THR N 144 -85.74 -43.26 48.43
C THR N 144 -85.63 -43.97 47.09
N PRO N 145 -85.75 -45.30 47.10
CA PRO N 145 -85.67 -46.03 45.83
C PRO N 145 -86.97 -45.92 45.06
N PRO N 146 -86.94 -46.02 43.75
CA PRO N 146 -88.17 -45.88 42.95
C PRO N 146 -88.98 -47.16 42.95
N SER N 147 -90.19 -47.06 42.39
CA SER N 147 -91.08 -48.20 42.24
C SER N 147 -91.41 -48.37 40.77
N VAL N 148 -91.04 -49.52 40.21
CA VAL N 148 -91.22 -49.79 38.78
C VAL N 148 -92.45 -50.69 38.62
N TYR N 149 -93.43 -50.21 37.85
CA TYR N 149 -94.64 -50.97 37.58
C TYR N 149 -94.80 -51.21 36.08
N PRO N 150 -95.31 -52.37 35.68
CA PRO N 150 -95.50 -52.63 34.26
C PRO N 150 -96.77 -51.98 33.74
N LEU N 151 -96.80 -51.75 32.42
CA LEU N 151 -97.95 -51.14 31.75
C LEU N 151 -98.07 -51.77 30.37
N ALA N 152 -98.99 -52.70 30.24
CA ALA N 152 -99.25 -53.30 28.94
C ALA N 152 -100.51 -52.70 28.33
N PRO N 153 -100.83 -53.06 27.08
CA PRO N 153 -102.07 -52.55 26.47
C PRO N 153 -103.32 -53.24 26.99
N GLY N 154 -103.18 -54.39 27.65
CA GLY N 154 -104.33 -55.09 28.17
C GLY N 154 -104.93 -56.07 27.18
N SER N 155 -105.48 -55.55 26.09
CA SER N 155 -106.06 -56.40 25.06
C SER N 155 -104.95 -57.07 24.24
N ALA N 156 -105.12 -58.35 23.95
CA ALA N 156 -104.15 -59.12 23.18
C ALA N 156 -104.41 -59.04 21.68
N ALA N 157 -105.23 -58.10 21.23
CA ALA N 157 -105.50 -57.95 19.80
C ALA N 157 -104.31 -57.31 19.11
N GLN N 158 -103.82 -57.97 18.06
CA GLN N 158 -102.69 -57.46 17.27
C GLN N 158 -103.19 -56.32 16.39
N THR N 159 -103.05 -55.09 16.89
CA THR N 159 -103.49 -53.93 16.13
C THR N 159 -102.54 -53.63 14.97
N ASN N 160 -101.26 -53.95 15.13
CA ASN N 160 -100.27 -53.72 14.09
C ASN N 160 -99.17 -54.75 14.26
N SER N 161 -98.11 -54.60 13.45
CA SER N 161 -96.96 -55.49 13.52
C SER N 161 -96.06 -55.22 14.72
N MET N 162 -96.21 -54.05 15.36
CA MET N 162 -95.40 -53.68 16.52
C MET N 162 -96.31 -53.40 17.70
N VAL N 163 -95.92 -53.90 18.87
CA VAL N 163 -96.67 -53.69 20.11
C VAL N 163 -95.80 -52.90 21.07
N THR N 164 -96.44 -52.03 21.84
CA THR N 164 -95.75 -51.16 22.78
C THR N 164 -96.03 -51.57 24.22
N LEU N 165 -94.97 -51.66 25.00
CA LEU N 165 -95.04 -51.89 26.44
C LEU N 165 -94.48 -50.68 27.16
N GLY N 166 -94.72 -50.61 28.47
CA GLY N 166 -94.27 -49.45 29.22
C GLY N 166 -93.90 -49.79 30.64
N CYS N 167 -93.07 -48.93 31.22
CA CYS N 167 -92.66 -49.02 32.60
C CYS N 167 -92.91 -47.68 33.28
N LEU N 168 -93.64 -47.70 34.38
CA LEU N 168 -93.95 -46.50 35.15
C LEU N 168 -93.10 -46.48 36.41
N VAL N 169 -92.25 -45.47 36.53
CA VAL N 169 -91.38 -45.30 37.70
C VAL N 169 -92.06 -44.24 38.58
N LYS N 170 -92.59 -44.68 39.71
CA LYS N 170 -93.27 -43.81 40.65
C LYS N 170 -92.57 -43.85 42.00
N GLY N 171 -92.44 -42.68 42.62
CA GLY N 171 -91.86 -42.59 43.95
C GLY N 171 -90.35 -42.63 43.97
N TYR N 172 -89.72 -41.73 43.23
CA TYR N 172 -88.27 -41.67 43.14
C TYR N 172 -87.78 -40.35 43.74
N PHE N 173 -86.60 -40.41 44.34
CA PHE N 173 -86.00 -39.23 44.95
C PHE N 173 -84.48 -39.39 44.99
N PRO N 174 -83.73 -38.48 44.35
CA PRO N 174 -84.20 -37.34 43.55
C PRO N 174 -84.15 -37.62 42.06
N GLU N 175 -84.49 -36.61 41.26
CA GLU N 175 -84.44 -36.73 39.82
C GLU N 175 -83.01 -36.57 39.32
N PRO N 176 -82.62 -37.28 38.24
CA PRO N 176 -83.36 -38.26 37.44
C PRO N 176 -82.83 -39.68 37.60
N VAL N 177 -83.47 -40.62 36.91
CA VAL N 177 -83.02 -42.01 36.86
C VAL N 177 -82.75 -42.38 35.41
N THR N 178 -82.16 -43.55 35.21
CA THR N 178 -81.84 -44.07 33.89
C THR N 178 -82.71 -45.29 33.64
N VAL N 179 -83.63 -45.18 32.69
CA VAL N 179 -84.54 -46.28 32.35
C VAL N 179 -84.12 -46.82 30.98
N THR N 180 -83.66 -48.06 30.96
CA THR N 180 -83.23 -48.72 29.75
C THR N 180 -84.06 -49.98 29.51
N TRP N 181 -84.02 -50.48 28.28
CA TRP N 181 -84.78 -51.66 27.87
C TRP N 181 -83.79 -52.73 27.44
N ASN N 182 -83.72 -53.81 28.24
CA ASN N 182 -82.86 -54.98 28.00
C ASN N 182 -81.39 -54.60 27.89
N SER N 183 -80.92 -53.82 28.88
CA SER N 183 -79.53 -53.37 29.02
C SER N 183 -79.05 -52.59 27.80
N GLY N 184 -79.95 -51.77 27.24
CA GLY N 184 -79.62 -50.94 26.10
C GLY N 184 -79.66 -51.63 24.76
N SER N 185 -80.00 -52.91 24.71
CA SER N 185 -80.07 -53.62 23.43
C SER N 185 -81.36 -53.32 22.69
N LEU N 186 -82.49 -53.30 23.39
CA LEU N 186 -83.79 -53.01 22.79
C LEU N 186 -83.96 -51.49 22.73
N SER N 187 -83.62 -50.90 21.58
CA SER N 187 -83.70 -49.45 21.40
C SER N 187 -84.55 -49.08 20.18
N SER N 188 -85.52 -49.92 19.82
CA SER N 188 -86.38 -49.67 18.65
C SER N 188 -87.62 -48.91 19.13
N GLY N 189 -87.66 -47.62 18.85
CA GLY N 189 -88.82 -46.81 19.18
C GLY N 189 -89.00 -46.53 20.67
N VAL N 190 -87.93 -46.21 21.37
CA VAL N 190 -88.01 -45.95 22.80
C VAL N 190 -88.61 -44.56 23.02
N HIS N 191 -89.81 -44.52 23.58
CA HIS N 191 -90.53 -43.27 23.83
C HIS N 191 -90.58 -43.06 25.34
N THR N 192 -89.55 -42.42 25.88
CA THR N 192 -89.47 -42.13 27.31
C THR N 192 -90.09 -40.76 27.57
N PHE N 193 -91.18 -40.75 28.34
CA PHE N 193 -91.85 -39.49 28.66
C PHE N 193 -91.10 -38.76 29.76
N PRO N 194 -91.32 -37.46 29.91
CA PRO N 194 -90.62 -36.69 30.95
C PRO N 194 -91.21 -36.97 32.32
N ALA N 195 -90.40 -36.67 33.34
CA ALA N 195 -90.77 -36.92 34.73
C ALA N 195 -91.42 -35.68 35.34
N VAL N 196 -92.31 -35.91 36.30
CA VAL N 196 -92.99 -34.86 37.02
C VAL N 196 -92.78 -35.07 38.51
N LEU N 197 -93.02 -34.02 39.28
CA LEU N 197 -92.82 -34.04 40.73
C LEU N 197 -94.13 -33.78 41.43
N GLN N 198 -94.42 -34.62 42.43
CA GLN N 198 -95.65 -34.51 43.21
C GLN N 198 -95.40 -35.10 44.58
N SER N 199 -95.61 -34.28 45.62
CA SER N 199 -95.41 -34.63 47.03
C SER N 199 -93.98 -35.14 47.30
N ASP N 200 -93.02 -34.44 46.68
CA ASP N 200 -91.59 -34.80 46.66
C ASP N 200 -91.37 -36.21 46.13
N LEU N 201 -92.15 -36.62 45.13
CA LEU N 201 -92.03 -37.93 44.51
C LEU N 201 -91.97 -37.75 43.00
N TYR N 202 -91.06 -38.48 42.36
CA TYR N 202 -90.90 -38.41 40.91
C TYR N 202 -91.78 -39.46 40.24
N THR N 203 -92.46 -39.05 39.18
CA THR N 203 -93.33 -39.92 38.42
C THR N 203 -92.99 -39.80 36.94
N LEU N 204 -92.58 -40.92 36.33
CA LEU N 204 -92.19 -40.93 34.93
C LEU N 204 -92.69 -42.20 34.27
N SER N 205 -92.77 -42.16 32.94
CA SER N 205 -93.20 -43.30 32.15
C SER N 205 -92.27 -43.47 30.96
N SER N 206 -91.99 -44.73 30.62
CA SER N 206 -91.17 -45.05 29.46
C SER N 206 -91.88 -46.10 28.61
N SER N 207 -91.71 -46.01 27.30
CA SER N 207 -92.40 -46.90 26.37
C SER N 207 -91.38 -47.50 25.40
N VAL N 208 -91.56 -48.79 25.11
CA VAL N 208 -90.71 -49.52 24.19
C VAL N 208 -91.57 -50.24 23.18
N THR N 209 -91.14 -50.24 21.93
CA THR N 209 -91.89 -50.82 20.81
C THR N 209 -91.16 -52.05 20.31
N VAL N 210 -91.72 -53.23 20.58
CA VAL N 210 -91.13 -54.49 20.12
C VAL N 210 -92.03 -55.08 19.05
N PRO N 211 -91.65 -56.19 18.43
CA PRO N 211 -92.52 -56.80 17.41
C PRO N 211 -93.67 -57.56 18.05
N SER N 212 -94.71 -57.82 17.24
CA SER N 212 -95.86 -58.55 17.73
C SER N 212 -95.57 -60.04 17.89
N SER N 213 -94.64 -60.58 17.11
CA SER N 213 -94.24 -61.98 17.26
C SER N 213 -93.12 -62.16 18.28
N THR N 214 -92.35 -61.10 18.57
CA THR N 214 -91.31 -61.20 19.57
C THR N 214 -91.89 -61.18 20.99
N TRP N 215 -93.02 -60.51 21.17
CA TRP N 215 -93.67 -60.46 22.47
C TRP N 215 -94.86 -61.42 22.49
N PRO N 216 -94.96 -62.29 23.51
CA PRO N 216 -94.05 -62.43 24.65
C PRO N 216 -93.06 -63.59 24.47
N SER N 217 -92.67 -63.86 23.22
CA SER N 217 -91.74 -64.94 22.95
C SER N 217 -90.32 -64.56 23.37
N GLU N 218 -90.00 -63.27 23.38
CA GLU N 218 -88.70 -62.77 23.79
C GLU N 218 -88.84 -61.96 25.08
N THR N 219 -87.79 -61.95 25.88
CA THR N 219 -87.81 -61.24 27.16
C THR N 219 -87.56 -59.75 26.93
N VAL N 220 -88.55 -58.92 27.28
CA VAL N 220 -88.43 -57.48 27.23
C VAL N 220 -88.50 -56.97 28.66
N THR N 221 -87.36 -56.57 29.21
CA THR N 221 -87.25 -56.16 30.59
C THR N 221 -86.76 -54.72 30.67
N CYS N 222 -87.35 -53.96 31.58
CA CYS N 222 -86.93 -52.58 31.82
C CYS N 222 -86.08 -52.49 33.09
N ASN N 223 -84.95 -51.83 32.97
CA ASN N 223 -84.02 -51.65 34.08
C ASN N 223 -83.96 -50.17 34.42
N VAL N 224 -84.29 -49.84 35.67
CA VAL N 224 -84.29 -48.47 36.17
C VAL N 224 -83.18 -48.35 37.20
N ALA N 225 -82.23 -47.45 36.93
CA ALA N 225 -81.11 -47.19 37.83
C ALA N 225 -81.25 -45.79 38.40
N HIS N 226 -81.45 -45.71 39.72
CA HIS N 226 -81.55 -44.43 40.42
C HIS N 226 -80.19 -44.13 41.05
N PRO N 227 -79.47 -43.11 40.59
CA PRO N 227 -78.15 -42.82 41.16
C PRO N 227 -78.21 -42.07 42.48
N ALA N 228 -79.38 -41.56 42.88
CA ALA N 228 -79.50 -40.92 44.18
C ALA N 228 -79.41 -41.93 45.31
N SER N 229 -80.09 -43.07 45.16
CA SER N 229 -79.95 -44.19 46.08
C SER N 229 -79.18 -45.35 45.47
N SER N 230 -78.75 -45.23 44.20
CA SER N 230 -78.02 -46.25 43.44
C SER N 230 -78.79 -47.57 43.38
N THR N 231 -80.10 -47.47 43.20
CA THR N 231 -80.98 -48.64 43.19
C THR N 231 -81.20 -49.08 41.76
N LYS N 232 -80.86 -50.33 41.46
CA LYS N 232 -81.04 -50.93 40.13
C LYS N 232 -82.18 -51.93 40.22
N VAL N 233 -83.33 -51.59 39.63
CA VAL N 233 -84.53 -52.41 39.68
C VAL N 233 -84.85 -52.90 38.27
N ASP N 234 -84.96 -54.21 38.13
CA ASP N 234 -85.32 -54.83 36.85
C ASP N 234 -86.75 -55.35 36.93
N LYS N 235 -87.54 -55.07 35.89
CA LYS N 235 -88.93 -55.49 35.84
C LYS N 235 -89.22 -55.99 34.44
N LYS N 236 -89.60 -57.27 34.33
CA LYS N 236 -89.90 -57.88 33.05
C LYS N 236 -91.27 -57.43 32.54
#